data_9I2Z
#
_entry.id   9I2Z
#
_cell.length_a   277.034
_cell.length_b   277.034
_cell.length_c   390.861
_cell.angle_alpha   90
_cell.angle_beta   90
_cell.angle_gamma   90
#
_symmetry.space_group_name_H-M   'I 4 2 2'
#
loop_
_entity.id
_entity.type
_entity.pdbx_description
1 polymer 'Alpha-methylacyl-CoA racemase'
2 non-polymer (S)-2-methyldecanoyl-CoA
3 water water
#
_entity_poly.entity_id   1
_entity_poly.type   'polypeptide(L)'
_entity_poly.pdbx_seq_one_letter_code
;MAGPLSGLRVVELAGIGPGPHAAMILGDLGADVVRIDRPSSVDGISRDAMLRNRRIVTADLKSDQGLELALKLIAKADVL
IEGYRPGVTERLGLGPEECAKVNDRLIYARMTGWGQTGPRSQQAGHDINYISLNGILHAIGRGDERPVPPLNLVGDFGGG
SMFLLVGILAALWERQSSGKGQVVDAAMVDGSSVLIQMMWAMRATGMWTDTRGANMLDGGAPYYDTYECADGRYVAVGAI
EPQFYAAMLAGLGLDAAELPPQNDRARWPELRALLTEAFASHDRDHWGAVFANSDACVTPVLAFGEVHNEPHIIERNTFY
EANGGWQPMPAPRFSRTASSQPRPPAATIDIEAVLTDWDGGSGC
;
_entity_poly.pdbx_strand_id   A,B,C,D,E,F,G,H,I,J,K,L
#
# COMPACT_ATOMS: atom_id res chain seq x y z
N MET A 1 -22.28 -53.41 -40.61
CA MET A 1 -21.44 -53.76 -39.41
C MET A 1 -22.23 -54.64 -38.44
N ALA A 2 -21.71 -55.86 -38.17
CA ALA A 2 -22.40 -56.88 -37.38
C ALA A 2 -22.39 -56.56 -35.89
N GLY A 3 -23.49 -56.84 -35.21
CA GLY A 3 -23.53 -56.91 -33.75
C GLY A 3 -24.57 -55.97 -33.17
N PRO A 4 -24.88 -56.05 -31.87
CA PRO A 4 -26.00 -55.31 -31.31
C PRO A 4 -25.82 -53.81 -31.20
N LEU A 5 -24.55 -53.36 -31.29
CA LEU A 5 -24.22 -51.95 -31.16
C LEU A 5 -24.03 -51.33 -32.54
N SER A 6 -24.47 -52.04 -33.60
CA SER A 6 -24.55 -51.48 -34.93
C SER A 6 -25.16 -50.07 -34.89
N GLY A 7 -24.50 -49.15 -35.63
CA GLY A 7 -24.97 -47.78 -35.74
C GLY A 7 -24.35 -46.88 -34.67
N LEU A 8 -23.95 -47.44 -33.53
CA LEU A 8 -23.40 -46.62 -32.47
C LEU A 8 -22.04 -46.06 -32.89
N ARG A 9 -21.85 -44.76 -32.58
CA ARG A 9 -20.71 -44.00 -33.07
C ARG A 9 -19.88 -43.49 -31.91
N VAL A 10 -18.56 -43.69 -32.01
CA VAL A 10 -17.72 -43.53 -30.84
C VAL A 10 -16.44 -42.81 -31.21
N VAL A 11 -16.08 -41.81 -30.38
CA VAL A 11 -14.79 -41.17 -30.53
C VAL A 11 -13.91 -41.47 -29.32
N GLU A 12 -12.71 -41.95 -29.64
CA GLU A 12 -11.75 -42.40 -28.65
C GLU A 12 -10.48 -41.56 -28.73
N LEU A 13 -10.25 -40.78 -27.67
CA LEU A 13 -9.00 -40.05 -27.50
C LEU A 13 -7.92 -41.00 -26.99
N ALA A 14 -6.94 -41.31 -27.84
CA ALA A 14 -6.03 -42.42 -27.62
C ALA A 14 -5.29 -42.30 -26.31
N GLY A 15 -5.28 -43.42 -25.57
CA GLY A 15 -4.59 -43.54 -24.29
C GLY A 15 -4.12 -44.98 -24.10
N ILE A 16 -4.02 -45.40 -22.84
CA ILE A 16 -3.47 -46.72 -22.55
C ILE A 16 -4.38 -47.45 -21.57
N GLY A 17 -4.54 -48.77 -21.81
CA GLY A 17 -5.21 -49.66 -20.87
C GLY A 17 -6.74 -49.60 -20.95
N PRO A 18 -7.44 -49.12 -19.91
CA PRO A 18 -8.88 -49.24 -19.85
C PRO A 18 -9.59 -48.55 -21.01
N GLY A 19 -9.12 -47.33 -21.37
CA GLY A 19 -9.72 -46.58 -22.45
C GLY A 19 -9.83 -47.39 -23.72
N PRO A 20 -8.70 -47.87 -24.28
CA PRO A 20 -8.75 -48.69 -25.49
C PRO A 20 -9.42 -50.05 -25.34
N HIS A 21 -9.54 -50.57 -24.11
CA HIS A 21 -10.11 -51.89 -23.92
C HIS A 21 -11.62 -51.75 -24.09
N ALA A 22 -12.18 -50.73 -23.46
CA ALA A 22 -13.58 -50.34 -23.64
C ALA A 22 -13.93 -50.05 -25.09
N ALA A 23 -13.02 -49.38 -25.79
CA ALA A 23 -13.27 -48.98 -27.16
C ALA A 23 -13.30 -50.22 -28.03
N MET A 24 -12.32 -51.10 -27.80
CA MET A 24 -12.29 -52.40 -28.46
C MET A 24 -13.64 -53.11 -28.35
N ILE A 25 -14.19 -53.15 -27.14
CA ILE A 25 -15.35 -54.00 -26.91
C ILE A 25 -16.56 -53.40 -27.64
N LEU A 26 -16.74 -52.08 -27.58
CA LEU A 26 -17.77 -51.40 -28.35
C LEU A 26 -17.65 -51.77 -29.83
N GLY A 27 -16.44 -51.65 -30.35
CA GLY A 27 -16.15 -52.05 -31.71
C GLY A 27 -16.46 -53.52 -31.98
N ASP A 28 -16.07 -54.37 -31.02
CA ASP A 28 -16.27 -55.82 -31.10
C ASP A 28 -17.75 -56.10 -31.33
N LEU A 29 -18.62 -55.33 -30.67
CA LEU A 29 -20.05 -55.55 -30.70
C LEU A 29 -20.74 -54.76 -31.82
N GLY A 30 -20.00 -54.19 -32.77
CA GLY A 30 -20.60 -53.53 -33.93
C GLY A 30 -20.54 -51.99 -33.99
N ALA A 31 -20.13 -51.32 -32.90
CA ALA A 31 -20.01 -49.87 -32.89
C ALA A 31 -19.01 -49.39 -33.93
N ASP A 32 -19.24 -48.14 -34.39
CA ASP A 32 -18.34 -47.43 -35.29
C ASP A 32 -17.36 -46.60 -34.45
N VAL A 33 -16.11 -47.08 -34.37
CA VAL A 33 -15.19 -46.52 -33.41
C VAL A 33 -14.08 -45.82 -34.18
N VAL A 34 -13.91 -44.54 -33.83
CA VAL A 34 -12.87 -43.72 -34.44
C VAL A 34 -11.94 -43.22 -33.36
N ARG A 35 -10.65 -43.47 -33.60
CA ARG A 35 -9.62 -43.21 -32.63
C ARG A 35 -8.70 -42.09 -33.12
N ILE A 36 -8.67 -40.97 -32.39
CA ILE A 36 -7.76 -39.87 -32.69
C ILE A 36 -6.47 -40.06 -31.88
N ASP A 37 -5.35 -40.26 -32.56
CA ASP A 37 -4.02 -40.35 -31.96
C ASP A 37 -3.17 -39.12 -32.31
N ARG A 38 -2.08 -38.89 -31.56
CA ARG A 38 -1.06 -37.92 -31.94
C ARG A 38 -0.40 -38.32 -33.26
N PRO A 39 -0.07 -37.34 -34.13
CA PRO A 39 0.88 -37.62 -35.21
C PRO A 39 2.25 -37.96 -34.66
N SER A 40 2.63 -37.18 -33.63
CA SER A 40 3.80 -37.39 -32.78
C SER A 40 4.18 -38.87 -32.69
N SER A 41 3.20 -39.80 -32.72
CA SER A 41 3.48 -41.23 -32.58
C SER A 41 2.51 -42.09 -33.39
N VAL A 42 2.77 -42.26 -34.70
CA VAL A 42 2.17 -43.33 -35.50
C VAL A 42 3.14 -43.70 -36.61
N ASP A 43 3.53 -44.99 -36.68
CA ASP A 43 4.55 -45.45 -37.60
C ASP A 43 4.03 -46.62 -38.43
N GLY A 44 2.87 -46.45 -39.07
CA GLY A 44 2.28 -47.45 -39.93
C GLY A 44 1.14 -48.19 -39.23
N ILE A 45 0.81 -49.39 -39.74
CA ILE A 45 -0.30 -50.20 -39.25
C ILE A 45 0.10 -50.87 -37.91
N SER A 46 -0.72 -50.65 -36.87
CA SER A 46 -0.41 -51.03 -35.49
C SER A 46 -0.30 -52.55 -35.31
N ARG A 47 0.60 -52.97 -34.41
CA ARG A 47 0.78 -54.38 -34.12
C ARG A 47 0.00 -54.77 -32.87
N ASP A 48 -0.76 -53.83 -32.28
CA ASP A 48 -1.50 -54.06 -31.05
C ASP A 48 -2.92 -54.48 -31.43
N ALA A 49 -3.17 -55.77 -31.24
CA ALA A 49 -4.48 -56.36 -31.49
C ALA A 49 -5.55 -55.71 -30.61
N MET A 50 -5.17 -54.99 -29.55
CA MET A 50 -6.17 -54.29 -28.77
C MET A 50 -6.82 -53.16 -29.59
N LEU A 51 -6.17 -52.78 -30.70
CA LEU A 51 -6.67 -51.68 -31.52
C LEU A 51 -7.46 -52.21 -32.71
N ARG A 52 -7.99 -53.44 -32.61
CA ARG A 52 -8.86 -53.98 -33.65
C ARG A 52 -10.20 -53.23 -33.62
N ASN A 53 -11.02 -53.47 -34.66
CA ASN A 53 -12.36 -52.88 -34.81
C ASN A 53 -12.36 -51.34 -34.67
N ARG A 54 -11.38 -50.70 -35.35
CA ARG A 54 -11.13 -49.28 -35.22
C ARG A 54 -10.88 -48.63 -36.58
N ARG A 55 -11.30 -47.36 -36.73
CA ARG A 55 -10.62 -46.45 -37.65
C ARG A 55 -9.75 -45.49 -36.84
N ILE A 56 -8.45 -45.47 -37.18
CA ILE A 56 -7.44 -44.57 -36.60
C ILE A 56 -7.30 -43.27 -37.42
N VAL A 57 -7.25 -42.14 -36.73
CA VAL A 57 -6.90 -40.88 -37.38
C VAL A 57 -5.86 -40.17 -36.51
N THR A 58 -5.08 -39.29 -37.17
CA THR A 58 -4.04 -38.45 -36.59
C THR A 58 -4.57 -37.02 -36.45
N ALA A 59 -4.12 -36.28 -35.42
CA ALA A 59 -4.52 -34.89 -35.22
C ALA A 59 -3.84 -34.28 -34.00
N ASP A 60 -3.06 -33.22 -34.22
CA ASP A 60 -2.50 -32.43 -33.13
C ASP A 60 -3.63 -31.62 -32.51
N LEU A 61 -4.08 -32.00 -31.31
CA LEU A 61 -5.19 -31.31 -30.66
C LEU A 61 -4.70 -30.04 -29.97
N LYS A 62 -3.38 -29.83 -29.97
CA LYS A 62 -2.82 -28.60 -29.43
C LYS A 62 -3.07 -27.48 -30.44
N SER A 63 -2.99 -27.79 -31.74
CA SER A 63 -3.26 -26.83 -32.81
C SER A 63 -4.76 -26.54 -32.90
N ASP A 64 -5.10 -25.42 -33.56
CA ASP A 64 -6.48 -24.95 -33.58
C ASP A 64 -7.30 -25.71 -34.61
N GLN A 65 -6.61 -26.17 -35.67
CA GLN A 65 -7.23 -26.96 -36.71
C GLN A 65 -7.56 -28.35 -36.18
N GLY A 66 -6.55 -28.99 -35.57
CA GLY A 66 -6.72 -30.23 -34.83
C GLY A 66 -8.00 -30.19 -33.99
N LEU A 67 -8.05 -29.24 -33.04
CA LEU A 67 -9.16 -29.11 -32.11
C LEU A 67 -10.49 -29.12 -32.83
N GLU A 68 -10.56 -28.39 -33.94
CA GLU A 68 -11.86 -28.08 -34.50
C GLU A 68 -12.31 -29.29 -35.33
N LEU A 69 -11.39 -29.97 -36.04
CA LEU A 69 -11.70 -31.24 -36.67
C LEU A 69 -12.26 -32.23 -35.63
N ALA A 70 -11.51 -32.43 -34.55
CA ALA A 70 -11.97 -33.28 -33.46
C ALA A 70 -13.37 -32.88 -33.02
N LEU A 71 -13.63 -31.57 -32.89
CA LEU A 71 -14.91 -31.09 -32.39
C LEU A 71 -16.04 -31.36 -33.40
N LYS A 72 -15.69 -31.52 -34.67
CA LYS A 72 -16.67 -31.85 -35.70
C LYS A 72 -17.05 -33.33 -35.59
N LEU A 73 -16.04 -34.21 -35.46
CA LEU A 73 -16.27 -35.63 -35.20
C LEU A 73 -17.19 -35.81 -34.00
N ILE A 74 -16.85 -35.17 -32.90
CA ILE A 74 -17.61 -35.37 -31.67
C ILE A 74 -19.08 -35.01 -31.89
N ALA A 75 -19.31 -33.89 -32.60
CA ALA A 75 -20.65 -33.37 -32.80
C ALA A 75 -21.53 -34.40 -33.50
N LYS A 76 -20.92 -35.24 -34.35
CA LYS A 76 -21.60 -36.24 -35.14
C LYS A 76 -21.63 -37.62 -34.47
N ALA A 77 -21.33 -37.71 -33.16
CA ALA A 77 -21.02 -38.99 -32.55
C ALA A 77 -21.83 -39.18 -31.29
N ASP A 78 -21.99 -40.45 -30.88
CA ASP A 78 -22.81 -40.77 -29.73
C ASP A 78 -22.00 -40.75 -28.45
N VAL A 79 -20.71 -41.14 -28.56
CA VAL A 79 -19.90 -41.35 -27.38
C VAL A 79 -18.48 -40.83 -27.58
N LEU A 80 -18.01 -40.22 -26.48
CA LEU A 80 -16.60 -39.85 -26.36
C LEU A 80 -15.92 -40.61 -25.21
N ILE A 81 -14.79 -41.22 -25.53
CA ILE A 81 -13.95 -41.85 -24.51
C ILE A 81 -12.64 -41.08 -24.42
N GLU A 82 -12.32 -40.66 -23.22
CA GLU A 82 -10.97 -40.17 -22.93
C GLU A 82 -10.50 -40.74 -21.59
N GLY A 83 -9.20 -41.06 -21.50
CA GLY A 83 -8.61 -41.48 -20.23
C GLY A 83 -7.28 -40.80 -19.90
N TYR A 84 -7.31 -39.45 -19.88
CA TYR A 84 -6.17 -38.61 -19.49
C TYR A 84 -6.45 -38.16 -18.07
N ARG A 85 -5.46 -37.54 -17.42
CA ARG A 85 -5.73 -37.01 -16.10
C ARG A 85 -6.85 -35.99 -16.19
N PRO A 86 -7.61 -35.73 -15.09
CA PRO A 86 -8.56 -34.63 -15.08
C PRO A 86 -7.90 -33.32 -15.52
N GLY A 87 -8.66 -32.47 -16.23
CA GLY A 87 -8.17 -31.17 -16.66
C GLY A 87 -7.55 -31.22 -18.05
N VAL A 88 -7.15 -32.39 -18.52
CA VAL A 88 -6.46 -32.41 -19.79
C VAL A 88 -7.41 -32.05 -20.92
N THR A 89 -8.62 -32.62 -20.93
CA THR A 89 -9.46 -32.37 -22.10
C THR A 89 -9.99 -30.92 -22.00
N GLU A 90 -10.30 -30.44 -20.78
CA GLU A 90 -10.66 -29.06 -20.58
C GLU A 90 -9.64 -28.16 -21.30
N ARG A 91 -8.38 -28.24 -20.87
CA ARG A 91 -7.29 -27.42 -21.39
C ARG A 91 -7.03 -27.68 -22.87
N LEU A 92 -7.64 -28.70 -23.48
CA LEU A 92 -7.47 -28.90 -24.93
C LEU A 92 -8.58 -28.19 -25.72
N GLY A 93 -9.67 -27.83 -25.03
CA GLY A 93 -10.91 -27.33 -25.64
C GLY A 93 -11.94 -28.43 -25.94
N LEU A 94 -11.71 -29.64 -25.37
CA LEU A 94 -12.51 -30.85 -25.61
C LEU A 94 -13.19 -31.31 -24.31
N GLY A 95 -13.30 -30.43 -23.31
CA GLY A 95 -13.94 -30.77 -22.04
C GLY A 95 -15.41 -31.11 -22.21
N PRO A 96 -16.09 -31.59 -21.14
CA PRO A 96 -17.52 -31.89 -21.24
C PRO A 96 -18.36 -30.68 -21.62
N GLU A 97 -18.00 -29.51 -21.06
CA GLU A 97 -18.76 -28.28 -21.25
C GLU A 97 -18.68 -27.79 -22.69
N GLU A 98 -17.48 -27.90 -23.26
CA GLU A 98 -17.22 -27.57 -24.66
C GLU A 98 -17.84 -28.56 -25.64
N CYS A 99 -18.05 -29.79 -25.16
CA CYS A 99 -18.60 -30.86 -25.99
C CYS A 99 -20.12 -30.70 -25.99
N ALA A 100 -20.70 -30.37 -24.82
CA ALA A 100 -22.13 -30.15 -24.61
C ALA A 100 -22.70 -29.05 -25.50
N LYS A 101 -21.82 -28.16 -26.00
CA LYS A 101 -22.24 -27.04 -26.82
C LYS A 101 -22.22 -27.42 -28.28
N VAL A 102 -21.50 -28.46 -28.69
CA VAL A 102 -21.59 -28.89 -30.08
C VAL A 102 -22.40 -30.18 -30.23
N ASN A 103 -23.10 -30.67 -29.18
CA ASN A 103 -23.77 -31.99 -29.22
C ASN A 103 -24.20 -32.41 -27.84
N ASP A 104 -25.37 -31.95 -27.39
CA ASP A 104 -25.88 -32.26 -26.04
C ASP A 104 -26.46 -33.67 -25.98
N ARG A 105 -26.21 -34.50 -27.00
CA ARG A 105 -26.64 -35.89 -26.96
C ARG A 105 -25.47 -36.78 -26.54
N LEU A 106 -24.26 -36.19 -26.43
CA LEU A 106 -23.00 -36.90 -26.24
C LEU A 106 -22.96 -37.62 -24.90
N ILE A 107 -22.49 -38.87 -24.96
CA ILE A 107 -22.07 -39.57 -23.75
C ILE A 107 -20.57 -39.32 -23.58
N TYR A 108 -20.27 -38.60 -22.48
CA TYR A 108 -18.93 -38.09 -22.22
C TYR A 108 -18.27 -39.01 -21.18
N ALA A 109 -17.40 -39.92 -21.66
CA ALA A 109 -16.92 -41.02 -20.83
C ALA A 109 -15.47 -40.85 -20.42
N ARG A 110 -15.28 -40.71 -19.10
CA ARG A 110 -14.01 -40.36 -18.48
C ARG A 110 -13.42 -41.50 -17.63
N MET A 111 -12.34 -42.09 -18.15
CA MET A 111 -11.69 -43.27 -17.60
C MET A 111 -10.47 -42.86 -16.80
N THR A 112 -10.56 -42.90 -15.46
CA THR A 112 -9.37 -42.65 -14.66
C THR A 112 -9.19 -43.74 -13.60
N GLY A 113 -8.06 -43.66 -12.90
CA GLY A 113 -7.79 -44.48 -11.73
C GLY A 113 -8.36 -43.88 -10.46
N TRP A 114 -8.10 -42.60 -10.25
CA TRP A 114 -8.35 -42.01 -8.94
C TRP A 114 -9.67 -41.23 -8.87
N GLY A 115 -10.25 -40.95 -10.05
CA GLY A 115 -11.44 -40.12 -10.08
C GLY A 115 -11.12 -38.72 -10.62
N GLN A 116 -12.15 -37.84 -10.62
CA GLN A 116 -12.03 -36.53 -11.23
C GLN A 116 -11.59 -35.51 -10.19
N THR A 117 -11.78 -35.80 -8.88
CA THR A 117 -11.37 -34.88 -7.85
C THR A 117 -10.69 -35.65 -6.73
N GLY A 118 -10.22 -34.92 -5.70
CA GLY A 118 -9.64 -35.47 -4.47
C GLY A 118 -8.11 -35.48 -4.55
N PRO A 119 -7.44 -35.77 -3.41
CA PRO A 119 -5.98 -35.61 -3.28
C PRO A 119 -5.09 -36.39 -4.25
N ARG A 120 -5.58 -37.53 -4.73
CA ARG A 120 -4.74 -38.35 -5.57
C ARG A 120 -5.07 -38.12 -7.02
N SER A 121 -6.00 -37.19 -7.32
CA SER A 121 -6.57 -37.12 -8.64
C SER A 121 -5.58 -36.66 -9.70
N GLN A 122 -4.42 -36.12 -9.32
CA GLN A 122 -3.42 -35.78 -10.33
C GLN A 122 -2.21 -36.71 -10.30
N GLN A 123 -2.15 -37.65 -9.35
CA GLN A 123 -1.05 -38.58 -9.27
C GLN A 123 -1.10 -39.59 -10.42
N ALA A 124 0.01 -39.75 -11.11
CA ALA A 124 0.20 -40.90 -11.98
C ALA A 124 0.01 -42.19 -11.18
N GLY A 125 -0.39 -43.22 -11.90
CA GLY A 125 -0.68 -44.49 -11.29
C GLY A 125 -0.86 -45.53 -12.37
N HIS A 126 -0.83 -46.78 -11.92
CA HIS A 126 -1.27 -47.86 -12.78
C HIS A 126 -2.16 -48.77 -11.96
N ASP A 127 -2.59 -49.87 -12.60
CA ASP A 127 -3.48 -50.88 -12.00
C ASP A 127 -3.11 -51.13 -10.55
N ILE A 128 -1.85 -51.55 -10.32
CA ILE A 128 -1.42 -52.02 -9.01
C ILE A 128 -1.63 -50.95 -7.93
N ASN A 129 -1.45 -49.66 -8.32
CA ASN A 129 -1.65 -48.57 -7.36
C ASN A 129 -3.13 -48.47 -6.98
N TYR A 130 -4.02 -48.51 -7.97
CA TYR A 130 -5.44 -48.27 -7.66
C TYR A 130 -5.96 -49.39 -6.72
N ILE A 131 -5.56 -50.64 -6.98
CA ILE A 131 -6.06 -51.76 -6.18
C ILE A 131 -5.33 -51.84 -4.86
N SER A 132 -4.20 -51.14 -4.72
CA SER A 132 -3.52 -51.11 -3.44
C SER A 132 -4.32 -50.32 -2.40
N LEU A 133 -5.07 -49.30 -2.82
CA LEU A 133 -5.68 -48.37 -1.87
C LEU A 133 -7.00 -48.90 -1.31
N ASN A 134 -7.68 -49.81 -2.03
CA ASN A 134 -9.03 -50.20 -1.64
C ASN A 134 -9.10 -51.63 -1.08
N GLY A 135 -7.98 -52.17 -0.59
CA GLY A 135 -7.99 -53.46 0.11
C GLY A 135 -7.78 -54.69 -0.79
N ILE A 136 -7.84 -54.54 -2.12
CA ILE A 136 -7.86 -55.68 -3.01
C ILE A 136 -6.49 -56.33 -3.06
N LEU A 137 -5.42 -55.54 -3.27
CA LEU A 137 -4.11 -56.10 -3.52
C LEU A 137 -3.68 -56.86 -2.28
N HIS A 138 -3.99 -56.30 -1.12
CA HIS A 138 -3.59 -56.89 0.12
C HIS A 138 -4.14 -58.30 0.27
N ALA A 139 -5.26 -58.60 -0.39
CA ALA A 139 -5.94 -59.87 -0.22
C ALA A 139 -5.42 -60.98 -1.15
N ILE A 140 -4.57 -60.63 -2.13
CA ILE A 140 -4.17 -61.55 -3.18
C ILE A 140 -2.76 -62.08 -2.87
N GLY A 141 -2.61 -63.41 -2.86
CA GLY A 141 -1.32 -64.05 -2.69
C GLY A 141 -1.32 -65.01 -1.49
N ARG A 142 -0.25 -65.78 -1.36
CA ARG A 142 -0.07 -66.66 -0.22
C ARG A 142 0.19 -65.88 1.06
N GLY A 143 -0.15 -66.51 2.19
CA GLY A 143 -0.10 -65.85 3.49
C GLY A 143 1.31 -65.59 4.02
N ASP A 144 2.29 -66.36 3.54
CA ASP A 144 3.63 -66.25 4.09
C ASP A 144 4.49 -65.28 3.26
N GLU A 145 3.87 -64.47 2.39
CA GLU A 145 4.60 -63.74 1.36
C GLU A 145 3.88 -62.44 1.07
N ARG A 146 4.54 -61.51 0.38
CA ARG A 146 3.95 -60.21 0.11
C ARG A 146 2.90 -60.36 -1.01
N PRO A 147 1.94 -59.42 -1.07
CA PRO A 147 0.86 -59.55 -2.03
C PRO A 147 1.38 -59.66 -3.44
N VAL A 148 0.63 -60.35 -4.29
CA VAL A 148 1.04 -60.51 -5.65
C VAL A 148 -0.04 -59.91 -6.53
N PRO A 149 0.35 -59.11 -7.54
CA PRO A 149 -0.60 -58.49 -8.41
C PRO A 149 -1.25 -59.51 -9.33
N PRO A 150 -2.60 -59.46 -9.45
CA PRO A 150 -3.35 -60.28 -10.39
C PRO A 150 -3.34 -59.69 -11.79
N LEU A 151 -2.13 -59.66 -12.37
CA LEU A 151 -1.80 -58.87 -13.52
C LEU A 151 -2.44 -57.50 -13.37
N ASN A 152 -3.01 -56.97 -14.47
CA ASN A 152 -3.71 -55.71 -14.49
C ASN A 152 -5.17 -56.00 -14.80
N LEU A 153 -5.63 -57.18 -14.35
CA LEU A 153 -6.97 -57.65 -14.66
C LEU A 153 -8.02 -56.95 -13.81
N VAL A 154 -7.72 -56.57 -12.58
CA VAL A 154 -8.77 -56.17 -11.67
C VAL A 154 -9.03 -54.66 -11.68
N GLY A 155 -7.98 -53.88 -11.89
CA GLY A 155 -8.08 -52.43 -11.87
C GLY A 155 -8.36 -51.86 -13.26
N ASP A 156 -7.51 -52.17 -14.22
CA ASP A 156 -7.67 -51.74 -15.60
C ASP A 156 -8.97 -52.24 -16.22
N PHE A 157 -9.28 -53.54 -16.12
CA PHE A 157 -10.28 -54.12 -16.99
C PHE A 157 -11.53 -54.37 -16.17
N GLY A 158 -11.47 -55.31 -15.22
CA GLY A 158 -12.65 -55.70 -14.48
C GLY A 158 -13.32 -54.51 -13.80
N GLY A 159 -12.49 -53.65 -13.18
CA GLY A 159 -12.97 -52.54 -12.39
C GLY A 159 -12.78 -51.20 -13.11
N GLY A 160 -12.37 -51.27 -14.37
CA GLY A 160 -12.04 -50.09 -15.13
C GLY A 160 -12.86 -50.01 -16.40
N SER A 161 -12.32 -50.51 -17.50
CA SER A 161 -13.00 -50.55 -18.77
C SER A 161 -14.43 -51.06 -18.65
N MET A 162 -14.67 -52.14 -17.87
CA MET A 162 -15.98 -52.74 -17.89
C MET A 162 -17.02 -51.83 -17.25
N PHE A 163 -16.63 -51.06 -16.22
CA PHE A 163 -17.54 -50.12 -15.63
C PHE A 163 -17.73 -48.88 -16.53
N LEU A 164 -16.72 -48.55 -17.34
CA LEU A 164 -16.87 -47.51 -18.33
C LEU A 164 -17.95 -47.95 -19.31
N LEU A 165 -17.91 -49.23 -19.71
CA LEU A 165 -18.87 -49.77 -20.68
C LEU A 165 -20.28 -49.76 -20.10
N VAL A 166 -20.43 -50.19 -18.88
CA VAL A 166 -21.74 -50.19 -18.28
C VAL A 166 -22.26 -48.75 -18.22
N GLY A 167 -21.37 -47.80 -17.92
CA GLY A 167 -21.76 -46.40 -17.79
C GLY A 167 -22.22 -45.82 -19.14
N ILE A 168 -21.42 -46.04 -20.17
CA ILE A 168 -21.77 -45.59 -21.50
C ILE A 168 -23.15 -46.14 -21.90
N LEU A 169 -23.32 -47.45 -21.74
CA LEU A 169 -24.52 -48.14 -22.20
C LEU A 169 -25.71 -47.84 -21.30
N ALA A 170 -25.49 -47.68 -19.99
CA ALA A 170 -26.58 -47.25 -19.13
C ALA A 170 -27.03 -45.83 -19.51
N ALA A 171 -26.07 -44.98 -19.90
CA ALA A 171 -26.40 -43.60 -20.25
C ALA A 171 -27.08 -43.56 -21.61
N LEU A 172 -26.75 -44.45 -22.53
CA LEU A 172 -27.47 -44.52 -23.81
C LEU A 172 -28.94 -44.88 -23.60
N TRP A 173 -29.22 -45.69 -22.58
CA TRP A 173 -30.59 -46.05 -22.29
C TRP A 173 -31.34 -44.88 -21.64
N GLU A 174 -30.62 -44.09 -20.85
CA GLU A 174 -31.22 -42.92 -20.24
C GLU A 174 -31.57 -41.92 -21.34
N ARG A 175 -30.62 -41.69 -22.25
CA ARG A 175 -30.79 -40.83 -23.40
C ARG A 175 -32.02 -41.17 -24.26
N GLN A 176 -32.58 -42.37 -24.11
CA GLN A 176 -33.77 -42.75 -24.87
C GLN A 176 -34.97 -42.03 -24.28
N SER A 177 -35.02 -41.83 -22.95
CA SER A 177 -36.04 -41.01 -22.31
C SER A 177 -35.80 -39.52 -22.57
N SER A 178 -34.75 -38.97 -21.94
CA SER A 178 -34.51 -37.54 -21.77
C SER A 178 -34.09 -36.83 -23.07
N GLY A 179 -33.52 -37.55 -24.03
CA GLY A 179 -33.00 -36.95 -25.26
C GLY A 179 -31.63 -36.28 -25.06
N LYS A 180 -31.08 -36.29 -23.84
CA LYS A 180 -29.78 -35.67 -23.58
C LYS A 180 -28.77 -36.69 -23.05
N GLY A 181 -27.52 -36.55 -23.52
CA GLY A 181 -26.35 -37.21 -22.92
C GLY A 181 -26.00 -36.69 -21.53
N GLN A 182 -24.75 -36.99 -21.10
CA GLN A 182 -24.29 -36.74 -19.74
C GLN A 182 -22.84 -37.24 -19.60
N VAL A 183 -22.28 -36.99 -18.40
CA VAL A 183 -20.88 -37.29 -18.08
C VAL A 183 -20.85 -38.56 -17.23
N VAL A 184 -20.03 -39.51 -17.71
CA VAL A 184 -19.72 -40.75 -17.01
C VAL A 184 -18.32 -40.69 -16.41
N ASP A 185 -18.29 -40.73 -15.08
CA ASP A 185 -17.05 -40.73 -14.32
C ASP A 185 -16.69 -42.14 -13.84
N ALA A 186 -15.91 -42.86 -14.64
CA ALA A 186 -15.47 -44.22 -14.29
C ALA A 186 -14.06 -44.20 -13.66
N ALA A 187 -13.97 -44.36 -12.34
CA ALA A 187 -12.69 -44.51 -11.66
C ALA A 187 -12.39 -45.97 -11.24
N MET A 188 -11.19 -46.47 -11.59
CA MET A 188 -10.76 -47.83 -11.28
C MET A 188 -10.83 -48.10 -9.79
N VAL A 189 -10.70 -47.07 -8.96
CA VAL A 189 -10.66 -47.36 -7.54
C VAL A 189 -12.08 -47.64 -7.07
N ASP A 190 -13.08 -47.09 -7.78
CA ASP A 190 -14.46 -47.32 -7.41
C ASP A 190 -14.97 -48.61 -8.05
N GLY A 191 -14.80 -48.73 -9.36
CA GLY A 191 -15.19 -49.91 -10.11
C GLY A 191 -14.66 -51.21 -9.48
N SER A 192 -13.35 -51.26 -9.14
CA SER A 192 -12.75 -52.45 -8.57
C SER A 192 -13.31 -52.75 -7.17
N SER A 193 -13.74 -51.71 -6.43
CA SER A 193 -14.39 -51.90 -5.14
C SER A 193 -15.78 -52.57 -5.27
N VAL A 194 -16.56 -52.19 -6.29
CA VAL A 194 -17.82 -52.84 -6.61
C VAL A 194 -17.56 -54.23 -7.18
N LEU A 195 -16.42 -54.39 -7.86
CA LEU A 195 -16.03 -55.68 -8.40
C LEU A 195 -15.82 -56.67 -7.27
N ILE A 196 -15.30 -56.21 -6.11
CA ILE A 196 -15.06 -57.08 -4.97
C ILE A 196 -16.15 -56.93 -3.92
N GLN A 197 -17.37 -56.59 -4.31
CA GLN A 197 -18.43 -56.40 -3.32
C GLN A 197 -18.67 -57.63 -2.44
N MET A 198 -18.57 -58.83 -3.03
CA MET A 198 -18.74 -60.08 -2.28
C MET A 198 -17.87 -60.14 -1.03
N MET A 199 -16.60 -59.70 -1.12
CA MET A 199 -15.73 -59.83 0.03
C MET A 199 -16.18 -58.82 1.07
N TRP A 200 -16.62 -57.64 0.61
CA TRP A 200 -17.09 -56.65 1.54
C TRP A 200 -18.35 -57.18 2.21
N ALA A 201 -19.16 -57.97 1.47
CA ALA A 201 -20.37 -58.55 2.05
C ALA A 201 -20.03 -59.63 3.09
N MET A 202 -19.10 -60.53 2.74
CA MET A 202 -18.72 -61.63 3.62
C MET A 202 -17.98 -61.09 4.83
N ARG A 203 -17.28 -59.97 4.64
CA ARG A 203 -16.48 -59.41 5.71
C ARG A 203 -17.42 -58.94 6.81
N ALA A 204 -18.55 -58.38 6.39
CA ALA A 204 -19.53 -57.79 7.30
C ALA A 204 -20.17 -58.89 8.16
N THR A 205 -20.32 -60.09 7.60
CA THR A 205 -20.98 -61.19 8.30
C THR A 205 -19.96 -62.21 8.80
N GLY A 206 -18.70 -61.82 9.00
CA GLY A 206 -17.72 -62.71 9.61
C GLY A 206 -17.23 -63.86 8.73
N MET A 207 -17.58 -63.91 7.44
CA MET A 207 -17.14 -65.00 6.58
C MET A 207 -15.87 -64.66 5.78
N TRP A 208 -15.19 -63.54 6.10
CA TRP A 208 -13.94 -63.18 5.41
C TRP A 208 -13.06 -62.34 6.32
N THR A 209 -11.79 -62.72 6.51
CA THR A 209 -10.90 -61.90 7.32
C THR A 209 -9.88 -61.19 6.42
N ASP A 210 -9.16 -60.26 7.04
CA ASP A 210 -8.14 -59.47 6.39
C ASP A 210 -6.81 -60.23 6.29
N THR A 211 -6.75 -61.45 6.86
CA THR A 211 -5.53 -62.25 6.75
C THR A 211 -5.42 -62.85 5.36
N ARG A 212 -4.29 -62.59 4.70
CA ARG A 212 -4.09 -63.05 3.35
C ARG A 212 -3.89 -64.55 3.40
N GLY A 213 -4.54 -65.31 2.51
CA GLY A 213 -4.28 -66.74 2.37
C GLY A 213 -4.99 -67.56 3.44
N ALA A 214 -6.01 -67.00 4.09
CA ALA A 214 -6.72 -67.72 5.12
C ALA A 214 -8.23 -67.59 4.95
N ASN A 215 -8.72 -67.67 3.72
CA ASN A 215 -10.14 -67.56 3.44
C ASN A 215 -10.56 -68.62 2.41
N MET A 216 -11.86 -68.64 2.09
CA MET A 216 -12.41 -69.75 1.34
C MET A 216 -11.96 -69.67 -0.12
N LEU A 217 -11.76 -68.44 -0.59
CA LEU A 217 -11.55 -68.20 -2.01
C LEU A 217 -10.20 -67.58 -2.33
N ASP A 218 -9.25 -67.57 -1.39
CA ASP A 218 -8.00 -66.88 -1.65
C ASP A 218 -6.84 -67.86 -1.76
N GLY A 219 -7.16 -69.15 -1.64
CA GLY A 219 -6.12 -70.16 -1.65
C GLY A 219 -5.95 -70.85 -0.31
N GLY A 220 -6.52 -70.29 0.75
CA GLY A 220 -6.42 -70.88 2.07
C GLY A 220 -7.20 -72.20 2.26
N ALA A 221 -8.27 -72.41 1.52
CA ALA A 221 -9.06 -73.63 1.66
C ALA A 221 -8.46 -74.71 0.78
N PRO A 222 -8.15 -75.91 1.32
CA PRO A 222 -7.56 -76.99 0.52
C PRO A 222 -8.37 -77.48 -0.65
N TYR A 223 -9.67 -77.19 -0.63
CA TYR A 223 -10.56 -77.55 -1.72
C TYR A 223 -10.81 -76.40 -2.69
N TYR A 224 -10.13 -75.24 -2.52
CA TYR A 224 -10.18 -74.18 -3.52
C TYR A 224 -8.77 -73.63 -3.73
N ASP A 225 -8.00 -74.30 -4.57
CA ASP A 225 -6.62 -73.90 -4.73
C ASP A 225 -6.04 -74.70 -5.90
N THR A 226 -4.78 -74.42 -6.23
CA THR A 226 -4.10 -75.26 -7.21
C THR A 226 -3.22 -76.27 -6.49
N TYR A 227 -2.84 -77.33 -7.23
CA TYR A 227 -2.05 -78.43 -6.70
C TYR A 227 -1.03 -78.81 -7.76
N GLU A 228 0.20 -79.06 -7.31
CA GLU A 228 1.26 -79.48 -8.21
C GLU A 228 1.12 -80.98 -8.46
N CYS A 229 1.21 -81.38 -9.73
CA CYS A 229 1.13 -82.77 -10.15
C CYS A 229 2.52 -83.34 -10.36
N ALA A 230 2.58 -84.61 -10.80
CA ALA A 230 3.78 -85.41 -10.77
C ALA A 230 4.78 -84.82 -11.76
N ASP A 231 4.25 -84.16 -12.79
CA ASP A 231 5.04 -83.64 -13.90
C ASP A 231 5.41 -82.19 -13.66
N GLY A 232 5.12 -81.62 -12.49
CA GLY A 232 5.46 -80.22 -12.25
C GLY A 232 4.43 -79.26 -12.87
N ARG A 233 3.36 -79.77 -13.48
CA ARG A 233 2.27 -78.95 -13.96
C ARG A 233 1.15 -78.93 -12.90
N TYR A 234 0.07 -78.19 -13.14
CA TYR A 234 -0.88 -77.94 -12.07
C TYR A 234 -2.30 -78.28 -12.49
N VAL A 235 -3.10 -78.63 -11.47
CA VAL A 235 -4.55 -78.63 -11.57
C VAL A 235 -5.13 -77.57 -10.65
N ALA A 236 -6.35 -77.18 -10.96
CA ALA A 236 -7.14 -76.34 -10.08
C ALA A 236 -8.28 -77.18 -9.50
N VAL A 237 -8.56 -76.94 -8.22
CA VAL A 237 -9.63 -77.58 -7.47
C VAL A 237 -10.54 -76.48 -6.93
N GLY A 238 -11.84 -76.59 -7.21
CA GLY A 238 -12.83 -75.61 -6.82
C GLY A 238 -14.05 -76.30 -6.20
N ALA A 239 -13.80 -77.38 -5.44
CA ALA A 239 -14.86 -78.28 -5.01
C ALA A 239 -15.46 -77.80 -3.71
N ILE A 240 -16.19 -76.68 -3.78
CA ILE A 240 -16.71 -76.07 -2.58
C ILE A 240 -17.88 -76.90 -2.02
N GLU A 241 -18.88 -77.19 -2.86
CA GLU A 241 -20.07 -77.88 -2.39
C GLU A 241 -19.72 -79.31 -1.96
N PRO A 242 -20.31 -79.83 -0.87
CA PRO A 242 -19.90 -81.13 -0.33
C PRO A 242 -20.04 -82.29 -1.30
N GLN A 243 -21.03 -82.25 -2.19
CA GLN A 243 -21.24 -83.31 -3.19
C GLN A 243 -20.10 -83.36 -4.19
N PHE A 244 -19.59 -82.17 -4.61
CA PHE A 244 -18.53 -82.08 -5.60
C PHE A 244 -17.23 -82.54 -4.95
N TYR A 245 -17.04 -82.14 -3.69
CA TYR A 245 -15.85 -82.50 -2.93
C TYR A 245 -15.80 -84.02 -2.79
N ALA A 246 -16.96 -84.63 -2.47
CA ALA A 246 -17.01 -86.09 -2.37
C ALA A 246 -16.60 -86.72 -3.68
N ALA A 247 -17.08 -86.15 -4.79
CA ALA A 247 -16.73 -86.71 -6.10
C ALA A 247 -15.23 -86.61 -6.35
N MET A 248 -14.63 -85.53 -5.85
CA MET A 248 -13.21 -85.29 -6.03
C MET A 248 -12.43 -86.36 -5.27
N LEU A 249 -12.81 -86.57 -3.99
CA LEU A 249 -12.15 -87.53 -3.12
C LEU A 249 -12.18 -88.92 -3.76
N ALA A 250 -13.32 -89.29 -4.32
CA ALA A 250 -13.44 -90.62 -4.89
C ALA A 250 -12.50 -90.75 -6.07
N GLY A 251 -12.39 -89.70 -6.90
CA GLY A 251 -11.47 -89.80 -8.04
C GLY A 251 -10.01 -89.75 -7.61
N LEU A 252 -9.72 -89.17 -6.44
CA LEU A 252 -8.36 -89.12 -5.93
C LEU A 252 -7.97 -90.45 -5.28
N GLY A 253 -8.94 -91.29 -4.95
CA GLY A 253 -8.66 -92.54 -4.28
C GLY A 253 -8.60 -92.40 -2.76
N LEU A 254 -9.09 -91.28 -2.20
CA LEU A 254 -9.01 -91.05 -0.78
C LEU A 254 -10.36 -91.38 -0.16
N ASP A 255 -10.35 -92.11 0.96
CA ASP A 255 -11.57 -92.44 1.67
C ASP A 255 -11.86 -91.32 2.64
N ALA A 256 -13.10 -90.84 2.62
CA ALA A 256 -13.52 -89.75 3.48
C ALA A 256 -13.29 -90.06 4.96
N ALA A 257 -13.40 -91.33 5.35
CA ALA A 257 -13.23 -91.71 6.75
C ALA A 257 -11.80 -91.49 7.23
N GLU A 258 -10.80 -91.51 6.33
CA GLU A 258 -9.41 -91.30 6.70
C GLU A 258 -8.98 -89.82 6.67
N LEU A 259 -9.88 -88.88 6.32
CA LEU A 259 -9.48 -87.49 6.16
C LEU A 259 -10.23 -86.71 7.23
N PRO A 260 -9.71 -85.51 7.61
CA PRO A 260 -10.48 -84.62 8.46
C PRO A 260 -11.69 -84.08 7.73
N PRO A 261 -12.66 -83.47 8.43
CA PRO A 261 -13.78 -82.89 7.72
C PRO A 261 -13.34 -81.78 6.79
N GLN A 262 -14.09 -81.61 5.70
CA GLN A 262 -13.80 -80.67 4.65
C GLN A 262 -13.64 -79.25 5.21
N ASN A 263 -14.55 -78.86 6.12
CA ASN A 263 -14.60 -77.52 6.66
C ASN A 263 -14.16 -77.48 8.13
N ASP A 264 -13.39 -78.47 8.59
CA ASP A 264 -12.74 -78.31 9.88
C ASP A 264 -11.43 -77.56 9.66
N ARG A 265 -11.46 -76.24 9.80
CA ARG A 265 -10.34 -75.39 9.41
C ARG A 265 -9.12 -75.61 10.27
N ALA A 266 -9.34 -76.08 11.51
CA ALA A 266 -8.20 -76.27 12.39
C ALA A 266 -7.37 -77.46 11.89
N ARG A 267 -7.94 -78.27 10.99
CA ARG A 267 -7.25 -79.45 10.47
C ARG A 267 -6.96 -79.34 8.97
N TRP A 268 -7.11 -78.13 8.44
CA TRP A 268 -6.73 -77.83 7.08
C TRP A 268 -5.28 -78.18 6.77
N PRO A 269 -4.30 -78.01 7.68
CA PRO A 269 -2.93 -78.49 7.44
C PRO A 269 -2.83 -79.97 7.09
N GLU A 270 -3.48 -80.83 7.91
CA GLU A 270 -3.55 -82.24 7.59
C GLU A 270 -4.26 -82.46 6.25
N LEU A 271 -5.41 -81.84 6.07
CA LEU A 271 -6.20 -82.10 4.88
C LEU A 271 -5.37 -81.74 3.64
N ARG A 272 -4.72 -80.58 3.70
CA ARG A 272 -3.91 -80.11 2.59
C ARG A 272 -2.77 -81.07 2.28
N ALA A 273 -2.10 -81.58 3.33
CA ALA A 273 -1.02 -82.53 3.14
C ALA A 273 -1.54 -83.78 2.45
N LEU A 274 -2.75 -84.23 2.80
CA LEU A 274 -3.29 -85.43 2.19
C LEU A 274 -3.57 -85.20 0.70
N LEU A 275 -4.23 -84.08 0.38
CA LEU A 275 -4.62 -83.79 -0.99
C LEU A 275 -3.35 -83.57 -1.84
N THR A 276 -2.35 -82.90 -1.22
CA THR A 276 -1.11 -82.59 -1.90
C THR A 276 -0.43 -83.87 -2.35
N GLU A 277 -0.29 -84.84 -1.45
CA GLU A 277 0.35 -86.10 -1.82
C GLU A 277 -0.48 -86.83 -2.87
N ALA A 278 -1.81 -86.85 -2.75
CA ALA A 278 -2.59 -87.53 -3.76
C ALA A 278 -2.41 -86.88 -5.15
N PHE A 279 -2.57 -85.56 -5.26
CA PHE A 279 -2.43 -84.93 -6.57
C PHE A 279 -1.02 -85.10 -7.15
N ALA A 280 0.01 -85.14 -6.27
CA ALA A 280 1.41 -85.27 -6.68
C ALA A 280 1.73 -86.64 -7.27
N SER A 281 0.81 -87.60 -7.17
CA SER A 281 1.16 -88.97 -7.51
C SER A 281 0.89 -89.24 -8.98
N HIS A 282 0.21 -88.33 -9.69
CA HIS A 282 0.02 -88.50 -11.12
C HIS A 282 0.13 -87.15 -11.82
N ASP A 283 0.21 -87.18 -13.15
CA ASP A 283 0.50 -85.98 -13.89
C ASP A 283 -0.81 -85.26 -14.19
N ARG A 284 -0.71 -84.00 -14.60
CA ARG A 284 -1.88 -83.16 -14.81
C ARG A 284 -2.88 -83.86 -15.74
N ASP A 285 -2.37 -84.46 -16.83
CA ASP A 285 -3.24 -84.98 -17.88
C ASP A 285 -4.02 -86.22 -17.41
N HIS A 286 -3.38 -87.06 -16.60
CA HIS A 286 -4.08 -88.10 -15.87
C HIS A 286 -5.32 -87.53 -15.14
N TRP A 287 -5.11 -86.52 -14.28
CA TRP A 287 -6.23 -85.97 -13.52
C TRP A 287 -7.26 -85.38 -14.47
N GLY A 288 -6.82 -84.80 -15.60
CA GLY A 288 -7.74 -84.15 -16.54
C GLY A 288 -8.73 -85.17 -17.12
N ALA A 289 -8.21 -86.38 -17.36
CA ALA A 289 -8.98 -87.50 -17.89
C ALA A 289 -9.91 -88.07 -16.83
N VAL A 290 -9.32 -88.57 -15.74
CA VAL A 290 -10.10 -89.01 -14.59
C VAL A 290 -11.31 -88.11 -14.38
N PHE A 291 -11.14 -86.76 -14.43
CA PHE A 291 -12.23 -85.92 -13.95
C PHE A 291 -13.07 -85.30 -15.07
N ALA A 292 -12.74 -85.50 -16.33
CA ALA A 292 -13.58 -84.91 -17.37
C ALA A 292 -15.01 -85.48 -17.24
N ASN A 293 -15.97 -84.60 -17.51
CA ASN A 293 -17.40 -84.86 -17.36
C ASN A 293 -17.83 -85.05 -15.91
N SER A 294 -16.95 -84.83 -14.93
CA SER A 294 -17.37 -84.96 -13.55
C SER A 294 -17.71 -83.60 -12.97
N ASP A 295 -18.43 -83.62 -11.86
CA ASP A 295 -18.71 -82.45 -11.06
C ASP A 295 -17.68 -82.23 -9.96
N ALA A 296 -16.50 -82.86 -10.09
CA ALA A 296 -15.47 -82.78 -9.06
C ALA A 296 -14.80 -81.41 -9.00
N CYS A 297 -14.95 -80.56 -10.02
CA CYS A 297 -14.40 -79.22 -10.02
C CYS A 297 -12.87 -79.28 -9.98
N VAL A 298 -12.30 -80.15 -10.82
CA VAL A 298 -10.88 -80.31 -11.01
C VAL A 298 -10.61 -80.07 -12.49
N THR A 299 -9.79 -79.08 -12.84
CA THR A 299 -9.50 -78.82 -14.24
C THR A 299 -8.00 -78.65 -14.36
N PRO A 300 -7.44 -78.94 -15.54
CA PRO A 300 -6.03 -78.65 -15.77
C PRO A 300 -5.75 -77.14 -15.83
N VAL A 301 -4.62 -76.72 -15.26
CA VAL A 301 -4.20 -75.34 -15.37
C VAL A 301 -3.36 -75.17 -16.63
N LEU A 302 -3.99 -74.66 -17.70
CA LEU A 302 -3.31 -74.55 -18.99
C LEU A 302 -2.55 -73.21 -19.09
N ALA A 303 -1.37 -73.28 -19.68
CA ALA A 303 -0.61 -72.13 -20.13
C ALA A 303 -1.21 -71.58 -21.44
N PHE A 304 -1.01 -70.28 -21.67
CA PHE A 304 -1.57 -69.60 -22.83
C PHE A 304 -1.33 -70.42 -24.09
N GLY A 305 -0.08 -70.88 -24.25
CA GLY A 305 0.35 -71.60 -25.44
C GLY A 305 -0.42 -72.88 -25.73
N GLU A 306 -1.02 -73.48 -24.69
CA GLU A 306 -1.73 -74.74 -24.80
C GLU A 306 -3.24 -74.54 -24.93
N VAL A 307 -3.73 -73.31 -24.76
CA VAL A 307 -5.18 -73.13 -24.72
C VAL A 307 -5.85 -73.55 -26.02
N HIS A 308 -5.15 -73.35 -27.15
CA HIS A 308 -5.72 -73.54 -28.48
C HIS A 308 -5.92 -75.03 -28.75
N ASN A 309 -5.32 -75.92 -27.94
CA ASN A 309 -5.50 -77.35 -28.10
C ASN A 309 -6.62 -77.94 -27.24
N GLU A 310 -7.29 -77.13 -26.40
CA GLU A 310 -8.29 -77.66 -25.49
C GLU A 310 -9.64 -77.80 -26.21
N PRO A 311 -10.25 -79.01 -26.25
CA PRO A 311 -11.47 -79.26 -27.01
C PRO A 311 -12.58 -78.23 -26.78
N HIS A 312 -12.92 -77.96 -25.52
CA HIS A 312 -14.02 -77.06 -25.24
C HIS A 312 -13.74 -75.63 -25.73
N ILE A 313 -12.47 -75.24 -25.79
CA ILE A 313 -12.12 -73.89 -26.23
C ILE A 313 -12.27 -73.83 -27.75
N ILE A 314 -11.71 -74.84 -28.44
CA ILE A 314 -11.82 -75.01 -29.88
C ILE A 314 -13.29 -74.99 -30.31
N GLU A 315 -14.12 -75.79 -29.63
CA GLU A 315 -15.45 -76.04 -30.13
C GLU A 315 -16.36 -74.83 -30.00
N ARG A 316 -16.22 -73.99 -28.97
CA ARG A 316 -17.09 -72.83 -28.88
C ARG A 316 -16.47 -71.63 -29.61
N ASN A 317 -15.38 -71.83 -30.34
CA ASN A 317 -14.65 -70.74 -30.97
C ASN A 317 -14.45 -69.56 -30.02
N THR A 318 -13.87 -69.83 -28.84
CA THR A 318 -13.57 -68.77 -27.92
C THR A 318 -12.43 -67.91 -28.49
N PHE A 319 -11.58 -68.49 -29.34
CA PHE A 319 -10.43 -67.80 -29.93
C PHE A 319 -10.47 -67.86 -31.46
N TYR A 320 -9.87 -66.83 -32.09
CA TYR A 320 -9.61 -66.84 -33.54
C TYR A 320 -8.11 -66.59 -33.74
N GLU A 321 -7.60 -66.93 -34.92
CA GLU A 321 -6.18 -66.80 -35.21
C GLU A 321 -5.96 -65.49 -35.95
N ALA A 322 -4.81 -64.84 -35.76
CA ALA A 322 -4.55 -63.59 -36.46
C ALA A 322 -3.12 -63.16 -36.19
N ASN A 323 -2.28 -63.17 -37.23
CA ASN A 323 -0.93 -62.62 -37.10
C ASN A 323 -0.19 -63.32 -35.97
N GLY A 324 0.33 -64.53 -36.22
CA GLY A 324 1.16 -65.25 -35.27
C GLY A 324 0.68 -65.13 -33.83
N GLY A 325 -0.63 -65.23 -33.61
CA GLY A 325 -1.17 -65.37 -32.27
C GLY A 325 -2.70 -65.52 -32.27
N TRP A 326 -3.19 -66.30 -31.32
CA TRP A 326 -4.63 -66.36 -31.11
C TRP A 326 -5.08 -65.10 -30.38
N GLN A 327 -6.34 -64.76 -30.57
CA GLN A 327 -6.94 -63.65 -29.86
C GLN A 327 -8.36 -64.05 -29.47
N PRO A 328 -8.89 -63.51 -28.37
CA PRO A 328 -10.27 -63.80 -28.00
C PRO A 328 -11.33 -63.26 -28.94
N MET A 329 -12.32 -64.10 -29.25
CA MET A 329 -13.49 -63.63 -29.94
C MET A 329 -14.33 -62.76 -29.03
N PRO A 330 -15.18 -61.92 -29.60
CA PRO A 330 -15.99 -61.01 -28.79
C PRO A 330 -16.83 -61.75 -27.78
N ALA A 331 -17.14 -61.05 -26.69
CA ALA A 331 -18.00 -61.59 -25.68
C ALA A 331 -18.86 -60.43 -25.20
N PRO A 332 -20.07 -60.65 -24.65
CA PRO A 332 -20.73 -61.94 -24.69
C PRO A 332 -21.31 -62.24 -26.08
N ARG A 333 -22.18 -63.25 -26.17
CA ARG A 333 -22.70 -63.66 -27.48
C ARG A 333 -24.18 -63.32 -27.55
N PHE A 334 -24.65 -63.02 -28.77
CA PHE A 334 -26.03 -62.61 -28.98
C PHE A 334 -26.66 -63.55 -30.02
N SER A 335 -27.88 -64.02 -29.72
CA SER A 335 -28.62 -64.95 -30.57
C SER A 335 -28.97 -64.38 -31.96
N ARG A 336 -29.53 -63.15 -32.03
CA ARG A 336 -30.01 -62.60 -33.30
C ARG A 336 -28.96 -61.72 -34.00
N THR A 337 -28.45 -60.69 -33.31
CA THR A 337 -27.47 -59.78 -33.90
C THR A 337 -26.07 -60.18 -33.44
N ALA A 338 -25.55 -61.25 -34.03
CA ALA A 338 -24.27 -61.78 -33.60
C ALA A 338 -23.16 -60.83 -34.01
N SER A 339 -22.13 -60.70 -33.15
CA SER A 339 -20.88 -60.06 -33.52
C SER A 339 -20.25 -60.90 -34.61
N SER A 340 -19.24 -60.34 -35.26
CA SER A 340 -18.45 -61.09 -36.20
C SER A 340 -16.98 -60.98 -35.81
N GLN A 341 -16.15 -61.73 -36.54
CA GLN A 341 -14.73 -61.74 -36.30
C GLN A 341 -14.25 -60.29 -36.32
N PRO A 342 -13.37 -59.88 -35.39
CA PRO A 342 -12.84 -58.53 -35.40
C PRO A 342 -11.99 -58.24 -36.65
N ARG A 343 -12.11 -57.00 -37.14
CA ARG A 343 -11.30 -56.52 -38.24
C ARG A 343 -9.96 -56.10 -37.67
N PRO A 344 -8.83 -56.47 -38.29
CA PRO A 344 -7.53 -56.15 -37.72
C PRO A 344 -7.29 -54.65 -37.68
N PRO A 345 -6.19 -54.17 -37.06
CA PRO A 345 -5.80 -52.77 -37.22
C PRO A 345 -5.59 -52.44 -38.70
N ALA A 346 -6.15 -51.30 -39.14
CA ALA A 346 -6.03 -50.84 -40.52
C ALA A 346 -5.20 -49.55 -40.55
N ALA A 347 -4.43 -49.35 -41.63
CA ALA A 347 -3.63 -48.14 -41.80
C ALA A 347 -4.50 -46.90 -41.58
N THR A 348 -3.83 -45.78 -41.26
CA THR A 348 -4.50 -44.57 -40.80
C THR A 348 -5.39 -43.99 -41.91
N ILE A 349 -6.28 -43.11 -41.51
CA ILE A 349 -7.29 -42.58 -42.39
C ILE A 349 -7.35 -41.07 -42.13
N ASP A 350 -7.64 -40.28 -43.18
CA ASP A 350 -7.77 -38.84 -43.03
C ASP A 350 -9.04 -38.51 -42.27
N ILE A 351 -8.95 -37.56 -41.34
CA ILE A 351 -10.08 -37.20 -40.51
C ILE A 351 -11.22 -36.59 -41.34
N GLU A 352 -10.87 -36.11 -42.56
CA GLU A 352 -11.85 -35.59 -43.51
C GLU A 352 -12.70 -36.72 -44.07
N ALA A 353 -12.04 -37.77 -44.57
CA ALA A 353 -12.70 -38.96 -45.12
C ALA A 353 -13.75 -39.51 -44.16
N VAL A 354 -13.52 -39.35 -42.84
CA VAL A 354 -14.43 -39.85 -41.82
C VAL A 354 -15.60 -38.89 -41.69
N LEU A 355 -15.33 -37.56 -41.72
CA LEU A 355 -16.38 -36.56 -41.58
C LEU A 355 -17.35 -36.66 -42.75
N THR A 356 -16.81 -36.98 -43.93
CA THR A 356 -17.54 -37.26 -45.17
C THR A 356 -18.47 -38.45 -44.97
N ASP A 357 -17.88 -39.64 -44.74
CA ASP A 357 -18.62 -40.87 -44.47
C ASP A 357 -19.76 -40.63 -43.46
N TRP A 358 -19.47 -40.01 -42.32
CA TRP A 358 -20.47 -39.72 -41.31
C TRP A 358 -21.46 -38.64 -41.74
N ASP A 359 -21.13 -37.90 -42.80
CA ASP A 359 -22.09 -37.10 -43.55
C ASP A 359 -22.61 -35.97 -42.64
N MET B 1 -36.92 -44.02 -8.29
CA MET B 1 -35.58 -44.65 -8.13
C MET B 1 -34.53 -43.86 -8.91
N ALA B 2 -33.46 -43.43 -8.23
CA ALA B 2 -32.40 -42.63 -8.84
C ALA B 2 -31.50 -43.49 -9.74
N GLY B 3 -31.08 -42.95 -10.89
CA GLY B 3 -29.97 -43.48 -11.65
C GLY B 3 -30.32 -43.57 -13.12
N PRO B 4 -29.35 -43.77 -14.02
CA PRO B 4 -29.64 -43.84 -15.44
C PRO B 4 -30.54 -44.99 -15.89
N LEU B 5 -30.80 -45.95 -15.02
CA LEU B 5 -31.56 -47.10 -15.46
C LEU B 5 -32.93 -47.09 -14.81
N SER B 6 -33.40 -45.89 -14.43
CA SER B 6 -34.69 -45.74 -13.82
C SER B 6 -35.74 -46.34 -14.75
N GLY B 7 -36.57 -47.25 -14.20
CA GLY B 7 -37.64 -47.90 -14.94
C GLY B 7 -37.15 -48.92 -15.98
N LEU B 8 -35.96 -49.48 -15.78
CA LEU B 8 -35.66 -50.77 -16.36
C LEU B 8 -36.21 -51.82 -15.41
N ARG B 9 -36.88 -52.82 -15.97
CA ARG B 9 -37.44 -53.89 -15.15
C ARG B 9 -36.67 -55.19 -15.39
N VAL B 10 -36.27 -55.82 -14.28
CA VAL B 10 -35.33 -56.92 -14.34
C VAL B 10 -35.86 -58.02 -13.46
N VAL B 11 -35.98 -59.23 -14.02
CA VAL B 11 -36.35 -60.39 -13.22
C VAL B 11 -35.08 -61.24 -13.07
N GLU B 12 -34.77 -61.62 -11.84
CA GLU B 12 -33.56 -62.36 -11.54
C GLU B 12 -33.95 -63.70 -10.91
N LEU B 13 -33.57 -64.80 -11.56
CA LEU B 13 -33.75 -66.11 -10.97
C LEU B 13 -32.52 -66.41 -10.11
N ALA B 14 -32.74 -66.64 -8.82
CA ALA B 14 -31.69 -66.59 -7.83
C ALA B 14 -30.63 -67.64 -8.08
N GLY B 15 -29.37 -67.18 -8.10
CA GLY B 15 -28.22 -68.07 -8.09
C GLY B 15 -27.10 -67.47 -7.22
N ILE B 16 -25.88 -67.82 -7.57
CA ILE B 16 -24.71 -67.41 -6.81
C ILE B 16 -23.68 -66.82 -7.77
N GLY B 17 -22.94 -65.85 -7.23
CA GLY B 17 -21.78 -65.32 -7.93
C GLY B 17 -22.19 -64.28 -8.96
N PRO B 18 -21.93 -64.55 -10.26
CA PRO B 18 -22.10 -63.52 -11.27
C PRO B 18 -23.53 -62.99 -11.43
N GLY B 19 -24.52 -63.87 -11.49
CA GLY B 19 -25.89 -63.46 -11.74
C GLY B 19 -26.37 -62.41 -10.74
N PRO B 20 -26.21 -62.67 -9.42
CA PRO B 20 -26.55 -61.70 -8.40
C PRO B 20 -25.74 -60.41 -8.42
N HIS B 21 -24.49 -60.48 -8.91
CA HIS B 21 -23.62 -59.32 -8.99
C HIS B 21 -24.10 -58.38 -10.09
N ALA B 22 -24.43 -58.94 -11.26
CA ALA B 22 -25.04 -58.18 -12.33
C ALA B 22 -26.34 -57.54 -11.89
N ALA B 23 -27.21 -58.35 -11.27
CA ALA B 23 -28.49 -57.86 -10.81
C ALA B 23 -28.28 -56.69 -9.85
N MET B 24 -27.29 -56.81 -8.97
CA MET B 24 -26.94 -55.77 -8.03
C MET B 24 -26.58 -54.49 -8.77
N ILE B 25 -25.70 -54.56 -9.75
CA ILE B 25 -25.25 -53.34 -10.41
C ILE B 25 -26.42 -52.70 -11.14
N LEU B 26 -27.29 -53.51 -11.75
CA LEU B 26 -28.46 -52.97 -12.43
C LEU B 26 -29.31 -52.20 -11.44
N GLY B 27 -29.60 -52.83 -10.30
CA GLY B 27 -30.27 -52.18 -9.19
C GLY B 27 -29.59 -50.87 -8.79
N ASP B 28 -28.25 -50.94 -8.65
CA ASP B 28 -27.45 -49.86 -8.12
C ASP B 28 -27.72 -48.58 -8.93
N LEU B 29 -27.76 -48.72 -10.27
CA LEU B 29 -28.00 -47.68 -11.25
C LEU B 29 -29.51 -47.40 -11.48
N GLY B 30 -30.36 -47.92 -10.58
CA GLY B 30 -31.75 -47.52 -10.48
C GLY B 30 -32.74 -48.45 -11.20
N ALA B 31 -32.34 -49.66 -11.61
CA ALA B 31 -33.28 -50.55 -12.24
C ALA B 31 -34.20 -51.15 -11.18
N ASP B 32 -35.41 -51.54 -11.65
CA ASP B 32 -36.36 -52.25 -10.81
C ASP B 32 -36.09 -53.76 -10.91
N VAL B 33 -35.57 -54.33 -9.84
CA VAL B 33 -35.02 -55.67 -9.89
C VAL B 33 -35.81 -56.56 -8.93
N VAL B 34 -36.40 -57.64 -9.50
CA VAL B 34 -37.18 -58.57 -8.69
C VAL B 34 -36.50 -59.93 -8.76
N ARG B 35 -36.17 -60.43 -7.58
CA ARG B 35 -35.42 -61.66 -7.46
C ARG B 35 -36.36 -62.76 -6.96
N ILE B 36 -36.56 -63.79 -7.81
CA ILE B 36 -37.32 -64.98 -7.48
C ILE B 36 -36.37 -66.00 -6.89
N ASP B 37 -36.57 -66.28 -5.61
CA ASP B 37 -35.84 -67.31 -4.91
C ASP B 37 -36.78 -68.50 -4.66
N ARG B 38 -36.25 -69.57 -4.08
CA ARG B 38 -37.09 -70.72 -3.76
C ARG B 38 -37.44 -70.64 -2.28
N PRO B 39 -38.68 -71.02 -1.87
CA PRO B 39 -39.10 -70.86 -0.48
C PRO B 39 -38.23 -71.68 0.47
N SER B 40 -37.75 -72.82 -0.06
CA SER B 40 -36.78 -73.69 0.57
C SER B 40 -35.76 -72.86 1.35
N SER B 41 -35.11 -71.88 0.69
CA SER B 41 -34.08 -71.07 1.31
C SER B 41 -34.46 -69.58 1.29
N VAL B 42 -35.22 -69.15 2.31
CA VAL B 42 -35.42 -67.75 2.66
C VAL B 42 -35.82 -67.73 4.13
N ASP B 43 -34.89 -67.30 4.99
CA ASP B 43 -35.07 -67.35 6.43
C ASP B 43 -34.64 -66.01 7.02
N GLY B 44 -35.60 -65.07 7.12
CA GLY B 44 -35.38 -63.75 7.70
C GLY B 44 -35.22 -62.69 6.61
N ILE B 45 -34.54 -61.59 6.97
CA ILE B 45 -34.10 -60.57 6.03
C ILE B 45 -32.67 -60.93 5.63
N SER B 46 -32.38 -61.02 4.31
CA SER B 46 -31.13 -61.61 3.85
C SER B 46 -29.94 -60.71 4.22
N ARG B 47 -28.88 -61.33 4.76
CA ARG B 47 -27.74 -60.60 5.31
C ARG B 47 -26.60 -60.52 4.29
N ASP B 48 -26.87 -60.89 3.03
CA ASP B 48 -25.93 -60.70 1.95
C ASP B 48 -26.20 -59.33 1.32
N ALA B 49 -25.27 -58.40 1.55
CA ALA B 49 -25.37 -57.06 1.02
C ALA B 49 -25.32 -57.05 -0.51
N MET B 50 -24.97 -58.19 -1.16
CA MET B 50 -25.05 -58.28 -2.62
C MET B 50 -26.51 -58.28 -3.07
N LEU B 51 -27.44 -58.56 -2.13
CA LEU B 51 -28.86 -58.58 -2.41
C LEU B 51 -29.51 -57.20 -2.17
N ARG B 52 -28.70 -56.15 -2.16
CA ARG B 52 -29.21 -54.79 -2.03
C ARG B 52 -29.90 -54.36 -3.31
N ASN B 53 -30.76 -53.33 -3.20
CA ASN B 53 -31.50 -52.79 -4.34
C ASN B 53 -32.33 -53.86 -5.06
N ARG B 54 -33.01 -54.69 -4.28
CA ARG B 54 -33.86 -55.76 -4.77
C ARG B 54 -35.22 -55.77 -4.05
N ARG B 55 -36.25 -56.24 -4.77
CA ARG B 55 -37.38 -56.90 -4.13
C ARG B 55 -37.22 -58.43 -4.25
N ILE B 56 -37.30 -59.11 -3.10
CA ILE B 56 -37.28 -60.57 -3.02
C ILE B 56 -38.71 -61.11 -3.00
N VAL B 57 -38.95 -62.15 -3.82
CA VAL B 57 -40.16 -62.97 -3.71
C VAL B 57 -39.74 -64.44 -3.68
N THR B 58 -40.58 -65.30 -3.08
CA THR B 58 -40.45 -66.76 -3.21
C THR B 58 -41.48 -67.30 -4.21
N ALA B 59 -41.14 -68.46 -4.78
CA ALA B 59 -41.99 -69.19 -5.71
C ALA B 59 -41.31 -70.48 -6.11
N ASP B 60 -41.92 -71.61 -5.72
CA ASP B 60 -41.58 -72.92 -6.25
C ASP B 60 -41.79 -72.95 -7.76
N LEU B 61 -40.69 -72.87 -8.53
CA LEU B 61 -40.79 -72.82 -9.98
C LEU B 61 -41.20 -74.19 -10.54
N LYS B 62 -41.20 -75.22 -9.69
CA LYS B 62 -41.65 -76.54 -10.10
C LYS B 62 -43.15 -76.72 -9.88
N SER B 63 -43.81 -75.88 -9.07
CA SER B 63 -45.26 -75.92 -8.96
C SER B 63 -45.86 -75.28 -10.22
N ASP B 64 -47.16 -75.45 -10.45
CA ASP B 64 -47.78 -74.93 -11.65
C ASP B 64 -48.02 -73.43 -11.50
N GLN B 65 -48.28 -73.07 -10.25
CA GLN B 65 -48.66 -71.75 -9.81
C GLN B 65 -47.42 -70.83 -9.86
N GLY B 66 -46.36 -71.24 -9.15
CA GLY B 66 -45.03 -70.64 -9.25
C GLY B 66 -44.60 -70.35 -10.70
N LEU B 67 -44.70 -71.33 -11.60
CA LEU B 67 -44.35 -71.09 -12.98
C LEU B 67 -45.23 -69.99 -13.58
N GLU B 68 -46.53 -70.06 -13.33
CA GLU B 68 -47.46 -69.15 -13.99
C GLU B 68 -47.15 -67.73 -13.56
N LEU B 69 -47.05 -67.54 -12.22
CA LEU B 69 -46.67 -66.29 -11.58
C LEU B 69 -45.37 -65.72 -12.15
N ALA B 70 -44.33 -66.55 -12.26
CA ALA B 70 -43.03 -66.12 -12.80
C ALA B 70 -43.21 -65.57 -14.20
N LEU B 71 -43.98 -66.31 -15.02
CA LEU B 71 -44.17 -65.95 -16.41
C LEU B 71 -44.94 -64.63 -16.54
N LYS B 72 -45.77 -64.30 -15.56
CA LYS B 72 -46.45 -63.02 -15.57
C LYS B 72 -45.47 -61.89 -15.23
N LEU B 73 -44.61 -62.06 -14.20
CA LEU B 73 -43.50 -61.14 -13.99
C LEU B 73 -42.75 -60.92 -15.31
N ILE B 74 -42.28 -62.00 -15.92
CA ILE B 74 -41.35 -61.91 -17.04
C ILE B 74 -42.01 -61.17 -18.21
N ALA B 75 -43.34 -61.34 -18.33
CA ALA B 75 -44.11 -60.71 -19.39
C ALA B 75 -44.06 -59.19 -19.24
N LYS B 76 -43.99 -58.71 -17.99
CA LYS B 76 -44.03 -57.29 -17.68
C LYS B 76 -42.62 -56.69 -17.51
N ALA B 77 -41.54 -57.46 -17.81
CA ALA B 77 -40.17 -57.04 -17.54
C ALA B 77 -39.42 -56.78 -18.83
N ASP B 78 -38.22 -56.21 -18.71
CA ASP B 78 -37.36 -55.97 -19.86
C ASP B 78 -36.26 -57.02 -19.98
N VAL B 79 -35.73 -57.42 -18.82
CA VAL B 79 -34.57 -58.28 -18.77
C VAL B 79 -34.85 -59.47 -17.85
N LEU B 80 -34.45 -60.67 -18.29
CA LEU B 80 -34.40 -61.81 -17.37
C LEU B 80 -32.96 -62.27 -17.24
N ILE B 81 -32.56 -62.49 -15.97
CA ILE B 81 -31.26 -63.04 -15.62
C ILE B 81 -31.43 -64.42 -15.02
N GLU B 82 -30.76 -65.42 -15.60
CA GLU B 82 -30.62 -66.75 -14.99
C GLU B 82 -29.19 -67.26 -15.04
N GLY B 83 -28.72 -67.90 -13.96
CA GLY B 83 -27.38 -68.43 -13.89
C GLY B 83 -27.31 -69.92 -13.53
N TYR B 84 -28.25 -70.70 -14.07
CA TYR B 84 -28.21 -72.14 -13.87
C TYR B 84 -27.46 -72.76 -15.04
N ARG B 85 -27.18 -74.06 -14.92
CA ARG B 85 -26.58 -74.80 -16.01
C ARG B 85 -27.56 -74.83 -17.17
N PRO B 86 -27.04 -74.95 -18.39
CA PRO B 86 -27.90 -75.02 -19.56
C PRO B 86 -28.93 -76.14 -19.44
N GLY B 87 -30.14 -75.88 -19.95
CA GLY B 87 -31.20 -76.86 -19.91
C GLY B 87 -32.11 -76.63 -18.71
N VAL B 88 -31.61 -75.95 -17.67
CA VAL B 88 -32.37 -75.92 -16.43
C VAL B 88 -33.64 -75.08 -16.61
N THR B 89 -33.53 -73.86 -17.18
CA THR B 89 -34.70 -73.00 -17.29
C THR B 89 -35.70 -73.63 -18.29
N GLU B 90 -35.18 -74.25 -19.35
CA GLU B 90 -35.98 -74.96 -20.33
C GLU B 90 -36.92 -75.96 -19.66
N ARG B 91 -36.38 -76.87 -18.84
CA ARG B 91 -37.16 -77.85 -18.10
C ARG B 91 -38.15 -77.19 -17.15
N LEU B 92 -37.86 -76.00 -16.59
CA LEU B 92 -38.87 -75.36 -15.77
C LEU B 92 -39.98 -74.79 -16.65
N GLY B 93 -39.77 -74.76 -17.98
CA GLY B 93 -40.64 -74.02 -18.89
C GLY B 93 -40.47 -72.50 -18.76
N LEU B 94 -39.27 -72.04 -18.35
CA LEU B 94 -38.90 -70.62 -18.31
C LEU B 94 -37.77 -70.36 -19.30
N GLY B 95 -37.68 -71.20 -20.33
CA GLY B 95 -36.60 -71.15 -21.30
C GLY B 95 -36.78 -69.94 -22.17
N PRO B 96 -35.81 -69.61 -23.05
CA PRO B 96 -35.96 -68.44 -23.89
C PRO B 96 -37.25 -68.51 -24.71
N GLU B 97 -37.52 -69.65 -25.34
CA GLU B 97 -38.64 -69.75 -26.27
C GLU B 97 -39.99 -69.55 -25.56
N GLU B 98 -40.15 -70.08 -24.34
CA GLU B 98 -41.40 -69.88 -23.61
C GLU B 98 -41.58 -68.42 -23.24
N CYS B 99 -40.45 -67.75 -22.98
CA CYS B 99 -40.46 -66.37 -22.52
C CYS B 99 -40.81 -65.46 -23.70
N ALA B 100 -40.30 -65.78 -24.90
CA ALA B 100 -40.58 -65.09 -26.15
C ALA B 100 -42.06 -65.21 -26.54
N LYS B 101 -42.76 -66.20 -25.99
CA LYS B 101 -44.18 -66.35 -26.25
C LYS B 101 -44.95 -65.28 -25.47
N VAL B 102 -44.47 -64.87 -24.29
CA VAL B 102 -45.21 -63.93 -23.48
C VAL B 102 -44.61 -62.53 -23.54
N ASN B 103 -43.58 -62.31 -24.38
CA ASN B 103 -42.78 -61.09 -24.33
C ASN B 103 -41.65 -61.17 -25.35
N ASP B 104 -41.93 -60.78 -26.59
CA ASP B 104 -40.93 -60.84 -27.66
C ASP B 104 -39.91 -59.71 -27.51
N ARG B 105 -40.00 -58.94 -26.41
CA ARG B 105 -39.13 -57.80 -26.17
C ARG B 105 -38.05 -58.14 -25.15
N LEU B 106 -38.28 -59.16 -24.32
CA LEU B 106 -37.38 -59.60 -23.26
C LEU B 106 -35.94 -59.75 -23.74
N ILE B 107 -35.02 -59.20 -22.94
CA ILE B 107 -33.60 -59.54 -23.03
C ILE B 107 -33.37 -60.72 -22.10
N TYR B 108 -32.95 -61.85 -22.70
CA TYR B 108 -32.84 -63.12 -21.96
C TYR B 108 -31.35 -63.37 -21.70
N ALA B 109 -30.92 -63.19 -20.44
CA ALA B 109 -29.50 -63.16 -20.10
C ALA B 109 -29.10 -64.42 -19.31
N ARG B 110 -28.24 -65.19 -19.95
CA ARG B 110 -27.77 -66.48 -19.44
C ARG B 110 -26.30 -66.41 -19.04
N MET B 111 -26.07 -66.60 -17.74
CA MET B 111 -24.77 -66.47 -17.10
C MET B 111 -24.22 -67.86 -16.75
N THR B 112 -23.22 -68.32 -17.50
CA THR B 112 -22.58 -69.57 -17.15
C THR B 112 -21.06 -69.40 -17.10
N GLY B 113 -20.38 -70.47 -16.66
CA GLY B 113 -18.93 -70.48 -16.73
C GLY B 113 -18.46 -71.00 -18.08
N TRP B 114 -19.03 -72.13 -18.51
CA TRP B 114 -18.51 -72.85 -19.65
C TRP B 114 -19.27 -72.53 -20.93
N GLY B 115 -20.45 -71.90 -20.83
CA GLY B 115 -21.25 -71.60 -22.03
C GLY B 115 -22.47 -72.51 -22.20
N GLN B 116 -23.15 -72.37 -23.33
CA GLN B 116 -24.44 -73.01 -23.50
C GLN B 116 -24.29 -74.39 -24.11
N THR B 117 -23.19 -74.64 -24.82
CA THR B 117 -22.97 -75.94 -25.41
C THR B 117 -21.50 -76.31 -25.29
N GLY B 118 -21.16 -77.52 -25.75
CA GLY B 118 -19.80 -78.00 -25.76
C GLY B 118 -19.55 -78.98 -24.63
N PRO B 119 -18.39 -79.66 -24.69
CA PRO B 119 -18.13 -80.83 -23.85
C PRO B 119 -18.17 -80.56 -22.36
N ARG B 120 -17.93 -79.31 -21.95
CA ARG B 120 -17.85 -79.04 -20.53
C ARG B 120 -19.11 -78.33 -20.09
N SER B 121 -20.11 -78.23 -20.96
CA SER B 121 -21.26 -77.38 -20.68
C SER B 121 -22.07 -77.88 -19.51
N GLN B 122 -21.98 -79.17 -19.15
CA GLN B 122 -22.81 -79.63 -18.04
C GLN B 122 -21.98 -79.87 -16.78
N GLN B 123 -20.70 -79.52 -16.86
CA GLN B 123 -19.79 -79.74 -15.76
C GLN B 123 -19.97 -78.66 -14.71
N ALA B 124 -20.13 -79.06 -13.46
CA ALA B 124 -20.03 -78.12 -12.36
C ALA B 124 -18.68 -77.42 -12.38
N GLY B 125 -18.63 -76.19 -11.85
CA GLY B 125 -17.39 -75.44 -11.77
C GLY B 125 -17.53 -74.19 -10.89
N HIS B 126 -16.37 -73.64 -10.55
CA HIS B 126 -16.31 -72.32 -9.96
C HIS B 126 -15.28 -71.50 -10.71
N ASP B 127 -15.13 -70.24 -10.27
CA ASP B 127 -14.24 -69.28 -10.89
C ASP B 127 -12.89 -69.91 -11.20
N ILE B 128 -12.24 -70.50 -10.20
CA ILE B 128 -10.90 -71.01 -10.37
C ILE B 128 -10.83 -72.02 -11.51
N ASN B 129 -11.90 -72.77 -11.78
CA ASN B 129 -11.88 -73.69 -12.89
C ASN B 129 -11.95 -72.98 -14.24
N TYR B 130 -12.80 -71.95 -14.37
CA TYR B 130 -13.00 -71.27 -15.65
C TYR B 130 -11.69 -70.61 -16.07
N ILE B 131 -10.99 -69.97 -15.11
CA ILE B 131 -9.75 -69.28 -15.44
C ILE B 131 -8.59 -70.26 -15.59
N SER B 132 -8.77 -71.51 -15.15
CA SER B 132 -7.67 -72.45 -15.32
C SER B 132 -7.57 -72.86 -16.79
N LEU B 133 -8.70 -72.86 -17.51
CA LEU B 133 -8.70 -73.48 -18.84
C LEU B 133 -8.19 -72.55 -19.93
N ASN B 134 -8.16 -71.24 -19.67
CA ASN B 134 -7.92 -70.27 -20.70
C ASN B 134 -6.63 -69.47 -20.47
N GLY B 135 -5.74 -69.98 -19.61
CA GLY B 135 -4.38 -69.44 -19.50
C GLY B 135 -4.24 -68.40 -18.38
N ILE B 136 -5.35 -67.93 -17.84
CA ILE B 136 -5.30 -66.82 -16.91
C ILE B 136 -4.64 -67.28 -15.62
N LEU B 137 -5.08 -68.41 -15.05
CA LEU B 137 -4.68 -68.77 -13.70
C LEU B 137 -3.20 -69.13 -13.71
N HIS B 138 -2.75 -69.77 -14.78
CA HIS B 138 -1.36 -70.15 -14.91
C HIS B 138 -0.41 -68.94 -14.77
N ALA B 139 -0.91 -67.76 -15.10
CA ALA B 139 -0.08 -66.57 -15.24
C ALA B 139 0.00 -65.76 -13.96
N ILE B 140 -0.73 -66.16 -12.92
CA ILE B 140 -0.80 -65.39 -11.70
C ILE B 140 -0.03 -66.10 -10.58
N GLY B 141 0.86 -65.35 -9.92
CA GLY B 141 1.57 -65.81 -8.74
C GLY B 141 3.08 -65.72 -8.96
N ARG B 142 3.88 -66.06 -7.97
CA ARG B 142 5.33 -66.07 -8.15
C ARG B 142 5.77 -67.27 -8.99
N GLY B 143 6.94 -67.14 -9.62
CA GLY B 143 7.43 -68.12 -10.56
C GLY B 143 7.91 -69.43 -9.92
N ASP B 144 8.30 -69.37 -8.65
CA ASP B 144 8.85 -70.56 -7.98
C ASP B 144 7.76 -71.29 -7.17
N GLU B 145 6.49 -71.14 -7.55
CA GLU B 145 5.41 -71.62 -6.72
C GLU B 145 4.19 -71.88 -7.58
N ARG B 146 3.20 -72.51 -7.01
CA ARG B 146 2.05 -72.87 -7.80
C ARG B 146 1.16 -71.65 -7.96
N PRO B 147 0.39 -71.56 -9.06
CA PRO B 147 -0.46 -70.41 -9.26
C PRO B 147 -1.37 -70.13 -8.08
N VAL B 148 -1.72 -68.85 -7.93
CA VAL B 148 -2.53 -68.46 -6.82
C VAL B 148 -3.81 -67.85 -7.40
N PRO B 149 -5.00 -68.19 -6.87
CA PRO B 149 -6.22 -67.63 -7.40
C PRO B 149 -6.37 -66.19 -6.96
N PRO B 150 -6.74 -65.29 -7.90
CA PRO B 150 -6.99 -63.90 -7.60
C PRO B 150 -8.41 -63.72 -7.11
N LEU B 151 -8.63 -64.27 -5.93
CA LEU B 151 -9.95 -64.48 -5.41
C LEU B 151 -10.82 -65.01 -6.53
N ASN B 152 -12.07 -64.57 -6.57
CA ASN B 152 -12.96 -64.87 -7.68
C ASN B 152 -13.31 -63.59 -8.43
N LEU B 153 -12.32 -62.70 -8.59
CA LEU B 153 -12.56 -61.41 -9.20
C LEU B 153 -12.57 -61.53 -10.72
N VAL B 154 -11.83 -62.49 -11.29
CA VAL B 154 -11.59 -62.45 -12.73
C VAL B 154 -12.63 -63.27 -13.49
N GLY B 155 -13.09 -64.40 -12.94
CA GLY B 155 -14.04 -65.24 -13.66
C GLY B 155 -15.48 -64.85 -13.36
N ASP B 156 -15.81 -64.77 -12.08
CA ASP B 156 -17.16 -64.45 -11.66
C ASP B 156 -17.53 -63.02 -12.02
N PHE B 157 -16.63 -62.05 -11.81
CA PHE B 157 -17.06 -60.65 -11.86
C PHE B 157 -16.53 -59.99 -13.11
N GLY B 158 -15.21 -59.75 -13.15
CA GLY B 158 -14.57 -59.09 -14.27
C GLY B 158 -14.94 -59.72 -15.61
N GLY B 159 -14.84 -61.05 -15.73
CA GLY B 159 -15.07 -61.75 -16.98
C GLY B 159 -16.45 -62.40 -17.01
N GLY B 160 -17.29 -61.99 -16.06
CA GLY B 160 -18.49 -62.72 -15.71
C GLY B 160 -19.71 -61.81 -15.67
N SER B 161 -20.04 -61.35 -14.47
CA SER B 161 -21.12 -60.40 -14.25
C SER B 161 -21.01 -59.22 -15.23
N MET B 162 -19.78 -58.70 -15.47
CA MET B 162 -19.61 -57.44 -16.14
C MET B 162 -19.90 -57.62 -17.62
N PHE B 163 -19.53 -58.78 -18.16
CA PHE B 163 -19.87 -59.10 -19.53
C PHE B 163 -21.37 -59.41 -19.68
N LEU B 164 -22.00 -60.02 -18.66
CA LEU B 164 -23.44 -60.16 -18.71
C LEU B 164 -24.08 -58.77 -18.84
N LEU B 165 -23.57 -57.81 -18.05
CA LEU B 165 -24.11 -56.43 -18.05
C LEU B 165 -23.90 -55.74 -19.39
N VAL B 166 -22.69 -55.82 -19.95
CA VAL B 166 -22.44 -55.22 -21.24
C VAL B 166 -23.36 -55.86 -22.29
N GLY B 167 -23.70 -57.15 -22.11
CA GLY B 167 -24.58 -57.85 -23.01
C GLY B 167 -26.03 -57.37 -22.86
N ILE B 168 -26.51 -57.23 -21.62
CA ILE B 168 -27.87 -56.79 -21.37
C ILE B 168 -28.08 -55.37 -21.92
N LEU B 169 -27.13 -54.46 -21.67
CA LEU B 169 -27.28 -53.07 -22.04
C LEU B 169 -27.02 -52.88 -23.53
N ALA B 170 -26.14 -53.66 -24.15
CA ALA B 170 -26.01 -53.53 -25.59
C ALA B 170 -27.24 -54.06 -26.31
N ALA B 171 -27.90 -55.05 -25.71
CA ALA B 171 -29.08 -55.62 -26.33
C ALA B 171 -30.25 -54.64 -26.18
N LEU B 172 -30.31 -53.90 -25.08
CA LEU B 172 -31.32 -52.87 -24.91
C LEU B 172 -31.18 -51.77 -25.98
N TRP B 173 -29.96 -51.33 -26.25
CA TRP B 173 -29.71 -50.43 -27.37
C TRP B 173 -30.22 -51.02 -28.68
N GLU B 174 -29.89 -52.28 -28.98
CA GLU B 174 -30.27 -52.89 -30.26
C GLU B 174 -31.80 -52.97 -30.38
N ARG B 175 -32.48 -53.21 -29.24
CA ARG B 175 -33.93 -53.33 -29.15
C ARG B 175 -34.61 -52.03 -29.60
N GLN B 176 -34.00 -50.89 -29.26
CA GLN B 176 -34.63 -49.60 -29.51
C GLN B 176 -34.77 -49.38 -31.01
N SER B 177 -33.92 -50.02 -31.83
CA SER B 177 -34.07 -49.84 -33.25
C SER B 177 -34.68 -51.10 -33.90
N SER B 178 -34.97 -52.18 -33.15
CA SER B 178 -35.49 -53.35 -33.81
C SER B 178 -36.85 -53.80 -33.25
N GLY B 179 -37.26 -53.28 -32.09
CA GLY B 179 -38.51 -53.69 -31.42
C GLY B 179 -38.41 -55.02 -30.68
N LYS B 180 -37.28 -55.73 -30.81
CA LYS B 180 -37.17 -57.13 -30.42
C LYS B 180 -36.06 -57.35 -29.40
N GLY B 181 -36.34 -58.26 -28.44
CA GLY B 181 -35.33 -58.82 -27.55
C GLY B 181 -34.44 -59.88 -28.22
N GLN B 182 -33.63 -60.54 -27.39
CA GLN B 182 -32.76 -61.63 -27.82
C GLN B 182 -32.07 -62.26 -26.60
N VAL B 183 -31.25 -63.28 -26.90
CA VAL B 183 -30.60 -64.07 -25.85
C VAL B 183 -29.14 -63.65 -25.79
N VAL B 184 -28.72 -63.34 -24.56
CA VAL B 184 -27.33 -63.04 -24.26
C VAL B 184 -26.70 -64.25 -23.58
N ASP B 185 -25.65 -64.78 -24.22
CA ASP B 185 -24.90 -65.92 -23.73
C ASP B 185 -23.56 -65.41 -23.20
N ALA B 186 -23.51 -65.16 -21.89
CA ALA B 186 -22.31 -64.72 -21.21
C ALA B 186 -21.64 -65.90 -20.48
N ALA B 187 -20.56 -66.37 -21.07
CA ALA B 187 -19.74 -67.41 -20.47
C ALA B 187 -18.46 -66.83 -19.85
N MET B 188 -18.21 -67.17 -18.59
CA MET B 188 -17.04 -66.68 -17.87
C MET B 188 -15.75 -67.04 -18.60
N VAL B 189 -15.70 -68.17 -19.28
CA VAL B 189 -14.46 -68.54 -19.95
C VAL B 189 -14.18 -67.63 -21.16
N ASP B 190 -15.26 -67.08 -21.76
CA ASP B 190 -15.15 -66.12 -22.86
C ASP B 190 -14.81 -64.73 -22.31
N GLY B 191 -15.67 -64.20 -21.44
CA GLY B 191 -15.52 -62.85 -20.91
C GLY B 191 -14.12 -62.66 -20.33
N SER B 192 -13.64 -63.66 -19.58
CA SER B 192 -12.38 -63.53 -18.89
C SER B 192 -11.27 -63.55 -19.94
N SER B 193 -11.49 -64.24 -21.08
CA SER B 193 -10.54 -64.22 -22.18
C SER B 193 -10.42 -62.82 -22.81
N VAL B 194 -11.55 -62.13 -23.00
CA VAL B 194 -11.55 -60.78 -23.51
C VAL B 194 -10.96 -59.85 -22.46
N LEU B 195 -11.22 -60.13 -21.17
CA LEU B 195 -10.74 -59.28 -20.10
C LEU B 195 -9.21 -59.24 -20.18
N ILE B 196 -8.59 -60.36 -20.61
CA ILE B 196 -7.15 -60.50 -20.64
C ILE B 196 -6.62 -60.33 -22.05
N GLN B 197 -7.37 -59.60 -22.88
CA GLN B 197 -6.92 -59.43 -24.25
C GLN B 197 -5.53 -58.78 -24.33
N MET B 198 -5.20 -57.87 -23.40
CA MET B 198 -3.91 -57.22 -23.47
C MET B 198 -2.74 -58.21 -23.48
N MET B 199 -2.83 -59.32 -22.73
CA MET B 199 -1.77 -60.31 -22.70
C MET B 199 -1.71 -61.10 -24.00
N TRP B 200 -2.87 -61.40 -24.59
CA TRP B 200 -2.83 -62.08 -25.87
C TRP B 200 -2.19 -61.18 -26.94
N ALA B 201 -2.53 -59.89 -26.96
CA ALA B 201 -1.88 -58.94 -27.86
C ALA B 201 -0.37 -58.89 -27.61
N MET B 202 0.03 -58.66 -26.35
CA MET B 202 1.43 -58.68 -25.96
C MET B 202 2.14 -59.99 -26.30
N ARG B 203 1.51 -61.17 -26.19
CA ARG B 203 2.26 -62.38 -26.45
C ARG B 203 2.48 -62.49 -27.96
N ALA B 204 1.54 -61.94 -28.73
CA ALA B 204 1.59 -62.01 -30.18
C ALA B 204 2.82 -61.27 -30.69
N THR B 205 3.18 -60.16 -30.01
CA THR B 205 4.30 -59.32 -30.42
C THR B 205 5.54 -59.61 -29.58
N GLY B 206 5.67 -60.81 -29.03
CA GLY B 206 6.86 -61.19 -28.28
C GLY B 206 7.09 -60.39 -26.99
N MET B 207 6.10 -59.66 -26.46
CA MET B 207 6.27 -58.90 -25.22
C MET B 207 5.58 -59.53 -24.00
N TRP B 208 5.27 -60.84 -24.04
CA TRP B 208 4.77 -61.55 -22.86
C TRP B 208 5.15 -63.01 -23.00
N THR B 209 5.70 -63.67 -21.96
CA THR B 209 5.94 -65.13 -22.01
C THR B 209 4.99 -65.91 -21.09
N ASP B 210 4.94 -67.23 -21.34
CA ASP B 210 4.14 -68.15 -20.54
C ASP B 210 4.82 -68.48 -19.21
N THR B 211 6.09 -68.10 -19.03
CA THR B 211 6.74 -68.20 -17.74
C THR B 211 6.08 -67.29 -16.72
N ARG B 212 5.64 -67.87 -15.60
CA ARG B 212 5.07 -67.12 -14.51
C ARG B 212 6.18 -66.31 -13.84
N GLY B 213 5.86 -65.09 -13.41
CA GLY B 213 6.76 -64.27 -12.63
C GLY B 213 7.92 -63.72 -13.45
N ALA B 214 7.76 -63.64 -14.78
CA ALA B 214 8.82 -63.14 -15.63
C ALA B 214 8.34 -62.05 -16.60
N ASN B 215 7.33 -61.25 -16.22
CA ASN B 215 6.72 -60.32 -17.16
C ASN B 215 6.62 -58.92 -16.56
N MET B 216 6.18 -57.98 -17.39
CA MET B 216 6.12 -56.60 -16.94
C MET B 216 5.08 -56.40 -15.85
N LEU B 217 3.96 -57.14 -15.93
CA LEU B 217 2.80 -56.85 -15.11
C LEU B 217 2.40 -58.01 -14.18
N ASP B 218 3.23 -59.04 -14.04
CA ASP B 218 2.83 -60.21 -13.27
C ASP B 218 3.56 -60.26 -11.95
N GLY B 219 4.41 -59.26 -11.72
CA GLY B 219 5.15 -59.18 -10.47
C GLY B 219 6.62 -59.45 -10.70
N GLY B 220 6.98 -59.89 -11.89
CA GLY B 220 8.38 -60.13 -12.20
C GLY B 220 9.20 -58.84 -12.35
N ALA B 221 8.59 -57.73 -12.71
CA ALA B 221 9.35 -56.50 -12.91
C ALA B 221 9.54 -55.83 -11.56
N PRO B 222 10.77 -55.44 -11.17
CA PRO B 222 10.99 -54.77 -9.90
C PRO B 222 10.30 -53.41 -9.74
N TYR B 223 9.93 -52.81 -10.86
CA TYR B 223 9.20 -51.55 -10.83
C TYR B 223 7.68 -51.74 -10.96
N TYR B 224 7.21 -52.99 -10.93
CA TYR B 224 5.78 -53.26 -10.90
C TYR B 224 5.52 -54.44 -9.94
N ASP B 225 5.53 -54.15 -8.64
CA ASP B 225 5.40 -55.20 -7.64
C ASP B 225 5.17 -54.58 -6.28
N THR B 226 4.94 -55.41 -5.26
CA THR B 226 4.88 -54.92 -3.89
C THR B 226 6.24 -55.11 -3.24
N TYR B 227 6.48 -54.35 -2.17
CA TYR B 227 7.72 -54.42 -1.43
C TYR B 227 7.33 -54.36 0.02
N GLU B 228 8.01 -55.16 0.82
CA GLU B 228 7.80 -55.16 2.27
C GLU B 228 8.63 -54.02 2.89
N CYS B 229 8.06 -53.41 3.91
CA CYS B 229 8.61 -52.20 4.54
C CYS B 229 9.06 -52.58 5.94
N ALA B 230 9.70 -51.65 6.65
CA ALA B 230 10.31 -51.94 7.95
C ALA B 230 9.28 -52.50 8.92
N ASP B 231 8.02 -52.12 8.80
CA ASP B 231 7.02 -52.49 9.79
C ASP B 231 6.32 -53.81 9.42
N GLY B 232 6.66 -54.43 8.29
CA GLY B 232 6.01 -55.67 7.86
C GLY B 232 4.78 -55.41 6.98
N ARG B 233 4.42 -54.13 6.77
CA ARG B 233 3.37 -53.75 5.83
C ARG B 233 4.00 -53.51 4.46
N TYR B 234 3.18 -53.19 3.46
CA TYR B 234 3.68 -53.20 2.10
C TYR B 234 3.40 -51.90 1.36
N VAL B 235 4.22 -51.62 0.33
CA VAL B 235 3.84 -50.63 -0.67
C VAL B 235 3.72 -51.34 -2.02
N ALA B 236 2.96 -50.71 -2.92
CA ALA B 236 2.92 -51.09 -4.31
C ALA B 236 3.68 -50.05 -5.12
N VAL B 237 4.48 -50.54 -6.05
CA VAL B 237 5.28 -49.77 -6.97
C VAL B 237 4.80 -50.10 -8.36
N GLY B 238 4.48 -49.06 -9.15
CA GLY B 238 3.92 -49.23 -10.49
C GLY B 238 4.56 -48.30 -11.51
N ALA B 239 5.85 -48.06 -11.30
CA ALA B 239 6.58 -47.01 -12.00
C ALA B 239 7.11 -47.51 -13.32
N ILE B 240 6.18 -47.73 -14.25
CA ILE B 240 6.52 -48.28 -15.55
C ILE B 240 7.29 -47.25 -16.40
N GLU B 241 6.73 -46.03 -16.55
CA GLU B 241 7.31 -44.99 -17.40
C GLU B 241 8.62 -44.52 -16.77
N PRO B 242 9.72 -44.38 -17.55
CA PRO B 242 11.05 -44.08 -17.01
C PRO B 242 11.12 -42.87 -16.10
N GLN B 243 10.29 -41.85 -16.39
CA GLN B 243 10.28 -40.61 -15.65
C GLN B 243 9.65 -40.83 -14.29
N PHE B 244 8.60 -41.67 -14.23
CA PHE B 244 8.01 -42.01 -12.94
C PHE B 244 9.00 -42.89 -12.18
N TYR B 245 9.67 -43.79 -12.91
CA TYR B 245 10.67 -44.65 -12.31
C TYR B 245 11.77 -43.78 -11.71
N ALA B 246 12.27 -42.78 -12.46
CA ALA B 246 13.33 -41.92 -11.94
C ALA B 246 12.90 -41.15 -10.69
N ALA B 247 11.63 -40.75 -10.65
CA ALA B 247 11.15 -40.01 -9.49
C ALA B 247 11.15 -40.90 -8.27
N MET B 248 10.83 -42.17 -8.48
CA MET B 248 10.83 -43.12 -7.37
C MET B 248 12.26 -43.33 -6.83
N LEU B 249 13.22 -43.57 -7.74
CA LEU B 249 14.61 -43.73 -7.35
C LEU B 249 15.04 -42.52 -6.48
N ALA B 250 14.74 -41.28 -6.92
CA ALA B 250 15.18 -40.11 -6.15
C ALA B 250 14.59 -40.13 -4.74
N GLY B 251 13.33 -40.51 -4.63
CA GLY B 251 12.69 -40.53 -3.33
C GLY B 251 13.21 -41.65 -2.43
N LEU B 252 13.77 -42.71 -3.03
CA LEU B 252 14.35 -43.81 -2.27
C LEU B 252 15.75 -43.48 -1.81
N GLY B 253 16.37 -42.47 -2.43
CA GLY B 253 17.74 -42.14 -2.09
C GLY B 253 18.72 -42.86 -3.00
N LEU B 254 18.31 -43.24 -4.21
CA LEU B 254 19.12 -44.12 -5.03
C LEU B 254 19.57 -43.41 -6.29
N ASP B 255 20.89 -43.42 -6.45
CA ASP B 255 21.53 -42.78 -7.58
C ASP B 255 21.38 -43.78 -8.73
N ALA B 256 20.77 -43.34 -9.84
CA ALA B 256 20.50 -44.20 -10.98
C ALA B 256 21.76 -44.86 -11.53
N ALA B 257 22.92 -44.19 -11.40
CA ALA B 257 24.18 -44.64 -11.98
C ALA B 257 24.69 -45.96 -11.36
N GLU B 258 24.36 -46.23 -10.10
CA GLU B 258 24.77 -47.44 -9.41
C GLU B 258 23.83 -48.64 -9.64
N LEU B 259 22.70 -48.44 -10.32
CA LEU B 259 21.67 -49.48 -10.45
C LEU B 259 21.79 -50.07 -11.84
N PRO B 260 21.35 -51.32 -12.10
CA PRO B 260 21.26 -51.80 -13.46
C PRO B 260 20.15 -51.09 -14.20
N PRO B 261 20.11 -51.12 -15.56
CA PRO B 261 19.01 -50.51 -16.29
C PRO B 261 17.64 -51.02 -15.82
N GLN B 262 16.65 -50.13 -15.85
CA GLN B 262 15.29 -50.41 -15.41
C GLN B 262 14.76 -51.65 -16.12
N ASN B 263 15.05 -51.76 -17.42
CA ASN B 263 14.45 -52.80 -18.24
C ASN B 263 15.48 -53.80 -18.75
N ASP B 264 16.64 -53.92 -18.10
CA ASP B 264 17.49 -55.07 -18.38
C ASP B 264 17.04 -56.26 -17.55
N ARG B 265 16.33 -57.18 -18.19
CA ARG B 265 15.58 -58.21 -17.48
C ARG B 265 16.52 -59.23 -16.87
N ALA B 266 17.71 -59.42 -17.46
CA ALA B 266 18.64 -60.40 -16.91
C ALA B 266 19.15 -59.93 -15.54
N ARG B 267 19.09 -58.62 -15.28
CA ARG B 267 19.56 -58.06 -14.02
C ARG B 267 18.43 -57.68 -13.05
N TRP B 268 17.20 -58.02 -13.39
CA TRP B 268 16.08 -57.70 -12.52
C TRP B 268 16.27 -58.20 -11.09
N PRO B 269 16.74 -59.45 -10.86
CA PRO B 269 17.03 -59.94 -9.51
C PRO B 269 17.93 -59.01 -8.70
N GLU B 270 19.01 -58.56 -9.31
CA GLU B 270 19.96 -57.63 -8.69
C GLU B 270 19.26 -56.30 -8.40
N LEU B 271 18.50 -55.79 -9.38
CA LEU B 271 17.78 -54.54 -9.20
C LEU B 271 16.76 -54.67 -8.05
N ARG B 272 16.01 -55.78 -8.03
CA ARG B 272 15.04 -56.00 -6.96
C ARG B 272 15.72 -56.02 -5.60
N ALA B 273 16.94 -56.59 -5.51
CA ALA B 273 17.63 -56.69 -4.22
C ALA B 273 17.93 -55.30 -3.68
N LEU B 274 18.36 -54.40 -4.55
CA LEU B 274 18.64 -53.01 -4.18
C LEU B 274 17.39 -52.23 -3.76
N LEU B 275 16.30 -52.36 -4.54
CA LEU B 275 15.05 -51.72 -4.17
C LEU B 275 14.48 -52.31 -2.89
N THR B 276 14.64 -53.63 -2.69
CA THR B 276 14.11 -54.30 -1.50
C THR B 276 14.72 -53.69 -0.24
N GLU B 277 16.04 -53.51 -0.28
CA GLU B 277 16.76 -52.98 0.86
C GLU B 277 16.33 -51.53 1.12
N ALA B 278 16.14 -50.75 0.05
CA ALA B 278 15.70 -49.38 0.23
C ALA B 278 14.33 -49.33 0.91
N PHE B 279 13.36 -50.06 0.36
CA PHE B 279 12.02 -49.99 0.90
C PHE B 279 11.98 -50.55 2.31
N ALA B 280 12.86 -51.52 2.62
CA ALA B 280 12.86 -52.14 3.94
C ALA B 280 13.32 -51.17 5.04
N SER B 281 13.97 -50.08 4.68
CA SER B 281 14.63 -49.22 5.64
C SER B 281 13.66 -48.23 6.30
N HIS B 282 12.42 -48.08 5.80
CA HIS B 282 11.38 -47.29 6.48
C HIS B 282 10.02 -47.99 6.43
N ASP B 283 9.07 -47.54 7.27
CA ASP B 283 7.75 -48.13 7.34
C ASP B 283 6.83 -47.63 6.22
N ARG B 284 5.68 -48.30 6.07
CA ARG B 284 4.79 -48.08 4.94
C ARG B 284 4.29 -46.63 4.90
N ASP B 285 3.92 -46.07 6.04
CA ASP B 285 3.30 -44.75 6.11
C ASP B 285 4.34 -43.69 5.78
N HIS B 286 5.59 -43.93 6.18
CA HIS B 286 6.67 -43.08 5.76
C HIS B 286 6.69 -42.94 4.25
N TRP B 287 6.62 -44.05 3.52
CA TRP B 287 6.69 -43.97 2.07
C TRP B 287 5.42 -43.32 1.52
N GLY B 288 4.28 -43.65 2.12
CA GLY B 288 3.04 -43.00 1.75
C GLY B 288 3.16 -41.47 1.80
N ALA B 289 3.77 -40.96 2.88
CA ALA B 289 4.03 -39.53 3.00
C ALA B 289 5.00 -39.04 1.92
N VAL B 290 6.26 -39.50 1.97
CA VAL B 290 7.30 -39.15 1.01
C VAL B 290 6.78 -39.01 -0.42
N PHE B 291 5.91 -39.95 -0.87
CA PHE B 291 5.48 -39.99 -2.26
C PHE B 291 4.06 -39.42 -2.48
N ALA B 292 3.40 -38.87 -1.47
CA ALA B 292 2.17 -38.12 -1.75
C ALA B 292 2.44 -36.98 -2.74
N ASN B 293 1.54 -36.82 -3.74
CA ASN B 293 1.60 -35.77 -4.74
C ASN B 293 2.66 -36.09 -5.80
N SER B 294 3.25 -37.27 -5.70
CA SER B 294 4.30 -37.71 -6.60
C SER B 294 3.73 -38.49 -7.77
N ASP B 295 4.45 -38.44 -8.88
CA ASP B 295 4.27 -39.33 -9.99
C ASP B 295 5.17 -40.57 -9.91
N ALA B 296 5.67 -40.90 -8.71
CA ALA B 296 6.57 -42.03 -8.53
C ALA B 296 5.86 -43.41 -8.64
N CYS B 297 4.50 -43.42 -8.56
CA CYS B 297 3.64 -44.58 -8.66
C CYS B 297 3.90 -45.52 -7.49
N VAL B 298 3.92 -44.97 -6.28
CA VAL B 298 4.17 -45.71 -5.06
C VAL B 298 2.98 -45.42 -4.14
N THR B 299 2.29 -46.47 -3.65
CA THR B 299 1.12 -46.32 -2.77
C THR B 299 1.17 -47.33 -1.63
N PRO B 300 0.62 -46.99 -0.46
CA PRO B 300 0.48 -47.95 0.62
C PRO B 300 -0.49 -49.06 0.23
N VAL B 301 -0.14 -50.32 0.54
CA VAL B 301 -1.06 -51.44 0.37
C VAL B 301 -1.92 -51.56 1.62
N LEU B 302 -3.19 -51.14 1.51
CA LEU B 302 -4.10 -51.13 2.66
C LEU B 302 -4.90 -52.43 2.73
N ALA B 303 -5.08 -52.92 3.95
CA ALA B 303 -6.00 -53.99 4.24
C ALA B 303 -7.41 -53.44 4.29
N PHE B 304 -8.42 -54.31 4.11
CA PHE B 304 -9.79 -53.85 4.02
C PHE B 304 -10.14 -52.90 5.18
N GLY B 305 -9.80 -53.29 6.41
CA GLY B 305 -10.17 -52.53 7.60
C GLY B 305 -9.50 -51.16 7.76
N GLU B 306 -8.51 -50.81 6.91
CA GLU B 306 -7.83 -49.51 6.90
C GLU B 306 -8.40 -48.55 5.86
N VAL B 307 -9.24 -49.07 4.96
CA VAL B 307 -9.65 -48.35 3.77
C VAL B 307 -10.53 -47.16 4.16
N HIS B 308 -11.36 -47.33 5.21
CA HIS B 308 -12.25 -46.27 5.65
C HIS B 308 -11.46 -45.05 6.15
N ASN B 309 -10.17 -45.20 6.50
CA ASN B 309 -9.36 -44.11 7.03
C ASN B 309 -8.43 -43.46 6.03
N GLU B 310 -8.60 -43.69 4.72
CA GLU B 310 -7.72 -43.12 3.73
C GLU B 310 -8.38 -41.89 3.10
N PRO B 311 -7.73 -40.70 3.12
CA PRO B 311 -8.37 -39.47 2.68
C PRO B 311 -8.98 -39.57 1.29
N HIS B 312 -8.28 -40.12 0.31
CA HIS B 312 -8.83 -40.10 -1.04
C HIS B 312 -10.11 -40.94 -1.10
N ILE B 313 -10.19 -41.95 -0.21
CA ILE B 313 -11.33 -42.84 -0.20
C ILE B 313 -12.50 -42.10 0.42
N ILE B 314 -12.28 -41.45 1.58
CA ILE B 314 -13.34 -40.75 2.29
C ILE B 314 -13.95 -39.66 1.41
N GLU B 315 -13.09 -38.78 0.89
CA GLU B 315 -13.56 -37.58 0.23
C GLU B 315 -14.31 -37.86 -1.07
N ARG B 316 -14.07 -38.99 -1.74
CA ARG B 316 -14.82 -39.32 -2.93
C ARG B 316 -16.06 -40.19 -2.61
N ASN B 317 -16.26 -40.51 -1.33
CA ASN B 317 -17.35 -41.36 -0.88
C ASN B 317 -17.42 -42.65 -1.70
N THR B 318 -16.30 -43.39 -1.81
CA THR B 318 -16.26 -44.61 -2.60
C THR B 318 -17.06 -45.69 -1.85
N PHE B 319 -17.12 -45.58 -0.51
CA PHE B 319 -17.85 -46.48 0.38
C PHE B 319 -18.93 -45.72 1.15
N TYR B 320 -19.94 -46.46 1.63
CA TYR B 320 -20.91 -45.94 2.60
C TYR B 320 -20.98 -46.96 3.74
N GLU B 321 -21.28 -46.50 4.95
CA GLU B 321 -21.46 -47.38 6.10
C GLU B 321 -22.81 -48.10 5.99
N ALA B 322 -22.88 -49.38 6.36
CA ALA B 322 -24.16 -50.07 6.46
C ALA B 322 -24.11 -51.06 7.62
N ASN B 323 -25.14 -51.90 7.70
CA ASN B 323 -25.02 -53.31 8.10
C ASN B 323 -23.94 -53.47 9.18
N GLY B 324 -23.07 -54.49 9.00
CA GLY B 324 -21.91 -54.68 9.84
C GLY B 324 -20.85 -53.62 9.57
N GLY B 325 -20.60 -53.35 8.28
CA GLY B 325 -19.55 -52.42 7.91
C GLY B 325 -19.75 -51.79 6.53
N TRP B 326 -18.62 -51.40 5.96
CA TRP B 326 -18.57 -50.60 4.75
C TRP B 326 -18.90 -51.42 3.51
N GLN B 327 -19.49 -50.74 2.53
CA GLN B 327 -19.84 -51.33 1.27
C GLN B 327 -19.49 -50.33 0.18
N PRO B 328 -19.08 -50.79 -1.01
CA PRO B 328 -18.87 -49.88 -2.12
C PRO B 328 -20.15 -49.22 -2.59
N MET B 329 -20.08 -47.89 -2.75
CA MET B 329 -21.12 -47.12 -3.39
C MET B 329 -21.15 -47.51 -4.85
N PRO B 330 -22.27 -47.26 -5.56
CA PRO B 330 -22.39 -47.63 -6.95
C PRO B 330 -21.29 -47.05 -7.83
N ALA B 331 -21.02 -47.73 -8.95
CA ALA B 331 -20.06 -47.27 -9.91
C ALA B 331 -20.60 -47.66 -11.27
N PRO B 332 -20.28 -46.95 -12.38
CA PRO B 332 -19.54 -45.70 -12.31
C PRO B 332 -20.48 -44.57 -11.91
N ARG B 333 -20.04 -43.30 -12.05
CA ARG B 333 -20.85 -42.18 -11.61
C ARG B 333 -21.39 -41.37 -12.81
N PHE B 334 -22.55 -40.72 -12.57
CA PHE B 334 -23.33 -40.07 -13.61
C PHE B 334 -23.57 -38.59 -13.22
N SER B 335 -23.29 -37.64 -14.12
CA SER B 335 -23.41 -36.22 -13.77
C SER B 335 -24.87 -35.82 -13.54
N ARG B 336 -25.75 -36.11 -14.53
CA ARG B 336 -27.16 -35.69 -14.47
C ARG B 336 -28.03 -36.66 -13.65
N THR B 337 -28.12 -37.93 -14.09
CA THR B 337 -28.99 -38.88 -13.41
C THR B 337 -28.14 -39.75 -12.50
N ALA B 338 -27.93 -39.29 -11.27
CA ALA B 338 -26.94 -39.89 -10.39
C ALA B 338 -27.58 -41.01 -9.58
N SER B 339 -26.84 -42.10 -9.39
CA SER B 339 -27.29 -43.15 -8.51
C SER B 339 -27.47 -42.59 -7.12
N SER B 340 -28.22 -43.31 -6.31
CA SER B 340 -28.34 -42.96 -4.90
C SER B 340 -27.78 -44.11 -4.10
N GLN B 341 -27.64 -43.86 -2.80
CA GLN B 341 -27.15 -44.86 -1.88
C GLN B 341 -28.01 -46.11 -2.00
N PRO B 342 -27.43 -47.32 -2.00
CA PRO B 342 -28.23 -48.53 -2.11
C PRO B 342 -29.18 -48.74 -0.95
N ARG B 343 -30.35 -49.28 -1.30
CA ARG B 343 -31.36 -49.72 -0.35
C ARG B 343 -30.96 -51.08 0.19
N PRO B 344 -30.91 -51.25 1.53
CA PRO B 344 -30.58 -52.54 2.09
C PRO B 344 -31.59 -53.62 1.71
N PRO B 345 -31.24 -54.92 1.89
CA PRO B 345 -32.09 -55.99 1.35
C PRO B 345 -33.48 -56.01 1.99
N ALA B 346 -34.51 -56.10 1.13
CA ALA B 346 -35.93 -56.07 1.51
C ALA B 346 -36.26 -57.17 2.50
N ALA B 347 -37.51 -57.23 2.94
CA ALA B 347 -38.10 -58.49 3.36
C ALA B 347 -38.87 -59.06 2.15
N THR B 348 -39.10 -60.37 2.21
CA THR B 348 -39.84 -61.10 1.20
C THR B 348 -41.21 -60.45 1.08
N ILE B 349 -41.53 -59.94 -0.11
CA ILE B 349 -42.85 -59.41 -0.40
C ILE B 349 -43.59 -60.47 -1.22
N ASP B 350 -44.85 -60.19 -1.58
CA ASP B 350 -45.66 -61.18 -2.27
C ASP B 350 -45.70 -60.91 -3.76
N ILE B 351 -45.60 -61.98 -4.56
CA ILE B 351 -45.35 -61.88 -5.98
C ILE B 351 -46.54 -61.23 -6.70
N GLU B 352 -47.71 -61.25 -6.07
CA GLU B 352 -48.90 -60.57 -6.57
C GLU B 352 -48.82 -59.06 -6.37
N ALA B 353 -48.38 -58.62 -5.18
CA ALA B 353 -48.12 -57.22 -4.88
C ALA B 353 -47.28 -56.59 -5.99
N VAL B 354 -46.18 -57.26 -6.34
CA VAL B 354 -45.30 -56.76 -7.39
C VAL B 354 -46.12 -56.64 -8.66
N LEU B 355 -46.94 -57.67 -8.94
CA LEU B 355 -47.66 -57.72 -10.20
C LEU B 355 -48.64 -56.56 -10.34
N THR B 356 -49.33 -56.20 -9.24
CA THR B 356 -50.28 -55.09 -9.25
C THR B 356 -49.50 -53.78 -9.41
N ASP B 357 -48.41 -53.61 -8.64
CA ASP B 357 -47.47 -52.49 -8.82
C ASP B 357 -46.99 -52.34 -10.28
N TRP B 358 -46.65 -53.42 -10.99
CA TRP B 358 -46.13 -53.31 -12.35
C TRP B 358 -47.21 -53.11 -13.40
N ASP B 359 -48.50 -53.13 -13.03
CA ASP B 359 -49.55 -53.06 -14.03
C ASP B 359 -49.72 -51.62 -14.53
N MET C 1 20.13 46.49 51.46
CA MET C 1 19.64 45.14 51.85
C MET C 1 20.76 44.39 52.59
N ALA C 2 20.44 43.91 53.79
CA ALA C 2 21.44 43.27 54.64
C ALA C 2 21.62 41.80 54.24
N GLY C 3 22.88 41.34 54.22
CA GLY C 3 23.15 39.92 54.24
C GLY C 3 24.24 39.60 53.26
N PRO C 4 24.75 38.36 53.19
CA PRO C 4 25.86 38.04 52.31
C PRO C 4 25.54 38.00 50.81
N LEU C 5 24.23 38.05 50.48
CA LEU C 5 23.78 37.99 49.10
C LEU C 5 23.19 39.33 48.70
N SER C 6 23.54 40.41 49.42
CA SER C 6 23.25 41.76 48.96
C SER C 6 23.80 41.91 47.53
N GLY C 7 22.94 42.36 46.62
CA GLY C 7 23.34 42.61 45.24
C GLY C 7 23.12 41.43 44.29
N LEU C 8 22.65 40.28 44.79
CA LEU C 8 22.25 39.19 43.91
C LEU C 8 20.80 39.43 43.50
N ARG C 9 20.53 39.26 42.20
CA ARG C 9 19.19 39.51 41.69
C ARG C 9 18.55 38.21 41.21
N VAL C 10 17.29 38.03 41.63
CA VAL C 10 16.60 36.76 41.44
C VAL C 10 15.22 37.01 40.84
N VAL C 11 14.93 36.24 39.79
CA VAL C 11 13.57 36.22 39.27
C VAL C 11 12.96 34.84 39.54
N GLU C 12 11.82 34.88 40.24
CA GLU C 12 11.05 33.71 40.65
C GLU C 12 9.74 33.65 39.85
N LEU C 13 9.60 32.61 39.03
CA LEU C 13 8.29 32.27 38.47
C LEU C 13 7.44 31.53 39.52
N ALA C 14 6.38 32.20 39.94
CA ALA C 14 5.59 31.79 41.10
C ALA C 14 5.12 30.35 40.95
N GLY C 15 5.38 29.56 42.00
CA GLY C 15 4.96 28.16 42.11
C GLY C 15 4.65 27.82 43.57
N ILE C 16 4.74 26.54 43.92
CA ILE C 16 4.35 26.08 45.25
C ILE C 16 5.44 25.16 45.82
N GLY C 17 5.65 25.28 47.14
CA GLY C 17 6.54 24.34 47.81
C GLY C 17 8.01 24.73 47.68
N PRO C 18 8.86 23.96 47.01
CA PRO C 18 10.30 24.20 47.05
C PRO C 18 10.78 25.50 46.40
N GLY C 19 10.15 25.95 45.30
CA GLY C 19 10.68 27.08 44.55
C GLY C 19 10.54 28.35 45.40
N PRO C 20 9.36 28.59 45.94
CA PRO C 20 9.19 29.72 46.86
C PRO C 20 10.06 29.66 48.12
N HIS C 21 10.44 28.46 48.55
CA HIS C 21 11.18 28.33 49.79
C HIS C 21 12.63 28.71 49.51
N ALA C 22 13.16 28.18 48.41
CA ALA C 22 14.47 28.57 47.93
C ALA C 22 14.55 30.08 47.74
N ALA C 23 13.50 30.63 47.11
CA ALA C 23 13.50 32.05 46.80
C ALA C 23 13.53 32.81 48.10
N MET C 24 12.68 32.41 49.06
CA MET C 24 12.57 33.03 50.37
C MET C 24 13.94 33.05 51.04
N ILE C 25 14.69 31.95 50.95
CA ILE C 25 15.95 31.88 51.65
C ILE C 25 16.96 32.82 50.99
N LEU C 26 16.88 32.96 49.65
CA LEU C 26 17.82 33.84 48.97
C LEU C 26 17.59 35.27 49.43
N GLY C 27 16.31 35.66 49.48
CA GLY C 27 15.93 36.99 49.94
C GLY C 27 16.16 37.19 51.44
N ASP C 28 16.10 36.10 52.23
CA ASP C 28 16.36 36.19 53.67
C ASP C 28 17.79 36.67 53.87
N LEU C 29 18.70 36.18 53.03
CA LEU C 29 20.13 36.46 53.11
C LEU C 29 20.53 37.70 52.29
N GLY C 30 19.54 38.52 51.91
CA GLY C 30 19.78 39.83 51.32
C GLY C 30 19.50 39.95 49.82
N ALA C 31 19.29 38.82 49.11
CA ALA C 31 19.08 38.85 47.67
C ALA C 31 17.84 39.65 47.33
N ASP C 32 17.88 40.26 46.14
CA ASP C 32 16.80 41.07 45.61
C ASP C 32 15.91 40.17 44.76
N VAL C 33 14.71 39.87 45.26
CA VAL C 33 13.92 38.80 44.71
C VAL C 33 12.63 39.36 44.14
N VAL C 34 12.41 39.09 42.85
CA VAL C 34 11.18 39.53 42.22
C VAL C 34 10.38 38.31 41.77
N ARG C 35 9.14 38.27 42.25
CA ARG C 35 8.28 37.13 42.00
C ARG C 35 7.19 37.55 41.03
N ILE C 36 7.17 36.89 39.87
CA ILE C 36 6.15 37.10 38.84
C ILE C 36 5.03 36.10 39.10
N ASP C 37 3.85 36.59 39.47
CA ASP C 37 2.66 35.76 39.63
C ASP C 37 1.63 36.10 38.54
N ARG C 38 0.64 35.21 38.32
CA ARG C 38 -0.46 35.50 37.42
C ARG C 38 -1.41 36.51 38.05
N PRO C 39 -2.08 37.39 37.26
CA PRO C 39 -3.06 38.32 37.81
C PRO C 39 -4.28 37.59 38.37
N SER C 40 -4.59 36.46 37.72
CA SER C 40 -5.56 35.47 38.18
C SER C 40 -5.52 35.32 39.71
N SER C 41 -4.31 35.44 40.31
CA SER C 41 -4.08 34.98 41.68
C SER C 41 -4.08 36.12 42.71
N VAL C 42 -3.36 37.23 42.46
CA VAL C 42 -3.36 38.35 43.39
C VAL C 42 -4.54 39.27 43.05
N GLY C 44 -5.32 40.84 47.50
CA GLY C 44 -4.67 41.76 48.45
C GLY C 44 -3.15 41.55 48.52
N ILE C 45 -2.58 41.84 49.69
CA ILE C 45 -1.22 41.43 50.04
C ILE C 45 -1.30 39.98 50.53
N SER C 46 -0.35 39.13 50.14
CA SER C 46 -0.39 37.71 50.48
C SER C 46 -0.20 37.52 51.98
N ARG C 47 -0.93 36.57 52.56
CA ARG C 47 -0.81 36.31 53.98
C ARG C 47 0.10 35.10 54.20
N ASP C 48 0.81 34.65 53.14
CA ASP C 48 1.77 33.56 53.27
C ASP C 48 3.11 34.17 53.65
N ALA C 49 3.48 34.04 54.94
CA ALA C 49 4.80 34.46 55.39
C ALA C 49 5.93 33.84 54.57
N MET C 50 5.68 32.80 53.74
CA MET C 50 6.76 32.26 52.92
C MET C 50 7.15 33.24 51.81
N LEU C 51 6.32 34.27 51.58
CA LEU C 51 6.56 35.26 50.54
C LEU C 51 7.20 36.53 51.11
N ARG C 52 7.76 36.42 52.32
CA ARG C 52 8.53 37.51 52.87
C ARG C 52 9.75 37.77 51.98
N ASN C 53 10.34 38.97 52.12
CA ASN C 53 11.58 39.36 51.46
C ASN C 53 11.49 39.27 49.94
N ARG C 54 10.38 39.79 49.38
CA ARG C 54 10.09 39.71 47.95
C ARG C 54 9.55 41.05 47.43
N ARG C 55 9.66 41.24 46.11
CA ARG C 55 8.69 42.06 45.39
C ARG C 55 7.80 41.19 44.51
N ILE C 56 6.48 41.38 44.66
CA ILE C 56 5.45 40.65 43.92
C ILE C 56 5.03 41.48 42.70
N VAL C 57 5.21 40.92 41.49
CA VAL C 57 4.69 41.53 40.27
C VAL C 57 3.78 40.55 39.52
N THR C 58 2.68 41.08 38.99
CA THR C 58 1.67 40.34 38.24
C THR C 58 2.02 40.43 36.75
N ALA C 59 1.64 39.41 35.97
CA ALA C 59 1.90 39.36 34.54
C ALA C 59 1.40 38.06 33.93
N ASP C 60 0.51 38.17 32.93
CA ASP C 60 0.11 37.04 32.11
C ASP C 60 1.25 36.72 31.15
N LEU C 61 1.97 35.63 31.41
CA LEU C 61 3.11 35.25 30.58
C LEU C 61 2.67 34.66 29.25
N LYS C 62 1.37 34.50 29.06
CA LYS C 62 0.87 34.01 27.78
C LYS C 62 0.71 35.19 26.83
N SER C 63 0.30 36.36 27.36
CA SER C 63 0.21 37.59 26.58
C SER C 63 1.60 37.99 26.11
N ASP C 64 1.73 38.71 24.98
CA ASP C 64 3.01 39.00 24.36
C ASP C 64 3.74 40.09 25.14
N GLN C 65 2.95 40.93 25.81
CA GLN C 65 3.44 42.01 26.65
C GLN C 65 3.99 41.46 27.97
N GLY C 66 3.17 40.68 28.70
CA GLY C 66 3.63 39.83 29.79
C GLY C 66 4.96 39.15 29.48
N LEU C 67 5.10 38.49 28.31
CA LEU C 67 6.31 37.76 28.00
C LEU C 67 7.48 38.72 27.86
N GLU C 68 7.20 39.93 27.38
CA GLU C 68 8.31 40.79 27.03
C GLU C 68 8.81 41.48 28.30
N LEU C 69 7.89 41.91 29.18
CA LEU C 69 8.24 42.40 30.50
C LEU C 69 9.13 41.37 31.24
N ALA C 70 8.72 40.11 31.29
CA ALA C 70 9.46 39.08 31.99
C ALA C 70 10.86 38.89 31.41
N LEU C 71 10.98 38.88 30.08
CA LEU C 71 12.30 38.71 29.47
C LEU C 71 13.22 39.88 29.78
N LYS C 72 12.64 41.05 30.07
CA LYS C 72 13.44 42.22 30.39
C LYS C 72 13.97 42.13 31.83
N LEU C 73 13.17 41.65 32.79
CA LEU C 73 13.64 41.38 34.15
C LEU C 73 14.76 40.35 34.06
N ILE C 74 14.53 39.29 33.31
CA ILE C 74 15.45 38.17 33.34
C ILE C 74 16.80 38.61 32.79
N ALA C 75 16.78 39.64 31.95
CA ALA C 75 17.98 40.17 31.29
C ALA C 75 18.90 40.87 32.30
N LYS C 76 18.29 41.60 33.24
CA LYS C 76 18.99 42.36 34.25
C LYS C 76 19.24 41.56 35.54
N ALA C 77 19.07 40.22 35.51
CA ALA C 77 18.99 39.42 36.72
C ALA C 77 20.06 38.35 36.74
N ASP C 78 20.40 37.83 37.94
CA ASP C 78 21.44 36.82 38.05
C ASP C 78 20.87 35.40 38.04
N VAL C 79 19.64 35.26 38.58
CA VAL C 79 19.10 33.93 38.78
C VAL C 79 17.62 33.88 38.41
N LEU C 80 17.30 32.82 37.67
CA LEU C 80 15.90 32.51 37.44
C LEU C 80 15.55 31.23 38.18
N ILE C 81 14.41 31.29 38.88
CA ILE C 81 13.87 30.11 39.54
C ILE C 81 12.51 29.80 38.91
N GLU C 82 12.37 28.55 38.46
CA GLU C 82 11.07 28.02 38.06
C GLU C 82 10.81 26.60 38.58
N GLY C 83 9.56 26.35 39.03
CA GLY C 83 9.18 25.02 39.51
C GLY C 83 7.94 24.41 38.81
N TYR C 84 7.86 24.53 37.48
CA TYR C 84 6.77 23.95 36.74
C TYR C 84 7.24 22.63 36.15
N ARG C 85 6.28 21.87 35.59
CA ARG C 85 6.63 20.62 34.91
C ARG C 85 7.58 20.96 33.78
N PRO C 86 8.50 20.06 33.39
CA PRO C 86 9.37 20.30 32.25
C PRO C 86 8.55 20.62 31.00
N GLY C 87 9.06 21.53 30.16
CA GLY C 87 8.37 21.96 28.95
C GLY C 87 7.61 23.25 29.16
N VAL C 88 7.26 23.59 30.40
CA VAL C 88 6.30 24.66 30.58
C VAL C 88 6.95 26.01 30.29
N THR C 89 8.23 26.19 30.66
CA THR C 89 8.82 27.49 30.42
C THR C 89 9.18 27.57 28.93
N GLU C 90 9.64 26.46 28.33
CA GLU C 90 9.92 26.47 26.91
C GLU C 90 8.69 27.04 26.17
N ARG C 91 7.54 26.40 26.34
CA ARG C 91 6.32 26.80 25.67
C ARG C 91 6.00 28.26 25.94
N LEU C 92 6.32 28.78 27.12
CA LEU C 92 5.93 30.17 27.40
C LEU C 92 6.82 31.16 26.61
N GLY C 93 7.97 30.68 26.10
CA GLY C 93 9.01 31.55 25.56
C GLY C 93 10.10 31.90 26.58
N LEU C 94 10.18 31.14 27.69
CA LEU C 94 11.01 31.49 28.85
C LEU C 94 11.91 30.32 29.22
N GLY C 95 12.21 29.45 28.26
CA GLY C 95 13.07 28.31 28.50
C GLY C 95 14.53 28.76 28.56
N PRO C 96 15.47 27.86 28.93
CA PRO C 96 16.88 28.24 29.06
C PRO C 96 17.45 28.86 27.78
N GLU C 97 17.15 28.26 26.62
CA GLU C 97 17.73 28.73 25.37
C GLU C 97 17.27 30.15 25.05
N GLU C 98 15.98 30.43 25.23
CA GLU C 98 15.49 31.78 25.05
C GLU C 98 16.06 32.76 26.09
N CYS C 99 16.27 32.29 27.32
CA CYS C 99 16.74 33.14 28.41
C CYS C 99 18.23 33.44 28.16
N ALA C 100 18.97 32.43 27.72
CA ALA C 100 20.39 32.56 27.37
C ALA C 100 20.62 33.63 26.29
N LYS C 101 19.71 33.76 25.33
CA LYS C 101 19.79 34.76 24.27
C LYS C 101 19.85 36.16 24.87
N VAL C 102 19.06 36.46 25.90
CA VAL C 102 19.01 37.82 26.44
C VAL C 102 19.91 37.98 27.67
N ASN C 103 20.76 36.99 28.02
CA ASN C 103 21.54 37.02 29.25
C ASN C 103 22.29 35.70 29.40
N ASP C 104 23.52 35.64 28.88
CA ASP C 104 24.28 34.41 28.87
C ASP C 104 24.96 34.20 30.22
N ARG C 105 24.69 35.10 31.18
CA ARG C 105 25.28 34.96 32.51
C ARG C 105 24.31 34.25 33.46
N LEU C 106 23.05 34.04 33.02
CA LEU C 106 21.94 33.66 33.90
C LEU C 106 22.15 32.28 34.56
N ILE C 107 21.79 32.20 35.85
CA ILE C 107 21.67 30.90 36.50
C ILE C 107 20.20 30.49 36.43
N TYR C 108 19.97 29.42 35.65
CA TYR C 108 18.65 28.99 35.28
C TYR C 108 18.29 27.77 36.13
N ALA C 109 17.46 27.99 37.15
CA ALA C 109 17.29 26.94 38.16
C ALA C 109 15.91 26.29 38.05
N ARG C 110 15.93 24.98 37.78
CA ARG C 110 14.72 24.19 37.53
C ARG C 110 14.39 23.23 38.68
N MET C 111 13.29 23.52 39.39
CA MET C 111 12.92 22.81 40.62
C MET C 111 11.77 21.87 40.30
N THR C 112 12.04 20.54 40.23
CA THR C 112 11.02 19.54 39.99
C THR C 112 11.11 18.44 41.05
N GLY C 113 10.13 17.53 40.99
CA GLY C 113 10.15 16.30 41.75
C GLY C 113 10.88 15.18 41.04
N TRP C 114 10.47 14.92 39.80
CA TRP C 114 10.92 13.71 39.11
C TRP C 114 12.14 14.00 38.23
N GLY C 115 12.48 15.27 38.06
CA GLY C 115 13.57 15.67 37.19
C GLY C 115 13.07 16.10 35.79
N GLN C 116 14.01 16.34 34.87
CA GLN C 116 13.68 17.02 33.63
C GLN C 116 13.29 16.02 32.55
N THR C 117 13.83 14.79 32.62
CA THR C 117 13.45 13.76 31.67
C THR C 117 13.11 12.47 32.42
N GLY C 118 12.73 11.42 31.68
CA GLY C 118 12.49 10.09 32.19
C GLY C 118 11.00 9.83 32.29
N PRO C 119 10.59 8.57 32.54
CA PRO C 119 9.20 8.14 32.45
C PRO C 119 8.18 8.82 33.35
N ARG C 120 8.63 9.33 34.51
CA ARG C 120 7.74 9.95 35.47
C ARG C 120 7.74 11.47 35.32
N SER C 121 8.47 11.99 34.32
CA SER C 121 8.81 13.39 34.30
C SER C 121 7.63 14.31 34.02
N GLN C 122 6.50 13.76 33.56
CA GLN C 122 5.30 14.60 33.39
C GLN C 122 4.20 14.26 34.40
N GLN C 123 4.43 13.29 35.29
CA GLN C 123 3.48 13.00 36.33
C GLN C 123 3.38 14.07 37.43
N ALA C 124 2.17 14.51 37.70
CA ALA C 124 1.92 15.31 38.88
C ALA C 124 2.38 14.51 40.08
N GLY C 125 2.73 15.23 41.14
CA GLY C 125 3.14 14.60 42.37
C GLY C 125 3.35 15.64 43.45
N HIS C 126 3.49 15.12 44.66
CA HIS C 126 3.87 15.92 45.81
C HIS C 126 4.96 15.16 46.58
N ASP C 127 5.42 15.80 47.67
CA ASP C 127 6.49 15.30 48.52
C ASP C 127 6.37 13.80 48.76
N ILE C 128 5.21 13.37 49.25
CA ILE C 128 5.04 12.00 49.67
C ILE C 128 5.36 11.06 48.52
N ASN C 129 5.10 11.48 47.27
CA ASN C 129 5.31 10.62 46.12
C ASN C 129 6.81 10.49 45.87
N TYR C 130 7.52 11.62 45.92
CA TYR C 130 8.94 11.62 45.56
C TYR C 130 9.70 10.73 46.54
N ILE C 131 9.36 10.81 47.83
CA ILE C 131 10.09 10.05 48.84
C ILE C 131 9.64 8.59 48.90
N SER C 132 8.51 8.26 48.26
CA SER C 132 8.04 6.87 48.26
C SER C 132 8.91 6.00 47.38
N LEU C 133 9.44 6.60 46.31
CA LEU C 133 10.09 5.85 45.23
C LEU C 133 11.55 5.56 45.53
N ASN C 134 12.16 6.26 46.50
CA ASN C 134 13.62 6.15 46.68
C ASN C 134 13.93 5.54 48.05
N GLY C 135 12.92 4.98 48.72
CA GLY C 135 13.10 4.19 49.93
C GLY C 135 12.94 5.01 51.22
N ILE C 136 12.88 6.31 51.11
CA ILE C 136 12.80 7.14 52.30
C ILE C 136 11.51 6.89 53.07
N LEU C 137 10.34 6.96 52.38
CA LEU C 137 9.07 6.91 53.07
C LEU C 137 8.93 5.57 53.76
N HIS C 138 9.42 4.52 53.13
CA HIS C 138 9.28 3.20 53.68
C HIS C 138 9.99 3.05 55.02
N ALA C 139 11.04 3.84 55.25
CA ALA C 139 11.89 3.69 56.43
C ALA C 139 11.33 4.43 57.65
N ILE C 140 10.24 5.21 57.49
CA ILE C 140 9.76 6.13 58.51
C ILE C 140 8.45 5.67 59.15
N GLY C 141 8.44 5.55 60.50
CA GLY C 141 7.26 5.17 61.26
C GLY C 141 7.53 3.95 62.15
N ARG C 142 6.53 3.51 62.90
CA ARG C 142 6.71 2.31 63.73
C ARG C 142 6.56 1.09 62.84
N GLY C 143 7.10 -0.05 63.31
CA GLY C 143 7.27 -1.23 62.47
C GLY C 143 5.96 -1.99 62.29
N ASP C 144 4.98 -1.74 63.13
CA ASP C 144 3.78 -2.54 63.11
C ASP C 144 2.68 -1.76 62.39
N GLU C 145 3.07 -0.82 61.53
CA GLU C 145 2.15 0.17 61.03
C GLU C 145 2.62 0.67 59.67
N ARG C 146 1.69 1.28 58.94
CA ARG C 146 2.02 1.80 57.64
C ARG C 146 2.90 3.04 57.78
N PRO C 147 3.75 3.34 56.79
CA PRO C 147 4.69 4.42 56.94
C PRO C 147 3.99 5.75 57.06
N VAL C 148 4.64 6.65 57.77
CA VAL C 148 4.02 7.92 58.05
C VAL C 148 4.83 9.00 57.36
N PRO C 149 4.18 9.98 56.72
CA PRO C 149 4.92 11.02 56.04
C PRO C 149 5.55 11.97 57.04
N PRO C 150 6.84 12.30 56.90
CA PRO C 150 7.50 13.26 57.75
C PRO C 150 7.18 14.69 57.33
N LEU C 151 5.89 15.03 57.44
CA LEU C 151 5.32 16.18 56.75
C LEU C 151 5.88 16.23 55.32
N ASN C 152 6.11 17.44 54.80
CA ASN C 152 6.73 17.63 53.52
C ASN C 152 8.15 18.18 53.68
N LEU C 153 8.86 17.74 54.73
CA LEU C 153 10.15 18.33 55.07
C LEU C 153 11.25 17.73 54.22
N VAL C 154 11.11 16.46 53.81
CA VAL C 154 12.23 15.74 53.26
C VAL C 154 12.29 15.86 51.74
N GLY C 155 11.15 15.85 51.05
CA GLY C 155 11.16 16.02 49.60
C GLY C 155 11.21 17.48 49.18
N ASP C 156 10.24 18.25 49.64
CA ASP C 156 10.12 19.64 49.26
C ASP C 156 11.33 20.46 49.70
N PHE C 157 11.73 20.34 50.98
CA PHE C 157 12.67 21.32 51.51
C PHE C 157 14.05 20.68 51.64
N GLY C 158 14.19 19.68 52.50
CA GLY C 158 15.50 19.11 52.77
C GLY C 158 16.16 18.66 51.48
N GLY C 159 15.40 17.96 50.66
CA GLY C 159 15.93 17.35 49.47
C GLY C 159 15.53 18.14 48.23
N GLY C 160 14.96 19.33 48.43
CA GLY C 160 14.32 20.02 47.33
C GLY C 160 14.83 21.45 47.18
N SER C 161 14.18 22.36 47.87
CA SER C 161 14.62 23.74 47.95
C SER C 161 16.10 23.82 48.33
N MET C 162 16.57 23.00 49.29
CA MET C 162 17.91 23.18 49.80
C MET C 162 18.94 22.80 48.73
N PHE C 163 18.68 21.76 47.95
CA PHE C 163 19.56 21.40 46.86
C PHE C 163 19.43 22.36 45.68
N LEU C 164 18.26 22.99 45.48
CA LEU C 164 18.15 24.03 44.49
C LEU C 164 19.14 25.14 44.84
N LEU C 165 19.13 25.54 46.12
CA LEU C 165 19.97 26.59 46.68
C LEU C 165 21.44 26.21 46.51
N VAL C 166 21.84 25.01 46.87
CA VAL C 166 23.22 24.65 46.69
C VAL C 166 23.62 24.68 45.20
N GLY C 167 22.72 24.35 44.28
CA GLY C 167 23.06 24.40 42.85
C GLY C 167 23.21 25.85 42.35
N ILE C 168 22.28 26.71 42.68
CA ILE C 168 22.40 28.11 42.34
C ILE C 168 23.75 28.67 42.83
N LEU C 169 23.97 28.59 44.14
CA LEU C 169 25.11 29.27 44.74
C LEU C 169 26.40 28.62 44.24
N ALA C 170 26.42 27.31 43.95
CA ALA C 170 27.63 26.65 43.46
C ALA C 170 27.92 27.10 42.02
N ALA C 171 26.85 27.23 41.23
CA ALA C 171 26.98 27.71 39.87
C ALA C 171 27.38 29.18 39.89
N LEU C 172 26.97 29.95 40.91
CA LEU C 172 27.41 31.35 41.01
C LEU C 172 28.93 31.42 41.21
N TRP C 173 29.49 30.52 42.01
CA TRP C 173 30.93 30.42 42.18
C TRP C 173 31.64 30.07 40.86
N GLU C 174 31.07 29.13 40.10
CA GLU C 174 31.64 28.73 38.83
C GLU C 174 31.68 29.94 37.88
N ARG C 175 30.64 30.78 37.92
CA ARG C 175 30.45 31.90 37.01
C ARG C 175 31.54 32.95 37.18
N GLN C 176 31.97 33.19 38.43
CA GLN C 176 33.10 34.07 38.75
C GLN C 176 34.30 33.63 37.90
N SER C 177 34.57 32.32 37.85
CA SER C 177 35.72 31.79 37.13
C SER C 177 35.52 31.76 35.60
N SER C 178 34.28 31.67 35.07
CA SER C 178 34.09 31.41 33.64
C SER C 178 33.19 32.43 32.91
N GLY C 179 32.63 33.44 33.58
CA GLY C 179 31.82 34.47 32.95
C GLY C 179 30.42 34.03 32.51
N LYS C 180 30.15 32.70 32.51
CA LYS C 180 28.94 32.11 31.95
C LYS C 180 28.01 31.49 33.01
N GLY C 181 26.69 31.65 32.80
CA GLY C 181 25.68 30.92 33.54
C GLY C 181 25.56 29.44 33.12
N GLN C 182 24.48 28.80 33.60
CA GLN C 182 24.09 27.45 33.20
C GLN C 182 22.75 27.07 33.85
N VAL C 183 22.36 25.80 33.60
CA VAL C 183 21.10 25.24 34.05
C VAL C 183 21.37 24.28 35.21
N VAL C 184 20.61 24.51 36.30
CA VAL C 184 20.61 23.62 37.47
C VAL C 184 19.33 22.79 37.48
N ASP C 185 19.51 21.47 37.43
CA ASP C 185 18.42 20.49 37.48
C ASP C 185 18.29 19.91 38.91
N ALA C 186 17.40 20.52 39.70
CA ALA C 186 17.17 20.09 41.07
C ALA C 186 15.88 19.29 41.16
N ALA C 187 16.04 17.95 41.20
CA ALA C 187 14.95 17.00 41.39
C ALA C 187 14.85 16.45 42.82
N MET C 188 13.66 16.56 43.44
CA MET C 188 13.43 16.14 44.82
C MET C 188 13.83 14.68 45.00
N VAL C 189 13.66 13.86 43.98
CA VAL C 189 13.97 12.45 44.12
C VAL C 189 15.47 12.24 44.21
N ASP C 190 16.26 13.17 43.65
CA ASP C 190 17.72 13.07 43.69
C ASP C 190 18.24 13.63 45.02
N GLY C 191 17.86 14.88 45.31
CA GLY C 191 18.28 15.59 46.51
C GLY C 191 17.91 14.83 47.79
N SER C 192 16.65 14.33 47.87
CA SER C 192 16.20 13.60 49.04
C SER C 192 17.09 12.36 49.16
N SER C 193 17.59 11.81 48.05
CA SER C 193 18.41 10.60 48.10
C SER C 193 19.81 10.90 48.65
N VAL C 194 20.36 12.07 48.34
CA VAL C 194 21.64 12.44 48.87
C VAL C 194 21.46 12.82 50.33
N LEU C 195 20.32 13.43 50.65
CA LEU C 195 20.03 13.79 52.02
C LEU C 195 20.11 12.57 52.94
N ILE C 196 19.71 11.40 52.42
CA ILE C 196 19.68 10.17 53.21
C ILE C 196 20.88 9.29 52.87
N GLN C 197 21.94 9.87 52.31
CA GLN C 197 23.18 9.13 52.04
C GLN C 197 23.66 8.31 53.24
N MET C 198 23.60 8.87 54.46
CA MET C 198 24.00 8.10 55.64
C MET C 198 23.39 6.69 55.68
N MET C 199 22.09 6.59 55.35
CA MET C 199 21.43 5.29 55.48
C MET C 199 21.93 4.34 54.41
N TRP C 200 22.18 4.82 53.19
CA TRP C 200 22.76 4.00 52.16
C TRP C 200 24.17 3.53 52.55
N ALA C 201 24.97 4.40 53.18
CA ALA C 201 26.28 4.00 53.71
C ALA C 201 26.13 2.89 54.76
N MET C 202 25.26 3.12 55.73
CA MET C 202 25.08 2.14 56.80
C MET C 202 24.54 0.83 56.25
N ARG C 203 23.82 0.83 55.11
CA ARG C 203 23.22 -0.42 54.69
C ARG C 203 24.28 -1.27 54.01
N ALA C 204 25.24 -0.64 53.35
CA ALA C 204 26.33 -1.37 52.70
C ALA C 204 27.23 -2.08 53.72
N THR C 205 27.40 -1.48 54.90
CA THR C 205 28.21 -2.09 55.94
C THR C 205 27.33 -2.89 56.90
N GLY C 206 26.11 -3.24 56.52
CA GLY C 206 25.29 -4.07 57.38
C GLY C 206 24.85 -3.39 58.68
N MET C 207 24.92 -2.06 58.78
CA MET C 207 24.41 -1.38 59.98
C MET C 207 23.03 -0.74 59.77
N TRP C 208 22.28 -1.12 58.74
CA TRP C 208 20.95 -0.55 58.55
C TRP C 208 20.14 -1.54 57.74
N THR C 209 18.95 -1.93 58.21
CA THR C 209 18.10 -2.89 57.51
C THR C 209 16.83 -2.22 57.00
N ASP C 210 16.22 -2.90 56.02
CA ASP C 210 15.04 -2.40 55.36
C ASP C 210 13.85 -2.60 56.28
N THR C 211 14.01 -3.33 57.38
CA THR C 211 12.91 -3.45 58.33
C THR C 211 12.63 -2.13 59.04
N ARG C 212 11.37 -1.74 59.04
CA ARG C 212 10.98 -0.48 59.63
C ARG C 212 10.91 -0.64 61.15
N GLY C 213 11.37 0.40 61.85
CA GLY C 213 11.27 0.44 63.30
C GLY C 213 12.32 -0.44 63.97
N ALA C 214 13.35 -0.85 63.24
CA ALA C 214 14.32 -1.79 63.78
C ALA C 214 15.79 -1.33 63.62
N ASN C 215 16.05 -0.01 63.63
CA ASN C 215 17.41 0.47 63.44
C ASN C 215 17.78 1.50 64.51
N MET C 216 18.99 2.04 64.41
CA MET C 216 19.52 2.89 65.47
C MET C 216 18.79 4.22 65.49
N LEU C 217 18.40 4.70 64.30
CA LEU C 217 17.92 6.05 64.20
C LEU C 217 16.45 6.17 63.77
N ASP C 218 15.67 5.08 63.70
CA ASP C 218 14.32 5.18 63.18
C ASP C 218 13.27 5.10 64.27
N GLY C 219 13.76 5.03 65.52
CA GLY C 219 12.91 4.95 66.67
C GLY C 219 12.91 3.55 67.24
N GLY C 220 13.58 2.60 66.57
CA GLY C 220 13.75 1.23 67.06
C GLY C 220 14.69 1.09 68.28
N ALA C 221 15.72 1.94 68.39
CA ALA C 221 16.63 1.91 69.54
C ALA C 221 15.99 2.58 70.77
N PRO C 222 15.90 1.91 71.94
CA PRO C 222 15.30 2.53 73.10
C PRO C 222 15.99 3.81 73.57
N TYR C 223 17.25 4.00 73.15
CA TYR C 223 18.04 5.18 73.51
C TYR C 223 17.97 6.28 72.44
N TYR C 224 17.20 6.02 71.35
CA TYR C 224 16.92 7.04 70.35
C TYR C 224 15.44 7.02 69.99
N ASP C 225 14.63 7.70 70.79
CA ASP C 225 13.19 7.66 70.63
C ASP C 225 12.52 8.64 71.58
N THR C 226 11.21 8.80 71.47
CA THR C 226 10.50 9.57 72.46
C THR C 226 9.94 8.66 73.55
N TYR C 227 9.59 9.24 74.70
CA TYR C 227 8.91 8.53 75.75
C TYR C 227 7.82 9.41 76.30
N GLU C 228 6.70 8.77 76.62
CA GLU C 228 5.61 9.51 77.24
C GLU C 228 5.88 9.63 78.74
N CYS C 229 5.54 10.81 79.26
CA CYS C 229 5.72 11.20 80.66
C CYS C 229 4.40 11.15 81.43
N ALA C 230 4.48 11.31 82.76
CA ALA C 230 3.34 11.19 83.65
C ALA C 230 2.18 12.10 83.23
N ASP C 231 2.49 13.24 82.63
CA ASP C 231 1.53 14.26 82.29
C ASP C 231 0.99 14.03 80.88
N GLY C 232 1.38 12.95 80.20
CA GLY C 232 0.95 12.78 78.83
C GLY C 232 1.82 13.54 77.81
N ARG C 233 2.82 14.34 78.26
CA ARG C 233 3.75 15.00 77.34
C ARG C 233 4.96 14.09 77.10
N TYR C 234 5.88 14.52 76.23
CA TYR C 234 6.92 13.63 75.78
C TYR C 234 8.30 14.21 76.02
N VAL C 235 9.27 13.33 76.16
CA VAL C 235 10.67 13.72 76.02
C VAL C 235 11.27 12.95 74.87
N ALA C 236 12.35 13.54 74.34
CA ALA C 236 13.18 12.84 73.38
C ALA C 236 14.49 12.44 74.03
N VAL C 237 14.90 11.21 73.70
CA VAL C 237 16.11 10.61 74.18
C VAL C 237 16.94 10.30 72.96
N GLY C 238 18.19 10.80 72.97
CA GLY C 238 19.13 10.63 71.86
C GLY C 238 20.53 10.21 72.31
N ALA C 239 20.60 9.42 73.38
CA ALA C 239 21.85 9.05 74.05
C ALA C 239 22.52 7.86 73.38
N ILE C 240 23.06 8.12 72.19
CA ILE C 240 23.74 7.08 71.43
C ILE C 240 25.08 6.70 72.08
N GLU C 241 25.90 7.71 72.38
CA GLU C 241 27.22 7.44 72.94
C GLU C 241 27.04 6.84 74.33
N PRO C 242 27.79 5.76 74.65
CA PRO C 242 27.61 5.06 75.92
C PRO C 242 27.76 5.92 77.17
N GLN C 243 28.64 6.93 77.14
CA GLN C 243 28.82 7.81 78.28
C GLN C 243 27.54 8.60 78.53
N PHE C 244 26.93 9.10 77.44
CA PHE C 244 25.67 9.84 77.56
C PHE C 244 24.56 8.92 78.06
N TYR C 245 24.50 7.71 77.48
CA TYR C 245 23.51 6.71 77.82
C TYR C 245 23.57 6.46 79.33
N ALA C 246 24.80 6.26 79.83
CA ALA C 246 25.03 5.97 81.25
C ALA C 246 24.56 7.14 82.10
N ALA C 247 24.83 8.37 81.68
CA ALA C 247 24.35 9.50 82.46
C ALA C 247 22.84 9.55 82.47
N MET C 248 22.24 9.13 81.36
CA MET C 248 20.79 9.05 81.26
C MET C 248 20.21 8.04 82.29
N LEU C 249 20.73 6.81 82.34
CA LEU C 249 20.27 5.82 83.30
C LEU C 249 20.34 6.36 84.74
N ALA C 250 21.46 7.01 85.12
CA ALA C 250 21.61 7.53 86.47
C ALA C 250 20.55 8.60 86.77
N GLY C 251 20.26 9.47 85.81
CA GLY C 251 19.23 10.47 86.04
C GLY C 251 17.84 9.87 86.26
N LEU C 252 17.59 8.72 85.64
CA LEU C 252 16.31 8.02 85.76
C LEU C 252 16.23 7.20 87.05
N GLY C 253 17.32 7.17 87.80
CA GLY C 253 17.39 6.36 89.01
C GLY C 253 17.55 4.88 88.70
N LEU C 254 18.00 4.50 87.50
CA LEU C 254 18.20 3.11 87.15
C LEU C 254 19.68 2.76 87.30
N ASP C 255 19.89 1.52 87.71
CA ASP C 255 21.22 0.98 87.91
C ASP C 255 21.56 0.12 86.69
N ALA C 256 22.61 0.51 85.94
CA ALA C 256 23.01 -0.15 84.70
C ALA C 256 23.20 -1.66 84.86
N ALA C 257 23.68 -2.10 86.03
CA ALA C 257 23.90 -3.52 86.29
C ALA C 257 22.59 -4.35 86.27
N GLU C 258 21.41 -3.71 86.33
CA GLU C 258 20.14 -4.43 86.30
C GLU C 258 19.48 -4.42 84.91
N LEU C 259 20.18 -3.91 83.88
CA LEU C 259 19.51 -3.66 82.63
C LEU C 259 20.18 -4.50 81.54
N PRO C 260 19.48 -4.81 80.44
CA PRO C 260 20.18 -5.37 79.30
C PRO C 260 21.22 -4.42 78.78
N PRO C 261 22.22 -4.92 78.04
CA PRO C 261 23.16 -4.05 77.36
C PRO C 261 22.44 -3.06 76.42
N GLN C 262 23.02 -1.87 76.32
CA GLN C 262 22.51 -0.81 75.47
C GLN C 262 22.26 -1.29 74.05
N ASN C 263 23.17 -2.10 73.51
CA ASN C 263 23.12 -2.45 72.11
C ASN C 263 22.93 -3.94 71.91
N ASP C 264 22.31 -4.64 72.85
CA ASP C 264 21.76 -5.97 72.58
C ASP C 264 20.34 -5.81 71.99
N ARG C 265 20.27 -5.84 70.65
CA ARG C 265 19.05 -5.55 69.91
C ARG C 265 17.96 -6.54 70.29
N ALA C 266 18.34 -7.80 70.51
CA ALA C 266 17.38 -8.83 70.90
C ALA C 266 16.63 -8.44 72.17
N ARG C 267 17.20 -7.62 73.05
CA ARG C 267 16.54 -7.29 74.30
C ARG C 267 16.06 -5.84 74.32
N TRP C 268 16.01 -5.19 73.18
CA TRP C 268 15.51 -3.83 73.14
C TRP C 268 14.08 -3.72 73.66
N PRO C 269 13.17 -4.66 73.35
CA PRO C 269 11.83 -4.64 73.91
C PRO C 269 11.84 -4.57 75.44
N GLU C 270 12.68 -5.41 76.04
CA GLU C 270 12.84 -5.48 77.49
C GLU C 270 13.46 -4.18 78.03
N LEU C 271 14.50 -3.67 77.35
CA LEU C 271 15.15 -2.44 77.77
C LEU C 271 14.15 -1.29 77.69
N ARG C 272 13.39 -1.22 76.60
CA ARG C 272 12.40 -0.16 76.41
C ARG C 272 11.34 -0.17 77.49
N ALA C 273 10.90 -1.36 77.90
CA ALA C 273 9.87 -1.47 78.93
C ALA C 273 10.36 -0.81 80.22
N LEU C 274 11.62 -1.04 80.57
CA LEU C 274 12.20 -0.47 81.78
C LEU C 274 12.30 1.05 81.68
N LEU C 275 12.80 1.57 80.53
CA LEU C 275 12.91 3.00 80.34
C LEU C 275 11.53 3.62 80.30
N THR C 276 10.55 2.92 79.70
CA THR C 276 9.20 3.47 79.64
C THR C 276 8.62 3.70 81.03
N GLU C 277 8.75 2.71 81.91
CA GLU C 277 8.23 2.84 83.25
C GLU C 277 8.94 4.00 83.97
N ALA C 278 10.26 4.10 83.83
CA ALA C 278 10.98 5.18 84.52
C ALA C 278 10.52 6.58 84.03
N PHE C 279 10.44 6.81 82.70
CA PHE C 279 10.06 8.12 82.19
C PHE C 279 8.63 8.44 82.56
N ALA C 280 7.76 7.42 82.59
CA ALA C 280 6.36 7.66 82.89
C ALA C 280 6.14 8.06 84.36
N SER C 281 7.14 7.89 85.24
CA SER C 281 6.95 8.18 86.65
C SER C 281 6.98 9.68 86.97
N HIS C 282 7.51 10.52 86.09
CA HIS C 282 7.43 11.97 86.28
C HIS C 282 7.01 12.68 85.00
N ASP C 283 6.64 13.95 85.13
CA ASP C 283 6.20 14.78 84.03
C ASP C 283 7.38 15.37 83.26
N ARG C 284 7.11 15.90 82.06
CA ARG C 284 8.14 16.29 81.11
C ARG C 284 9.09 17.33 81.70
N ASP C 285 8.52 18.31 82.42
CA ASP C 285 9.29 19.42 82.96
C ASP C 285 10.19 18.97 84.11
N HIS C 286 9.79 17.97 84.87
CA HIS C 286 10.72 17.34 85.79
C HIS C 286 11.97 16.87 85.04
N TRP C 287 11.79 16.17 83.92
CA TRP C 287 12.93 15.60 83.20
C TRP C 287 13.76 16.72 82.57
N GLY C 288 13.09 17.79 82.13
CA GLY C 288 13.78 18.98 81.62
C GLY C 288 14.72 19.57 82.66
N ALA C 289 14.22 19.73 83.88
CA ALA C 289 15.02 20.24 84.98
C ALA C 289 16.17 19.28 85.31
N VAL C 290 15.84 18.05 85.68
CA VAL C 290 16.80 17.02 86.06
C VAL C 290 17.97 16.97 85.08
N PHE C 291 17.72 17.14 83.77
CA PHE C 291 18.76 16.89 82.79
C PHE C 291 19.31 18.19 82.19
N ALA C 292 18.91 19.35 82.70
CA ALA C 292 19.53 20.60 82.24
C ALA C 292 21.02 20.56 82.58
N ASN C 293 21.85 20.96 81.62
CA ASN C 293 23.30 21.04 81.73
C ASN C 293 23.93 19.66 81.67
N SER C 294 23.09 18.64 81.49
CA SER C 294 23.52 17.26 81.33
C SER C 294 23.91 16.91 79.89
N ASP C 295 24.74 15.88 79.76
CA ASP C 295 25.04 15.22 78.51
C ASP C 295 24.15 14.00 78.26
N ALA C 296 23.05 13.88 79.01
CA ALA C 296 22.17 12.72 78.89
C ALA C 296 21.41 12.64 77.56
N CYS C 297 21.35 13.75 76.79
CA CYS C 297 20.61 13.81 75.53
C CYS C 297 19.12 13.55 75.73
N VAL C 298 18.55 14.22 76.74
CA VAL C 298 17.15 14.19 77.03
C VAL C 298 16.62 15.63 76.94
N THR C 299 15.59 15.84 76.10
CA THR C 299 15.02 17.16 75.89
C THR C 299 13.50 17.05 75.90
N PRO C 300 12.82 18.15 76.28
CA PRO C 300 11.37 18.19 76.20
C PRO C 300 10.93 18.25 74.75
N VAL C 301 9.93 17.45 74.39
CA VAL C 301 9.34 17.52 73.06
C VAL C 301 8.29 18.63 73.07
N LEU C 302 8.66 19.81 72.58
CA LEU C 302 7.77 20.97 72.65
C LEU C 302 6.88 21.03 71.42
N ALA C 303 5.61 21.36 71.65
CA ALA C 303 4.71 21.69 70.56
C ALA C 303 4.95 23.12 70.06
N PHE C 304 4.56 23.38 68.81
CA PHE C 304 4.83 24.66 68.15
C PHE C 304 4.45 25.80 69.09
N GLY C 305 3.25 25.74 69.67
CA GLY C 305 2.71 26.82 70.47
C GLY C 305 3.53 27.16 71.72
N GLU C 306 4.42 26.27 72.14
CA GLU C 306 5.18 26.41 73.37
C GLU C 306 6.62 26.86 73.12
N VAL C 307 7.07 26.84 71.87
CA VAL C 307 8.48 27.04 71.54
C VAL C 307 8.98 28.44 71.97
N HIS C 308 8.12 29.46 71.84
CA HIS C 308 8.43 30.85 72.16
C HIS C 308 8.70 31.08 73.65
N ASN C 309 8.34 30.11 74.50
CA ASN C 309 8.62 30.14 75.92
C ASN C 309 9.90 29.40 76.28
N GLU C 310 10.60 28.79 75.33
CA GLU C 310 11.79 28.05 75.71
C GLU C 310 12.99 28.98 75.78
N PRO C 311 13.75 29.05 76.90
CA PRO C 311 14.89 29.97 77.04
C PRO C 311 15.95 29.89 75.96
N HIS C 312 16.32 28.69 75.52
CA HIS C 312 17.36 28.61 74.52
C HIS C 312 16.85 29.16 73.17
N ILE C 313 15.54 29.11 72.93
CA ILE C 313 14.95 29.65 71.72
C ILE C 313 14.89 31.17 71.85
N ILE C 314 14.36 31.67 72.98
CA ILE C 314 14.24 33.10 73.24
C ILE C 314 15.62 33.76 73.14
N GLU C 315 16.61 33.21 73.82
CA GLU C 315 17.86 33.90 74.05
C GLU C 315 18.67 33.98 72.76
N ARG C 316 18.58 32.98 71.85
CA ARG C 316 19.28 33.10 70.59
C ARG C 316 18.44 33.76 69.48
N ASN C 317 17.24 34.25 69.78
CA ASN C 317 16.42 34.88 68.75
C ASN C 317 16.27 33.96 67.51
N THR C 318 15.90 32.69 67.72
CA THR C 318 15.67 31.80 66.58
C THR C 318 14.37 32.20 65.85
N PHE C 319 13.46 32.88 66.55
CA PHE C 319 12.17 33.30 66.01
C PHE C 319 11.97 34.81 66.19
N TYR C 320 11.05 35.40 65.40
CA TYR C 320 10.66 36.81 65.52
C TYR C 320 9.15 36.86 65.42
N GLU C 321 8.54 37.85 66.05
CA GLU C 321 7.08 37.94 66.08
C GLU C 321 6.62 38.79 64.91
N ALA C 322 5.56 38.35 64.22
CA ALA C 322 5.20 38.97 62.96
C ALA C 322 3.75 38.65 62.61
N ASN C 323 2.91 39.68 62.66
CA ASN C 323 1.63 39.62 61.96
C ASN C 323 0.91 38.34 62.38
N GLY C 324 0.46 38.28 63.64
CA GLY C 324 -0.33 37.18 64.15
C GLY C 324 0.42 35.84 64.24
N GLY C 325 1.72 35.87 64.60
CA GLY C 325 2.41 34.67 65.06
C GLY C 325 3.91 34.67 64.75
N TRP C 326 4.60 33.69 65.36
CA TRP C 326 6.04 33.58 65.26
C TRP C 326 6.44 32.91 63.96
N GLN C 327 7.65 33.26 63.52
CA GLN C 327 8.22 32.86 62.26
C GLN C 327 9.72 32.82 62.51
N PRO C 328 10.42 31.84 61.91
CA PRO C 328 11.84 31.69 62.14
C PRO C 328 12.65 32.78 61.49
N MET C 329 13.71 33.21 62.18
CA MET C 329 14.65 34.16 61.62
C MET C 329 15.49 33.45 60.59
N PRO C 330 16.13 34.22 59.69
CA PRO C 330 17.03 33.65 58.70
C PRO C 330 18.09 32.76 59.29
N ALA C 331 18.49 31.77 58.50
CA ALA C 331 19.55 30.88 58.86
C ALA C 331 20.28 30.54 57.60
N PRO C 332 21.60 30.23 57.65
CA PRO C 332 22.39 30.32 58.87
C PRO C 332 22.72 31.77 59.24
N ARG C 333 23.73 31.91 60.12
CA ARG C 333 24.10 33.22 60.63
C ARG C 333 25.51 33.56 60.15
N PHE C 334 25.72 34.87 59.93
CA PHE C 334 26.96 35.39 59.35
C PHE C 334 27.60 36.42 60.30
N SER C 335 28.90 36.31 60.55
CA SER C 335 29.59 37.21 61.49
C SER C 335 29.62 38.67 60.98
N ARG C 336 30.00 38.89 59.72
CA ARG C 336 30.25 40.25 59.23
C ARG C 336 29.04 40.84 58.50
N THR C 337 28.49 40.13 57.48
CA THR C 337 27.32 40.61 56.76
C THR C 337 26.05 39.92 57.25
N ALA C 338 25.48 40.45 58.32
CA ALA C 338 24.38 39.80 58.99
C ALA C 338 23.08 40.08 58.22
N SER C 339 22.28 39.02 58.03
CA SER C 339 20.89 39.18 57.68
C SER C 339 20.20 40.08 58.69
N SER C 340 19.06 40.62 58.28
CA SER C 340 18.18 41.34 59.15
C SER C 340 16.81 40.64 59.19
N GLN C 341 15.94 41.17 60.04
CA GLN C 341 14.59 40.67 60.19
C GLN C 341 13.93 40.68 58.80
N PRO C 342 13.19 39.62 58.41
CA PRO C 342 12.46 39.63 57.16
C PRO C 342 11.41 40.74 57.02
N ARG C 343 11.30 41.29 55.82
CA ARG C 343 10.25 42.24 55.43
C ARG C 343 8.98 41.45 55.12
N PRO C 344 7.81 41.83 55.67
CA PRO C 344 6.58 41.11 55.33
C PRO C 344 6.27 41.16 53.83
N PRO C 345 5.30 40.35 53.37
CA PRO C 345 4.90 40.36 51.97
C PRO C 345 4.50 41.76 51.48
N ALA C 346 5.07 42.13 50.31
CA ALA C 346 5.12 43.50 49.81
C ALA C 346 4.14 43.71 48.66
N ALA C 347 2.97 44.29 49.00
CA ALA C 347 1.94 44.76 48.08
C ALA C 347 2.42 44.77 46.62
N THR C 348 1.50 44.40 45.71
CA THR C 348 1.84 44.15 44.30
C THR C 348 2.51 45.41 43.72
N ILE C 349 3.69 45.21 43.14
CA ILE C 349 4.46 46.29 42.56
C ILE C 349 4.27 46.21 41.06
N ASP C 350 4.50 47.34 40.38
CA ASP C 350 4.37 47.42 38.94
C ASP C 350 5.68 47.00 38.28
N ILE C 351 5.60 46.09 37.31
CA ILE C 351 6.79 45.42 36.80
C ILE C 351 7.73 46.41 36.11
N GLU C 352 7.15 47.45 35.52
CA GLU C 352 7.89 48.54 34.91
C GLU C 352 8.78 49.20 35.96
N ALA C 353 8.16 49.59 37.08
CA ALA C 353 8.84 50.29 38.18
C ALA C 353 10.06 49.52 38.68
N VAL C 354 10.04 48.18 38.53
CA VAL C 354 11.18 47.36 38.93
C VAL C 354 12.27 47.52 37.89
N LEU C 355 11.90 47.52 36.61
CA LEU C 355 12.87 47.68 35.53
C LEU C 355 13.54 49.05 35.60
N THR C 356 12.78 50.05 36.07
CA THR C 356 13.29 51.38 36.39
C THR C 356 14.39 51.25 37.46
N ASP C 357 14.00 50.71 38.63
CA ASP C 357 14.90 50.49 39.75
C ASP C 357 16.17 49.75 39.31
N TRP C 358 16.04 48.76 38.41
CA TRP C 358 17.16 47.94 38.01
C TRP C 358 18.01 48.58 36.90
N ASP C 359 17.76 49.87 36.59
CA ASP C 359 18.71 50.79 35.96
C ASP C 359 19.25 50.27 34.64
N GLY C 360 20.52 49.83 34.65
CA GLY C 360 21.27 49.46 33.46
C GLY C 360 22.46 48.60 33.83
N MET D 1 39.29 18.16 38.58
CA MET D 1 38.07 17.58 39.24
C MET D 1 36.81 18.16 38.60
N ALA D 2 35.86 17.28 38.21
CA ALA D 2 34.63 17.67 37.55
C ALA D 2 33.67 18.39 38.50
N GLY D 3 33.04 19.47 38.03
CA GLY D 3 31.87 20.03 38.69
C GLY D 3 32.03 21.51 38.98
N PRO D 4 30.95 22.21 39.40
CA PRO D 4 30.98 23.67 39.50
C PRO D 4 31.84 24.22 40.63
N LEU D 5 32.20 23.38 41.60
CA LEU D 5 33.00 23.85 42.72
C LEU D 5 34.47 23.45 42.52
N SER D 6 34.85 23.16 41.26
CA SER D 6 36.24 22.90 40.90
C SER D 6 37.13 24.04 41.43
N GLY D 7 38.23 23.65 42.09
CA GLY D 7 39.22 24.59 42.61
C GLY D 7 38.84 25.23 43.95
N LEU D 8 37.68 24.88 44.53
CA LEU D 8 37.36 25.28 45.89
C LEU D 8 38.09 24.32 46.82
N ARG D 9 38.74 24.89 47.85
CA ARG D 9 39.58 24.15 48.77
C ARG D 9 38.98 24.16 50.18
N VAL D 10 38.81 22.94 50.69
CA VAL D 10 38.04 22.77 51.91
C VAL D 10 38.87 21.95 52.89
N VAL D 11 38.98 22.52 54.10
CA VAL D 11 39.53 21.82 55.25
C VAL D 11 38.38 21.44 56.18
N GLU D 12 38.30 20.14 56.49
CA GLU D 12 37.24 19.58 57.30
C GLU D 12 37.81 18.99 58.58
N LEU D 13 37.40 19.49 59.74
CA LEU D 13 37.79 18.82 61.00
C LEU D 13 36.78 17.71 61.34
N ALA D 14 37.29 16.48 61.34
CA ALA D 14 36.45 15.31 61.34
C ALA D 14 35.48 15.36 62.51
N GLY D 15 34.18 15.38 62.18
CA GLY D 15 33.13 15.18 63.17
C GLY D 15 32.21 14.04 62.76
N ILE D 16 30.95 14.15 63.21
CA ILE D 16 29.89 13.19 62.89
C ILE D 16 28.65 13.94 62.39
N GLY D 17 27.93 13.32 61.44
CA GLY D 17 26.65 13.84 60.98
C GLY D 17 26.80 14.98 60.00
N PRO D 18 26.33 16.21 60.33
CA PRO D 18 26.20 17.27 59.35
C PRO D 18 27.50 17.74 58.72
N GLY D 19 28.52 17.97 59.55
CA GLY D 19 29.86 18.32 59.11
C GLY D 19 30.34 17.49 57.92
N PRO D 20 30.49 16.16 58.06
CA PRO D 20 30.93 15.34 56.93
C PRO D 20 29.96 15.22 55.76
N HIS D 21 28.67 15.52 55.99
CA HIS D 21 27.71 15.43 54.90
C HIS D 21 27.91 16.66 54.02
N ALA D 22 28.03 17.83 54.65
CA ALA D 22 28.33 19.06 53.95
C ALA D 22 29.65 18.94 53.19
N ALA D 23 30.65 18.31 53.81
CA ALA D 23 31.94 18.16 53.16
C ALA D 23 31.78 17.24 51.96
N MET D 24 30.94 16.23 52.11
CA MET D 24 30.70 15.24 51.06
C MET D 24 30.07 15.90 49.84
N ILE D 25 29.07 16.74 50.04
CA ILE D 25 28.41 17.41 48.93
C ILE D 25 29.41 18.34 48.23
N LEU D 26 30.19 19.12 49.01
CA LEU D 26 31.23 19.99 48.45
C LEU D 26 32.14 19.21 47.52
N GLY D 27 32.76 18.14 48.02
CA GLY D 27 33.54 17.22 47.21
C GLY D 27 32.77 16.66 46.01
N ASP D 28 31.47 16.35 46.22
CA ASP D 28 30.63 15.75 45.20
C ASP D 28 30.64 16.63 43.94
N LEU D 29 30.47 17.94 44.16
CA LEU D 29 30.42 18.98 43.14
C LEU D 29 31.80 19.53 42.71
N GLY D 30 32.87 18.77 42.99
CA GLY D 30 34.20 19.05 42.45
C GLY D 30 35.15 19.79 43.39
N ALA D 31 34.74 20.10 44.63
CA ALA D 31 35.62 20.81 45.56
C ALA D 31 36.74 19.89 46.02
N ASP D 32 37.88 20.52 46.37
CA ASP D 32 39.05 19.82 46.92
C ASP D 32 38.94 19.82 48.44
N VAL D 33 38.69 18.63 48.98
CA VAL D 33 38.27 18.48 50.36
C VAL D 33 39.32 17.65 51.07
N VAL D 34 39.86 18.27 52.12
CA VAL D 34 40.83 17.60 52.95
C VAL D 34 40.29 17.55 54.37
N ARG D 35 40.25 16.31 54.86
CA ARG D 35 39.62 15.98 56.12
C ARG D 35 40.71 15.65 57.14
N ILE D 36 40.80 16.41 58.23
CA ILE D 36 41.77 16.11 59.28
C ILE D 36 41.11 15.28 60.37
N ASP D 37 41.49 13.99 60.46
CA ASP D 37 41.03 13.14 61.55
C ASP D 37 42.16 12.96 62.58
N ARG D 38 41.82 12.51 63.79
CA ARG D 38 42.83 12.22 64.79
C ARG D 38 43.41 10.82 64.52
N PRO D 39 44.72 10.59 64.78
CA PRO D 39 45.33 9.28 64.59
C PRO D 39 44.66 8.13 65.33
N SER D 40 44.09 8.44 66.51
CA SER D 40 43.21 7.56 67.29
C SER D 40 42.13 6.89 66.41
N SER D 41 41.78 7.47 65.24
CA SER D 41 40.87 6.83 64.29
C SER D 41 41.59 6.32 63.04
N VAL D 42 42.92 6.51 62.93
CA VAL D 42 43.72 5.87 61.89
C VAL D 42 43.48 4.36 62.01
N ASP D 43 43.46 3.65 60.88
CA ASP D 43 42.83 2.33 60.83
C ASP D 43 43.20 1.61 59.53
N GLY D 44 42.80 2.20 58.39
CA GLY D 44 42.85 1.56 57.08
C GLY D 44 42.01 2.37 56.10
N ILE D 45 41.56 1.77 54.99
CA ILE D 45 40.64 2.47 54.11
C ILE D 45 39.27 2.50 54.81
N SER D 46 38.61 3.67 54.84
CA SER D 46 37.34 3.80 55.55
C SER D 46 36.21 3.09 54.80
N ARG D 47 35.27 2.53 55.57
CA ARG D 47 34.14 1.78 55.01
C ARG D 47 32.89 2.66 54.94
N ASP D 48 33.02 3.98 55.12
CA ASP D 48 31.90 4.92 55.15
C ASP D 48 31.83 5.68 53.82
N ALA D 49 30.81 5.35 53.02
CA ALA D 49 30.62 5.96 51.73
C ALA D 49 30.39 7.46 51.88
N MET D 50 30.03 7.92 53.09
CA MET D 50 29.92 9.36 53.28
C MET D 50 31.30 10.02 53.19
N LEU D 51 32.37 9.23 53.36
CA LEU D 51 33.70 9.83 53.31
C LEU D 51 34.25 9.82 51.88
N ARG D 52 33.37 9.67 50.88
CA ARG D 52 33.77 9.71 49.48
C ARG D 52 34.23 11.11 49.14
N ASN D 53 34.94 11.25 48.00
CA ASN D 53 35.42 12.53 47.47
C ASN D 53 36.25 13.35 48.47
N ARG D 54 37.24 12.69 49.10
CA ARG D 54 38.04 13.33 50.14
C ARG D 54 39.50 12.94 50.01
N ARG D 55 40.39 13.79 50.53
CA ARG D 55 41.67 13.27 51.02
C ARG D 55 41.68 13.31 52.56
N ILE D 56 41.99 12.14 53.17
CA ILE D 56 42.07 12.00 54.62
C ILE D 56 43.53 12.13 55.10
N VAL D 57 43.75 13.02 56.06
CA VAL D 57 45.01 13.07 56.80
C VAL D 57 44.74 12.93 58.30
N THR D 58 45.74 12.43 59.06
CA THR D 58 45.66 12.48 60.51
C THR D 58 46.62 13.54 61.05
N ALA D 59 46.35 13.98 62.28
CA ALA D 59 47.10 15.03 62.97
C ALA D 59 46.61 15.11 64.42
N ASP D 60 47.54 15.05 65.37
CA ASP D 60 47.19 15.24 66.76
C ASP D 60 47.13 16.73 67.00
N LEU D 61 45.92 17.30 66.98
CA LEU D 61 45.76 18.74 67.10
C LEU D 61 46.11 19.21 68.51
N LYS D 62 46.30 18.29 69.45
CA LYS D 62 46.79 18.65 70.77
C LYS D 62 48.28 18.99 70.69
N SER D 63 49.04 18.23 69.89
CA SER D 63 50.47 18.46 69.70
C SER D 63 50.73 19.82 69.03
N ASP D 64 51.95 20.36 69.20
CA ASP D 64 52.36 21.62 68.61
C ASP D 64 52.58 21.45 67.11
N GLN D 65 52.95 20.22 66.76
CA GLN D 65 53.26 19.79 65.39
C GLN D 65 51.97 19.73 64.57
N GLY D 66 51.03 18.86 65.02
CA GLY D 66 49.67 18.80 64.51
C GLY D 66 49.08 20.18 64.30
N LEU D 67 49.09 21.05 65.33
CA LEU D 67 48.51 22.38 65.24
C LEU D 67 49.15 23.20 64.13
N GLU D 68 50.44 23.00 63.87
CA GLU D 68 51.12 23.87 62.91
C GLU D 68 50.78 23.41 61.49
N LEU D 69 50.86 22.09 61.23
CA LEU D 69 50.47 21.50 59.96
C LEU D 69 49.02 21.84 59.59
N ALA D 70 48.12 21.82 60.59
CA ALA D 70 46.73 22.18 60.38
C ALA D 70 46.59 23.64 59.98
N LEU D 71 47.33 24.55 60.65
CA LEU D 71 47.19 25.97 60.37
C LEU D 71 47.79 26.30 59.00
N LYS D 72 48.71 25.45 58.53
CA LYS D 72 49.32 25.66 57.22
C LYS D 72 48.29 25.39 56.12
N LEU D 73 47.60 24.25 56.25
CA LEU D 73 46.46 23.87 55.40
C LEU D 73 45.42 24.97 55.31
N ILE D 74 44.91 25.38 56.48
CA ILE D 74 43.87 26.38 56.55
C ILE D 74 44.31 27.64 55.81
N ALA D 75 45.63 27.94 55.84
CA ALA D 75 46.14 29.16 55.23
C ALA D 75 45.97 29.13 53.71
N LYS D 76 46.07 27.95 53.09
CA LYS D 76 45.96 27.85 51.65
C LYS D 76 44.62 27.23 51.24
N ALA D 77 43.54 27.46 52.01
CA ALA D 77 42.23 26.89 51.71
C ALA D 77 41.17 27.97 51.71
N ASP D 78 40.01 27.66 51.13
CA ASP D 78 38.92 28.61 51.05
C ASP D 78 37.96 28.46 52.23
N VAL D 79 37.81 27.22 52.69
CA VAL D 79 36.78 26.89 53.66
C VAL D 79 37.33 25.96 54.74
N LEU D 80 36.90 26.26 55.97
CA LEU D 80 37.03 25.37 57.10
C LEU D 80 35.66 24.94 57.63
N ILE D 81 35.50 23.63 57.82
CA ILE D 81 34.31 23.08 58.47
C ILE D 81 34.70 22.46 59.80
N GLU D 82 34.00 22.88 60.85
CA GLU D 82 34.15 22.20 62.13
C GLU D 82 32.76 21.96 62.74
N GLY D 83 32.64 20.80 63.40
CA GLY D 83 31.42 20.43 64.07
C GLY D 83 31.60 19.96 65.51
N TYR D 84 32.40 20.70 66.31
CA TYR D 84 32.62 20.39 67.72
C TYR D 84 31.77 21.35 68.56
N ARG D 85 31.72 21.14 69.87
CA ARG D 85 31.03 22.08 70.75
C ARG D 85 31.70 23.45 70.64
N PRO D 86 30.94 24.55 70.81
CA PRO D 86 31.57 25.86 70.92
C PRO D 86 32.73 25.85 71.92
N GLY D 87 33.77 26.64 71.60
CA GLY D 87 34.93 26.77 72.46
C GLY D 87 35.99 25.73 72.12
N VAL D 88 35.65 24.62 71.43
CA VAL D 88 36.64 23.58 71.24
C VAL D 88 37.76 24.06 70.30
N THR D 89 37.42 24.71 69.17
CA THR D 89 38.47 25.02 68.21
C THR D 89 39.33 26.13 68.81
N GLU D 90 38.67 27.10 69.47
CA GLU D 90 39.36 28.16 70.18
C GLU D 90 40.43 27.58 71.12
N ARG D 91 40.04 26.72 72.07
CA ARG D 91 41.02 26.16 73.00
C ARG D 91 42.08 25.36 72.25
N LEU D 92 41.83 24.94 71.01
CA LEU D 92 42.82 24.16 70.26
C LEU D 92 43.79 25.08 69.52
N GLY D 93 43.44 26.40 69.49
CA GLY D 93 44.16 27.40 68.71
C GLY D 93 43.87 27.30 67.20
N LEU D 94 42.63 26.90 66.88
CA LEU D 94 42.10 26.84 65.52
C LEU D 94 40.81 27.64 65.45
N GLY D 95 40.59 28.54 66.41
CA GLY D 95 39.38 29.33 66.43
C GLY D 95 39.35 30.26 65.22
N PRO D 96 38.21 30.94 64.99
CA PRO D 96 38.12 31.90 63.90
C PRO D 96 39.19 32.97 63.99
N GLU D 97 39.52 33.43 65.21
CA GLU D 97 40.42 34.55 65.36
C GLU D 97 41.85 34.13 64.99
N GLU D 98 42.26 32.96 65.46
CA GLU D 98 43.56 32.42 65.08
C GLU D 98 43.60 32.13 63.58
N CYS D 99 42.47 31.72 62.99
CA CYS D 99 42.45 31.36 61.58
C CYS D 99 42.53 32.61 60.70
N ALA D 100 41.84 33.68 61.15
CA ALA D 100 41.82 34.98 60.48
C ALA D 100 43.21 35.60 60.35
N LYS D 101 44.18 35.10 61.13
CA LYS D 101 45.55 35.58 61.13
C LYS D 101 46.40 34.87 60.09
N VAL D 102 45.99 33.70 59.60
CA VAL D 102 46.78 33.07 58.56
C VAL D 102 46.00 33.01 57.26
N ASN D 103 44.87 33.74 57.17
CA ASN D 103 43.98 33.64 56.02
C ASN D 103 42.68 34.38 56.30
N ASP D 104 42.66 35.67 55.95
CA ASP D 104 41.49 36.52 56.13
C ASP D 104 40.47 36.32 55.00
N ARG D 105 40.73 35.40 54.07
CA ARG D 105 39.76 35.08 53.03
C ARG D 105 38.94 33.85 53.41
N LEU D 106 39.24 33.23 54.57
CA LEU D 106 38.70 31.94 54.95
C LEU D 106 37.20 32.04 55.23
N ILE D 107 36.45 31.03 54.78
CA ILE D 107 35.10 30.84 55.27
C ILE D 107 35.15 29.85 56.42
N TYR D 108 34.74 30.37 57.59
CA TYR D 108 34.85 29.64 58.84
C TYR D 108 33.46 29.10 59.18
N ALA D 109 33.27 27.79 58.91
CA ALA D 109 31.95 27.17 58.94
C ALA D 109 31.80 26.30 60.20
N ARG D 110 30.87 26.73 61.06
CA ARG D 110 30.63 26.08 62.36
C ARG D 110 29.30 25.34 62.41
N MET D 111 29.39 24.01 62.42
CA MET D 111 28.22 23.12 62.44
C MET D 111 27.91 22.66 63.87
N THR D 112 26.84 23.20 64.48
CA THR D 112 26.36 22.72 65.77
C THR D 112 24.84 22.48 65.71
N GLY D 113 24.32 21.87 66.80
CA GLY D 113 22.90 21.68 67.00
C GLY D 113 22.26 22.92 67.63
N TRP D 114 22.90 23.42 68.71
CA TRP D 114 22.29 24.41 69.60
C TRP D 114 22.74 25.83 69.30
N GLY D 115 23.84 25.98 68.59
CA GLY D 115 24.36 27.31 68.37
C GLY D 115 25.63 27.55 69.18
N GLN D 116 26.14 28.77 69.05
CA GLN D 116 27.43 29.11 69.64
C GLN D 116 27.23 29.61 71.06
N THR D 117 26.08 30.23 71.34
CA THR D 117 25.81 30.68 72.69
C THR D 117 24.49 30.09 73.16
N GLY D 118 24.21 30.32 74.45
CA GLY D 118 22.91 30.11 75.02
C GLY D 118 22.94 28.96 76.02
N PRO D 119 21.88 28.82 76.82
CA PRO D 119 21.86 27.89 77.94
C PRO D 119 22.09 26.43 77.58
N ARG D 120 21.77 26.03 76.35
CA ARG D 120 21.94 24.62 75.97
C ARG D 120 23.22 24.43 75.19
N SER D 121 24.01 25.49 74.99
CA SER D 121 25.00 25.49 73.93
C SER D 121 26.15 24.53 74.20
N GLN D 122 26.27 24.00 75.42
CA GLN D 122 27.31 23.01 75.72
C GLN D 122 26.77 21.59 75.93
N GLN D 123 25.45 21.43 76.01
CA GLN D 123 24.85 20.09 76.15
C GLN D 123 25.14 19.23 74.92
N ALA D 124 25.57 17.98 75.12
CA ALA D 124 25.62 17.03 74.04
C ALA D 124 24.19 16.75 73.53
N GLY D 125 24.11 16.26 72.31
CA GLY D 125 22.83 16.12 71.63
C GLY D 125 22.96 15.50 70.25
N HIS D 126 21.80 15.06 69.76
CA HIS D 126 21.65 14.50 68.43
C HIS D 126 20.38 15.05 67.77
N ASP D 127 20.23 14.68 66.50
CA ASP D 127 19.15 15.20 65.68
C ASP D 127 17.87 15.28 66.49
N ILE D 128 17.49 14.15 67.11
CA ILE D 128 16.18 14.05 67.75
C ILE D 128 16.02 15.12 68.82
N ASN D 129 17.12 15.52 69.47
CA ASN D 129 17.07 16.56 70.49
C ASN D 129 16.79 17.92 69.87
N TYR D 130 17.48 18.21 68.77
CA TYR D 130 17.36 19.55 68.23
C TYR D 130 15.98 19.77 67.65
N ILE D 131 15.39 18.74 67.02
CA ILE D 131 14.06 18.92 66.47
C ILE D 131 12.99 18.72 67.56
N SER D 132 13.34 18.28 68.77
CA SER D 132 12.34 18.25 69.82
C SER D 132 12.02 19.65 70.34
N LEU D 133 13.00 20.56 70.25
CA LEU D 133 12.87 21.84 70.94
C LEU D 133 12.10 22.90 70.15
N ASN D 134 11.98 22.73 68.82
CA ASN D 134 11.44 23.75 67.95
C ASN D 134 10.09 23.33 67.33
N GLY D 135 9.38 22.40 67.97
CA GLY D 135 8.04 21.98 67.54
C GLY D 135 8.03 20.95 66.42
N ILE D 136 9.18 20.59 65.83
CA ILE D 136 9.15 19.72 64.65
C ILE D 136 8.78 18.28 65.02
N LEU D 137 9.44 17.71 66.02
CA LEU D 137 9.26 16.30 66.37
C LEU D 137 7.84 16.06 66.84
N HIS D 138 7.31 16.99 67.64
CA HIS D 138 5.95 16.90 68.15
C HIS D 138 4.92 16.69 67.03
N ALA D 139 5.21 17.17 65.83
CA ALA D 139 4.28 17.24 64.70
C ALA D 139 4.32 15.99 63.82
N ILE D 140 5.29 15.09 64.10
CA ILE D 140 5.50 13.93 63.26
C ILE D 140 4.98 12.66 63.93
N GLY D 141 4.12 11.93 63.19
CA GLY D 141 3.63 10.60 63.54
C GLY D 141 2.10 10.56 63.72
N ARG D 142 1.56 9.39 64.04
CA ARG D 142 0.11 9.24 64.16
C ARG D 142 -0.37 9.92 65.43
N GLY D 143 -1.64 10.36 65.41
CA GLY D 143 -2.25 11.11 66.50
C GLY D 143 -2.45 10.26 67.76
N ASP D 144 -2.54 8.94 67.60
CA ASP D 144 -2.84 8.02 68.69
C ASP D 144 -1.57 7.70 69.50
N GLU D 145 -0.39 7.98 68.95
CA GLU D 145 0.85 7.46 69.48
C GLU D 145 1.82 8.58 69.82
N ARG D 146 2.98 8.22 70.36
CA ARG D 146 3.98 9.22 70.67
C ARG D 146 4.76 9.58 69.41
N PRO D 147 5.37 10.78 69.34
CA PRO D 147 6.09 11.21 68.16
C PRO D 147 7.12 10.22 67.67
N VAL D 148 7.28 10.18 66.33
CA VAL D 148 8.22 9.25 65.76
C VAL D 148 9.32 10.07 65.11
N PRO D 149 10.61 9.72 65.30
CA PRO D 149 11.67 10.47 64.64
C PRO D 149 11.70 10.21 63.14
N PRO D 150 11.80 11.26 62.32
CA PRO D 150 11.97 11.11 60.89
C PRO D 150 13.40 10.82 60.52
N LEU D 151 13.86 9.64 60.94
CA LEU D 151 15.26 9.31 60.94
C LEU D 151 16.02 10.53 61.47
N ASN D 152 17.23 10.76 60.96
CA ASN D 152 17.97 11.98 61.23
C ASN D 152 18.04 12.92 60.03
N LEU D 153 16.94 13.04 59.27
CA LEU D 153 16.91 13.76 58.01
C LEU D 153 16.73 15.25 58.23
N VAL D 154 16.07 15.64 59.33
CA VAL D 154 15.52 16.97 59.39
C VAL D 154 16.46 17.91 60.14
N GLY D 155 17.11 17.37 61.18
CA GLY D 155 18.05 18.11 62.00
C GLY D 155 19.46 18.03 61.43
N ASP D 156 19.98 16.83 61.27
CA ASP D 156 21.35 16.68 60.77
C ASP D 156 21.49 17.24 59.35
N PHE D 157 20.58 16.89 58.42
CA PHE D 157 20.85 17.11 57.00
C PHE D 157 20.01 18.27 56.52
N GLY D 158 18.68 18.09 56.42
CA GLY D 158 17.85 19.15 55.88
C GLY D 158 18.10 20.49 56.53
N GLY D 159 18.09 20.53 57.87
CA GLY D 159 18.16 21.77 58.64
C GLY D 159 19.56 21.98 59.21
N GLY D 160 20.49 21.13 58.78
CA GLY D 160 21.81 21.06 59.38
C GLY D 160 22.89 21.32 58.32
N SER D 161 23.42 20.24 57.71
CA SER D 161 24.42 20.34 56.66
C SER D 161 23.97 21.23 55.50
N MET D 162 22.68 21.17 55.16
CA MET D 162 22.25 21.90 53.98
C MET D 162 22.39 23.38 54.28
N PHE D 163 22.08 23.83 55.50
CA PHE D 163 22.17 25.25 55.78
C PHE D 163 23.64 25.65 55.93
N LEU D 164 24.48 24.77 56.48
CA LEU D 164 25.92 25.00 56.45
C LEU D 164 26.38 25.25 55.01
N LEU D 165 25.92 24.43 54.05
CA LEU D 165 26.30 24.56 52.63
C LEU D 165 25.85 25.89 52.04
N VAL D 166 24.62 26.30 52.30
CA VAL D 166 24.14 27.58 51.81
C VAL D 166 24.93 28.74 52.40
N GLY D 167 25.33 28.62 53.68
CA GLY D 167 26.12 29.65 54.35
C GLY D 167 27.52 29.75 53.73
N ILE D 168 28.19 28.61 53.56
CA ILE D 168 29.49 28.56 52.93
C ILE D 168 29.38 29.28 51.58
N LEU D 169 28.43 28.84 50.75
CA LEU D 169 28.39 29.29 49.35
C LEU D 169 27.91 30.73 49.27
N ALA D 170 26.99 31.19 50.12
CA ALA D 170 26.65 32.60 50.13
C ALA D 170 27.80 33.49 50.60
N ALA D 171 28.64 32.95 51.51
CA ALA D 171 29.79 33.67 52.01
C ALA D 171 30.82 33.84 50.88
N LEU D 172 31.02 32.80 50.06
CA LEU D 172 31.91 32.84 48.90
C LEU D 172 31.47 33.87 47.87
N TRP D 173 30.17 34.02 47.70
CA TRP D 173 29.64 35.08 46.88
C TRP D 173 30.02 36.42 47.48
N GLU D 174 29.73 36.61 48.76
CA GLU D 174 30.05 37.87 49.43
C GLU D 174 31.55 38.15 49.27
N ARG D 175 32.41 37.17 49.56
CA ARG D 175 33.85 37.29 49.44
C ARG D 175 34.30 37.84 48.08
N GLN D 176 33.55 37.53 47.02
CA GLN D 176 34.02 37.83 45.67
C GLN D 176 34.02 39.35 45.46
N SER D 177 33.16 40.09 46.17
CA SER D 177 33.22 41.55 46.08
C SER D 177 34.01 42.19 47.25
N SER D 178 34.01 41.61 48.47
CA SER D 178 34.61 42.23 49.64
C SER D 178 36.08 41.83 49.87
N GLY D 179 36.58 40.75 49.24
CA GLY D 179 37.95 40.28 49.44
C GLY D 179 38.15 39.49 50.74
N LYS D 180 37.09 39.38 51.56
CA LYS D 180 37.19 38.89 52.93
C LYS D 180 36.30 37.67 53.18
N GLY D 181 36.81 36.77 54.04
CA GLY D 181 36.06 35.68 54.63
C GLY D 181 35.11 36.12 55.74
N GLN D 182 34.57 35.14 56.48
CA GLN D 182 33.75 35.38 57.66
C GLN D 182 33.34 34.03 58.25
N VAL D 183 32.62 34.12 59.38
CA VAL D 183 32.20 32.95 60.15
C VAL D 183 30.71 32.70 59.89
N VAL D 184 30.44 31.42 59.54
CA VAL D 184 29.10 30.88 59.36
C VAL D 184 28.73 30.09 60.60
N ASP D 185 27.72 30.55 61.33
CA ASP D 185 27.15 29.89 62.49
C ASP D 185 25.87 29.14 62.06
N ALA D 186 26.03 27.86 61.69
CA ALA D 186 24.87 27.03 61.35
C ALA D 186 24.47 26.12 62.51
N ALA D 187 23.32 26.45 63.11
CA ALA D 187 22.69 25.64 64.16
C ALA D 187 21.45 24.90 63.66
N MET D 188 21.44 23.57 63.88
CA MET D 188 20.38 22.67 63.47
C MET D 188 19.03 23.13 63.98
N VAL D 189 18.96 23.76 65.16
CA VAL D 189 17.69 24.18 65.73
C VAL D 189 17.13 25.36 64.94
N ASP D 190 18.05 26.15 64.34
CA ASP D 190 17.70 27.29 63.51
C ASP D 190 17.33 26.81 62.10
N GLY D 191 18.26 26.07 61.49
CA GLY D 191 18.16 25.55 60.14
C GLY D 191 16.86 24.77 59.95
N SER D 192 16.57 23.90 60.93
CA SER D 192 15.41 23.04 60.86
C SER D 192 14.15 23.89 61.00
N SER D 193 14.20 25.00 61.78
CA SER D 193 13.04 25.89 61.89
C SER D 193 12.74 26.64 60.58
N VAL D 194 13.79 27.01 59.83
CA VAL D 194 13.62 27.65 58.54
C VAL D 194 13.12 26.60 57.54
N LEU D 195 13.62 25.38 57.66
CA LEU D 195 13.16 24.29 56.82
C LEU D 195 11.64 24.06 56.93
N ILE D 196 11.06 24.33 58.10
CA ILE D 196 9.66 24.07 58.36
C ILE D 196 8.86 25.36 58.35
N GLN D 197 9.37 26.40 57.67
CA GLN D 197 8.70 27.69 57.67
C GLN D 197 7.26 27.60 57.16
N MET D 198 6.99 26.66 56.24
CA MET D 198 5.65 26.51 55.69
C MET D 198 4.65 26.28 56.82
N MET D 199 5.02 25.45 57.80
CA MET D 199 4.11 25.13 58.90
C MET D 199 3.91 26.36 59.80
N TRP D 200 4.97 27.12 60.02
CA TRP D 200 4.86 28.34 60.81
C TRP D 200 3.93 29.35 60.12
N ALA D 201 4.02 29.41 58.79
CA ALA D 201 3.13 30.26 58.00
C ALA D 201 1.69 29.76 58.07
N MET D 202 1.51 28.46 57.85
CA MET D 202 0.17 27.90 57.81
C MET D 202 -0.46 28.04 59.19
N ARG D 203 0.35 27.86 60.23
CA ARG D 203 -0.11 27.93 61.60
C ARG D 203 -0.70 29.31 61.87
N ALA D 204 -0.04 30.34 61.32
CA ALA D 204 -0.40 31.74 61.50
C ALA D 204 -1.74 32.08 60.84
N THR D 205 -2.11 31.38 59.78
CA THR D 205 -3.35 31.65 59.07
C THR D 205 -4.44 30.65 59.43
N GLY D 206 -4.26 29.86 60.51
CA GLY D 206 -5.25 28.87 60.89
C GLY D 206 -5.32 27.64 59.98
N MET D 207 -4.32 27.41 59.11
CA MET D 207 -4.27 26.26 58.20
C MET D 207 -3.43 25.10 58.77
N TRP D 208 -2.87 25.26 59.98
CA TRP D 208 -2.14 24.19 60.63
C TRP D 208 -2.41 24.23 62.12
N THR D 209 -2.64 23.07 62.75
CA THR D 209 -2.76 23.03 64.20
C THR D 209 -1.70 22.13 64.81
N ASP D 210 -1.58 22.28 66.14
CA ASP D 210 -0.56 21.60 66.92
C ASP D 210 -0.95 20.16 67.26
N THR D 211 -2.16 19.73 66.90
CA THR D 211 -2.56 18.35 67.10
C THR D 211 -1.86 17.47 66.06
N ARG D 212 -1.20 16.43 66.53
CA ARG D 212 -0.45 15.54 65.66
C ARG D 212 -1.43 14.66 64.91
N GLY D 213 -1.14 14.43 63.63
CA GLY D 213 -1.91 13.49 62.84
C GLY D 213 -3.29 14.02 62.43
N ALA D 214 -3.47 15.34 62.42
CA ALA D 214 -4.75 15.96 62.11
C ALA D 214 -4.58 17.15 61.16
N ASN D 215 -3.64 17.08 60.23
CA ASN D 215 -3.43 18.19 59.31
C ASN D 215 -3.32 17.63 57.90
N MET D 216 -3.22 18.51 56.90
CA MET D 216 -3.30 18.09 55.51
C MET D 216 -2.06 17.30 55.12
N LEU D 217 -0.91 17.58 55.77
CA LEU D 217 0.33 17.02 55.28
C LEU D 217 1.03 16.11 56.28
N ASP D 218 0.35 15.71 57.37
CA ASP D 218 1.01 14.95 58.44
C ASP D 218 0.48 13.53 58.49
N GLY D 219 -0.40 13.17 57.54
CA GLY D 219 -1.01 11.85 57.56
C GLY D 219 -2.48 11.90 57.98
N GLY D 220 -2.94 13.03 58.55
CA GLY D 220 -4.35 13.29 58.84
C GLY D 220 -5.30 13.35 57.63
N ALA D 221 -4.87 13.65 56.41
CA ALA D 221 -5.81 13.74 55.30
C ALA D 221 -5.85 12.40 54.58
N PRO D 222 -7.03 11.83 54.26
CA PRO D 222 -7.09 10.57 53.56
C PRO D 222 -6.45 10.55 52.17
N TYR D 223 -6.36 11.74 51.58
CA TYR D 223 -5.72 11.87 50.29
C TYR D 223 -4.22 12.23 50.38
N TYR D 224 -3.63 12.26 51.59
CA TYR D 224 -2.19 12.52 51.71
C TYR D 224 -1.65 11.57 52.77
N ASP D 225 -1.41 10.32 52.37
CA ASP D 225 -1.02 9.31 53.34
C ASP D 225 -0.64 8.05 52.57
N THR D 226 -0.16 7.03 53.32
CA THR D 226 0.05 5.72 52.74
C THR D 226 -1.14 4.82 53.01
N TYR D 227 -1.25 3.76 52.20
CA TYR D 227 -2.30 2.75 52.30
C TYR D 227 -1.66 1.39 52.09
N GLU D 228 -2.16 0.44 52.84
CA GLU D 228 -1.72 -0.94 52.76
C GLU D 228 -2.52 -1.65 51.67
N CYS D 229 -1.80 -2.40 50.84
CA CYS D 229 -2.38 -3.11 49.72
C CYS D 229 -2.59 -4.59 50.08
N ALA D 230 -3.14 -5.39 49.14
CA ALA D 230 -3.53 -6.77 49.43
C ALA D 230 -2.33 -7.61 49.83
N ASP D 231 -1.13 -7.26 49.36
CA ASP D 231 0.09 -8.03 49.63
C ASP D 231 0.79 -7.51 50.89
N GLY D 232 0.26 -6.51 51.59
CA GLY D 232 0.96 -6.04 52.78
C GLY D 232 2.04 -5.00 52.47
N ARG D 233 2.16 -4.59 51.21
CA ARG D 233 3.03 -3.49 50.84
C ARG D 233 2.19 -2.21 50.75
N TYR D 234 2.83 -1.09 50.41
CA TYR D 234 2.13 0.18 50.51
C TYR D 234 2.25 0.99 49.24
N VAL D 235 1.24 1.85 49.05
CA VAL D 235 1.28 2.94 48.11
C VAL D 235 1.19 4.24 48.90
N ALA D 236 1.69 5.28 48.26
CA ALA D 236 1.57 6.66 48.71
C ALA D 236 0.55 7.36 47.85
N VAL D 237 -0.35 8.11 48.49
CA VAL D 237 -1.33 8.97 47.86
C VAL D 237 -1.03 10.40 48.25
N GLY D 238 -0.92 11.26 47.24
CA GLY D 238 -0.67 12.68 47.45
C GLY D 238 -1.57 13.59 46.62
N ALA D 239 -2.84 13.18 46.47
CA ALA D 239 -3.78 13.83 45.56
C ALA D 239 -4.44 15.01 46.24
N ILE D 240 -3.68 16.07 46.39
CA ILE D 240 -4.17 17.28 47.02
C ILE D 240 -5.14 18.02 46.10
N GLU D 241 -4.71 18.29 44.87
CA GLU D 241 -5.53 19.05 43.94
C GLU D 241 -6.77 18.25 43.54
N PRO D 242 -7.94 18.89 43.50
CA PRO D 242 -9.19 18.19 43.23
C PRO D 242 -9.21 17.36 41.94
N GLN D 243 -8.51 17.83 40.91
CA GLN D 243 -8.49 17.13 39.63
C GLN D 243 -7.67 15.85 39.75
N PHE D 244 -6.57 15.90 40.51
CA PHE D 244 -5.73 14.73 40.69
C PHE D 244 -6.49 13.72 41.55
N TYR D 245 -7.16 14.24 42.58
CA TYR D 245 -8.00 13.42 43.44
C TYR D 245 -9.05 12.70 42.60
N ALA D 246 -9.68 13.42 41.65
CA ALA D 246 -10.73 12.80 40.83
C ALA D 246 -10.19 11.68 39.95
N ALA D 247 -8.98 11.87 39.40
CA ALA D 247 -8.31 10.84 38.61
C ALA D 247 -8.03 9.63 39.47
N MET D 248 -7.70 9.90 40.74
CA MET D 248 -7.40 8.77 41.60
C MET D 248 -8.66 7.95 41.85
N LEU D 249 -9.79 8.61 42.12
CA LEU D 249 -11.02 7.88 42.43
C LEU D 249 -11.44 7.01 41.24
N ALA D 250 -11.33 7.59 40.04
CA ALA D 250 -11.69 6.86 38.82
C ALA D 250 -10.89 5.58 38.71
N GLY D 251 -9.58 5.66 38.99
CA GLY D 251 -8.67 4.52 38.96
C GLY D 251 -8.97 3.49 40.05
N LEU D 252 -9.52 3.93 41.19
CA LEU D 252 -9.89 3.02 42.26
C LEU D 252 -11.24 2.34 41.98
N GLY D 253 -11.99 2.86 41.02
CA GLY D 253 -13.32 2.34 40.75
C GLY D 253 -14.37 2.89 41.71
N LEU D 254 -14.11 4.02 42.36
CA LEU D 254 -15.04 4.62 43.31
C LEU D 254 -15.78 5.78 42.66
N ASP D 255 -17.10 5.78 42.74
CA ASP D 255 -17.87 6.89 42.19
C ASP D 255 -17.86 8.00 43.22
N ALA D 256 -17.60 9.22 42.75
CA ALA D 256 -17.63 10.38 43.62
C ALA D 256 -18.98 10.45 44.35
N ALA D 257 -20.06 9.98 43.72
CA ALA D 257 -21.40 10.13 44.27
C ALA D 257 -21.58 9.39 45.61
N GLU D 258 -20.79 8.33 45.83
CA GLU D 258 -20.94 7.46 46.98
C GLU D 258 -19.95 7.80 48.10
N LEU D 259 -19.15 8.86 47.95
CA LEU D 259 -18.08 9.22 48.85
C LEU D 259 -18.41 10.54 49.53
N PRO D 260 -17.93 10.81 50.75
CA PRO D 260 -18.01 12.16 51.28
C PRO D 260 -17.12 13.07 50.47
N PRO D 261 -17.30 14.40 50.55
CA PRO D 261 -16.40 15.36 49.92
C PRO D 261 -14.97 15.23 50.41
N GLN D 262 -14.05 15.37 49.47
CA GLN D 262 -12.61 15.22 49.72
C GLN D 262 -12.16 16.02 50.94
N ASN D 263 -12.68 17.24 51.11
CA ASN D 263 -12.23 18.11 52.19
C ASN D 263 -13.31 18.36 53.24
N ASP D 264 -14.30 17.48 53.37
CA ASP D 264 -15.13 17.52 54.57
C ASP D 264 -14.45 16.73 55.71
N ARG D 265 -13.66 17.45 56.53
CA ARG D 265 -12.84 16.84 57.58
C ARG D 265 -13.69 16.03 58.56
N ALA D 266 -14.93 16.45 58.75
CA ALA D 266 -15.79 15.77 59.70
C ALA D 266 -16.09 14.37 59.19
N ARG D 267 -16.02 14.15 57.87
CA ARG D 267 -16.30 12.83 57.34
C ARG D 267 -15.03 12.11 56.86
N TRP D 268 -13.85 12.57 57.26
CA TRP D 268 -12.63 11.88 56.86
C TRP D 268 -12.61 10.45 57.38
N PRO D 269 -13.16 10.14 58.57
CA PRO D 269 -13.21 8.74 59.00
C PRO D 269 -13.87 7.83 57.95
N GLU D 270 -15.00 8.24 57.42
CA GLU D 270 -15.69 7.41 56.43
C GLU D 270 -14.86 7.34 55.14
N LEU D 271 -14.36 8.50 54.73
CA LEU D 271 -13.60 8.57 53.49
C LEU D 271 -12.39 7.65 53.62
N ARG D 272 -11.69 7.73 54.76
CA ARG D 272 -10.51 6.89 54.93
C ARG D 272 -10.88 5.40 54.82
N ALA D 273 -12.01 5.02 55.42
CA ALA D 273 -12.40 3.61 55.39
C ALA D 273 -12.72 3.18 53.97
N LEU D 274 -13.35 4.06 53.17
CA LEU D 274 -13.63 3.72 51.77
C LEU D 274 -12.35 3.57 50.98
N LEU D 275 -11.40 4.52 51.13
CA LEU D 275 -10.14 4.41 50.39
C LEU D 275 -9.33 3.19 50.86
N THR D 276 -9.37 2.90 52.17
CA THR D 276 -8.63 1.78 52.74
C THR D 276 -9.08 0.48 52.09
N GLU D 277 -10.41 0.29 51.92
CA GLU D 277 -10.97 -0.93 51.36
C GLU D 277 -10.58 -1.03 49.89
N ALA D 278 -10.62 0.11 49.18
CA ALA D 278 -10.26 0.04 47.78
C ALA D 278 -8.81 -0.40 47.62
N PHE D 279 -7.87 0.23 48.35
CA PHE D 279 -6.45 -0.04 48.11
C PHE D 279 -6.12 -1.44 48.59
N ALA D 280 -6.85 -1.93 49.60
CA ALA D 280 -6.59 -3.28 50.09
C ALA D 280 -7.00 -4.36 49.09
N SER D 281 -7.73 -4.04 48.02
CA SER D 281 -8.29 -5.10 47.17
C SER D 281 -7.32 -5.58 46.10
N HIS D 282 -6.19 -4.91 45.95
CA HIS D 282 -5.19 -5.27 44.97
C HIS D 282 -3.83 -5.00 45.60
N ASP D 283 -2.80 -5.58 45.00
CA ASP D 283 -1.46 -5.47 45.52
C ASP D 283 -0.80 -4.20 45.01
N ARG D 284 0.34 -3.86 45.62
CA ARG D 284 0.99 -2.61 45.37
C ARG D 284 1.34 -2.44 43.88
N ASP D 285 1.88 -3.50 43.27
CA ASP D 285 2.38 -3.39 41.90
C ASP D 285 1.23 -3.22 40.92
N HIS D 286 0.06 -3.73 41.27
CA HIS D 286 -1.12 -3.46 40.47
C HIS D 286 -1.35 -1.95 40.40
N TRP D 287 -1.40 -1.32 41.58
CA TRP D 287 -1.70 0.08 41.65
C TRP D 287 -0.64 0.87 40.92
N GLY D 288 0.62 0.45 41.03
CA GLY D 288 1.70 1.17 40.37
C GLY D 288 1.56 1.18 38.86
N ALA D 289 1.04 0.07 38.30
CA ALA D 289 0.80 -0.03 36.87
C ALA D 289 -0.40 0.84 36.48
N VAL D 290 -1.55 0.56 37.09
CA VAL D 290 -2.77 1.31 36.88
C VAL D 290 -2.48 2.81 36.84
N PHE D 291 -1.63 3.34 37.73
CA PHE D 291 -1.50 4.78 37.84
C PHE D 291 -0.24 5.30 37.13
N ALA D 292 0.54 4.42 36.51
CA ALA D 292 1.66 4.87 35.68
C ALA D 292 1.18 5.89 34.64
N ASN D 293 1.96 6.96 34.50
CA ASN D 293 1.69 8.06 33.58
C ASN D 293 0.41 8.81 33.96
N SER D 294 -0.12 8.68 35.18
CA SER D 294 -1.32 9.43 35.52
C SER D 294 -0.99 10.55 36.52
N ASP D 295 -1.89 11.51 36.66
CA ASP D 295 -1.77 12.62 37.58
C ASP D 295 -2.49 12.31 38.91
N ALA D 296 -2.80 11.04 39.17
CA ALA D 296 -3.52 10.63 40.39
C ALA D 296 -2.67 10.73 41.68
N CYS D 297 -1.36 10.91 41.55
CA CYS D 297 -0.45 11.10 42.69
C CYS D 297 -0.45 9.87 43.59
N VAL D 298 -0.37 8.71 42.96
CA VAL D 298 -0.34 7.43 43.63
C VAL D 298 0.92 6.71 43.16
N THR D 299 1.82 6.34 44.08
CA THR D 299 3.09 5.72 43.76
C THR D 299 3.34 4.56 44.72
N PRO D 300 4.12 3.55 44.29
CA PRO D 300 4.50 2.48 45.20
C PRO D 300 5.54 2.95 46.20
N VAL D 301 5.41 2.50 47.45
CA VAL D 301 6.37 2.79 48.49
C VAL D 301 7.43 1.69 48.45
N LEU D 302 8.58 2.04 47.89
CA LEU D 302 9.66 1.08 47.68
C LEU D 302 10.59 1.08 48.91
N ALA D 303 10.94 -0.13 49.34
CA ALA D 303 12.02 -0.35 50.30
C ALA D 303 13.37 -0.08 49.64
N PHE D 304 14.38 0.30 50.44
CA PHE D 304 15.71 0.60 49.92
C PHE D 304 16.13 -0.41 48.85
N GLY D 305 15.98 -1.69 49.16
CA GLY D 305 16.56 -2.75 48.34
C GLY D 305 15.85 -2.93 47.00
N GLU D 306 14.69 -2.31 46.79
CA GLU D 306 13.96 -2.46 45.55
C GLU D 306 14.17 -1.25 44.67
N VAL D 307 14.75 -0.19 45.23
CA VAL D 307 14.87 1.06 44.50
C VAL D 307 15.63 0.88 43.18
N HIS D 308 16.64 -0.01 43.17
CA HIS D 308 17.55 -0.12 42.03
C HIS D 308 16.81 -0.69 40.81
N ASN D 309 15.60 -1.23 41.00
CA ASN D 309 14.83 -1.85 39.92
C ASN D 309 13.73 -0.91 39.42
N GLU D 310 13.55 0.26 40.02
CA GLU D 310 12.56 1.21 39.52
C GLU D 310 13.05 1.87 38.24
N PRO D 311 12.31 1.77 37.11
CA PRO D 311 12.73 2.38 35.86
C PRO D 311 13.16 3.84 35.88
N HIS D 312 12.40 4.71 36.57
CA HIS D 312 12.68 6.14 36.52
C HIS D 312 13.98 6.42 37.25
N ILE D 313 14.25 5.60 38.26
CA ILE D 313 15.49 5.66 39.02
C ILE D 313 16.66 5.20 38.13
N ILE D 314 16.51 4.00 37.54
CA ILE D 314 17.52 3.48 36.62
C ILE D 314 17.81 4.50 35.52
N GLU D 315 16.78 4.99 34.84
CA GLU D 315 17.06 5.74 33.64
C GLU D 315 17.72 7.09 33.94
N ARG D 316 17.46 7.73 35.10
CA ARG D 316 18.07 9.02 35.37
C ARG D 316 19.43 8.92 36.08
N ASN D 317 19.90 7.70 36.34
CA ASN D 317 21.16 7.50 37.02
C ASN D 317 21.18 8.27 38.34
N THR D 318 20.16 8.03 39.16
CA THR D 318 20.08 8.66 40.47
C THR D 318 21.09 8.00 41.41
N PHE D 319 21.34 6.70 41.21
CA PHE D 319 22.23 5.88 42.04
C PHE D 319 23.38 5.38 41.18
N TYR D 320 24.54 5.09 41.80
CA TYR D 320 25.65 4.37 41.16
C TYR D 320 25.94 3.17 42.04
N GLU D 321 26.45 2.09 41.47
CA GLU D 321 26.84 0.95 42.28
C GLU D 321 28.30 1.14 42.70
N ALA D 322 28.60 0.86 43.96
CA ALA D 322 29.98 0.89 44.47
C ALA D 322 30.18 -0.30 45.39
N ASN D 323 31.36 -0.37 46.01
CA ASN D 323 31.44 -0.70 47.43
C ASN D 323 30.61 -1.96 47.69
N GLY D 324 29.68 -1.89 48.66
CA GLY D 324 28.87 -3.02 49.07
C GLY D 324 27.44 -2.97 48.50
N GLY D 325 27.05 -1.82 47.95
CA GLY D 325 25.76 -1.67 47.28
C GLY D 325 25.64 -0.27 46.66
N TRP D 326 24.40 0.22 46.56
CA TRP D 326 24.13 1.45 45.82
C TRP D 326 24.29 2.67 46.71
N GLN D 327 24.60 3.79 46.07
CA GLN D 327 24.85 5.06 46.71
C GLN D 327 24.29 6.11 45.78
N PRO D 328 23.72 7.21 46.30
CA PRO D 328 23.19 8.25 45.44
C PRO D 328 24.29 9.03 44.71
N MET D 329 23.99 9.43 43.47
CA MET D 329 24.88 10.23 42.68
C MET D 329 24.73 11.65 43.17
N PRO D 330 25.75 12.53 42.93
CA PRO D 330 25.66 13.92 43.31
C PRO D 330 24.37 14.60 42.88
N ALA D 331 23.98 15.63 43.64
CA ALA D 331 22.84 16.44 43.31
C ALA D 331 23.13 17.86 43.80
N PRO D 332 22.54 18.91 43.17
CA PRO D 332 21.71 18.77 41.98
C PRO D 332 22.57 18.52 40.74
N ARG D 333 22.01 18.79 39.55
CA ARG D 333 22.71 18.49 38.30
C ARG D 333 22.98 19.80 37.55
N PHE D 334 24.14 19.85 36.89
CA PHE D 334 24.58 21.06 36.20
C PHE D 334 24.76 20.79 34.70
N SER D 335 24.22 21.68 33.83
CA SER D 335 24.24 21.47 32.38
C SER D 335 25.64 21.48 31.76
N ARG D 336 26.50 22.47 32.10
CA ARG D 336 27.82 22.62 31.47
C ARG D 336 28.94 21.97 32.29
N THR D 337 29.08 22.34 33.59
CA THR D 337 30.10 21.81 34.48
C THR D 337 29.55 20.69 35.36
N ALA D 338 29.53 19.47 34.82
CA ALA D 338 28.74 18.40 35.40
C ALA D 338 29.60 17.60 36.36
N SER D 339 29.00 17.21 37.50
CA SER D 339 29.65 16.34 38.48
C SER D 339 29.98 15.02 37.83
N SER D 340 30.95 14.32 38.42
CA SER D 340 31.31 13.00 37.98
C SER D 340 31.00 12.03 39.11
N GLN D 341 31.08 10.74 38.79
CA GLN D 341 30.84 9.72 39.79
C GLN D 341 31.81 9.95 40.95
N PRO D 342 31.38 9.80 42.21
CA PRO D 342 32.28 9.93 43.35
C PRO D 342 33.42 8.92 43.37
N ARG D 343 34.58 9.40 43.86
CA ARG D 343 35.74 8.58 44.16
C ARG D 343 35.52 7.91 45.51
N PRO D 344 35.79 6.60 45.64
CA PRO D 344 35.68 5.94 46.95
C PRO D 344 36.62 6.52 47.99
N PRO D 345 36.35 6.29 49.29
CA PRO D 345 37.31 6.68 50.31
C PRO D 345 38.67 6.03 50.05
N ALA D 346 39.72 6.86 49.88
CA ALA D 346 41.08 6.37 49.65
C ALA D 346 41.90 6.45 50.94
N ALA D 347 42.95 5.62 51.04
CA ALA D 347 43.79 5.51 52.23
C ALA D 347 44.41 6.87 52.64
N THR D 348 44.91 6.92 53.89
CA THR D 348 45.47 8.15 54.45
C THR D 348 46.68 8.57 53.63
N ILE D 349 46.92 9.88 53.64
CA ILE D 349 48.12 10.41 53.02
C ILE D 349 48.73 11.43 53.96
N ASP D 350 50.03 11.68 53.78
CA ASP D 350 50.80 12.62 54.56
C ASP D 350 50.33 14.05 54.31
N ILE D 351 50.10 14.78 55.40
CA ILE D 351 49.68 16.16 55.37
C ILE D 351 50.73 17.04 54.67
N GLU D 352 51.94 16.50 54.48
CA GLU D 352 53.01 17.16 53.74
C GLU D 352 52.74 17.11 52.24
N ALA D 353 52.48 15.90 51.72
CA ALA D 353 52.07 15.67 50.34
C ALA D 353 50.95 16.62 49.91
N VAL D 354 50.07 16.99 50.85
CA VAL D 354 48.97 17.88 50.52
C VAL D 354 49.45 19.33 50.48
N LEU D 355 50.34 19.72 51.39
CA LEU D 355 50.86 21.08 51.39
C LEU D 355 51.70 21.31 50.13
N THR D 356 52.41 20.23 49.71
CA THR D 356 53.21 20.17 48.49
C THR D 356 52.33 20.59 47.31
N ASP D 357 51.25 19.81 47.15
CA ASP D 357 50.28 19.93 46.07
C ASP D 357 49.70 21.35 46.00
N TRP D 358 49.44 22.00 47.14
CA TRP D 358 48.60 23.19 47.15
C TRP D 358 49.40 24.50 46.99
N ASP D 359 50.43 24.55 46.13
CA ASP D 359 51.05 25.83 45.82
C ASP D 359 51.46 25.89 44.34
N MET E 1 47.26 -27.80 -8.87
CA MET E 1 46.05 -26.93 -8.81
C MET E 1 44.89 -27.56 -9.57
N ALA E 2 43.76 -27.78 -8.88
CA ALA E 2 42.65 -28.56 -9.41
C ALA E 2 41.67 -27.71 -10.21
N GLY E 3 41.27 -28.21 -11.38
CA GLY E 3 40.12 -27.74 -12.10
C GLY E 3 40.49 -27.56 -13.56
N PRO E 4 39.54 -27.19 -14.44
CA PRO E 4 39.83 -27.04 -15.86
C PRO E 4 40.71 -25.86 -16.29
N LEU E 5 40.98 -24.91 -15.37
CA LEU E 5 41.71 -23.69 -15.69
C LEU E 5 43.12 -23.79 -15.11
N SER E 6 43.53 -24.98 -14.69
CA SER E 6 44.90 -25.21 -14.26
C SER E 6 45.82 -24.77 -15.40
N GLY E 7 46.84 -24.02 -15.01
CA GLY E 7 47.77 -23.48 -15.99
C GLY E 7 47.51 -22.02 -16.27
N LEU E 8 46.24 -21.61 -16.30
CA LEU E 8 45.88 -20.23 -16.64
C LEU E 8 46.39 -19.27 -15.57
N ARG E 9 47.02 -18.19 -16.04
CA ARG E 9 47.69 -17.23 -15.17
C ARG E 9 47.04 -15.86 -15.26
N VAL E 10 46.65 -15.35 -14.09
CA VAL E 10 45.75 -14.21 -14.02
C VAL E 10 46.36 -13.21 -13.05
N VAL E 11 46.45 -11.95 -13.53
CA VAL E 11 46.78 -10.80 -12.69
C VAL E 11 45.51 -9.97 -12.47
N GLU E 12 45.22 -9.75 -11.18
CA GLU E 12 44.06 -9.00 -10.71
C GLU E 12 44.50 -7.72 -9.98
N LEU E 13 44.09 -6.56 -10.51
CA LEU E 13 44.37 -5.31 -9.81
C LEU E 13 43.24 -5.04 -8.82
N ALA E 14 43.58 -5.18 -7.54
CA ALA E 14 42.58 -5.18 -6.49
C ALA E 14 41.53 -4.09 -6.69
N GLY E 15 40.28 -4.53 -6.78
CA GLY E 15 39.09 -3.69 -6.80
C GLY E 15 38.02 -4.26 -5.87
N ILE E 16 36.77 -3.82 -6.05
CA ILE E 16 35.63 -4.22 -5.22
C ILE E 16 34.48 -4.67 -6.12
N GLY E 17 33.75 -5.71 -5.70
CA GLY E 17 32.57 -6.12 -6.44
C GLY E 17 32.91 -7.07 -7.60
N PRO E 18 32.57 -6.72 -8.85
CA PRO E 18 32.63 -7.69 -9.92
C PRO E 18 34.05 -8.16 -10.23
N GLY E 19 35.03 -7.26 -10.10
CA GLY E 19 36.41 -7.56 -10.42
C GLY E 19 36.89 -8.77 -9.64
N PRO E 20 36.86 -8.67 -8.30
CA PRO E 20 37.30 -9.78 -7.46
C PRO E 20 36.38 -10.99 -7.50
N HIS E 21 35.19 -10.88 -8.09
CA HIS E 21 34.29 -12.02 -8.11
C HIS E 21 34.66 -12.88 -9.31
N ALA E 22 34.91 -12.21 -10.44
CA ALA E 22 35.40 -12.90 -11.61
C ALA E 22 36.74 -13.54 -11.25
N ALA E 23 37.59 -12.83 -10.51
CA ALA E 23 38.88 -13.42 -10.24
C ALA E 23 38.73 -14.61 -9.30
N MET E 24 37.71 -14.55 -8.43
CA MET E 24 37.46 -15.67 -7.52
C MET E 24 37.05 -16.92 -8.29
N ILE E 25 36.14 -16.77 -9.26
CA ILE E 25 35.67 -17.91 -10.04
C ILE E 25 36.82 -18.53 -10.84
N LEU E 26 37.73 -17.68 -11.37
CA LEU E 26 38.86 -18.19 -12.14
C LEU E 26 39.72 -19.04 -11.20
N GLY E 27 39.95 -18.49 -10.02
CA GLY E 27 40.67 -19.23 -8.99
C GLY E 27 39.96 -20.51 -8.61
N ASP E 28 38.63 -20.42 -8.46
CA ASP E 28 37.85 -21.56 -8.02
C ASP E 28 38.10 -22.72 -8.99
N LEU E 29 38.14 -22.43 -10.29
CA LEU E 29 38.24 -23.47 -11.31
C LEU E 29 39.71 -23.80 -11.62
N GLY E 30 40.62 -23.46 -10.71
CA GLY E 30 42.01 -23.93 -10.84
C GLY E 30 43.00 -22.92 -11.40
N ALA E 31 42.55 -21.73 -11.88
CA ALA E 31 43.45 -20.68 -12.38
C ALA E 31 44.42 -20.19 -11.31
N ASP E 32 45.58 -19.70 -11.78
CA ASP E 32 46.66 -19.21 -10.92
C ASP E 32 46.56 -17.70 -10.80
N VAL E 33 46.01 -17.25 -9.67
CA VAL E 33 45.47 -15.90 -9.61
C VAL E 33 46.31 -15.09 -8.63
N VAL E 34 46.93 -14.03 -9.18
CA VAL E 34 47.76 -13.18 -8.35
C VAL E 34 47.15 -11.78 -8.32
N ARG E 35 46.90 -11.32 -7.09
CA ARG E 35 46.12 -10.13 -6.82
C ARG E 35 47.01 -9.03 -6.24
N ILE E 36 47.11 -7.91 -6.96
CA ILE E 36 48.02 -6.84 -6.56
C ILE E 36 47.21 -5.78 -5.82
N ASP E 37 47.56 -5.58 -4.55
CA ASP E 37 46.85 -4.66 -3.68
C ASP E 37 47.80 -3.53 -3.26
N ARG E 38 47.23 -2.44 -2.76
CA ARG E 38 48.00 -1.36 -2.16
C ARG E 38 48.63 -1.86 -0.85
N PRO E 39 49.89 -1.48 -0.54
CA PRO E 39 50.41 -1.68 0.82
C PRO E 39 49.56 -0.96 1.87
N SER E 40 49.02 0.22 1.51
CA SER E 40 48.21 1.02 2.41
C SER E 40 46.98 0.25 2.89
N SER E 41 46.49 -0.70 2.08
CA SER E 41 45.30 -1.48 2.41
C SER E 41 45.66 -2.73 3.20
N VAL E 42 46.09 -3.79 2.49
CA VAL E 42 46.09 -5.13 3.05
C VAL E 42 47.04 -5.15 4.26
N ASP E 43 46.69 -5.97 5.26
CA ASP E 43 47.14 -5.77 6.62
C ASP E 43 46.67 -6.96 7.47
N GLY E 44 47.56 -7.96 7.61
CA GLY E 44 47.17 -9.27 8.12
C GLY E 44 46.36 -10.04 7.08
N ILE E 45 45.88 -11.23 7.45
CA ILE E 45 45.16 -12.10 6.53
C ILE E 45 43.72 -11.60 6.37
N SER E 46 43.26 -11.58 5.11
CA SER E 46 41.93 -11.08 4.77
C SER E 46 40.84 -11.97 5.37
N ARG E 47 39.77 -11.33 5.87
CA ARG E 47 38.62 -12.07 6.36
C ARG E 47 37.48 -12.11 5.33
N ASP E 48 37.72 -11.56 4.12
CA ASP E 48 36.76 -11.63 3.01
C ASP E 48 36.93 -12.92 2.20
N ALA E 49 35.94 -13.81 2.36
CA ALA E 49 35.93 -15.10 1.68
C ALA E 49 35.96 -14.94 0.15
N MET E 50 35.68 -13.74 -0.39
CA MET E 50 35.75 -13.54 -1.83
C MET E 50 37.20 -13.54 -2.34
N LEU E 51 38.18 -13.39 -1.43
CA LEU E 51 39.59 -13.43 -1.76
C LEU E 51 40.22 -14.81 -1.55
N ARG E 52 39.41 -15.87 -1.65
CA ARG E 52 39.90 -17.24 -1.62
C ARG E 52 40.50 -17.58 -2.98
N ASN E 53 41.30 -18.66 -3.03
CA ASN E 53 42.01 -19.08 -4.24
C ASN E 53 42.85 -17.93 -4.84
N ARG E 54 43.63 -17.23 -4.00
CA ARG E 54 44.46 -16.12 -4.44
C ARG E 54 45.92 -16.29 -4.00
N ARG E 55 46.84 -15.62 -4.70
CA ARG E 55 48.03 -15.09 -4.04
C ARG E 55 47.93 -13.56 -4.01
N ILE E 56 47.99 -12.99 -2.79
CA ILE E 56 47.94 -11.55 -2.53
C ILE E 56 49.36 -10.98 -2.51
N VAL E 57 49.61 -9.94 -3.33
CA VAL E 57 50.87 -9.21 -3.28
C VAL E 57 50.59 -7.72 -3.10
N THR E 58 51.50 -7.06 -2.37
CA THR E 58 51.49 -5.63 -2.05
C THR E 58 52.43 -4.89 -3.01
N ALA E 59 51.97 -3.78 -3.61
CA ALA E 59 52.81 -2.93 -4.44
C ALA E 59 52.14 -1.57 -4.75
N ASP E 60 52.83 -0.48 -4.40
CA ASP E 60 52.46 0.87 -4.79
C ASP E 60 52.70 1.05 -6.28
N LEU E 61 51.62 1.07 -7.08
CA LEU E 61 51.72 1.13 -8.53
C LEU E 61 52.04 2.55 -9.04
N LYS E 62 51.99 3.54 -8.14
CA LYS E 62 52.36 4.90 -8.50
C LYS E 62 53.89 4.97 -8.52
N SER E 63 54.56 4.33 -7.55
CA SER E 63 56.01 4.34 -7.47
C SER E 63 56.63 3.53 -8.62
N ASP E 64 57.88 3.86 -8.97
CA ASP E 64 58.49 3.40 -10.21
C ASP E 64 58.88 1.93 -10.15
N GLN E 65 59.24 1.46 -8.96
CA GLN E 65 59.65 0.07 -8.80
C GLN E 65 58.42 -0.85 -8.81
N GLY E 66 57.34 -0.41 -8.14
CA GLY E 66 56.04 -1.08 -8.17
C GLY E 66 55.55 -1.31 -9.60
N LEU E 67 55.55 -0.26 -10.44
CA LEU E 67 55.04 -0.36 -11.80
C LEU E 67 55.83 -1.39 -12.59
N GLU E 68 57.15 -1.46 -12.34
CA GLU E 68 57.97 -2.29 -13.19
C GLU E 68 57.79 -3.75 -12.76
N LEU E 69 57.69 -4.00 -11.45
CA LEU E 69 57.35 -5.30 -10.91
C LEU E 69 56.00 -5.81 -11.43
N ALA E 70 54.96 -4.98 -11.33
CA ALA E 70 53.65 -5.28 -11.88
C ALA E 70 53.74 -5.61 -13.38
N LEU E 71 54.61 -4.90 -14.11
CA LEU E 71 54.74 -5.19 -15.54
C LEU E 71 55.43 -6.53 -15.80
N LYS E 72 56.19 -7.07 -14.83
CA LYS E 72 56.87 -8.32 -15.03
C LYS E 72 55.91 -9.47 -14.77
N LEU E 73 55.08 -9.36 -13.73
CA LEU E 73 53.94 -10.25 -13.52
C LEU E 73 53.12 -10.30 -14.80
N ILE E 74 52.65 -9.14 -15.23
CA ILE E 74 51.76 -9.09 -16.37
C ILE E 74 52.39 -9.77 -17.59
N ALA E 75 53.74 -9.73 -17.68
CA ALA E 75 54.46 -10.20 -18.86
C ALA E 75 54.35 -11.72 -19.01
N LYS E 76 54.37 -12.46 -17.90
CA LYS E 76 54.26 -13.91 -17.97
C LYS E 76 52.87 -14.42 -17.57
N ALA E 77 51.83 -13.57 -17.67
CA ALA E 77 50.46 -13.95 -17.34
C ALA E 77 49.62 -13.96 -18.60
N ASP E 78 48.45 -14.62 -18.53
CA ASP E 78 47.55 -14.74 -19.68
C ASP E 78 46.47 -13.66 -19.65
N VAL E 79 46.14 -13.22 -18.43
CA VAL E 79 44.92 -12.45 -18.23
C VAL E 79 45.18 -11.35 -17.22
N LEU E 80 44.76 -10.14 -17.60
CA LEU E 80 44.76 -9.05 -16.62
C LEU E 80 43.32 -8.61 -16.39
N ILE E 81 43.03 -8.41 -15.08
CA ILE E 81 41.71 -7.92 -14.64
C ILE E 81 41.90 -6.64 -13.84
N GLU E 82 41.21 -5.61 -14.32
CA GLU E 82 41.14 -4.35 -13.60
C GLU E 82 39.70 -3.85 -13.69
N GLY E 83 39.23 -3.24 -12.60
CA GLY E 83 37.95 -2.55 -12.60
C GLY E 83 38.01 -1.19 -11.92
N TYR E 84 38.99 -0.37 -12.35
CA TYR E 84 39.01 1.06 -12.06
C TYR E 84 38.25 1.79 -13.15
N ARG E 85 38.04 3.10 -12.94
CA ARG E 85 37.44 3.93 -13.95
C ARG E 85 38.35 3.92 -15.17
N PRO E 86 37.78 4.14 -16.36
CA PRO E 86 38.58 4.28 -17.57
C PRO E 86 39.66 5.34 -17.41
N GLY E 87 40.85 5.04 -17.94
CA GLY E 87 41.97 5.96 -17.93
C GLY E 87 42.89 5.74 -16.73
N VAL E 88 42.41 5.03 -15.69
CA VAL E 88 43.19 4.90 -14.47
C VAL E 88 44.43 4.03 -14.71
N THR E 89 44.25 2.88 -15.37
CA THR E 89 45.41 2.04 -15.62
C THR E 89 46.30 2.78 -16.62
N GLU E 90 45.71 3.51 -17.58
CA GLU E 90 46.51 4.26 -18.54
C GLU E 90 47.51 5.14 -17.78
N ARG E 91 47.01 5.99 -16.87
CA ARG E 91 47.82 6.93 -16.12
C ARG E 91 48.90 6.22 -15.34
N LEU E 92 48.59 5.07 -14.73
CA LEU E 92 49.62 4.35 -13.98
C LEU E 92 50.70 3.77 -14.90
N GLY E 93 50.42 3.67 -16.21
CA GLY E 93 51.25 2.99 -17.20
C GLY E 93 51.02 1.46 -17.26
N LEU E 94 49.74 1.06 -17.06
CA LEU E 94 49.30 -0.33 -17.06
C LEU E 94 48.16 -0.48 -18.06
N GLY E 95 48.04 0.49 -18.97
CA GLY E 95 47.03 0.50 -20.00
C GLY E 95 47.18 -0.68 -20.94
N PRO E 96 46.17 -0.98 -21.77
CA PRO E 96 46.29 -2.03 -22.76
C PRO E 96 47.60 -1.95 -23.55
N GLU E 97 47.97 -0.73 -23.99
CA GLU E 97 49.09 -0.54 -24.89
C GLU E 97 50.44 -0.75 -24.23
N GLU E 98 50.61 -0.24 -23.01
CA GLU E 98 51.81 -0.49 -22.22
C GLU E 98 51.97 -1.98 -21.91
N CYS E 99 50.84 -2.65 -21.73
CA CYS E 99 50.83 -4.06 -21.40
C CYS E 99 51.16 -4.84 -22.68
N ALA E 100 50.63 -4.40 -23.83
CA ALA E 100 50.83 -5.06 -25.10
C ALA E 100 52.30 -5.01 -25.53
N LYS E 101 53.09 -4.10 -24.95
CA LYS E 101 54.51 -4.03 -25.22
C LYS E 101 55.21 -5.23 -24.60
N VAL E 102 54.83 -5.62 -23.38
CA VAL E 102 55.55 -6.68 -22.69
C VAL E 102 54.86 -8.04 -22.81
N ASN E 103 53.79 -8.15 -23.64
CA ASN E 103 52.99 -9.37 -23.71
C ASN E 103 51.89 -9.27 -24.76
N ASP E 104 52.21 -9.63 -26.02
CA ASP E 104 51.28 -9.46 -27.13
C ASP E 104 50.14 -10.48 -27.09
N ARG E 105 50.13 -11.39 -26.11
CA ARG E 105 49.09 -12.41 -26.11
C ARG E 105 48.07 -12.17 -24.98
N LEU E 106 48.22 -11.06 -24.24
CA LEU E 106 47.47 -10.78 -23.03
C LEU E 106 46.00 -10.52 -23.34
N ILE E 107 45.15 -11.19 -22.56
CA ILE E 107 43.74 -10.87 -22.50
C ILE E 107 43.57 -9.78 -21.44
N TYR E 108 43.16 -8.60 -21.94
CA TYR E 108 43.05 -7.41 -21.09
C TYR E 108 41.59 -7.19 -20.71
N ALA E 109 41.26 -7.44 -19.44
CA ALA E 109 39.85 -7.47 -19.08
C ALA E 109 39.49 -6.28 -18.19
N ARG E 110 38.58 -5.46 -18.74
CA ARG E 110 38.18 -4.19 -18.15
C ARG E 110 36.72 -4.23 -17.68
N MET E 111 36.59 -4.19 -16.34
CA MET E 111 35.33 -4.34 -15.61
C MET E 111 34.80 -2.99 -15.14
N THR E 112 33.76 -2.50 -15.81
CA THR E 112 33.20 -1.21 -15.41
C THR E 112 31.67 -1.37 -15.37
N GLY E 113 31.02 -0.29 -14.90
CA GLY E 113 29.59 -0.19 -14.85
C GLY E 113 29.05 0.39 -16.14
N TRP E 114 29.59 1.55 -16.52
CA TRP E 114 29.07 2.32 -17.64
C TRP E 114 29.83 2.05 -18.96
N GLY E 115 30.98 1.37 -18.90
CA GLY E 115 31.76 1.15 -20.11
C GLY E 115 32.97 2.09 -20.23
N GLN E 116 33.72 1.91 -21.32
CA GLN E 116 35.02 2.53 -21.47
C GLN E 116 34.86 3.93 -22.03
N THR E 117 33.81 4.17 -22.82
CA THR E 117 33.55 5.48 -23.38
C THR E 117 32.10 5.87 -23.15
N GLY E 118 31.76 7.11 -23.53
CA GLY E 118 30.43 7.65 -23.48
C GLY E 118 30.27 8.61 -22.31
N PRO E 119 29.15 9.35 -22.32
CA PRO E 119 28.91 10.45 -21.39
C PRO E 119 28.93 10.08 -19.90
N ARG E 120 28.69 8.81 -19.57
CA ARG E 120 28.65 8.43 -18.16
C ARG E 120 29.93 7.70 -17.77
N SER E 121 30.91 7.60 -18.68
CA SER E 121 32.02 6.69 -18.47
C SER E 121 32.86 7.08 -17.29
N GLN E 122 32.77 8.34 -16.83
CA GLN E 122 33.55 8.73 -15.65
C GLN E 122 32.68 8.92 -14.40
N GLN E 123 31.35 8.82 -14.50
CA GLN E 123 30.47 8.94 -13.35
C GLN E 123 30.67 7.78 -12.38
N ALA E 124 30.73 8.10 -11.08
CA ALA E 124 30.67 7.08 -10.05
C ALA E 124 29.30 6.39 -10.10
N GLY E 125 29.26 5.19 -9.54
CA GLY E 125 28.03 4.43 -9.55
C GLY E 125 28.18 3.09 -8.84
N HIS E 126 27.02 2.49 -8.63
CA HIS E 126 26.94 1.16 -8.06
C HIS E 126 25.84 0.41 -8.79
N ASP E 127 25.69 -0.86 -8.41
CA ASP E 127 24.78 -1.78 -9.09
C ASP E 127 23.46 -1.10 -9.40
N ILE E 128 22.85 -0.52 -8.37
CA ILE E 128 21.50 0.01 -8.49
C ILE E 128 21.36 1.05 -9.59
N ASN E 129 22.45 1.81 -9.83
CA ASN E 129 22.45 2.85 -10.84
C ASN E 129 22.48 2.24 -12.25
N TYR E 130 23.34 1.24 -12.46
CA TYR E 130 23.46 0.62 -13.78
C TYR E 130 22.12 -0.02 -14.21
N ILE E 131 21.46 -0.70 -13.26
CA ILE E 131 20.20 -1.38 -13.58
C ILE E 131 19.02 -0.42 -13.58
N SER E 132 19.19 0.79 -13.04
CA SER E 132 18.13 1.80 -13.19
C SER E 132 17.99 2.27 -14.65
N LEU E 133 19.11 2.27 -15.37
CA LEU E 133 19.19 2.99 -16.64
C LEU E 133 18.73 2.13 -17.81
N ASN E 134 18.66 0.81 -17.62
CA ASN E 134 18.42 -0.11 -18.72
C ASN E 134 17.10 -0.85 -18.57
N GLY E 135 16.24 -0.39 -17.64
CA GLY E 135 14.86 -0.84 -17.54
C GLY E 135 14.64 -1.98 -16.53
N ILE E 136 15.76 -2.54 -16.00
CA ILE E 136 15.72 -3.70 -15.15
C ILE E 136 15.12 -3.36 -13.78
N LEU E 137 15.69 -2.36 -13.11
CA LEU E 137 15.25 -2.03 -11.76
C LEU E 137 13.77 -1.69 -11.77
N HIS E 138 13.31 -1.04 -12.83
CA HIS E 138 11.92 -0.63 -12.90
C HIS E 138 10.97 -1.83 -12.86
N ALA E 139 11.43 -3.00 -13.28
CA ALA E 139 10.55 -4.13 -13.46
C ALA E 139 10.41 -4.99 -12.20
N ILE E 140 11.19 -4.67 -11.13
CA ILE E 140 11.34 -5.51 -9.95
C ILE E 140 10.62 -4.92 -8.75
N GLY E 141 9.65 -5.67 -8.24
CA GLY E 141 8.96 -5.37 -6.99
C GLY E 141 7.46 -5.39 -7.20
N ARG E 142 6.72 -5.13 -6.15
CA ARG E 142 5.26 -5.09 -6.24
C ARG E 142 4.76 -3.85 -6.98
N GLY E 143 3.58 -4.01 -7.58
CA GLY E 143 3.01 -3.01 -8.47
C GLY E 143 2.67 -1.72 -7.74
N ASP E 144 2.29 -1.83 -6.48
CA ASP E 144 1.79 -0.67 -5.76
C ASP E 144 2.93 0.05 -5.01
N GLU E 145 4.19 -0.22 -5.36
CA GLU E 145 5.29 0.19 -4.50
C GLU E 145 6.47 0.62 -5.35
N ARG E 146 7.40 1.32 -4.73
CA ARG E 146 8.58 1.68 -5.48
C ARG E 146 9.46 0.46 -5.77
N PRO E 147 10.23 0.48 -6.88
CA PRO E 147 11.05 -0.65 -7.23
C PRO E 147 12.00 -1.04 -6.12
N VAL E 148 12.29 -2.34 -6.04
CA VAL E 148 13.16 -2.86 -5.00
C VAL E 148 14.42 -3.42 -5.66
N PRO E 149 15.59 -3.11 -5.10
CA PRO E 149 16.82 -3.63 -5.62
C PRO E 149 17.01 -5.11 -5.33
N PRO E 150 17.32 -5.91 -6.35
CA PRO E 150 17.58 -7.32 -6.16
C PRO E 150 19.01 -7.53 -5.66
N LEU E 151 19.26 -7.06 -4.44
CA LEU E 151 20.59 -6.81 -3.94
C LEU E 151 21.46 -6.23 -5.06
N ASN E 152 22.74 -6.61 -5.06
CA ASN E 152 23.64 -6.28 -6.16
C ASN E 152 23.89 -7.50 -7.05
N LEU E 153 22.85 -8.32 -7.29
CA LEU E 153 23.05 -9.59 -7.95
C LEU E 153 23.11 -9.39 -9.45
N VAL E 154 22.33 -8.46 -9.96
CA VAL E 154 22.07 -8.39 -11.36
C VAL E 154 23.10 -7.50 -12.08
N GLY E 155 23.59 -6.43 -11.45
CA GLY E 155 24.53 -5.55 -12.15
C GLY E 155 25.98 -6.01 -11.95
N ASP E 156 26.38 -6.09 -10.70
CA ASP E 156 27.70 -6.55 -10.33
C ASP E 156 27.96 -7.96 -10.84
N PHE E 157 27.04 -8.93 -10.63
CA PHE E 157 27.48 -10.32 -10.74
C PHE E 157 26.87 -10.91 -12.00
N GLY E 158 25.56 -11.08 -12.01
CA GLY E 158 24.89 -11.64 -13.15
C GLY E 158 25.37 -10.97 -14.43
N GLY E 159 25.37 -9.63 -14.42
CA GLY E 159 25.52 -8.89 -15.66
C GLY E 159 26.90 -8.25 -15.73
N GLY E 160 27.73 -8.59 -14.74
CA GLY E 160 28.99 -7.90 -14.49
C GLY E 160 30.15 -8.88 -14.63
N SER E 161 30.62 -9.40 -13.51
CA SER E 161 31.65 -10.42 -13.42
C SER E 161 31.41 -11.59 -14.37
N MET E 162 30.16 -12.06 -14.48
CA MET E 162 29.90 -13.26 -15.25
C MET E 162 30.20 -13.00 -16.71
N PHE E 163 29.89 -11.79 -17.19
CA PHE E 163 30.13 -11.44 -18.56
C PHE E 163 31.61 -11.12 -18.76
N LEU E 164 32.31 -10.71 -17.71
CA LEU E 164 33.74 -10.55 -17.77
C LEU E 164 34.36 -11.92 -18.02
N LEU E 165 33.87 -12.94 -17.30
CA LEU E 165 34.38 -14.28 -17.45
C LEU E 165 34.14 -14.78 -18.87
N VAL E 166 32.91 -14.71 -19.36
CA VAL E 166 32.64 -15.18 -20.71
C VAL E 166 33.54 -14.47 -21.72
N GLY E 167 33.89 -13.21 -21.45
CA GLY E 167 34.73 -12.42 -22.34
C GLY E 167 36.17 -12.93 -22.33
N ILE E 168 36.73 -13.09 -21.14
CA ILE E 168 38.05 -13.66 -20.94
C ILE E 168 38.20 -15.02 -21.66
N LEU E 169 37.27 -15.95 -21.40
CA LEU E 169 37.39 -17.31 -21.87
C LEU E 169 37.08 -17.38 -23.36
N ALA E 170 36.14 -16.58 -23.87
CA ALA E 170 35.92 -16.50 -25.30
C ALA E 170 37.12 -15.90 -26.02
N ALA E 171 37.88 -15.06 -25.31
CA ALA E 171 39.06 -14.43 -25.88
C ALA E 171 40.21 -15.42 -25.91
N LEU E 172 40.33 -16.25 -24.86
CA LEU E 172 41.33 -17.31 -24.81
C LEU E 172 41.13 -18.34 -25.91
N TRP E 173 39.89 -18.57 -26.35
CA TRP E 173 39.62 -19.48 -27.45
C TRP E 173 40.07 -18.88 -28.78
N GLU E 174 39.74 -17.60 -28.96
CA GLU E 174 40.17 -16.86 -30.14
C GLU E 174 41.69 -16.85 -30.23
N ARG E 175 42.38 -16.71 -29.08
CA ARG E 175 43.82 -16.65 -29.05
C ARG E 175 44.45 -17.97 -29.51
N GLN E 176 43.78 -19.10 -29.28
CA GLN E 176 44.33 -20.39 -29.67
C GLN E 176 44.54 -20.40 -31.18
N SER E 177 43.65 -19.76 -31.96
CA SER E 177 43.74 -19.80 -33.41
C SER E 177 44.29 -18.50 -34.02
N SER E 178 44.60 -17.47 -33.21
CA SER E 178 45.12 -16.23 -33.77
C SER E 178 46.51 -15.89 -33.23
N GLY E 179 46.89 -16.44 -32.08
CA GLY E 179 48.15 -16.11 -31.41
C GLY E 179 48.10 -14.79 -30.64
N LYS E 180 47.11 -13.91 -30.93
CA LYS E 180 47.04 -12.57 -30.34
C LYS E 180 46.01 -12.47 -29.17
N GLY E 181 46.33 -11.58 -28.21
CA GLY E 181 45.40 -11.15 -27.18
C GLY E 181 44.45 -10.06 -27.69
N GLN E 182 43.76 -9.41 -26.75
CA GLN E 182 42.87 -8.32 -27.10
C GLN E 182 42.28 -7.80 -25.79
N VAL E 183 41.45 -6.76 -25.92
CA VAL E 183 40.88 -6.08 -24.77
C VAL E 183 39.41 -6.47 -24.64
N VAL E 184 39.01 -6.83 -23.41
CA VAL E 184 37.59 -7.07 -23.15
C VAL E 184 37.00 -5.91 -22.36
N ASP E 185 36.03 -5.21 -22.97
CA ASP E 185 35.21 -4.19 -22.35
C ASP E 185 33.89 -4.82 -21.83
N ALA E 186 33.88 -5.18 -20.54
CA ALA E 186 32.68 -5.68 -19.86
C ALA E 186 32.02 -4.56 -19.03
N ALA E 187 30.94 -4.01 -19.57
CA ALA E 187 30.13 -3.02 -18.88
C ALA E 187 28.85 -3.64 -18.30
N MET E 188 28.63 -3.41 -16.99
CA MET E 188 27.48 -3.90 -16.24
C MET E 188 26.17 -3.50 -16.90
N VAL E 189 26.10 -2.28 -17.42
CA VAL E 189 24.89 -1.87 -18.11
C VAL E 189 24.67 -2.68 -19.38
N ASP E 190 25.71 -3.34 -19.92
CA ASP E 190 25.54 -4.08 -21.18
C ASP E 190 25.14 -5.51 -20.86
N GLY E 191 25.95 -6.15 -20.02
CA GLY E 191 25.77 -7.53 -19.65
C GLY E 191 24.38 -7.73 -19.06
N SER E 192 23.99 -6.82 -18.15
CA SER E 192 22.76 -6.93 -17.39
C SER E 192 21.63 -6.87 -18.41
N SER E 193 21.85 -6.15 -19.53
CA SER E 193 20.86 -6.03 -20.59
C SER E 193 20.71 -7.35 -21.38
N VAL E 194 21.81 -8.08 -21.57
CA VAL E 194 21.78 -9.35 -22.27
C VAL E 194 21.16 -10.35 -21.31
N LEU E 195 21.46 -10.17 -20.03
CA LEU E 195 20.95 -11.03 -18.99
C LEU E 195 19.44 -11.01 -19.04
N ILE E 196 18.85 -9.86 -19.36
CA ILE E 196 17.41 -9.75 -19.35
C ILE E 196 16.84 -9.84 -20.76
N GLN E 197 17.61 -10.45 -21.66
CA GLN E 197 17.18 -10.53 -23.06
C GLN E 197 15.76 -11.10 -23.19
N MET E 198 15.41 -12.08 -22.35
CA MET E 198 14.10 -12.70 -22.44
C MET E 198 12.98 -11.67 -22.32
N MET E 199 13.12 -10.72 -21.36
CA MET E 199 12.04 -9.75 -21.18
C MET E 199 11.93 -8.90 -22.44
N TRP E 200 13.08 -8.53 -23.03
CA TRP E 200 13.06 -7.75 -24.26
C TRP E 200 12.40 -8.54 -25.40
N ALA E 201 12.66 -9.85 -25.48
CA ALA E 201 11.98 -10.71 -26.46
C ALA E 201 10.47 -10.68 -26.23
N MET E 202 10.05 -11.01 -25.00
CA MET E 202 8.64 -11.11 -24.67
C MET E 202 7.94 -9.77 -24.93
N ARG E 203 8.67 -8.65 -24.75
CA ARG E 203 8.07 -7.34 -24.91
C ARG E 203 7.68 -7.12 -26.36
N ALA E 204 8.58 -7.52 -27.26
CA ALA E 204 8.39 -7.41 -28.70
C ALA E 204 7.10 -8.12 -29.16
N THR E 205 6.68 -9.17 -28.45
CA THR E 205 5.57 -10.01 -28.88
C THR E 205 4.36 -9.79 -27.99
N GLY E 206 4.37 -8.71 -27.20
CA GLY E 206 3.26 -8.38 -26.32
C GLY E 206 3.04 -9.38 -25.19
N MET E 207 4.04 -10.19 -24.83
CA MET E 207 3.95 -11.09 -23.69
C MET E 207 4.61 -10.51 -22.42
N TRP E 208 5.08 -9.27 -22.42
CA TRP E 208 5.63 -8.61 -21.22
C TRP E 208 5.27 -7.13 -21.28
N THR E 209 4.67 -6.56 -20.22
CA THR E 209 4.43 -5.12 -20.16
C THR E 209 5.38 -4.45 -19.15
N ASP E 210 5.48 -3.12 -19.30
CA ASP E 210 6.35 -2.30 -18.47
C ASP E 210 5.67 -1.99 -17.15
N THR E 211 4.40 -2.38 -17.01
CA THR E 211 3.74 -2.34 -15.72
C THR E 211 4.40 -3.32 -14.74
N ARG E 212 4.88 -2.78 -13.63
CA ARG E 212 5.49 -3.57 -12.58
C ARG E 212 4.44 -4.42 -11.87
N GLY E 213 4.75 -5.69 -11.60
CA GLY E 213 3.84 -6.53 -10.82
C GLY E 213 2.65 -7.03 -11.63
N ALA E 214 2.79 -7.07 -12.95
CA ALA E 214 1.68 -7.45 -13.79
C ALA E 214 2.09 -8.43 -14.90
N ASN E 215 3.15 -9.21 -14.68
CA ASN E 215 3.62 -10.14 -15.71
C ASN E 215 3.76 -11.56 -15.13
N MET E 216 4.12 -12.52 -15.99
CA MET E 216 4.13 -13.91 -15.57
C MET E 216 5.25 -14.19 -14.54
N LEU E 217 6.38 -13.46 -14.60
CA LEU E 217 7.56 -13.80 -13.83
C LEU E 217 8.00 -12.70 -12.86
N ASP E 218 7.16 -11.68 -12.61
CA ASP E 218 7.54 -10.58 -11.73
C ASP E 218 6.82 -10.62 -10.38
N GLY E 219 5.99 -11.65 -10.17
CA GLY E 219 5.25 -11.77 -8.95
C GLY E 219 3.78 -11.48 -9.21
N GLY E 220 3.48 -11.03 -10.42
CA GLY E 220 2.12 -10.74 -10.79
C GLY E 220 1.25 -11.98 -10.97
N ALA E 221 1.82 -13.10 -11.38
CA ALA E 221 1.06 -14.33 -11.58
C ALA E 221 0.84 -15.05 -10.25
N PRO E 222 -0.39 -15.44 -9.91
CA PRO E 222 -0.62 -16.15 -8.67
C PRO E 222 0.10 -17.50 -8.57
N TYR E 223 0.42 -18.08 -9.72
CA TYR E 223 1.11 -19.37 -9.75
C TYR E 223 2.63 -19.18 -9.82
N TYR E 224 3.12 -17.93 -9.77
CA TYR E 224 4.57 -17.66 -9.80
C TYR E 224 4.89 -16.55 -8.80
N ASP E 225 4.97 -16.95 -7.51
CA ASP E 225 5.08 -16.00 -6.42
C ASP E 225 5.34 -16.75 -5.13
N THR E 226 5.60 -15.99 -4.06
CA THR E 226 5.67 -16.52 -2.71
C THR E 226 4.31 -16.38 -2.00
N TYR E 227 4.16 -17.22 -0.96
CA TYR E 227 2.97 -17.20 -0.14
C TYR E 227 3.37 -17.36 1.31
N GLU E 228 2.72 -16.59 2.16
CA GLU E 228 2.98 -16.69 3.56
C GLU E 228 2.17 -17.85 4.13
N CYS E 229 2.79 -18.60 5.05
CA CYS E 229 2.21 -19.80 5.64
C CYS E 229 1.75 -19.49 7.06
N ALA E 230 1.18 -20.51 7.75
CA ALA E 230 0.55 -20.29 9.05
C ALA E 230 1.56 -19.84 10.09
N ASP E 231 2.82 -20.25 9.91
CA ASP E 231 3.84 -19.88 10.88
C ASP E 231 4.51 -18.54 10.53
N GLY E 232 4.08 -17.83 9.49
CA GLY E 232 4.74 -16.57 9.15
C GLY E 232 5.96 -16.76 8.22
N ARG E 233 6.35 -18.01 7.90
CA ARG E 233 7.38 -18.29 6.93
C ARG E 233 6.74 -18.47 5.56
N TYR E 234 7.56 -18.70 4.51
CA TYR E 234 7.07 -18.58 3.16
C TYR E 234 7.36 -19.83 2.35
N VAL E 235 6.58 -19.99 1.27
CA VAL E 235 6.87 -20.95 0.23
C VAL E 235 6.93 -20.22 -1.10
N ALA E 236 7.60 -20.81 -2.07
CA ALA E 236 7.58 -20.34 -3.44
C ALA E 236 6.79 -21.31 -4.29
N VAL E 237 5.95 -20.73 -5.14
CA VAL E 237 5.19 -21.44 -6.14
C VAL E 237 5.69 -21.00 -7.51
N GLY E 238 6.05 -21.97 -8.35
CA GLY E 238 6.40 -21.65 -9.72
C GLY E 238 5.78 -22.60 -10.72
N ALA E 239 4.49 -22.89 -10.51
CA ALA E 239 3.73 -23.85 -11.29
C ALA E 239 3.18 -23.21 -12.55
N ILE E 240 4.09 -23.05 -13.51
CA ILE E 240 3.75 -22.42 -14.76
C ILE E 240 2.96 -23.37 -15.66
N GLU E 241 3.50 -24.59 -15.86
CA GLU E 241 2.93 -25.57 -16.78
C GLU E 241 1.62 -26.09 -16.20
N PRO E 242 0.55 -26.20 -17.01
CA PRO E 242 -0.76 -26.53 -16.45
C PRO E 242 -0.79 -27.79 -15.59
N GLN E 243 0.04 -28.76 -15.94
CA GLN E 243 0.01 -30.07 -15.29
C GLN E 243 0.63 -29.95 -13.92
N PHE E 244 1.63 -29.07 -13.80
CA PHE E 244 2.27 -28.83 -12.51
C PHE E 244 1.34 -27.97 -11.64
N TYR E 245 0.65 -27.00 -12.25
CA TYR E 245 -0.37 -26.23 -11.53
C TYR E 245 -1.47 -27.16 -10.99
N ALA E 246 -1.94 -28.12 -11.79
CA ALA E 246 -3.01 -29.00 -11.29
C ALA E 246 -2.52 -29.82 -10.11
N ALA E 247 -1.28 -30.30 -10.21
CA ALA E 247 -0.72 -31.07 -9.12
C ALA E 247 -0.73 -30.24 -7.84
N MET E 248 -0.41 -28.97 -7.99
CA MET E 248 -0.38 -28.07 -6.84
C MET E 248 -1.76 -27.93 -6.20
N LEU E 249 -2.76 -27.63 -7.02
CA LEU E 249 -4.12 -27.45 -6.52
C LEU E 249 -4.57 -28.71 -5.75
N ALA E 250 -4.28 -29.89 -6.30
CA ALA E 250 -4.67 -31.12 -5.63
C ALA E 250 -4.01 -31.23 -4.26
N GLY E 251 -2.76 -30.80 -4.14
CA GLY E 251 -2.07 -30.90 -2.87
C GLY E 251 -2.61 -29.91 -1.86
N LEU E 252 -3.14 -28.79 -2.34
CA LEU E 252 -3.78 -27.79 -1.49
C LEU E 252 -5.21 -28.17 -1.18
N GLY E 253 -5.75 -29.17 -1.89
CA GLY E 253 -7.07 -29.64 -1.56
C GLY E 253 -8.11 -28.72 -2.21
N LEU E 254 -7.75 -28.13 -3.35
CA LEU E 254 -8.65 -27.23 -4.04
C LEU E 254 -9.09 -27.89 -5.33
N ASP E 255 -10.36 -27.75 -5.59
CA ASP E 255 -10.98 -28.36 -6.74
C ASP E 255 -10.81 -27.38 -7.89
N ALA E 256 -10.15 -27.78 -8.98
CA ALA E 256 -10.00 -26.92 -10.16
C ALA E 256 -11.33 -26.29 -10.57
N ALA E 257 -12.45 -27.00 -10.38
CA ALA E 257 -13.73 -26.56 -10.90
C ALA E 257 -14.30 -25.40 -10.07
N GLU E 258 -13.79 -25.17 -8.87
CA GLU E 258 -14.19 -24.02 -8.07
C GLU E 258 -13.29 -22.78 -8.30
N LEU E 259 -12.29 -22.82 -9.19
CA LEU E 259 -11.29 -21.77 -9.27
C LEU E 259 -11.39 -21.07 -10.61
N PRO E 260 -11.00 -19.79 -10.71
CA PRO E 260 -10.90 -19.18 -12.02
C PRO E 260 -9.80 -19.84 -12.83
N PRO E 261 -9.82 -19.78 -14.16
CA PRO E 261 -8.78 -20.39 -14.96
C PRO E 261 -7.39 -19.86 -14.60
N GLN E 262 -6.35 -20.68 -14.77
CA GLN E 262 -5.01 -20.33 -14.33
C GLN E 262 -4.54 -19.02 -14.95
N ASN E 263 -4.87 -18.79 -16.22
CA ASN E 263 -4.33 -17.68 -16.96
C ASN E 263 -5.40 -16.67 -17.37
N ASP E 264 -6.49 -16.57 -16.59
CA ASP E 264 -7.41 -15.46 -16.74
C ASP E 264 -6.91 -14.33 -15.84
N ARG E 265 -6.13 -13.43 -16.46
CA ARG E 265 -5.47 -12.38 -15.71
C ARG E 265 -6.48 -11.49 -14.99
N ALA E 266 -7.65 -11.26 -15.59
CA ALA E 266 -8.66 -10.41 -14.97
C ALA E 266 -9.03 -10.94 -13.58
N ARG E 267 -8.91 -12.27 -13.39
CA ARG E 267 -9.36 -12.91 -12.17
C ARG E 267 -8.18 -13.38 -11.31
N TRP E 268 -6.98 -12.88 -11.60
CA TRP E 268 -5.83 -13.25 -10.80
C TRP E 268 -5.99 -12.84 -9.35
N PRO E 269 -6.54 -11.65 -9.02
CA PRO E 269 -6.79 -11.32 -7.62
C PRO E 269 -7.70 -12.33 -6.90
N GLU E 270 -8.75 -12.82 -7.56
CA GLU E 270 -9.63 -13.84 -6.99
C GLU E 270 -8.84 -15.15 -6.79
N LEU E 271 -8.14 -15.59 -7.85
CA LEU E 271 -7.26 -16.76 -7.75
C LEU E 271 -6.27 -16.61 -6.59
N ARG E 272 -5.60 -15.46 -6.46
CA ARG E 272 -4.58 -15.29 -5.44
C ARG E 272 -5.17 -15.33 -4.02
N ALA E 273 -6.40 -14.81 -3.84
CA ALA E 273 -7.02 -14.87 -2.54
C ALA E 273 -7.27 -16.33 -2.13
N LEU E 274 -7.74 -17.16 -3.06
CA LEU E 274 -8.04 -18.56 -2.77
C LEU E 274 -6.76 -19.32 -2.44
N LEU E 275 -5.67 -19.13 -3.21
CA LEU E 275 -4.39 -19.73 -2.88
C LEU E 275 -3.83 -19.18 -1.55
N THR E 276 -4.02 -17.89 -1.29
CA THR E 276 -3.45 -17.30 -0.10
C THR E 276 -4.01 -17.99 1.14
N GLU E 277 -5.34 -18.13 1.19
CA GLU E 277 -6.04 -18.79 2.30
C GLU E 277 -5.59 -20.25 2.43
N ALA E 278 -5.41 -20.96 1.32
CA ALA E 278 -5.00 -22.35 1.40
C ALA E 278 -3.61 -22.45 2.01
N PHE E 279 -2.66 -21.63 1.53
CA PHE E 279 -1.28 -21.75 2.02
C PHE E 279 -1.19 -21.27 3.46
N ALA E 280 -2.05 -20.33 3.85
CA ALA E 280 -2.05 -19.78 5.20
C ALA E 280 -2.55 -20.78 6.26
N SER E 281 -3.17 -21.88 5.82
CA SER E 281 -3.77 -22.84 6.75
C SER E 281 -2.79 -23.88 7.26
N HIS E 282 -1.57 -24.00 6.70
CA HIS E 282 -0.55 -24.84 7.31
C HIS E 282 0.80 -24.11 7.29
N ASP E 283 1.76 -24.64 8.04
CA ASP E 283 3.06 -24.01 8.19
C ASP E 283 4.01 -24.45 7.08
N ARG E 284 5.20 -23.83 7.03
CA ARG E 284 5.99 -23.91 5.81
C ARG E 284 6.49 -25.35 5.61
N ASP E 285 6.92 -25.96 6.70
CA ASP E 285 7.49 -27.30 6.66
C ASP E 285 6.46 -28.36 6.25
N HIS E 286 5.21 -28.20 6.69
CA HIS E 286 4.12 -29.03 6.23
C HIS E 286 4.09 -29.04 4.70
N TRP E 287 4.11 -27.84 4.11
CA TRP E 287 3.98 -27.74 2.66
C TRP E 287 5.17 -28.38 1.97
N GLY E 288 6.35 -28.28 2.60
CA GLY E 288 7.58 -28.83 2.04
C GLY E 288 7.54 -30.35 1.96
N ALA E 289 6.96 -30.97 3.02
CA ALA E 289 6.71 -32.40 3.08
C ALA E 289 5.69 -32.86 2.04
N VAL E 290 4.51 -32.27 2.13
CA VAL E 290 3.41 -32.61 1.23
C VAL E 290 3.88 -32.60 -0.22
N PHE E 291 4.79 -31.70 -0.58
CA PHE E 291 5.09 -31.48 -1.99
C PHE E 291 6.46 -32.04 -2.40
N ALA E 292 7.19 -32.61 -1.44
CA ALA E 292 8.41 -33.38 -1.75
C ALA E 292 8.09 -34.50 -2.75
N ASN E 293 8.97 -34.63 -3.75
CA ASN E 293 8.91 -35.59 -4.83
C ASN E 293 7.80 -35.28 -5.82
N SER E 294 7.14 -34.12 -5.67
CA SER E 294 6.10 -33.74 -6.61
C SER E 294 6.61 -32.71 -7.61
N ASP E 295 5.84 -32.56 -8.69
CA ASP E 295 6.10 -31.59 -9.71
C ASP E 295 5.21 -30.34 -9.56
N ALA E 296 4.73 -30.11 -8.35
CA ALA E 296 3.85 -28.98 -8.07
C ALA E 296 4.60 -27.65 -8.14
N CYS E 297 5.92 -27.69 -8.10
CA CYS E 297 6.78 -26.51 -8.19
C CYS E 297 6.56 -25.64 -6.97
N VAL E 298 6.58 -26.29 -5.79
CA VAL E 298 6.34 -25.64 -4.53
C VAL E 298 7.52 -26.03 -3.67
N THR E 299 8.16 -25.02 -3.06
CA THR E 299 9.36 -25.19 -2.26
C THR E 299 9.33 -24.26 -1.05
N PRO E 300 9.96 -24.65 0.07
CA PRO E 300 10.11 -23.77 1.20
C PRO E 300 11.12 -22.64 0.92
N VAL E 301 10.79 -21.43 1.37
CA VAL E 301 11.68 -20.32 1.21
C VAL E 301 12.59 -20.28 2.42
N LEU E 302 13.85 -20.70 2.24
CA LEU E 302 14.81 -20.80 3.34
C LEU E 302 15.62 -19.50 3.44
N ALA E 303 15.82 -19.08 4.70
CA ALA E 303 16.78 -18.03 5.05
C ALA E 303 18.19 -18.60 5.04
N PHE E 304 19.18 -17.72 4.81
CA PHE E 304 20.56 -18.15 4.70
C PHE E 304 20.92 -19.16 5.79
N GLY E 305 20.58 -18.85 7.05
CA GLY E 305 21.03 -19.67 8.17
C GLY E 305 20.41 -21.08 8.23
N GLU E 306 19.37 -21.37 7.43
CA GLU E 306 18.70 -22.67 7.41
C GLU E 306 19.22 -23.54 6.25
N VAL E 307 19.93 -22.94 5.28
CA VAL E 307 20.25 -23.60 4.04
C VAL E 307 21.09 -24.87 4.24
N HIS E 308 22.00 -24.79 5.22
CA HIS E 308 22.94 -25.86 5.53
C HIS E 308 22.22 -27.11 6.05
N ASN E 309 20.93 -27.01 6.41
CA ASN E 309 20.13 -28.10 6.93
C ASN E 309 19.20 -28.73 5.89
N GLU E 310 19.31 -28.31 4.64
CA GLU E 310 18.38 -28.81 3.65
C GLU E 310 19.04 -30.01 2.97
N PRO E 311 18.42 -31.20 3.07
CA PRO E 311 19.00 -32.43 2.51
C PRO E 311 19.57 -32.28 1.12
N HIS E 312 18.86 -31.62 0.20
CA HIS E 312 19.38 -31.60 -1.16
C HIS E 312 20.66 -30.75 -1.26
N ILE E 313 20.79 -29.76 -0.37
CA ILE E 313 21.92 -28.83 -0.35
C ILE E 313 23.12 -29.60 0.20
N ILE E 314 22.90 -30.29 1.32
CA ILE E 314 23.89 -31.11 1.98
C ILE E 314 24.49 -32.15 1.05
N GLU E 315 23.65 -32.98 0.46
CA GLU E 315 24.13 -34.13 -0.29
C GLU E 315 24.83 -33.81 -1.61
N ARG E 316 24.57 -32.64 -2.21
CA ARG E 316 25.32 -32.26 -3.41
C ARG E 316 26.58 -31.48 -3.01
N ASN E 317 26.82 -31.26 -1.70
CA ASN E 317 27.90 -30.41 -1.21
C ASN E 317 27.90 -29.09 -2.00
N THR E 318 26.76 -28.40 -2.01
CA THR E 318 26.69 -27.10 -2.65
C THR E 318 27.48 -26.09 -1.82
N PHE E 319 27.54 -26.30 -0.49
CA PHE E 319 28.28 -25.45 0.44
C PHE E 319 29.42 -26.25 1.08
N TYR E 320 30.41 -25.53 1.61
CA TYR E 320 31.43 -26.07 2.50
C TYR E 320 31.57 -25.10 3.67
N GLU E 321 32.03 -25.59 4.81
CA GLU E 321 32.20 -24.75 5.97
C GLU E 321 33.61 -24.17 5.96
N ALA E 322 33.73 -22.85 6.01
CA ALA E 322 34.99 -22.17 6.26
C ALA E 322 34.95 -21.60 7.67
N ASN E 323 36.01 -20.88 8.08
CA ASN E 323 35.93 -20.11 9.32
C ASN E 323 35.06 -18.91 9.02
N GLY E 324 34.26 -18.50 10.02
CA GLY E 324 33.19 -17.53 9.81
C GLY E 324 31.84 -18.23 9.64
N GLY E 325 31.75 -19.15 8.65
CA GLY E 325 30.52 -19.84 8.33
C GLY E 325 30.55 -20.48 6.94
N TRP E 326 29.38 -20.92 6.47
CA TRP E 326 29.25 -21.65 5.21
C TRP E 326 29.52 -20.73 4.03
N GLN E 327 30.02 -21.32 2.94
CA GLN E 327 30.39 -20.59 1.74
C GLN E 327 30.06 -21.51 0.58
N PRO E 328 29.70 -20.98 -0.59
CA PRO E 328 29.44 -21.84 -1.74
C PRO E 328 30.71 -22.49 -2.28
N MET E 329 30.55 -23.72 -2.77
CA MET E 329 31.59 -24.44 -3.43
C MET E 329 31.62 -24.00 -4.89
N PRO E 330 32.74 -24.19 -5.59
CA PRO E 330 32.81 -23.77 -6.98
C PRO E 330 31.64 -24.22 -7.80
N ALA E 331 31.38 -23.50 -8.88
CA ALA E 331 30.41 -23.91 -9.86
C ALA E 331 30.87 -23.40 -11.21
N PRO E 332 30.49 -24.03 -12.34
CA PRO E 332 29.81 -25.31 -12.34
C PRO E 332 30.78 -26.44 -12.02
N ARG E 333 30.36 -27.67 -12.37
CA ARG E 333 31.12 -28.87 -12.06
C ARG E 333 31.55 -29.60 -13.34
N PHE E 334 32.68 -30.31 -13.17
CA PHE E 334 33.43 -30.92 -14.27
C PHE E 334 33.63 -32.41 -13.98
N SER E 335 33.23 -33.24 -14.95
CA SER E 335 33.33 -34.71 -14.87
C SER E 335 34.78 -35.17 -14.67
N ARG E 336 35.69 -34.75 -15.55
CA ARG E 336 37.08 -35.21 -15.54
C ARG E 336 38.01 -34.31 -14.72
N THR E 337 38.15 -33.01 -15.07
CA THR E 337 39.06 -32.12 -14.34
C THR E 337 38.27 -31.36 -13.30
N ALA E 338 37.95 -32.04 -12.19
CA ALA E 338 37.01 -31.46 -11.25
C ALA E 338 37.72 -30.43 -10.39
N SER E 339 36.96 -29.42 -9.92
CA SER E 339 37.46 -28.40 -9.00
C SER E 339 37.74 -29.03 -7.65
N SER E 340 38.48 -28.32 -6.81
CA SER E 340 38.76 -28.77 -5.47
C SER E 340 38.20 -27.72 -4.52
N GLN E 341 38.26 -28.02 -3.24
CA GLN E 341 37.76 -27.07 -2.28
C GLN E 341 38.60 -25.80 -2.33
N PRO E 342 37.99 -24.59 -2.31
CA PRO E 342 38.72 -23.33 -2.23
C PRO E 342 39.75 -23.21 -1.09
N ARG E 343 40.91 -22.67 -1.45
CA ARG E 343 41.95 -22.28 -0.51
C ARG E 343 41.55 -20.97 0.18
N PRO E 344 41.55 -20.91 1.53
CA PRO E 344 41.19 -19.69 2.23
C PRO E 344 42.18 -18.55 2.00
N PRO E 345 41.77 -17.28 2.19
CA PRO E 345 42.73 -16.19 2.08
C PRO E 345 43.97 -16.49 2.92
N ALA E 346 45.16 -16.32 2.34
CA ALA E 346 46.40 -16.52 3.09
C ALA E 346 47.30 -15.29 2.96
N ALA E 347 48.08 -15.02 4.01
CA ALA E 347 48.89 -13.81 4.14
C ALA E 347 49.59 -13.43 2.84
N THR E 348 50.15 -12.22 2.83
CA THR E 348 50.86 -11.69 1.67
C THR E 348 52.15 -12.49 1.45
N ILE E 349 52.19 -13.19 0.31
CA ILE E 349 53.41 -13.54 -0.38
C ILE E 349 53.91 -12.27 -1.08
N ASP E 350 55.23 -12.01 -1.11
CA ASP E 350 55.73 -10.80 -1.76
C ASP E 350 56.31 -11.15 -3.14
N ILE E 351 56.43 -10.12 -3.98
CA ILE E 351 56.13 -10.27 -5.40
C ILE E 351 57.34 -10.81 -6.16
N GLU E 352 58.50 -10.87 -5.51
CA GLU E 352 59.66 -11.54 -6.08
C GLU E 352 59.42 -13.06 -6.15
N ALA E 353 58.89 -13.61 -5.04
CA ALA E 353 58.62 -15.02 -4.85
C ALA E 353 57.76 -15.58 -5.98
N VAL E 354 56.77 -14.77 -6.38
CA VAL E 354 55.84 -15.15 -7.44
C VAL E 354 56.56 -15.14 -8.79
N LEU E 355 57.41 -14.13 -9.01
CA LEU E 355 58.18 -14.00 -10.24
C LEU E 355 59.20 -15.16 -10.34
N THR E 356 59.76 -15.58 -9.18
CA THR E 356 60.47 -16.85 -9.05
C THR E 356 59.60 -17.95 -9.65
N ASP E 357 58.50 -18.28 -8.95
CA ASP E 357 57.63 -19.38 -9.32
C ASP E 357 57.34 -19.39 -10.82
N TRP E 358 56.97 -18.23 -11.37
CA TRP E 358 56.55 -18.13 -12.76
C TRP E 358 57.75 -18.12 -13.72
N ASP E 359 58.97 -18.26 -13.17
CA ASP E 359 60.22 -18.35 -13.91
C ASP E 359 60.57 -17.00 -14.51
N MET F 1 31.76 -15.74 -39.74
CA MET F 1 30.94 -15.19 -38.61
C MET F 1 31.78 -14.26 -37.74
N ALA F 2 31.25 -13.06 -37.43
CA ALA F 2 31.97 -12.10 -36.61
C ALA F 2 32.04 -12.57 -35.16
N GLY F 3 33.20 -12.40 -34.52
CA GLY F 3 33.30 -12.53 -33.08
C GLY F 3 34.34 -13.55 -32.66
N PRO F 4 34.73 -13.63 -31.36
CA PRO F 4 35.86 -14.45 -30.95
C PRO F 4 35.60 -15.94 -30.88
N LEU F 5 34.32 -16.33 -30.84
CA LEU F 5 33.94 -17.73 -30.85
C LEU F 5 33.66 -18.22 -32.28
N SER F 6 34.02 -17.40 -33.28
CA SER F 6 34.01 -17.81 -34.66
C SER F 6 34.71 -19.16 -34.78
N GLY F 7 34.01 -20.10 -35.44
CA GLY F 7 34.53 -21.42 -35.72
C GLY F 7 34.14 -22.44 -34.66
N LEU F 8 33.52 -22.01 -33.57
CA LEU F 8 32.97 -22.94 -32.59
C LEU F 8 31.59 -23.39 -33.05
N ARG F 9 31.37 -24.71 -32.95
CA ARG F 9 30.15 -25.33 -33.44
C ARG F 9 29.36 -25.89 -32.27
N VAL F 10 28.06 -25.60 -32.28
CA VAL F 10 27.26 -25.86 -31.09
C VAL F 10 25.96 -26.54 -31.52
N VAL F 11 25.67 -27.62 -30.80
CA VAL F 11 24.38 -28.27 -30.97
C VAL F 11 23.58 -28.10 -29.69
N GLU F 12 22.37 -27.57 -29.86
CA GLU F 12 21.50 -27.21 -28.74
C GLU F 12 20.22 -28.03 -28.84
N LEU F 13 19.99 -28.89 -27.84
CA LEU F 13 18.72 -29.60 -27.74
C LEU F 13 17.68 -28.71 -27.06
N ALA F 14 16.69 -28.32 -27.87
CA ALA F 14 15.76 -27.23 -27.58
C ALA F 14 15.11 -27.40 -26.21
N GLY F 15 15.36 -26.39 -25.33
CA GLY F 15 14.84 -26.35 -23.97
C GLY F 15 14.18 -25.01 -23.65
N ILE F 16 14.05 -24.69 -22.36
CA ILE F 16 13.55 -23.37 -21.97
C ILE F 16 14.51 -22.73 -20.97
N GLY F 17 14.61 -21.40 -21.05
CA GLY F 17 15.30 -20.65 -20.02
C GLY F 17 16.81 -20.63 -20.25
N PRO F 18 17.62 -21.23 -19.35
CA PRO F 18 19.07 -21.09 -19.41
C PRO F 18 19.73 -21.67 -20.66
N GLY F 19 19.25 -22.85 -21.09
CA GLY F 19 19.78 -23.53 -22.25
C GLY F 19 19.77 -22.62 -23.47
N PRO F 20 18.61 -22.13 -23.89
CA PRO F 20 18.56 -21.20 -25.01
C PRO F 20 19.35 -19.89 -24.78
N HIS F 21 19.54 -19.48 -23.52
CA HIS F 21 20.15 -18.17 -23.27
C HIS F 21 21.66 -18.35 -23.45
N ALA F 22 22.23 -19.43 -22.90
CA ALA F 22 23.62 -19.75 -23.14
C ALA F 22 23.89 -19.98 -24.64
N ALA F 23 22.95 -20.58 -25.36
CA ALA F 23 23.19 -20.80 -26.78
C ALA F 23 23.24 -19.47 -27.51
N MET F 24 22.37 -18.55 -27.09
CA MET F 24 22.25 -17.28 -27.76
C MET F 24 23.56 -16.50 -27.66
N ILE F 25 24.16 -16.53 -26.48
CA ILE F 25 25.37 -15.77 -26.22
C ILE F 25 26.52 -16.37 -27.04
N LEU F 26 26.60 -17.71 -27.13
CA LEU F 26 27.62 -18.36 -27.96
C LEU F 26 27.49 -17.87 -29.41
N GLY F 27 26.27 -17.93 -29.96
CA GLY F 27 25.95 -17.39 -31.28
C GLY F 27 26.21 -15.89 -31.43
N ASP F 28 25.80 -15.11 -30.42
CA ASP F 28 26.12 -13.69 -30.32
C ASP F 28 27.62 -13.46 -30.55
N LEU F 29 28.48 -14.26 -29.90
CA LEU F 29 29.94 -14.10 -29.97
C LEU F 29 30.58 -14.79 -31.19
N GLY F 30 29.77 -15.36 -32.11
CA GLY F 30 30.31 -15.83 -33.38
C GLY F 30 30.24 -17.34 -33.58
N ALA F 31 29.83 -18.12 -32.56
CA ALA F 31 29.67 -19.56 -32.69
C ALA F 31 28.55 -19.90 -33.68
N ASP F 32 28.76 -21.06 -34.36
CA ASP F 32 27.80 -21.65 -35.28
C ASP F 32 26.87 -22.56 -34.48
N VAL F 33 25.61 -22.16 -34.33
CA VAL F 33 24.77 -22.82 -33.35
C VAL F 33 23.59 -23.44 -34.11
N VAL F 34 23.41 -24.73 -33.85
CA VAL F 34 22.35 -25.47 -34.51
C VAL F 34 21.48 -26.06 -33.42
N ARG F 35 20.20 -25.71 -33.53
CA ARG F 35 19.23 -25.97 -32.48
C ARG F 35 18.24 -27.03 -32.97
N ILE F 36 18.22 -28.20 -32.30
CA ILE F 36 17.30 -29.28 -32.65
C ILE F 36 16.00 -29.19 -31.82
N ASP F 37 14.92 -28.81 -32.50
CA ASP F 37 13.58 -28.81 -31.92
C ASP F 37 12.76 -29.99 -32.45
N ARG F 38 11.79 -30.40 -31.62
CA ARG F 38 10.77 -31.38 -31.95
C ARG F 38 9.87 -30.81 -33.04
N PRO F 39 9.44 -31.58 -34.08
CA PRO F 39 8.59 -31.01 -35.13
C PRO F 39 7.19 -30.68 -34.60
N SER F 40 6.85 -31.33 -33.48
CA SER F 40 5.65 -31.06 -32.70
C SER F 40 5.55 -29.58 -32.31
N SER F 41 6.27 -28.69 -33.01
CA SER F 41 6.38 -27.27 -32.65
C SER F 41 7.40 -26.56 -33.53
N VAL F 42 6.95 -25.92 -34.62
CA VAL F 42 7.81 -25.07 -35.42
C VAL F 42 6.93 -24.19 -36.32
N ASP F 43 6.23 -24.81 -37.28
CA ASP F 43 5.51 -24.12 -38.35
C ASP F 43 6.50 -23.74 -39.45
N ILE F 45 9.02 -19.81 -38.65
CA ILE F 45 10.05 -18.82 -38.18
C ILE F 45 9.62 -18.36 -36.78
N SER F 46 10.53 -18.42 -35.80
CA SER F 46 10.22 -18.02 -34.42
C SER F 46 10.16 -16.50 -34.26
N ARG F 47 9.18 -16.04 -33.45
CA ARG F 47 9.12 -14.64 -33.06
C ARG F 47 9.78 -14.46 -31.68
N ASP F 48 10.52 -15.49 -31.22
CA ASP F 48 11.34 -15.40 -30.02
C ASP F 48 12.73 -14.88 -30.40
N ALA F 49 13.04 -13.65 -29.98
CA ALA F 49 14.30 -13.02 -30.34
C ALA F 49 15.48 -13.68 -29.62
N MET F 50 15.23 -14.62 -28.70
CA MET F 50 16.29 -15.35 -28.02
C MET F 50 16.85 -16.47 -28.90
N LEU F 51 16.14 -16.78 -30.01
CA LEU F 51 16.56 -17.75 -31.02
C LEU F 51 17.26 -17.07 -32.19
N ARG F 52 17.82 -15.89 -31.92
CA ARG F 52 18.75 -15.23 -32.82
C ARG F 52 20.07 -16.00 -32.88
N ASN F 53 20.88 -15.70 -33.92
CA ASN F 53 22.16 -16.36 -34.18
C ASN F 53 22.09 -17.90 -34.07
N ARG F 54 21.08 -18.48 -34.75
CA ARG F 54 20.81 -19.91 -34.76
C ARG F 54 20.47 -20.39 -36.18
N ARG F 55 20.76 -21.67 -36.42
CA ARG F 55 20.00 -22.45 -37.40
C ARG F 55 19.10 -23.43 -36.65
N ILE F 56 17.82 -23.45 -37.03
CA ILE F 56 16.80 -24.31 -36.43
C ILE F 56 16.54 -25.50 -37.35
N VAL F 57 16.68 -26.73 -36.80
CA VAL F 57 16.30 -27.97 -37.47
C VAL F 57 15.28 -28.74 -36.61
N THR F 58 14.30 -29.40 -37.24
CA THR F 58 13.39 -30.30 -36.53
C THR F 58 13.90 -31.73 -36.68
N ALA F 59 13.62 -32.57 -35.68
CA ALA F 59 14.08 -33.95 -35.67
C ALA F 59 13.54 -34.69 -34.45
N ASP F 60 12.42 -35.43 -34.63
CA ASP F 60 11.90 -36.36 -33.63
C ASP F 60 13.01 -37.34 -33.22
N LEU F 61 13.51 -37.17 -31.99
CA LEU F 61 14.67 -37.90 -31.49
C LEU F 61 14.28 -39.26 -30.92
N LYS F 62 12.98 -39.51 -30.86
CA LYS F 62 12.49 -40.81 -30.43
C LYS F 62 12.58 -41.80 -31.60
N SER F 63 12.44 -41.34 -32.86
CA SER F 63 12.61 -42.21 -34.01
C SER F 63 14.09 -42.52 -34.23
N ASP F 64 14.38 -43.56 -35.02
CA ASP F 64 15.75 -44.05 -35.18
C ASP F 64 16.53 -43.15 -36.11
N GLN F 65 15.84 -42.67 -37.15
CA GLN F 65 16.36 -41.71 -38.10
C GLN F 65 16.70 -40.39 -37.40
N GLY F 66 15.82 -39.97 -36.46
CA GLY F 66 16.02 -38.77 -35.69
C GLY F 66 17.28 -38.84 -34.83
N LEU F 67 17.45 -39.94 -34.10
CA LEU F 67 18.64 -40.13 -33.25
C LEU F 67 19.92 -40.10 -34.08
N GLU F 68 19.92 -40.75 -35.24
CA GLU F 68 21.17 -40.92 -35.95
C GLU F 68 21.60 -39.62 -36.63
N LEU F 69 20.63 -38.86 -37.18
CA LEU F 69 20.88 -37.54 -37.74
C LEU F 69 21.41 -36.57 -36.66
N ALA F 70 21.01 -36.78 -35.41
CA ALA F 70 21.46 -35.95 -34.30
C ALA F 70 22.89 -36.32 -33.89
N LEU F 71 23.18 -37.63 -33.90
CA LEU F 71 24.47 -38.11 -33.42
C LEU F 71 25.57 -37.73 -34.40
N LYS F 72 25.19 -37.47 -35.65
CA LYS F 72 26.13 -37.09 -36.69
C LYS F 72 26.41 -35.59 -36.62
N LEU F 73 25.39 -34.79 -36.31
CA LEU F 73 25.60 -33.39 -35.94
C LEU F 73 26.59 -33.36 -34.78
N ILE F 74 26.34 -34.19 -33.78
CA ILE F 74 27.12 -34.11 -32.55
C ILE F 74 28.55 -34.57 -32.80
N ALA F 75 28.71 -35.44 -33.80
CA ALA F 75 30.01 -36.03 -34.09
C ALA F 75 30.97 -34.97 -34.65
N LYS F 76 30.41 -34.02 -35.40
CA LYS F 76 31.12 -32.94 -36.07
C LYS F 76 31.18 -31.67 -35.21
N ALA F 77 30.48 -31.65 -34.05
CA ALA F 77 30.34 -30.44 -33.25
C ALA F 77 31.31 -30.44 -32.06
N ASP F 78 31.48 -29.24 -31.47
CA ASP F 78 32.35 -28.99 -30.33
C ASP F 78 31.63 -29.03 -29.00
N VAL F 79 30.36 -28.57 -29.04
CA VAL F 79 29.57 -28.31 -27.85
C VAL F 79 28.16 -28.83 -28.04
N LEU F 80 27.72 -29.55 -27.01
CA LEU F 80 26.32 -29.97 -26.88
C LEU F 80 25.70 -29.31 -25.65
N ILE F 81 24.53 -28.67 -25.89
CA ILE F 81 23.71 -28.17 -24.80
C ILE F 81 22.38 -28.91 -24.72
N GLU F 82 22.09 -29.34 -23.49
CA GLU F 82 20.83 -29.96 -23.12
C GLU F 82 20.38 -29.43 -21.75
N GLY F 83 19.09 -29.04 -21.68
CA GLY F 83 18.50 -28.56 -20.44
C GLY F 83 17.26 -29.35 -19.98
N TYR F 84 17.35 -30.69 -20.00
CA TYR F 84 16.24 -31.55 -19.63
C TYR F 84 16.56 -32.15 -18.28
N ARG F 85 15.58 -32.83 -17.68
CA ARG F 85 15.79 -33.49 -16.41
C ARG F 85 16.88 -34.54 -16.60
N PRO F 86 17.65 -34.86 -15.56
CA PRO F 86 18.59 -35.96 -15.65
C PRO F 86 17.93 -37.20 -16.25
N GLY F 87 18.65 -37.97 -17.07
CA GLY F 87 18.09 -39.22 -17.57
C GLY F 87 17.50 -39.03 -18.96
N VAL F 88 17.00 -37.84 -19.28
CA VAL F 88 16.23 -37.72 -20.50
C VAL F 88 17.08 -38.04 -21.73
N THR F 89 18.35 -37.61 -21.73
CA THR F 89 19.19 -37.74 -22.92
C THR F 89 19.74 -39.18 -23.01
N GLU F 90 20.09 -39.79 -21.87
CA GLU F 90 20.36 -41.22 -21.82
C GLU F 90 19.26 -41.97 -22.59
N ARG F 91 18.04 -41.88 -22.07
CA ARG F 91 16.91 -42.62 -22.58
C ARG F 91 16.70 -42.35 -24.06
N LEU F 92 17.08 -41.16 -24.54
CA LEU F 92 16.96 -40.85 -25.96
C LEU F 92 18.08 -41.48 -26.80
N GLY F 93 19.15 -41.96 -26.14
CA GLY F 93 20.36 -42.42 -26.80
C GLY F 93 21.36 -41.31 -27.15
N LEU F 94 21.27 -40.16 -26.45
CA LEU F 94 22.12 -38.99 -26.68
C LEU F 94 22.81 -38.58 -25.38
N GLY F 95 22.88 -39.47 -24.40
CA GLY F 95 23.58 -39.20 -23.15
C GLY F 95 25.06 -38.92 -23.37
N PRO F 96 25.85 -38.60 -22.31
CA PRO F 96 27.28 -38.37 -22.48
C PRO F 96 28.06 -39.53 -23.12
N GLU F 97 27.83 -40.78 -22.65
CA GLU F 97 28.65 -41.91 -23.10
C GLU F 97 28.39 -42.25 -24.56
N GLU F 98 27.11 -42.28 -24.96
CA GLU F 98 26.75 -42.39 -26.37
C GLU F 98 27.33 -41.26 -27.22
N CYS F 99 27.55 -40.07 -26.62
CA CYS F 99 28.13 -38.95 -27.35
C CYS F 99 29.66 -39.13 -27.40
N ALA F 100 30.29 -39.59 -26.29
CA ALA F 100 31.73 -39.84 -26.19
C ALA F 100 32.21 -41.00 -27.07
N LYS F 101 31.28 -41.78 -27.62
CA LYS F 101 31.60 -42.81 -28.57
C LYS F 101 31.84 -42.18 -29.93
N VAL F 102 31.03 -41.19 -30.31
CA VAL F 102 31.09 -40.68 -31.68
C VAL F 102 31.91 -39.39 -31.73
N ASN F 103 32.43 -38.92 -30.57
CA ASN F 103 33.10 -37.64 -30.48
C ASN F 103 33.53 -37.42 -29.04
N ASP F 104 34.71 -37.92 -28.68
CA ASP F 104 35.28 -37.72 -27.37
C ASP F 104 35.88 -36.31 -27.23
N ARG F 105 35.61 -35.42 -28.20
CA ARG F 105 36.07 -34.03 -28.07
C ARG F 105 34.90 -33.12 -27.68
N LEU F 106 33.74 -33.74 -27.39
CA LEU F 106 32.53 -33.00 -27.08
C LEU F 106 32.63 -32.38 -25.70
N ILE F 107 32.22 -31.10 -25.65
CA ILE F 107 31.84 -30.48 -24.41
C ILE F 107 30.33 -30.67 -24.22
N TYR F 108 30.03 -31.41 -23.14
CA TYR F 108 28.71 -31.99 -22.95
C TYR F 108 28.04 -31.19 -21.83
N ALA F 109 27.22 -30.21 -22.23
CA ALA F 109 26.86 -29.18 -21.25
C ALA F 109 25.42 -29.41 -20.77
N ARG F 110 25.31 -29.66 -19.44
CA ARG F 110 24.09 -30.04 -18.75
C ARG F 110 23.58 -28.96 -17.79
N MET F 111 22.44 -28.39 -18.17
CA MET F 111 21.80 -27.24 -17.57
C MET F 111 20.59 -27.70 -16.79
N THR F 112 20.70 -27.72 -15.46
CA THR F 112 19.55 -28.04 -14.65
C THR F 112 19.41 -26.99 -13.55
N GLY F 113 18.34 -27.15 -12.75
CA GLY F 113 18.10 -26.38 -11.55
C GLY F 113 18.68 -27.09 -10.32
N TRP F 114 18.31 -28.37 -10.14
CA TRP F 114 18.70 -29.08 -8.93
C TRP F 114 20.00 -29.87 -9.13
N GLY F 115 20.51 -29.96 -10.37
CA GLY F 115 21.68 -30.80 -10.65
C GLY F 115 21.35 -32.24 -11.07
N GLN F 116 22.38 -33.10 -11.10
CA GLN F 116 22.25 -34.39 -11.74
C GLN F 116 21.78 -35.46 -10.75
N THR F 117 22.07 -35.32 -9.46
CA THR F 117 21.63 -36.27 -8.45
C THR F 117 21.10 -35.57 -7.19
N GLY F 118 20.63 -36.38 -6.24
CA GLY F 118 20.12 -35.89 -4.97
C GLY F 118 18.59 -35.93 -4.97
N PRO F 119 17.96 -35.71 -3.80
CA PRO F 119 16.51 -35.88 -3.62
C PRO F 119 15.58 -35.04 -4.51
N ARG F 120 16.07 -33.88 -5.01
CA ARG F 120 15.16 -32.98 -5.71
C ARG F 120 15.40 -33.09 -7.20
N SER F 121 16.29 -34.01 -7.61
CA SER F 121 16.86 -33.98 -8.95
C SER F 121 15.85 -34.35 -10.02
N GLN F 122 14.72 -34.94 -9.64
CA GLN F 122 13.66 -35.19 -10.61
C GLN F 122 12.45 -34.26 -10.45
N GLN F 123 12.42 -33.44 -9.39
CA GLN F 123 11.35 -32.45 -9.25
C GLN F 123 11.38 -31.38 -10.34
N ALA F 124 10.23 -31.17 -10.99
CA ALA F 124 10.02 -30.00 -11.80
C ALA F 124 10.24 -28.73 -10.96
N GLY F 125 10.53 -27.63 -11.65
CA GLY F 125 11.00 -26.42 -10.98
C GLY F 125 11.22 -25.29 -11.97
N HIS F 126 11.20 -24.07 -11.42
CA HIS F 126 11.64 -22.90 -12.16
C HIS F 126 12.53 -22.05 -11.24
N ASP F 127 13.08 -20.98 -11.82
CA ASP F 127 13.95 -20.03 -11.14
C ASP F 127 13.49 -19.78 -9.71
N ILE F 128 12.23 -19.36 -9.50
CA ILE F 128 11.78 -19.03 -8.13
C ILE F 128 12.05 -20.17 -7.15
N ASN F 129 11.95 -21.44 -7.61
CA ASN F 129 12.16 -22.59 -6.74
C ASN F 129 13.65 -22.79 -6.37
N TYR F 130 14.51 -22.74 -7.39
CA TYR F 130 15.94 -22.89 -7.20
C TYR F 130 16.43 -21.82 -6.24
N ILE F 131 15.99 -20.54 -6.38
CA ILE F 131 16.50 -19.51 -5.47
C ILE F 131 15.81 -19.52 -4.10
N SER F 132 14.68 -20.22 -3.93
CA SER F 132 14.04 -20.30 -2.62
C SER F 132 14.86 -21.13 -1.64
N LEU F 133 15.60 -22.13 -2.16
CA LEU F 133 16.21 -23.15 -1.31
C LEU F 133 17.58 -22.73 -0.78
N ASN F 134 18.20 -21.73 -1.41
CA ASN F 134 19.58 -21.37 -1.10
C ASN F 134 19.68 -19.96 -0.48
N GLY F 135 18.57 -19.45 0.09
CA GLY F 135 18.64 -18.22 0.88
C GLY F 135 18.41 -16.94 0.07
N ILE F 136 18.49 -17.01 -1.26
CA ILE F 136 18.49 -15.82 -2.09
C ILE F 136 17.12 -15.14 -2.08
N LEU F 137 16.05 -15.87 -2.41
CA LEU F 137 14.72 -15.29 -2.53
C LEU F 137 14.29 -14.66 -1.21
N HIS F 138 14.59 -15.31 -0.11
CA HIS F 138 14.24 -14.80 1.20
C HIS F 138 14.79 -13.39 1.46
N ALA F 139 15.94 -13.09 0.86
CA ALA F 139 16.68 -11.87 1.14
C ALA F 139 16.20 -10.69 0.28
N ILE F 140 15.27 -10.91 -0.65
CA ILE F 140 14.85 -9.93 -1.63
C ILE F 140 13.44 -9.42 -1.38
N GLY F 141 13.31 -8.09 -1.23
CA GLY F 141 12.02 -7.46 -1.05
C GLY F 141 12.03 -6.59 0.21
N ARG F 142 10.89 -5.94 0.47
CA ARG F 142 10.76 -5.10 1.67
C ARG F 142 10.52 -6.00 2.87
N GLY F 143 10.93 -5.49 4.05
CA GLY F 143 10.97 -6.22 5.30
C GLY F 143 9.58 -6.56 5.84
N ASP F 144 8.59 -5.74 5.53
CA ASP F 144 7.28 -5.94 6.13
C ASP F 144 6.38 -6.76 5.21
N GLU F 145 6.97 -7.50 4.26
CA GLU F 145 6.21 -8.09 3.16
C GLU F 145 6.86 -9.41 2.75
N ARG F 146 6.12 -10.19 1.97
CA ARG F 146 6.63 -11.48 1.55
C ARG F 146 7.68 -11.27 0.46
N PRO F 147 8.64 -12.20 0.32
CA PRO F 147 9.69 -12.05 -0.67
C PRO F 147 9.14 -11.82 -2.07
N VAL F 148 9.93 -11.07 -2.84
CA VAL F 148 9.52 -10.80 -4.19
C VAL F 148 10.56 -11.40 -5.14
N PRO F 149 10.12 -12.09 -6.20
CA PRO F 149 11.05 -12.67 -7.14
C PRO F 149 11.77 -11.61 -7.99
N PRO F 150 13.11 -11.68 -8.09
CA PRO F 150 13.85 -10.80 -8.97
C PRO F 150 13.76 -11.24 -10.42
N LEU F 151 12.56 -11.17 -10.99
CA LEU F 151 12.23 -11.86 -12.22
C LEU F 151 12.86 -13.25 -12.20
N ASN F 152 13.27 -13.72 -13.39
CA ASN F 152 14.02 -14.96 -13.45
C ASN F 152 15.49 -14.64 -13.74
N LEU F 153 16.04 -13.65 -13.08
CA LEU F 153 17.35 -13.12 -13.46
C LEU F 153 18.46 -13.89 -12.78
N VAL F 154 18.21 -14.33 -11.55
CA VAL F 154 19.23 -14.82 -10.68
C VAL F 154 19.42 -16.32 -10.82
N GLY F 155 18.36 -17.08 -11.07
CA GLY F 155 18.47 -18.54 -11.15
C GLY F 155 18.73 -19.02 -12.58
N ASP F 156 17.86 -18.64 -13.51
CA ASP F 156 17.96 -18.98 -14.91
C ASP F 156 19.21 -18.40 -15.58
N PHE F 157 19.55 -17.14 -15.28
CA PHE F 157 20.51 -16.44 -16.12
C PHE F 157 21.78 -16.20 -15.34
N GLY F 158 21.74 -15.29 -14.36
CA GLY F 158 22.94 -14.96 -13.61
C GLY F 158 23.60 -16.20 -13.01
N GLY F 159 22.76 -17.08 -12.43
CA GLY F 159 23.23 -18.27 -11.70
C GLY F 159 23.10 -19.55 -12.54
N GLY F 160 22.66 -19.39 -13.79
CA GLY F 160 22.21 -20.50 -14.63
C GLY F 160 23.02 -20.56 -15.90
N SER F 161 22.51 -19.93 -16.97
CA SER F 161 23.14 -19.81 -18.27
C SER F 161 24.58 -19.31 -18.17
N MET F 162 24.84 -18.30 -17.32
CA MET F 162 26.16 -17.68 -17.33
C MET F 162 27.18 -18.66 -16.81
N PHE F 163 26.79 -19.54 -15.87
CA PHE F 163 27.74 -20.50 -15.33
C PHE F 163 27.90 -21.69 -16.28
N LEU F 164 26.86 -22.01 -17.03
CA LEU F 164 27.00 -23.02 -18.07
C LEU F 164 28.04 -22.52 -19.07
N LEU F 165 27.98 -21.22 -19.41
CA LEU F 165 28.87 -20.60 -20.39
C LEU F 165 30.31 -20.64 -19.88
N VAL F 166 30.53 -20.22 -18.64
CA VAL F 166 31.82 -20.35 -17.98
C VAL F 166 32.33 -21.80 -18.03
N GLY F 167 31.44 -22.78 -17.88
CA GLY F 167 31.83 -24.18 -17.89
C GLY F 167 32.26 -24.64 -19.28
N ILE F 168 31.41 -24.36 -20.26
CA ILE F 168 31.67 -24.69 -21.65
C ILE F 168 33.01 -24.08 -22.08
N LEU F 169 33.21 -22.80 -21.71
CA LEU F 169 34.37 -22.07 -22.19
C LEU F 169 35.57 -22.50 -21.37
N ALA F 170 35.45 -22.76 -20.06
CA ALA F 170 36.58 -23.25 -19.30
C ALA F 170 37.01 -24.63 -19.76
N ALA F 171 36.05 -25.42 -20.25
CA ALA F 171 36.34 -26.78 -20.65
C ALA F 171 36.99 -26.77 -22.03
N LEU F 172 36.59 -25.83 -22.89
CA LEU F 172 37.23 -25.63 -24.19
C LEU F 172 38.70 -25.24 -24.06
N TRP F 173 39.12 -24.66 -22.91
CA TRP F 173 40.52 -24.29 -22.66
C TRP F 173 41.31 -25.50 -22.16
N GLU F 174 40.70 -26.30 -21.28
CA GLU F 174 41.34 -27.52 -20.79
C GLU F 174 41.54 -28.50 -21.95
N ARG F 175 40.54 -28.59 -22.87
CA ARG F 175 40.57 -29.44 -24.05
C ARG F 175 41.77 -29.08 -24.94
N GLN F 176 42.12 -27.78 -24.97
CA GLN F 176 43.19 -27.33 -25.85
C GLN F 176 44.49 -28.05 -25.45
N SER F 177 44.64 -28.47 -24.18
CA SER F 177 45.83 -29.20 -23.78
C SER F 177 45.61 -30.72 -23.71
N SER F 178 44.51 -31.21 -23.12
CA SER F 178 44.35 -32.66 -22.88
C SER F 178 43.87 -33.42 -24.12
N GLY F 179 43.39 -32.73 -25.17
CA GLY F 179 42.83 -33.37 -26.36
C GLY F 179 41.36 -33.84 -26.24
N LYS F 180 40.79 -33.82 -25.02
CA LYS F 180 39.51 -34.46 -24.72
C LYS F 180 38.43 -33.46 -24.29
N GLY F 181 37.17 -33.80 -24.63
CA GLY F 181 35.97 -33.14 -24.12
C GLY F 181 35.64 -33.59 -22.68
N GLN F 182 34.43 -33.26 -22.21
CA GLN F 182 34.02 -33.62 -20.85
C GLN F 182 32.61 -33.08 -20.59
N VAL F 183 32.09 -33.37 -19.38
CA VAL F 183 30.71 -33.08 -19.01
C VAL F 183 30.72 -31.94 -17.99
N VAL F 184 29.92 -30.91 -18.34
CA VAL F 184 29.70 -29.76 -17.46
C VAL F 184 28.33 -29.90 -16.81
N ASP F 185 28.35 -30.03 -15.48
CA ASP F 185 27.15 -30.07 -14.65
C ASP F 185 26.89 -28.69 -14.03
N ALA F 186 26.02 -27.93 -14.69
CA ALA F 186 25.60 -26.59 -14.25
C ALA F 186 24.19 -26.63 -13.65
N ALA F 187 24.12 -26.58 -12.32
CA ALA F 187 22.87 -26.44 -11.59
C ALA F 187 22.64 -25.02 -11.09
N MET F 188 21.45 -24.50 -11.38
CA MET F 188 21.04 -23.16 -10.99
C MET F 188 21.16 -22.96 -9.50
N VAL F 189 21.03 -24.00 -8.69
CA VAL F 189 21.09 -23.79 -7.24
C VAL F 189 22.52 -23.58 -6.79
N ASP F 190 23.46 -24.08 -7.60
CA ASP F 190 24.88 -23.96 -7.32
C ASP F 190 25.41 -22.61 -7.84
N GLY F 191 25.17 -22.34 -9.12
CA GLY F 191 25.65 -21.15 -9.79
C GLY F 191 25.08 -19.87 -9.17
N SER F 192 23.83 -19.92 -8.69
CA SER F 192 23.17 -18.79 -8.06
C SER F 192 23.77 -18.57 -6.67
N SER F 193 24.13 -19.63 -5.96
CA SER F 193 24.79 -19.50 -4.67
C SER F 193 26.18 -18.87 -4.81
N VAL F 194 26.87 -19.16 -5.93
CA VAL F 194 28.19 -18.60 -6.14
C VAL F 194 28.05 -17.13 -6.53
N LEU F 195 27.02 -16.84 -7.32
CA LEU F 195 26.64 -15.49 -7.67
C LEU F 195 26.48 -14.62 -6.42
N ILE F 196 25.94 -15.16 -5.32
CA ILE F 196 25.69 -14.39 -4.11
C ILE F 196 26.76 -14.64 -3.05
N GLN F 197 27.97 -14.97 -3.50
CA GLN F 197 29.07 -15.25 -2.58
C GLN F 197 29.33 -14.04 -1.69
N MET F 198 29.16 -12.81 -2.24
CA MET F 198 29.44 -11.63 -1.43
C MET F 198 28.63 -11.67 -0.14
N MET F 199 27.32 -11.99 -0.24
CA MET F 199 26.49 -11.98 0.94
C MET F 199 26.95 -13.06 1.90
N TRP F 200 27.35 -14.23 1.37
CA TRP F 200 27.86 -15.26 2.28
C TRP F 200 29.12 -14.76 2.99
N ALA F 201 29.97 -14.00 2.27
CA ALA F 201 31.15 -13.39 2.87
C ALA F 201 30.79 -12.34 3.92
N MET F 202 29.84 -11.46 3.60
CA MET F 202 29.45 -10.42 4.54
C MET F 202 28.80 -11.05 5.77
N ARG F 203 27.98 -12.10 5.58
CA ARG F 203 27.32 -12.79 6.68
C ARG F 203 28.37 -13.28 7.69
N ALA F 204 29.47 -13.82 7.15
CA ALA F 204 30.51 -14.45 7.95
C ALA F 204 31.20 -13.42 8.85
N THR F 205 31.19 -12.12 8.49
CA THR F 205 31.87 -11.12 9.28
C THR F 205 30.88 -10.16 9.92
N GLY F 206 29.61 -10.58 10.07
CA GLY F 206 28.62 -9.75 10.74
C GLY F 206 28.20 -8.50 9.96
N MET F 207 28.45 -8.43 8.65
CA MET F 207 28.04 -7.26 7.89
C MET F 207 26.78 -7.53 7.05
N TRP F 208 26.03 -8.58 7.38
CA TRP F 208 24.81 -8.94 6.68
C TRP F 208 23.98 -9.82 7.58
N THR F 209 22.70 -9.50 7.76
CA THR F 209 21.78 -10.33 8.55
C THR F 209 20.74 -10.94 7.62
N ASP F 210 20.08 -12.01 8.11
CA ASP F 210 19.02 -12.73 7.42
C ASP F 210 17.71 -11.95 7.47
N THR F 211 17.64 -10.83 8.22
CA THR F 211 16.43 -10.00 8.19
C THR F 211 16.32 -9.30 6.85
N ARG F 212 15.15 -9.44 6.22
CA ARG F 212 14.88 -8.85 4.91
C ARG F 212 14.64 -7.34 5.05
N GLY F 213 15.25 -6.54 4.17
CA GLY F 213 14.98 -5.12 4.16
C GLY F 213 15.76 -4.37 5.24
N ALA F 214 16.75 -5.02 5.87
CA ALA F 214 17.52 -4.36 6.91
C ALA F 214 19.03 -4.34 6.61
N ASN F 215 19.47 -4.40 5.36
CA ASN F 215 20.90 -4.49 5.10
C ASN F 215 21.35 -3.33 4.21
N MET F 216 22.65 -3.30 3.87
CA MET F 216 23.22 -2.17 3.16
C MET F 216 22.74 -2.14 1.73
N LEU F 217 22.54 -3.33 1.12
CA LEU F 217 22.29 -3.40 -0.30
C LEU F 217 20.91 -3.98 -0.66
N ASP F 218 20.01 -4.11 0.33
CA ASP F 218 18.72 -4.75 0.06
C ASP F 218 17.57 -3.75 0.02
N GLY F 219 17.86 -2.44 0.20
CA GLY F 219 16.84 -1.43 0.30
C GLY F 219 16.71 -0.89 1.73
N GLY F 220 17.28 -1.58 2.70
CA GLY F 220 17.26 -1.12 4.09
C GLY F 220 18.05 0.19 4.33
N ALA F 221 19.10 0.48 3.55
CA ALA F 221 19.83 1.72 3.78
C ALA F 221 19.23 2.84 2.94
N PRO F 222 18.91 3.99 3.57
CA PRO F 222 18.33 5.13 2.87
C PRO F 222 19.14 5.71 1.71
N TYR F 223 20.46 5.44 1.73
CA TYR F 223 21.30 5.89 0.65
C TYR F 223 21.51 4.82 -0.42
N TYR F 224 20.81 3.66 -0.34
CA TYR F 224 20.89 2.66 -1.40
C TYR F 224 19.49 2.12 -1.64
N ASP F 225 18.69 2.83 -2.43
CA ASP F 225 17.29 2.51 -2.54
C ASP F 225 16.70 3.39 -3.62
N THR F 226 15.46 3.10 -4.00
CA THR F 226 14.72 3.99 -4.88
C THR F 226 13.84 4.95 -4.08
N TYR F 227 13.44 6.05 -4.71
CA TYR F 227 12.63 7.10 -4.11
C TYR F 227 11.59 7.53 -5.14
N GLU F 228 10.37 7.71 -4.67
CA GLU F 228 9.31 8.23 -5.50
C GLU F 228 9.43 9.76 -5.59
N CYS F 229 9.28 10.24 -6.83
CA CYS F 229 9.35 11.65 -7.17
C CYS F 229 7.93 12.24 -7.25
N ALA F 230 7.86 13.57 -7.40
CA ALA F 230 6.61 14.31 -7.42
C ALA F 230 5.68 13.81 -8.53
N ASP F 231 6.22 13.33 -9.65
CA ASP F 231 5.40 12.86 -10.76
C ASP F 231 5.02 11.38 -10.65
N GLY F 232 5.36 10.70 -9.56
CA GLY F 232 5.06 9.27 -9.45
C GLY F 232 6.10 8.35 -10.11
N ARG F 233 7.13 8.90 -10.78
CA ARG F 233 8.24 8.12 -11.31
C ARG F 233 9.30 8.03 -10.21
N TYR F 234 10.46 7.42 -10.49
CA TYR F 234 11.41 7.07 -9.44
C TYR F 234 12.83 7.38 -9.85
N VAL F 235 13.66 7.69 -8.83
CA VAL F 235 15.10 7.72 -8.99
C VAL F 235 15.68 6.63 -8.13
N ALA F 236 16.89 6.21 -8.49
CA ALA F 236 17.65 5.26 -7.68
C ALA F 236 18.81 6.01 -7.04
N VAL F 237 19.07 5.70 -5.79
CA VAL F 237 20.17 6.34 -5.10
C VAL F 237 21.14 5.26 -4.68
N GLY F 238 22.42 5.44 -4.98
CA GLY F 238 23.41 4.43 -4.63
C GLY F 238 24.65 5.03 -3.97
N ALA F 239 24.44 6.00 -3.08
CA ALA F 239 25.53 6.85 -2.64
C ALA F 239 26.15 6.28 -1.40
N ILE F 240 26.91 5.22 -1.58
CA ILE F 240 27.46 4.51 -0.44
C ILE F 240 28.64 5.30 0.15
N GLU F 241 29.60 5.68 -0.71
CA GLU F 241 30.78 6.38 -0.21
C GLU F 241 30.36 7.74 0.32
N PRO F 242 30.90 8.17 1.47
CA PRO F 242 30.49 9.44 2.08
C PRO F 242 30.60 10.66 1.16
N GLN F 243 31.63 10.66 0.31
CA GLN F 243 31.85 11.77 -0.60
C GLN F 243 30.73 11.79 -1.63
N PHE F 244 30.25 10.63 -2.11
CA PHE F 244 29.15 10.67 -3.07
C PHE F 244 27.87 11.04 -2.33
N TYR F 245 27.68 10.50 -1.12
CA TYR F 245 26.54 10.84 -0.27
C TYR F 245 26.48 12.35 -0.04
N ALA F 246 27.63 13.00 0.19
CA ALA F 246 27.66 14.44 0.42
C ALA F 246 27.21 15.18 -0.81
N ALA F 247 27.66 14.73 -1.98
CA ALA F 247 27.26 15.39 -3.22
C ALA F 247 25.75 15.26 -3.44
N MET F 248 25.20 14.13 -3.05
CA MET F 248 23.78 13.89 -3.21
C MET F 248 22.99 14.86 -2.33
N LEU F 249 23.39 14.99 -1.05
CA LEU F 249 22.79 15.97 -0.16
C LEU F 249 22.83 17.37 -0.77
N ALA F 250 23.97 17.74 -1.39
CA ALA F 250 24.12 19.08 -1.95
C ALA F 250 23.06 19.33 -3.01
N GLY F 251 22.86 18.35 -3.92
CA GLY F 251 21.88 18.51 -4.98
C GLY F 251 20.45 18.47 -4.45
N LEU F 252 20.20 17.77 -3.33
CA LEU F 252 18.86 17.76 -2.75
C LEU F 252 18.56 19.06 -2.04
N GLY F 253 19.60 19.84 -1.71
CA GLY F 253 19.37 21.09 -1.01
C GLY F 253 19.19 20.85 0.48
N LEU F 254 19.66 19.71 0.99
CA LEU F 254 19.67 19.43 2.42
C LEU F 254 21.03 19.72 3.01
N ASP F 255 21.04 20.52 4.07
CA ASP F 255 22.28 20.83 4.76
C ASP F 255 22.59 19.61 5.64
N ALA F 256 23.80 19.06 5.51
CA ALA F 256 24.20 17.88 6.27
C ALA F 256 24.03 18.09 7.78
N ALA F 257 24.25 19.32 8.26
CA ALA F 257 24.20 19.60 9.69
C ALA F 257 22.80 19.35 10.29
N GLU F 258 21.75 19.27 9.47
CA GLU F 258 20.39 19.10 9.97
C GLU F 258 19.93 17.64 9.97
N LEU F 259 20.82 16.71 9.62
CA LEU F 259 20.44 15.34 9.35
C LEU F 259 21.11 14.40 10.35
N PRO F 260 20.55 13.20 10.61
CA PRO F 260 21.34 12.17 11.26
C PRO F 260 22.56 11.80 10.43
N PRO F 261 23.60 11.22 11.03
CA PRO F 261 24.69 10.67 10.25
C PRO F 261 24.25 9.56 9.30
N GLN F 262 24.99 9.43 8.19
CA GLN F 262 24.60 8.54 7.10
C GLN F 262 24.50 7.10 7.61
N ASN F 263 25.42 6.70 8.48
CA ASN F 263 25.49 5.32 8.91
C ASN F 263 25.09 5.16 10.37
N ASP F 264 24.38 6.13 10.95
CA ASP F 264 23.68 5.85 12.20
C ASP F 264 22.37 5.11 11.90
N ARG F 265 22.46 3.78 11.87
CA ARG F 265 21.36 2.89 11.60
C ARG F 265 20.18 3.12 12.55
N ALA F 266 20.43 3.44 13.82
CA ALA F 266 19.32 3.66 14.73
C ALA F 266 18.45 4.83 14.29
N ARG F 267 18.97 5.73 13.44
CA ARG F 267 18.19 6.90 13.05
C ARG F 267 17.90 6.91 11.55
N TRP F 268 18.06 5.77 10.89
CA TRP F 268 17.64 5.60 9.51
C TRP F 268 16.16 5.97 9.33
N PRO F 269 15.22 5.69 10.27
CA PRO F 269 13.85 6.13 10.05
C PRO F 269 13.77 7.63 9.79
N GLU F 270 14.45 8.42 10.60
CA GLU F 270 14.44 9.86 10.42
C GLU F 270 15.06 10.23 9.07
N LEU F 271 16.22 9.64 8.77
CA LEU F 271 16.93 9.99 7.56
C LEU F 271 16.09 9.66 6.32
N ARG F 272 15.51 8.47 6.34
CA ARG F 272 14.68 8.04 5.23
C ARG F 272 13.50 8.99 5.07
N ALA F 273 12.89 9.47 6.16
CA ALA F 273 11.80 10.43 6.03
C ALA F 273 12.29 11.74 5.40
N LEU F 274 13.49 12.19 5.74
CA LEU F 274 14.01 13.44 5.19
C LEU F 274 14.29 13.31 3.69
N LEU F 275 14.93 12.20 3.29
CA LEU F 275 15.25 12.00 1.89
C LEU F 275 13.97 11.79 1.05
N THR F 276 12.97 11.12 1.64
CA THR F 276 11.69 10.84 0.98
C THR F 276 10.98 12.16 0.66
N GLU F 277 10.89 13.08 1.64
CA GLU F 277 10.24 14.38 1.45
C GLU F 277 11.00 15.15 0.38
N ALA F 278 12.34 15.09 0.44
CA ALA F 278 13.15 15.85 -0.49
C ALA F 278 12.98 15.37 -1.94
N PHE F 279 13.16 14.05 -2.21
CA PHE F 279 12.98 13.54 -3.56
C PHE F 279 11.52 13.69 -4.02
N ALA F 280 10.55 13.63 -3.11
CA ALA F 280 9.16 13.74 -3.52
C ALA F 280 8.78 15.17 -3.93
N SER F 281 9.62 16.16 -3.64
CA SER F 281 9.27 17.57 -3.87
C SER F 281 9.53 18.03 -5.32
N HIS F 282 10.13 17.19 -6.16
CA HIS F 282 10.28 17.53 -7.57
C HIS F 282 10.20 16.25 -8.39
N ASP F 283 9.99 16.39 -9.69
CA ASP F 283 9.81 15.25 -10.56
C ASP F 283 11.18 14.66 -10.93
N ARG F 284 11.13 13.48 -11.56
CA ARG F 284 12.32 12.71 -11.87
C ARG F 284 13.23 13.43 -12.86
N ASP F 285 12.62 14.04 -13.89
CA ASP F 285 13.39 14.87 -14.80
C ASP F 285 14.14 15.93 -13.99
N HIS F 286 13.48 16.55 -13.02
CA HIS F 286 14.19 17.58 -12.26
C HIS F 286 15.48 17.01 -11.68
N TRP F 287 15.43 15.80 -11.12
CA TRP F 287 16.62 15.22 -10.52
C TRP F 287 17.63 14.76 -11.59
N GLY F 288 17.15 14.40 -12.78
CA GLY F 288 18.05 14.10 -13.88
C GLY F 288 18.94 15.30 -14.25
N ALA F 289 18.32 16.49 -14.32
CA ALA F 289 19.06 17.72 -14.57
C ALA F 289 20.03 18.02 -13.41
N VAL F 290 19.52 18.04 -12.16
CA VAL F 290 20.34 18.39 -11.02
C VAL F 290 21.58 17.50 -10.96
N PHE F 291 21.44 16.20 -11.23
CA PHE F 291 22.50 15.26 -10.89
C PHE F 291 23.30 14.92 -12.14
N ALA F 292 22.60 14.68 -13.25
CA ALA F 292 23.18 14.81 -14.58
C ALA F 292 24.51 14.06 -14.71
N ASN F 293 25.56 14.74 -14.24
CA ASN F 293 26.94 14.43 -14.60
C ASN F 293 27.77 14.22 -13.33
N SER F 294 27.12 13.91 -12.20
CA SER F 294 27.78 13.99 -10.89
C SER F 294 28.08 12.61 -10.33
N ASP F 295 28.91 12.59 -9.29
CA ASP F 295 29.22 11.41 -8.53
C ASP F 295 28.25 11.21 -7.37
N ALA F 296 27.06 11.83 -7.43
CA ALA F 296 26.07 11.67 -6.37
C ALA F 296 25.42 10.27 -6.37
N CYS F 297 25.65 9.48 -7.42
CA CYS F 297 25.05 8.16 -7.60
C CYS F 297 23.53 8.21 -7.56
N VAL F 298 22.94 9.14 -8.32
CA VAL F 298 21.50 9.27 -8.46
C VAL F 298 21.15 9.17 -9.93
N THR F 299 20.24 8.25 -10.30
CA THR F 299 19.88 7.98 -11.69
C THR F 299 18.37 7.81 -11.77
N PRO F 300 17.75 8.15 -12.91
CA PRO F 300 16.33 7.91 -13.07
C PRO F 300 16.11 6.42 -13.27
N VAL F 301 15.03 5.90 -12.71
CA VAL F 301 14.64 4.52 -12.93
C VAL F 301 13.78 4.48 -14.18
N LEU F 302 14.40 4.17 -15.32
CA LEU F 302 13.72 4.16 -16.61
C LEU F 302 12.96 2.83 -16.82
N ALA F 303 11.74 2.96 -17.37
CA ALA F 303 10.98 1.84 -17.90
C ALA F 303 11.62 1.35 -19.20
N PHE F 304 11.36 0.10 -19.58
CA PHE F 304 11.92 -0.47 -20.80
C PHE F 304 11.73 0.47 -21.98
N GLY F 305 10.48 0.95 -22.16
CA GLY F 305 10.07 1.75 -23.29
C GLY F 305 10.82 3.08 -23.42
N GLU F 306 11.49 3.52 -22.35
CA GLU F 306 12.15 4.83 -22.32
C GLU F 306 13.66 4.68 -22.49
N VAL F 307 14.17 3.44 -22.46
CA VAL F 307 15.61 3.23 -22.43
C VAL F 307 16.29 3.76 -23.70
N HIS F 308 15.59 3.64 -24.84
CA HIS F 308 16.16 3.92 -26.15
C HIS F 308 16.42 5.44 -26.30
N ASN F 309 15.79 6.29 -25.47
CA ASN F 309 16.01 7.74 -25.52
C ASN F 309 17.09 8.23 -24.56
N GLU F 310 17.97 7.34 -24.10
CA GLU F 310 18.89 7.68 -23.03
C GLU F 310 20.27 7.85 -23.65
N PRO F 311 20.82 9.09 -23.58
CA PRO F 311 22.07 9.44 -24.25
C PRO F 311 23.18 8.41 -24.14
N HIS F 312 23.48 7.92 -22.95
CA HIS F 312 24.61 7.01 -22.77
C HIS F 312 24.31 5.63 -23.37
N ILE F 313 23.02 5.28 -23.41
CA ILE F 313 22.57 4.04 -24.03
C ILE F 313 22.73 4.12 -25.54
N ILE F 314 22.21 5.21 -26.13
CA ILE F 314 22.24 5.44 -27.57
C ILE F 314 23.68 5.38 -28.07
N GLU F 315 24.58 6.13 -27.41
CA GLU F 315 25.93 6.35 -27.87
C GLU F 315 26.81 5.11 -27.84
N ARG F 316 26.60 4.22 -26.87
CA ARG F 316 27.34 2.97 -26.84
C ARG F 316 26.65 1.86 -27.66
N ASN F 317 25.52 2.14 -28.31
CA ASN F 317 24.80 1.12 -29.08
C ASN F 317 24.63 -0.14 -28.24
N THR F 318 24.07 0.05 -27.04
CA THR F 318 23.81 -1.05 -26.13
C THR F 318 22.66 -1.90 -26.71
N PHE F 319 21.75 -1.25 -27.46
CA PHE F 319 20.59 -1.87 -28.07
C PHE F 319 20.62 -1.67 -29.60
N TYR F 320 19.92 -2.56 -30.33
CA TYR F 320 19.66 -2.40 -31.75
C TYR F 320 18.17 -2.61 -31.99
N GLU F 321 17.64 -1.94 -33.00
CA GLU F 321 16.27 -2.15 -33.46
C GLU F 321 16.22 -3.51 -34.17
N ALA F 322 15.21 -4.33 -33.87
CA ALA F 322 14.93 -5.52 -34.65
C ALA F 322 13.42 -5.66 -34.77
N ASN F 323 12.95 -6.43 -35.75
CA ASN F 323 11.72 -7.17 -35.58
C ASN F 323 10.65 -6.18 -35.05
N GLY F 324 10.18 -6.35 -33.80
CA GLY F 324 9.12 -5.51 -33.26
C GLY F 324 9.56 -4.77 -32.00
N GLY F 325 10.80 -4.26 -31.98
CA GLY F 325 11.31 -3.43 -30.90
C GLY F 325 12.79 -3.66 -30.65
N TRP F 326 13.33 -2.94 -29.67
CA TRP F 326 14.74 -3.00 -29.33
C TRP F 326 15.11 -4.34 -28.69
N GLN F 327 16.37 -4.70 -28.85
CA GLN F 327 16.95 -5.90 -28.28
C GLN F 327 18.39 -5.57 -27.93
N PRO F 328 18.97 -6.18 -26.89
CA PRO F 328 20.34 -5.86 -26.53
C PRO F 328 21.33 -6.37 -27.56
N MET F 329 22.34 -5.54 -27.86
CA MET F 329 23.52 -5.98 -28.60
C MET F 329 24.33 -6.94 -27.74
N PRO F 330 25.17 -7.81 -28.36
CA PRO F 330 26.03 -8.72 -27.64
C PRO F 330 26.89 -8.05 -26.60
N ALA F 331 27.27 -8.83 -25.60
CA ALA F 331 28.16 -8.38 -24.56
C ALA F 331 28.92 -9.60 -24.10
N PRO F 332 30.17 -9.46 -23.56
CA PRO F 332 30.89 -8.20 -23.55
C PRO F 332 31.47 -7.82 -24.92
N ARG F 333 32.29 -6.76 -24.96
CA ARG F 333 32.83 -6.26 -26.22
C ARG F 333 34.33 -6.62 -26.31
N PHE F 334 34.77 -6.76 -27.56
CA PHE F 334 36.11 -7.24 -27.88
C PHE F 334 36.79 -6.21 -28.79
N SER F 335 38.03 -5.83 -28.45
CA SER F 335 38.77 -4.85 -29.25
C SER F 335 39.03 -5.32 -30.70
N ARG F 336 39.54 -6.55 -30.87
CA ARG F 336 39.92 -7.09 -32.18
C ARG F 336 38.79 -7.84 -32.89
N THR F 337 38.28 -8.93 -32.30
CA THR F 337 37.25 -9.72 -32.95
C THR F 337 35.88 -9.33 -32.42
N ALA F 338 35.34 -8.22 -32.93
CA ALA F 338 34.15 -7.64 -32.36
C ALA F 338 32.93 -8.36 -32.91
N SER F 339 31.98 -8.66 -32.04
CA SER F 339 30.78 -9.35 -32.43
C SER F 339 30.00 -8.47 -33.38
N SER F 340 29.02 -9.05 -34.07
CA SER F 340 28.23 -8.27 -35.02
C SER F 340 26.76 -8.30 -34.64
N GLN F 341 25.97 -7.47 -35.31
CA GLN F 341 24.57 -7.38 -35.02
C GLN F 341 23.95 -8.76 -35.15
N PRO F 342 23.24 -9.27 -34.13
CA PRO F 342 22.62 -10.58 -34.22
C PRO F 342 21.76 -10.74 -35.48
N ARG F 343 21.87 -11.90 -36.11
CA ARG F 343 20.99 -12.30 -37.20
C ARG F 343 19.68 -12.81 -36.62
N PRO F 344 18.50 -12.41 -37.17
CA PRO F 344 17.22 -12.82 -36.64
C PRO F 344 16.95 -14.33 -36.75
N PRO F 345 15.84 -14.84 -36.15
CA PRO F 345 15.56 -16.28 -36.10
C PRO F 345 15.50 -16.97 -37.47
N ALA F 346 16.22 -18.10 -37.60
CA ALA F 346 16.63 -18.62 -38.91
C ALA F 346 15.74 -19.77 -39.42
N ALA F 347 14.64 -19.38 -40.11
CA ALA F 347 13.63 -20.28 -40.68
C ALA F 347 14.15 -21.71 -40.88
N THR F 348 13.26 -22.69 -40.64
CA THR F 348 13.64 -24.07 -40.33
C THR F 348 14.41 -24.67 -41.51
N ILE F 349 15.69 -24.98 -41.31
CA ILE F 349 16.43 -25.62 -42.37
C ILE F 349 16.48 -27.11 -42.08
N ASP F 350 16.70 -27.90 -43.15
CA ASP F 350 16.67 -29.36 -43.08
C ASP F 350 18.05 -29.84 -42.63
N ILE F 351 18.07 -30.86 -41.76
CA ILE F 351 19.26 -31.23 -41.01
C ILE F 351 20.34 -31.86 -41.88
N GLU F 352 19.95 -32.29 -43.09
CA GLU F 352 20.87 -32.75 -44.11
C GLU F 352 21.77 -31.59 -44.55
N ALA F 353 21.12 -30.51 -45.02
CA ALA F 353 21.78 -29.29 -45.49
C ALA F 353 22.90 -28.87 -44.53
N VAL F 354 22.67 -29.05 -43.22
CA VAL F 354 23.64 -28.69 -42.20
C VAL F 354 24.80 -29.67 -42.21
N LEU F 355 24.49 -30.97 -42.27
CA LEU F 355 25.53 -31.98 -42.26
C LEU F 355 26.47 -31.79 -43.46
N THR F 356 25.89 -31.40 -44.61
CA THR F 356 26.66 -31.07 -45.81
C THR F 356 27.75 -30.08 -45.42
N ASP F 357 27.27 -28.88 -45.05
CA ASP F 357 28.08 -27.71 -44.76
C ASP F 357 29.24 -28.02 -43.80
N TRP F 358 29.04 -28.92 -42.82
CA TRP F 358 30.04 -29.13 -41.77
C TRP F 358 31.14 -30.11 -42.22
N MET G 1 26.33 46.90 17.68
CA MET G 1 26.89 46.71 16.30
C MET G 1 27.33 45.26 16.07
N ALA G 2 26.77 44.62 15.03
CA ALA G 2 26.94 43.19 14.81
C ALA G 2 28.27 42.86 14.14
N GLY G 3 28.99 41.87 14.70
CA GLY G 3 30.18 41.30 14.10
C GLY G 3 31.25 41.08 15.15
N PRO G 4 32.34 40.35 14.86
CA PRO G 4 33.37 40.06 15.86
C PRO G 4 34.28 41.21 16.24
N LEU G 5 34.15 42.34 15.55
CA LEU G 5 34.98 43.50 15.83
C LEU G 5 34.11 44.57 16.49
N SER G 6 32.93 44.17 16.98
CA SER G 6 32.09 45.04 17.78
C SER G 6 32.96 45.60 18.90
N GLY G 7 32.80 46.90 19.15
CA GLY G 7 33.59 47.59 20.17
C GLY G 7 34.82 48.32 19.60
N LEU G 8 35.53 47.71 18.63
CA LEU G 8 36.74 48.29 18.06
C LEU G 8 36.46 49.64 17.39
N ARG G 9 37.35 50.60 17.68
CA ARG G 9 37.17 51.98 17.24
C ARG G 9 38.30 52.36 16.30
N VAL G 10 37.90 53.00 15.19
CA VAL G 10 38.76 53.23 14.04
C VAL G 10 38.61 54.67 13.56
N VAL G 11 39.78 55.30 13.36
CA VAL G 11 39.84 56.59 12.68
C VAL G 11 40.55 56.44 11.33
N GLU G 12 39.87 56.90 10.28
CA GLU G 12 40.31 56.75 8.89
C GLU G 12 40.52 58.14 8.29
N LEU G 13 41.78 58.44 7.95
CA LEU G 13 42.08 59.64 7.17
C LEU G 13 41.78 59.38 5.69
N ALA G 14 40.75 60.06 5.15
CA ALA G 14 40.22 59.78 3.83
C ALA G 14 41.32 59.72 2.77
N GLY G 15 41.28 58.63 1.98
CA GLY G 15 42.28 58.32 0.96
C GLY G 15 41.57 57.69 -0.23
N ILE G 16 42.33 57.03 -1.09
CA ILE G 16 41.73 56.35 -2.23
C ILE G 16 42.31 54.93 -2.25
N GLY G 17 41.46 53.97 -2.65
CA GLY G 17 41.89 52.61 -2.89
C GLY G 17 42.00 51.80 -1.60
N PRO G 18 43.21 51.34 -1.21
CA PRO G 18 43.35 50.37 -0.13
C PRO G 18 42.87 50.86 1.23
N GLY G 19 43.24 52.10 1.57
CA GLY G 19 42.88 52.63 2.87
C GLY G 19 41.39 52.50 3.11
N PRO G 20 40.51 53.09 2.27
CA PRO G 20 39.07 52.96 2.44
C PRO G 20 38.54 51.52 2.34
N HIS G 21 39.29 50.63 1.69
CA HIS G 21 38.83 49.27 1.53
C HIS G 21 39.03 48.53 2.85
N ALA G 22 40.22 48.64 3.43
CA ALA G 22 40.45 48.16 4.79
C ALA G 22 39.44 48.76 5.77
N ALA G 23 39.21 50.08 5.73
CA ALA G 23 38.27 50.68 6.65
C ALA G 23 36.89 50.03 6.48
N MET G 24 36.48 49.81 5.22
CA MET G 24 35.21 49.17 4.90
C MET G 24 35.07 47.80 5.59
N ILE G 25 36.13 46.97 5.54
CA ILE G 25 36.07 45.58 5.97
C ILE G 25 35.99 45.55 7.49
N LEU G 26 36.84 46.33 8.16
CA LEU G 26 36.76 46.54 9.61
C LEU G 26 35.35 46.94 10.02
N GLY G 27 34.72 47.89 9.31
CA GLY G 27 33.37 48.32 9.62
C GLY G 27 32.32 47.31 9.14
N ASP G 28 32.70 46.49 8.16
CA ASP G 28 31.87 45.39 7.69
C ASP G 28 31.65 44.40 8.84
N LEU G 29 32.71 44.10 9.59
CA LEU G 29 32.75 43.14 10.67
C LEU G 29 32.35 43.75 12.04
N GLY G 30 31.88 45.02 12.05
CA GLY G 30 31.20 45.60 13.19
C GLY G 30 31.98 46.69 13.95
N ALA G 31 33.22 46.99 13.52
CA ALA G 31 34.04 48.05 14.13
C ALA G 31 33.41 49.43 13.93
N ASP G 32 33.73 50.35 14.85
CA ASP G 32 33.20 51.71 14.83
C ASP G 32 34.19 52.60 14.08
N VAL G 33 33.76 53.05 12.90
CA VAL G 33 34.67 53.62 11.92
C VAL G 33 34.28 55.08 11.65
N VAL G 34 35.24 55.94 11.97
CA VAL G 34 35.05 57.36 11.75
C VAL G 34 36.07 57.81 10.73
N ARG G 35 35.54 58.31 9.62
CA ARG G 35 36.33 58.76 8.49
C ARG G 35 36.35 60.28 8.47
N ILE G 36 37.56 60.87 8.55
CA ILE G 36 37.75 62.30 8.43
C ILE G 36 38.09 62.63 6.98
N ASP G 37 37.18 63.28 6.26
CA ASP G 37 37.47 63.91 4.97
C ASP G 37 37.64 65.42 5.16
N ARG G 38 38.02 66.12 4.09
CA ARG G 38 38.11 67.56 4.11
C ARG G 38 36.79 68.15 3.60
N PRO G 39 36.45 69.41 3.97
CA PRO G 39 35.16 69.98 3.59
C PRO G 39 35.00 70.19 2.08
N SER G 40 36.11 70.51 1.40
CA SER G 40 36.17 70.66 -0.05
C SER G 40 35.41 69.51 -0.71
N SER G 41 35.83 68.28 -0.40
CA SER G 41 35.37 67.08 -1.09
C SER G 41 34.46 66.28 -0.17
N VAL G 42 33.21 66.74 0.01
CA VAL G 42 32.28 66.01 0.86
C VAL G 42 30.83 66.30 0.46
N ASP G 43 30.52 67.56 0.07
CA ASP G 43 29.17 68.01 -0.25
C ASP G 43 28.24 66.89 -0.71
N GLY G 44 27.61 66.21 0.24
CA GLY G 44 26.65 65.15 -0.06
C GLY G 44 26.65 64.07 1.01
N ILE G 45 26.00 62.94 0.68
CA ILE G 45 25.96 61.77 1.56
C ILE G 45 27.15 60.86 1.25
N SER G 46 27.46 60.76 -0.06
CA SER G 46 28.45 59.88 -0.67
C SER G 46 27.72 58.69 -1.30
N ARG G 47 27.94 58.52 -2.61
CA ARG G 47 27.27 57.47 -3.35
C ARG G 47 28.29 56.36 -3.63
N ASP G 48 29.47 56.42 -2.98
CA ASP G 48 30.48 55.37 -3.03
C ASP G 48 30.18 54.32 -1.97
N ALA G 49 29.52 53.23 -2.39
CA ALA G 49 29.23 52.12 -1.52
C ALA G 49 30.49 51.60 -0.81
N MET G 50 31.70 51.95 -1.27
CA MET G 50 32.88 51.54 -0.51
C MET G 50 33.00 52.31 0.81
N LEU G 51 32.16 53.35 1.00
CA LEU G 51 32.10 54.14 2.22
C LEU G 51 30.92 53.73 3.10
N ARG G 52 30.56 52.44 3.03
CA ARG G 52 29.49 51.88 3.83
C ARG G 52 30.06 51.61 5.23
N ASN G 53 29.18 51.44 6.23
CA ASN G 53 29.61 51.11 7.59
C ASN G 53 30.60 52.15 8.14
N ARG G 54 30.25 53.42 7.95
CA ARG G 54 31.11 54.55 8.33
C ARG G 54 30.33 55.65 9.05
N ARG G 55 31.01 56.46 9.87
CA ARG G 55 30.55 57.83 10.06
C ARG G 55 31.55 58.81 9.44
N ILE G 56 31.01 59.70 8.58
CA ILE G 56 31.81 60.67 7.84
C ILE G 56 31.84 62.01 8.58
N VAL G 57 33.04 62.51 8.91
CA VAL G 57 33.18 63.82 9.50
C VAL G 57 34.11 64.71 8.66
N THR G 58 33.72 65.99 8.57
CA THR G 58 34.47 67.05 7.89
C THR G 58 35.40 67.76 8.88
N ALA G 59 36.58 68.15 8.38
CA ALA G 59 37.60 68.82 9.19
C ALA G 59 38.79 69.21 8.32
N ASP G 60 39.03 70.52 8.16
CA ASP G 60 40.26 71.04 7.57
C ASP G 60 41.41 70.76 8.54
N LEU G 61 42.29 69.81 8.19
CA LEU G 61 43.34 69.35 9.08
C LEU G 61 44.52 70.32 9.13
N LYS G 62 44.52 71.30 8.23
CA LYS G 62 45.61 72.25 8.13
C LYS G 62 45.46 73.27 9.25
N SER G 63 44.19 73.61 9.59
CA SER G 63 43.84 74.46 10.72
C SER G 63 44.24 73.82 12.06
N ASP G 64 44.24 74.64 13.10
CA ASP G 64 44.49 74.19 14.46
C ASP G 64 43.18 73.65 15.03
N GLN G 65 42.07 74.15 14.48
CA GLN G 65 40.72 73.80 14.89
C GLN G 65 40.38 72.37 14.44
N GLY G 66 40.89 72.02 13.24
CA GLY G 66 40.80 70.67 12.73
C GLY G 66 41.75 69.70 13.42
N LEU G 67 43.04 70.09 13.59
CA LEU G 67 44.06 69.20 14.11
C LEU G 67 43.72 68.78 15.54
N GLU G 68 43.06 69.68 16.28
CA GLU G 68 42.72 69.44 17.67
C GLU G 68 41.60 68.40 17.75
N LEU G 69 40.47 68.68 17.09
CA LEU G 69 39.31 67.80 17.05
C LEU G 69 39.67 66.40 16.53
N ALA G 70 40.68 66.31 15.63
CA ALA G 70 41.13 65.04 15.07
C ALA G 70 42.02 64.29 16.05
N LEU G 71 42.78 65.02 16.88
CA LEU G 71 43.60 64.39 17.89
C LEU G 71 42.76 63.94 19.09
N LYS G 72 41.54 64.49 19.19
CA LYS G 72 40.60 64.12 20.25
C LYS G 72 39.80 62.88 19.84
N LEU G 73 39.62 62.65 18.54
CA LEU G 73 39.09 61.39 18.08
C LEU G 73 40.15 60.31 18.28
N ILE G 74 41.39 60.60 17.89
CA ILE G 74 42.45 59.58 17.90
C ILE G 74 42.79 59.22 19.33
N ALA G 75 42.46 60.13 20.27
CA ALA G 75 42.70 59.92 21.68
C ALA G 75 41.91 58.70 22.16
N LYS G 76 40.62 58.64 21.78
CA LYS G 76 39.64 57.65 22.21
C LYS G 76 39.41 56.60 21.12
N ALA G 77 40.49 56.03 20.55
CA ALA G 77 40.38 55.09 19.45
C ALA G 77 41.51 54.07 19.48
N ASP G 78 41.26 52.92 18.86
CA ASP G 78 42.19 51.79 18.85
C ASP G 78 43.08 51.85 17.61
N VAL G 79 42.50 52.32 16.50
CA VAL G 79 43.16 52.22 15.20
C VAL G 79 43.03 53.51 14.38
N LEU G 80 44.19 53.89 13.81
CA LEU G 80 44.24 54.94 12.82
C LEU G 80 44.77 54.43 11.48
N ILE G 81 44.02 54.80 10.43
CA ILE G 81 44.39 54.48 9.05
C ILE G 81 44.69 55.77 8.27
N GLU G 82 45.88 55.81 7.68
CA GLU G 82 46.22 56.85 6.73
C GLU G 82 46.87 56.25 5.49
N GLY G 83 46.48 56.79 4.31
CA GLY G 83 46.99 56.32 3.03
C GLY G 83 47.60 57.43 2.16
N TYR G 84 48.37 58.33 2.78
CA TYR G 84 49.02 59.44 2.11
C TYR G 84 50.48 59.10 1.92
N ARG G 85 51.20 59.90 1.12
CA ARG G 85 52.62 59.66 0.96
C ARG G 85 53.28 59.82 2.30
N PRO G 86 54.42 59.17 2.53
CA PRO G 86 55.12 59.34 3.81
C PRO G 86 55.44 60.82 4.08
N GLY G 87 55.30 61.32 5.33
CA GLY G 87 55.61 62.70 5.70
C GLY G 87 54.32 63.51 5.84
N VAL G 88 53.29 63.13 5.10
CA VAL G 88 52.09 63.95 5.08
C VAL G 88 51.48 64.05 6.48
N THR G 89 51.49 62.96 7.28
CA THR G 89 50.75 63.00 8.54
C THR G 89 51.58 63.76 9.59
N GLU G 90 52.90 63.51 9.62
CA GLU G 90 53.85 64.27 10.40
C GLU G 90 53.58 65.77 10.19
N ARG G 91 53.86 66.26 8.98
CA ARG G 91 53.67 67.67 8.65
C ARG G 91 52.29 68.15 9.08
N LEU G 92 51.28 67.28 9.16
CA LEU G 92 49.96 67.73 9.61
C LEU G 92 49.89 67.83 11.15
N GLY G 93 50.82 67.18 11.87
CA GLY G 93 50.78 67.08 13.32
C GLY G 93 50.20 65.76 13.84
N LEU G 94 49.95 64.80 12.92
CA LEU G 94 49.16 63.60 13.18
C LEU G 94 50.05 62.38 12.99
N GLY G 95 51.37 62.55 12.98
CA GLY G 95 52.28 61.44 12.72
C GLY G 95 52.24 60.44 13.87
N PRO G 96 52.97 59.30 13.82
CA PRO G 96 52.97 58.37 14.94
C PRO G 96 53.31 59.02 16.28
N GLU G 97 54.42 59.80 16.31
CA GLU G 97 54.92 60.49 17.49
C GLU G 97 53.79 61.23 18.22
N GLU G 98 53.14 62.15 17.49
CA GLU G 98 52.09 63.03 17.99
C GLU G 98 50.79 62.25 18.27
N CYS G 99 50.72 61.01 17.80
CA CYS G 99 49.57 60.16 18.11
C CYS G 99 49.88 59.43 19.42
N ALA G 100 51.10 58.87 19.55
CA ALA G 100 51.59 58.28 20.79
C ALA G 100 51.26 59.16 22.01
N LYS G 101 51.44 60.48 21.87
CA LYS G 101 51.26 61.41 22.98
C LYS G 101 49.80 61.59 23.41
N VAL G 102 48.79 61.17 22.63
CA VAL G 102 47.43 61.29 23.15
C VAL G 102 46.81 59.90 23.31
N ASN G 103 47.62 58.81 23.22
CA ASN G 103 47.10 57.45 23.13
C ASN G 103 48.20 56.50 22.66
N ASP G 104 49.03 55.98 23.59
CA ASP G 104 50.12 55.08 23.22
C ASP G 104 49.62 53.62 23.11
N ARG G 105 48.29 53.45 23.10
CA ARG G 105 47.66 52.17 22.79
C ARG G 105 47.44 52.00 21.29
N LEU G 106 47.64 53.08 20.52
CA LEU G 106 47.11 53.21 19.18
C LEU G 106 47.83 52.30 18.20
N ILE G 107 47.01 51.62 17.38
CA ILE G 107 47.48 50.97 16.18
C ILE G 107 47.44 51.97 15.01
N TYR G 108 48.65 52.28 14.53
CA TYR G 108 48.90 53.37 13.60
C TYR G 108 49.17 52.76 12.24
N ALA G 109 48.15 52.79 11.35
CA ALA G 109 48.21 51.95 10.16
C ALA G 109 48.53 52.78 8.91
N ARG G 110 49.71 52.49 8.33
CA ARG G 110 50.28 53.22 7.20
C ARG G 110 50.23 52.41 5.89
N MET G 111 49.31 52.85 5.03
CA MET G 111 49.01 52.17 3.76
C MET G 111 49.61 52.95 2.59
N THR G 112 50.72 52.44 2.03
CA THR G 112 51.27 53.05 0.83
C THR G 112 51.50 51.98 -0.22
N GLY G 113 52.05 52.43 -1.35
CA GLY G 113 52.45 51.57 -2.44
C GLY G 113 53.92 51.18 -2.32
N TRP G 114 54.79 52.17 -2.16
CA TRP G 114 56.20 51.90 -2.21
C TRP G 114 56.76 51.73 -0.80
N GLY G 115 55.98 52.03 0.23
CA GLY G 115 56.51 51.95 1.58
C GLY G 115 57.00 53.29 2.09
N GLN G 116 57.69 53.26 3.24
CA GLN G 116 57.83 54.47 4.04
C GLN G 116 59.16 55.14 3.71
N THR G 117 60.13 54.40 3.14
CA THR G 117 61.42 54.96 2.72
C THR G 117 61.87 54.34 1.40
N GLY G 118 63.02 54.80 0.90
CA GLY G 118 63.67 54.25 -0.28
C GLY G 118 63.43 55.17 -1.48
N PRO G 119 64.08 54.88 -2.64
CA PRO G 119 64.13 55.78 -3.78
C PRO G 119 62.78 56.18 -4.38
N ARG G 120 61.76 55.33 -4.19
CA ARG G 120 60.52 55.54 -4.92
C ARG G 120 59.46 56.01 -3.96
N SER G 121 59.84 56.25 -2.68
CA SER G 121 58.85 56.46 -1.63
C SER G 121 58.06 57.74 -1.80
N GLN G 122 58.53 58.69 -2.64
CA GLN G 122 57.78 59.93 -2.85
C GLN G 122 57.13 59.96 -4.25
N GLN G 123 57.38 58.94 -5.09
CA GLN G 123 56.73 58.86 -6.38
C GLN G 123 55.23 58.57 -6.24
N ALA G 124 54.41 59.37 -6.93
CA ALA G 124 53.04 59.04 -7.19
C ALA G 124 52.96 57.71 -7.95
N GLY G 125 51.86 57.00 -7.78
CA GLY G 125 51.70 55.71 -8.41
C GLY G 125 50.33 55.14 -8.14
N HIS G 126 50.00 54.08 -8.86
CA HIS G 126 48.77 53.34 -8.62
C HIS G 126 49.09 51.86 -8.70
N ASP G 127 48.05 51.04 -8.56
CA ASP G 127 48.19 49.58 -8.59
C ASP G 127 49.16 49.13 -9.66
N ILE G 128 48.86 49.49 -10.92
CA ILE G 128 49.61 49.00 -12.06
C ILE G 128 51.12 49.23 -11.88
N ASN G 129 51.50 50.33 -11.23
CA ASN G 129 52.91 50.63 -11.00
C ASN G 129 53.50 49.71 -9.94
N TYR G 130 52.79 49.51 -8.82
CA TYR G 130 53.34 48.68 -7.75
C TYR G 130 53.57 47.26 -8.25
N ILE G 131 52.65 46.71 -9.05
CA ILE G 131 52.83 45.33 -9.49
C ILE G 131 53.77 45.23 -10.69
N SER G 132 54.13 46.36 -11.32
CA SER G 132 55.05 46.29 -12.44
C SER G 132 56.46 45.95 -11.94
N LEU G 133 56.77 46.39 -10.72
CA LEU G 133 58.14 46.41 -10.21
C LEU G 133 58.52 45.06 -9.62
N ASN G 134 57.56 44.21 -9.25
CA ASN G 134 57.88 43.02 -8.47
C ASN G 134 57.57 41.74 -9.25
N GLY G 135 57.47 41.83 -10.58
CA GLY G 135 57.31 40.64 -11.43
C GLY G 135 55.85 40.30 -11.75
N ILE G 136 54.90 40.77 -10.94
CA ILE G 136 53.54 40.29 -11.07
C ILE G 136 52.91 40.67 -12.42
N LEU G 137 52.93 41.97 -12.79
CA LEU G 137 52.24 42.45 -13.98
C LEU G 137 52.79 41.75 -15.21
N HIS G 138 54.11 41.52 -15.23
CA HIS G 138 54.77 40.85 -16.34
C HIS G 138 54.21 39.43 -16.60
N ALA G 139 53.64 38.81 -15.57
CA ALA G 139 53.26 37.40 -15.61
C ALA G 139 51.83 37.22 -16.11
N ILE G 140 51.08 38.32 -16.26
CA ILE G 140 49.66 38.28 -16.52
C ILE G 140 49.35 38.65 -17.97
N GLY G 141 48.59 37.81 -18.67
CA GLY G 141 48.15 38.08 -20.02
C GLY G 141 48.59 36.97 -20.97
N ARG G 142 48.16 37.07 -22.23
CA ARG G 142 48.56 36.13 -23.26
C ARG G 142 50.02 36.35 -23.64
N GLY G 143 50.67 35.32 -24.22
CA GLY G 143 52.10 35.36 -24.45
C GLY G 143 52.45 36.22 -25.67
N ASP G 144 51.52 36.36 -26.62
CA ASP G 144 51.88 37.01 -27.86
C ASP G 144 51.64 38.52 -27.74
N GLU G 145 51.52 39.06 -26.51
CA GLU G 145 50.87 40.34 -26.29
C GLU G 145 51.41 41.02 -25.04
N ARG G 146 51.22 42.33 -24.98
CA ARG G 146 51.70 43.09 -23.84
C ARG G 146 50.86 42.71 -22.61
N PRO G 147 51.47 42.80 -21.40
CA PRO G 147 50.81 42.43 -20.18
C PRO G 147 49.51 43.20 -19.95
N VAL G 148 48.57 42.52 -19.30
CA VAL G 148 47.27 43.12 -19.05
C VAL G 148 47.10 43.25 -17.53
N PRO G 149 46.66 44.42 -17.07
CA PRO G 149 46.43 44.61 -15.66
C PRO G 149 45.24 43.79 -15.17
N PRO G 150 45.40 43.07 -14.05
CA PRO G 150 44.29 42.40 -13.39
C PRO G 150 43.42 43.34 -12.55
N LEU G 151 42.78 44.29 -13.24
CA LEU G 151 42.14 45.44 -12.62
C LEU G 151 43.11 46.02 -11.60
N ASN G 152 42.57 46.49 -10.45
CA ASN G 152 43.44 46.88 -9.34
C ASN G 152 43.31 45.91 -8.16
N LEU G 153 43.17 44.59 -8.44
CA LEU G 153 42.80 43.59 -7.44
C LEU G 153 43.99 43.14 -6.64
N VAL G 154 45.16 43.10 -7.28
CA VAL G 154 46.34 42.49 -6.72
C VAL G 154 47.15 43.50 -5.88
N GLY G 155 47.30 44.75 -6.34
CA GLY G 155 48.10 45.74 -5.63
C GLY G 155 47.30 46.53 -4.58
N ASP G 156 46.18 47.12 -4.98
CA ASP G 156 45.35 47.85 -4.05
C ASP G 156 44.72 46.95 -2.98
N PHE G 157 44.17 45.77 -3.37
CA PHE G 157 43.34 45.03 -2.43
C PHE G 157 44.05 43.77 -1.93
N GLY G 158 44.24 42.77 -2.80
CA GLY G 158 44.86 41.53 -2.35
C GLY G 158 46.19 41.76 -1.65
N GLY G 159 47.03 42.65 -2.18
CA GLY G 159 48.36 42.86 -1.63
C GLY G 159 48.45 44.19 -0.86
N GLY G 160 47.29 44.85 -0.70
CA GLY G 160 47.22 46.19 -0.16
C GLY G 160 46.37 46.25 1.09
N SER G 161 45.08 46.56 0.91
CA SER G 161 44.15 46.61 2.00
C SER G 161 44.25 45.33 2.83
N MET G 162 44.42 44.16 2.21
CA MET G 162 44.27 42.92 2.96
C MET G 162 45.47 42.75 3.90
N PHE G 163 46.67 43.16 3.50
CA PHE G 163 47.81 43.08 4.38
C PHE G 163 47.79 44.20 5.44
N LEU G 164 47.21 45.36 5.13
CA LEU G 164 46.98 46.36 6.18
C LEU G 164 46.09 45.75 7.25
N LEU G 165 45.02 45.07 6.82
CA LEU G 165 44.08 44.45 7.74
C LEU G 165 44.79 43.41 8.61
N VAL G 166 45.57 42.51 7.99
CA VAL G 166 46.33 41.54 8.76
C VAL G 166 47.14 42.27 9.83
N GLY G 167 47.93 43.26 9.41
CA GLY G 167 48.87 43.94 10.29
C GLY G 167 48.15 44.60 11.45
N ILE G 168 47.03 45.28 11.17
CA ILE G 168 46.22 45.91 12.18
C ILE G 168 45.75 44.85 13.18
N LEU G 169 45.16 43.77 12.66
CA LEU G 169 44.54 42.78 13.52
C LEU G 169 45.61 42.02 14.32
N ALA G 170 46.75 41.70 13.70
CA ALA G 170 47.85 41.02 14.36
C ALA G 170 48.43 41.89 15.49
N ALA G 171 48.49 43.20 15.27
CA ALA G 171 49.06 44.11 16.26
C ALA G 171 48.10 44.26 17.43
N LEU G 172 46.77 44.23 17.16
CA LEU G 172 45.71 44.30 18.16
C LEU G 172 45.78 43.07 19.07
N TRP G 173 46.28 41.94 18.55
CA TRP G 173 46.48 40.74 19.33
C TRP G 173 47.69 40.92 20.25
N GLU G 174 48.74 41.53 19.71
CA GLU G 174 49.95 41.75 20.48
C GLU G 174 49.67 42.74 21.61
N ARG G 175 48.76 43.70 21.36
CA ARG G 175 48.35 44.73 22.30
C ARG G 175 47.64 44.14 23.52
N GLN G 176 47.15 42.90 23.44
CA GLN G 176 46.53 42.24 24.57
C GLN G 176 47.59 41.81 25.58
N SER G 177 48.81 41.46 25.12
CA SER G 177 49.94 41.18 26.00
C SER G 177 50.52 42.47 26.56
N SER G 178 51.03 43.32 25.65
CA SER G 178 52.04 44.31 25.96
C SER G 178 51.43 45.64 26.38
N GLY G 179 50.12 45.87 26.15
CA GLY G 179 49.42 47.08 26.57
C GLY G 179 49.58 48.24 25.58
N LYS G 180 50.45 48.04 24.57
CA LYS G 180 51.04 49.08 23.75
C LYS G 180 50.64 48.95 22.27
N GLY G 181 50.23 50.08 21.69
CA GLY G 181 50.07 50.24 20.25
C GLY G 181 51.40 50.07 19.50
N GLN G 182 51.39 50.41 18.20
CA GLN G 182 52.59 50.40 17.36
C GLN G 182 52.22 50.74 15.91
N VAL G 183 53.25 50.71 15.03
CA VAL G 183 53.12 51.24 13.68
C VAL G 183 53.19 50.08 12.70
N VAL G 184 52.20 50.07 11.81
CA VAL G 184 52.13 49.09 10.73
C VAL G 184 52.47 49.78 9.41
N ASP G 185 53.58 49.33 8.82
CA ASP G 185 53.98 49.71 7.46
C ASP G 185 53.49 48.68 6.42
N ALA G 186 52.33 48.95 5.81
CA ALA G 186 51.78 48.13 4.74
C ALA G 186 52.09 48.72 3.36
N ALA G 187 53.08 48.16 2.68
CA ALA G 187 53.38 48.56 1.32
C ALA G 187 52.90 47.54 0.28
N MET G 188 52.06 48.02 -0.68
CA MET G 188 51.52 47.21 -1.77
C MET G 188 52.58 46.40 -2.47
N VAL G 189 53.78 46.93 -2.65
CA VAL G 189 54.80 46.19 -3.37
C VAL G 189 55.28 44.99 -2.55
N ASP G 190 55.08 45.10 -1.22
CA ASP G 190 55.48 44.05 -0.28
C ASP G 190 54.36 43.02 -0.17
N GLY G 191 53.17 43.50 0.18
CA GLY G 191 51.96 42.70 0.30
C GLY G 191 51.77 41.83 -0.93
N SER G 192 51.85 42.46 -2.11
CA SER G 192 51.60 41.78 -3.37
C SER G 192 52.70 40.76 -3.67
N SER G 193 53.94 40.99 -3.19
CA SER G 193 55.01 40.00 -3.40
C SER G 193 54.71 38.73 -2.59
N VAL G 194 54.14 38.89 -1.39
CA VAL G 194 53.79 37.78 -0.51
C VAL G 194 52.58 37.05 -1.07
N LEU G 195 51.64 37.81 -1.62
CA LEU G 195 50.45 37.25 -2.22
C LEU G 195 50.83 36.29 -3.35
N ILE G 196 51.93 36.55 -4.07
CA ILE G 196 52.33 35.68 -5.16
C ILE G 196 53.48 34.74 -4.77
N GLN G 197 53.55 34.44 -3.47
CA GLN G 197 54.59 33.56 -2.93
C GLN G 197 54.64 32.20 -3.67
N MET G 198 53.47 31.63 -3.98
CA MET G 198 53.46 30.37 -4.68
C MET G 198 54.27 30.47 -5.96
N MET G 199 54.21 31.59 -6.69
CA MET G 199 54.96 31.60 -7.95
C MET G 199 56.47 31.60 -7.67
N TRP G 200 56.89 32.37 -6.66
CA TRP G 200 58.29 32.40 -6.24
C TRP G 200 58.74 31.00 -5.82
N ALA G 201 57.89 30.26 -5.10
CA ALA G 201 58.19 28.87 -4.72
C ALA G 201 58.37 27.98 -5.95
N MET G 202 57.36 27.99 -6.84
CA MET G 202 57.40 27.16 -8.04
C MET G 202 58.59 27.56 -8.92
N ARG G 203 58.91 28.85 -8.92
CA ARG G 203 60.02 29.35 -9.69
C ARG G 203 61.34 28.71 -9.22
N ALA G 204 61.55 28.58 -7.90
CA ALA G 204 62.78 28.02 -7.37
C ALA G 204 62.91 26.53 -7.66
N THR G 205 61.79 25.80 -7.79
CA THR G 205 61.82 24.36 -8.06
C THR G 205 61.66 24.07 -9.54
N GLY G 206 61.69 25.10 -10.41
CA GLY G 206 61.62 24.90 -11.86
C GLY G 206 60.20 24.60 -12.39
N MET G 207 59.15 24.90 -11.62
CA MET G 207 57.79 24.63 -12.08
C MET G 207 57.10 25.91 -12.55
N TRP G 208 57.86 26.97 -12.83
CA TRP G 208 57.28 28.21 -13.30
C TRP G 208 58.37 28.96 -14.02
N THR G 209 58.11 29.42 -15.25
CA THR G 209 59.07 30.23 -15.99
C THR G 209 58.60 31.69 -16.07
N ASP G 210 59.48 32.58 -16.51
CA ASP G 210 59.19 34.00 -16.63
C ASP G 210 58.50 34.33 -17.94
N THR G 211 58.46 33.38 -18.88
CA THR G 211 57.68 33.49 -20.10
C THR G 211 56.19 33.58 -19.80
N ARG G 212 55.58 34.64 -20.34
CA ARG G 212 54.16 34.86 -20.14
C ARG G 212 53.37 33.89 -21.00
N GLY G 213 52.27 33.42 -20.43
CA GLY G 213 51.35 32.52 -21.11
C GLY G 213 51.88 31.10 -21.30
N ALA G 214 52.87 30.66 -20.53
CA ALA G 214 53.47 29.33 -20.73
C ALA G 214 53.61 28.55 -19.43
N ASN G 215 52.69 28.68 -18.50
CA ASN G 215 52.77 28.02 -17.22
C ASN G 215 51.45 27.34 -16.94
N MET G 216 51.32 26.68 -15.77
CA MET G 216 50.14 25.88 -15.49
C MET G 216 48.94 26.76 -15.18
N LEU G 217 49.19 27.94 -14.57
CA LEU G 217 48.11 28.72 -13.98
C LEU G 217 47.93 30.11 -14.64
N ASP G 218 48.60 30.38 -15.76
CA ASP G 218 48.57 31.70 -16.39
C ASP G 218 47.75 31.70 -17.68
N GLY G 219 47.19 30.54 -18.02
CA GLY G 219 46.48 30.39 -19.28
C GLY G 219 47.27 29.59 -20.30
N GLY G 220 48.51 29.21 -19.99
CA GLY G 220 49.26 28.36 -20.90
C GLY G 220 48.76 26.91 -20.99
N ALA G 221 48.20 26.36 -19.90
CA ALA G 221 47.74 24.97 -19.90
C ALA G 221 46.33 24.91 -20.49
N PRO G 222 46.07 24.01 -21.47
CA PRO G 222 44.73 23.91 -22.07
C PRO G 222 43.63 23.53 -21.10
N TYR G 223 44.01 22.92 -19.99
CA TYR G 223 43.02 22.49 -19.01
C TYR G 223 42.87 23.56 -17.92
N TYR G 224 43.57 24.70 -18.02
CA TYR G 224 43.40 25.76 -17.05
C TYR G 224 43.36 27.08 -17.83
N ASP G 225 42.18 27.40 -18.36
CA ASP G 225 42.01 28.51 -19.28
C ASP G 225 40.52 28.70 -19.51
N THR G 226 40.16 29.77 -20.23
CA THR G 226 38.79 30.00 -20.63
C THR G 226 38.65 29.58 -22.08
N TYR G 227 37.41 29.32 -22.50
CA TYR G 227 37.13 28.87 -23.85
C TYR G 227 35.91 29.61 -24.37
N GLU G 228 35.95 29.98 -25.65
CA GLU G 228 34.81 30.61 -26.26
C GLU G 228 33.85 29.53 -26.75
N CYS G 229 32.56 29.74 -26.45
CA CYS G 229 31.47 28.86 -26.83
C CYS G 229 30.80 29.33 -28.14
N ALA G 230 29.80 28.61 -28.64
CA ALA G 230 29.22 28.91 -29.96
C ALA G 230 28.52 30.25 -29.93
N ASP G 231 28.06 30.67 -28.74
CA ASP G 231 27.31 31.90 -28.64
C ASP G 231 28.24 33.09 -28.37
N GLY G 232 29.57 32.90 -28.32
CA GLY G 232 30.46 34.03 -28.05
C GLY G 232 30.63 34.31 -26.55
N ARG G 233 29.94 33.54 -25.69
CA ARG G 233 30.22 33.61 -24.26
C ARG G 233 31.33 32.60 -23.91
N TYR G 234 31.72 32.51 -22.63
CA TYR G 234 32.92 31.78 -22.25
C TYR G 234 32.60 30.84 -21.09
N VAL G 235 33.33 29.72 -21.06
CA VAL G 235 33.43 28.90 -19.89
C VAL G 235 34.87 28.99 -19.42
N ALA G 236 35.06 28.70 -18.13
CA ALA G 236 36.37 28.48 -17.58
C ALA G 236 36.54 26.98 -17.28
N VAL G 237 37.70 26.46 -17.65
CA VAL G 237 38.10 25.11 -17.36
C VAL G 237 39.24 25.18 -16.35
N GLY G 238 39.14 24.38 -15.28
CA GLY G 238 40.17 24.33 -14.24
C GLY G 238 40.55 22.91 -13.82
N ALA G 239 40.59 22.03 -14.81
CA ALA G 239 40.61 20.60 -14.53
C ALA G 239 42.04 20.10 -14.45
N ILE G 240 42.68 20.40 -13.32
CA ILE G 240 44.10 20.15 -13.15
C ILE G 240 44.31 18.67 -12.84
N GLU G 241 43.58 18.18 -11.83
CA GLU G 241 43.71 16.80 -11.41
C GLU G 241 43.22 15.90 -12.54
N PRO G 242 43.92 14.79 -12.81
CA PRO G 242 43.59 13.92 -13.95
C PRO G 242 42.15 13.43 -13.97
N GLN G 243 41.61 13.16 -12.78
CA GLN G 243 40.30 12.55 -12.64
C GLN G 243 39.22 13.58 -12.98
N PHE G 244 39.51 14.86 -12.70
CA PHE G 244 38.58 15.91 -13.06
C PHE G 244 38.69 16.15 -14.57
N TYR G 245 39.93 16.17 -15.09
CA TYR G 245 40.18 16.31 -16.52
C TYR G 245 39.42 15.22 -17.30
N ALA G 246 39.46 13.98 -16.81
CA ALA G 246 38.75 12.88 -17.45
C ALA G 246 37.24 13.10 -17.47
N ALA G 247 36.67 13.60 -16.36
CA ALA G 247 35.27 13.97 -16.33
C ALA G 247 34.96 15.09 -17.32
N MET G 248 35.92 16.01 -17.47
CA MET G 248 35.74 17.11 -18.41
C MET G 248 35.61 16.54 -19.82
N LEU G 249 36.55 15.65 -20.21
CA LEU G 249 36.55 15.07 -21.55
C LEU G 249 35.27 14.29 -21.83
N ALA G 250 34.76 13.54 -20.83
CA ALA G 250 33.56 12.74 -21.00
C ALA G 250 32.36 13.62 -21.32
N GLY G 251 32.25 14.76 -20.61
CA GLY G 251 31.19 15.72 -20.87
C GLY G 251 31.31 16.36 -22.25
N LEU G 252 32.55 16.55 -22.72
CA LEU G 252 32.80 17.16 -24.03
C LEU G 252 32.50 16.17 -25.14
N GLY G 253 32.49 14.87 -24.81
CA GLY G 253 32.23 13.86 -25.81
C GLY G 253 33.52 13.53 -26.56
N LEU G 254 34.66 13.78 -25.91
CA LEU G 254 35.96 13.49 -26.51
C LEU G 254 36.52 12.21 -25.90
N ASP G 255 36.91 11.26 -26.75
CA ASP G 255 37.42 10.01 -26.24
C ASP G 255 38.93 10.24 -26.03
N ALA G 256 39.39 9.97 -24.79
CA ALA G 256 40.76 10.23 -24.35
C ALA G 256 41.78 9.49 -25.21
N ALA G 257 41.43 8.32 -25.75
CA ALA G 257 42.34 7.60 -26.64
C ALA G 257 42.75 8.43 -27.87
N GLU G 258 41.95 9.41 -28.30
CA GLU G 258 42.26 10.18 -29.51
C GLU G 258 43.04 11.46 -29.23
N LEU G 259 43.38 11.77 -27.96
CA LEU G 259 43.97 13.05 -27.60
C LEU G 259 45.42 12.85 -27.20
N PRO G 260 46.25 13.91 -27.23
CA PRO G 260 47.53 13.83 -26.56
C PRO G 260 47.34 13.73 -25.05
N PRO G 261 48.38 13.28 -24.31
CA PRO G 261 48.31 13.28 -22.85
C PRO G 261 48.15 14.68 -22.28
N GLN G 262 47.37 14.77 -21.20
CA GLN G 262 47.04 16.00 -20.54
C GLN G 262 48.29 16.86 -20.32
N ASN G 263 49.41 16.24 -19.90
CA ASN G 263 50.58 17.00 -19.50
C ASN G 263 51.79 16.74 -20.39
N ASP G 264 51.56 16.30 -21.62
CA ASP G 264 52.58 16.40 -22.66
C ASP G 264 52.59 17.83 -23.21
N ARG G 265 53.44 18.70 -22.64
CA ARG G 265 53.44 20.13 -22.96
C ARG G 265 53.79 20.35 -24.43
N ALA G 266 54.64 19.49 -24.97
CA ALA G 266 55.01 19.56 -26.37
C ALA G 266 53.80 19.41 -27.30
N ARG G 267 52.70 18.79 -26.83
CA ARG G 267 51.55 18.55 -27.67
C ARG G 267 50.34 19.39 -27.25
N TRP G 268 50.57 20.38 -26.38
CA TRP G 268 49.52 21.29 -25.97
C TRP G 268 48.89 22.03 -27.16
N PRO G 269 49.62 22.41 -28.23
CA PRO G 269 49.03 23.01 -29.41
C PRO G 269 47.87 22.23 -29.98
N GLU G 270 48.09 20.94 -30.19
CA GLU G 270 47.04 20.08 -30.70
C GLU G 270 45.93 19.96 -29.66
N LEU G 271 46.32 19.76 -28.39
CA LEU G 271 45.33 19.54 -27.34
C LEU G 271 44.42 20.77 -27.28
N ARG G 272 45.03 21.96 -27.30
CA ARG G 272 44.24 23.18 -27.26
C ARG G 272 43.30 23.22 -28.45
N ALA G 273 43.77 22.88 -29.65
CA ALA G 273 42.91 22.99 -30.82
C ALA G 273 41.70 22.07 -30.66
N LEU G 274 41.92 20.89 -30.07
CA LEU G 274 40.83 19.92 -29.89
C LEU G 274 39.80 20.44 -28.89
N LEU G 275 40.27 21.02 -27.77
CA LEU G 275 39.33 21.51 -26.76
C LEU G 275 38.58 22.73 -27.29
N THR G 276 39.26 23.56 -28.08
CA THR G 276 38.73 24.80 -28.62
C THR G 276 37.53 24.51 -29.52
N GLU G 277 37.72 23.55 -30.47
CA GLU G 277 36.68 23.10 -31.40
C GLU G 277 35.52 22.49 -30.60
N ALA G 278 35.82 21.67 -29.61
CA ALA G 278 34.77 21.08 -28.80
C ALA G 278 33.93 22.15 -28.08
N PHE G 279 34.56 23.06 -27.33
CA PHE G 279 33.76 24.01 -26.58
C PHE G 279 33.04 24.97 -27.53
N ALA G 280 33.65 25.24 -28.69
CA ALA G 280 33.06 26.13 -29.68
C ALA G 280 31.84 25.52 -30.36
N SER G 281 31.58 24.22 -30.15
CA SER G 281 30.52 23.53 -30.87
C SER G 281 29.16 23.72 -30.18
N HIS G 282 29.12 24.07 -28.90
CA HIS G 282 27.84 24.41 -28.27
C HIS G 282 27.93 25.76 -27.54
N ASP G 283 26.77 26.26 -27.08
CA ASP G 283 26.67 27.54 -26.37
C ASP G 283 26.94 27.35 -24.88
N ARG G 284 27.13 28.47 -24.18
CA ARG G 284 27.60 28.41 -22.80
C ARG G 284 26.59 27.71 -21.90
N ASP G 285 25.29 27.94 -22.15
CA ASP G 285 24.23 27.31 -21.36
C ASP G 285 24.28 25.77 -21.52
N HIS G 286 24.54 25.29 -22.74
CA HIS G 286 24.68 23.87 -23.01
C HIS G 286 25.74 23.28 -22.06
N TRP G 287 26.88 23.95 -21.92
CA TRP G 287 27.94 23.42 -21.07
C TRP G 287 27.56 23.55 -19.59
N GLY G 288 26.83 24.60 -19.22
CA GLY G 288 26.37 24.72 -17.84
C GLY G 288 25.46 23.55 -17.47
N ALA G 289 24.63 23.11 -18.43
CA ALA G 289 23.75 21.99 -18.18
C ALA G 289 24.60 20.72 -18.12
N VAL G 290 25.43 20.48 -19.14
CA VAL G 290 26.21 19.25 -19.25
C VAL G 290 27.05 19.07 -17.97
N PHE G 291 27.62 20.15 -17.41
CA PHE G 291 28.60 19.98 -16.35
C PHE G 291 28.02 20.22 -14.95
N ALA G 292 26.82 20.82 -14.84
CA ALA G 292 25.87 20.51 -13.76
C ALA G 292 26.49 20.53 -12.36
N ASN G 293 26.54 19.33 -11.72
CA ASN G 293 26.87 19.15 -10.31
C ASN G 293 28.29 18.55 -10.24
N SER G 294 29.06 18.63 -11.33
CA SER G 294 30.16 17.70 -11.58
C SER G 294 31.52 18.25 -11.16
N ASP G 295 32.48 17.33 -10.98
CA ASP G 295 33.85 17.63 -10.61
C ASP G 295 34.74 17.91 -11.84
N ALA G 296 34.13 18.19 -13.01
CA ALA G 296 34.87 18.50 -14.23
C ALA G 296 35.56 19.89 -14.19
N CYS G 297 35.21 20.75 -13.23
CA CYS G 297 35.84 22.04 -13.06
C CYS G 297 35.62 22.88 -14.32
N VAL G 298 34.39 22.90 -14.81
CA VAL G 298 33.99 23.71 -15.94
C VAL G 298 32.82 24.55 -15.46
N THR G 299 32.94 25.88 -15.59
CA THR G 299 31.95 26.82 -15.06
C THR G 299 31.70 27.91 -16.08
N PRO G 300 30.47 28.46 -16.15
CA PRO G 300 30.19 29.61 -16.97
C PRO G 300 30.96 30.84 -16.49
N VAL G 301 31.50 31.65 -17.41
CA VAL G 301 32.15 32.91 -17.08
C VAL G 301 31.09 34.00 -17.08
N LEU G 302 30.65 34.37 -15.89
CA LEU G 302 29.50 35.26 -15.76
C LEU G 302 29.97 36.71 -15.72
N ALA G 303 29.22 37.57 -16.43
CA ALA G 303 29.40 38.99 -16.31
C ALA G 303 28.72 39.47 -15.03
N PHE G 304 29.20 40.58 -14.47
CA PHE G 304 28.64 41.13 -13.25
C PHE G 304 27.12 41.09 -13.27
N GLY G 305 26.55 41.57 -14.37
CA GLY G 305 25.12 41.77 -14.48
C GLY G 305 24.30 40.47 -14.45
N GLU G 306 24.97 39.30 -14.52
CA GLU G 306 24.27 38.00 -14.52
C GLU G 306 24.46 37.25 -13.21
N VAL G 307 25.36 37.76 -12.35
CA VAL G 307 25.77 37.07 -11.14
C VAL G 307 24.58 36.86 -10.19
N HIS G 308 23.70 37.86 -10.10
CA HIS G 308 22.55 37.80 -9.21
C HIS G 308 21.57 36.68 -9.58
N ASN G 309 21.70 36.04 -10.76
CA ASN G 309 20.78 34.97 -11.15
C ASN G 309 21.37 33.57 -10.97
N GLU G 310 22.52 33.49 -10.30
CA GLU G 310 23.23 32.22 -10.21
C GLU G 310 22.83 31.56 -8.88
N PRO G 311 22.17 30.37 -8.91
CA PRO G 311 21.65 29.73 -7.70
C PRO G 311 22.63 29.70 -6.52
N HIS G 312 23.87 29.29 -6.73
CA HIS G 312 24.78 29.21 -5.59
C HIS G 312 25.00 30.60 -4.97
N ILE G 313 24.93 31.64 -5.79
CA ILE G 313 25.22 32.99 -5.33
C ILE G 313 24.03 33.46 -4.51
N ILE G 314 22.84 33.24 -5.05
CA ILE G 314 21.58 33.57 -4.40
C ILE G 314 21.47 32.88 -3.04
N GLU G 315 21.58 31.55 -2.98
CA GLU G 315 21.29 30.84 -1.75
C GLU G 315 22.26 31.17 -0.62
N ARG G 316 23.51 31.51 -0.94
CA ARG G 316 24.45 31.83 0.14
C ARG G 316 24.43 33.31 0.56
N ASN G 317 23.60 34.14 -0.08
CA ASN G 317 23.55 35.57 0.19
C ASN G 317 24.96 36.17 0.10
N THR G 318 25.62 35.94 -1.03
CA THR G 318 26.92 36.52 -1.27
C THR G 318 26.75 38.04 -1.52
N PHE G 319 25.66 38.44 -2.17
CA PHE G 319 25.31 39.83 -2.43
C PHE G 319 24.01 40.23 -1.71
N TYR G 320 23.80 41.56 -1.56
CA TYR G 320 22.54 42.19 -1.14
C TYR G 320 22.24 43.38 -2.06
N GLU G 321 20.96 43.81 -2.13
CA GLU G 321 20.61 44.94 -2.97
C GLU G 321 20.75 46.26 -2.22
N ALA G 322 21.03 47.34 -2.95
CA ALA G 322 21.21 48.65 -2.35
C ALA G 322 21.38 49.68 -3.46
N ASN G 323 20.45 50.63 -3.55
CA ASN G 323 20.58 51.74 -4.48
C ASN G 323 20.70 51.17 -5.90
N GLY G 324 19.65 50.48 -6.36
CA GLY G 324 19.64 49.84 -7.68
C GLY G 324 21.03 49.34 -8.06
N GLY G 325 21.49 48.28 -7.39
CA GLY G 325 22.83 47.76 -7.61
C GLY G 325 23.24 46.81 -6.50
N TRP G 326 23.58 45.58 -6.89
CA TRP G 326 24.06 44.60 -5.94
C TRP G 326 25.42 45.01 -5.39
N GLN G 327 25.65 44.65 -4.13
CA GLN G 327 26.92 44.88 -3.45
C GLN G 327 27.25 43.61 -2.71
N PRO G 328 28.53 43.26 -2.52
CA PRO G 328 28.85 42.05 -1.78
C PRO G 328 28.63 42.16 -0.28
N MET G 329 28.09 41.08 0.32
CA MET G 329 27.93 40.98 1.76
C MET G 329 29.30 40.81 2.37
N PRO G 330 29.47 41.12 3.67
CA PRO G 330 30.74 40.95 4.35
C PRO G 330 31.34 39.55 4.24
N ALA G 331 32.66 39.48 4.31
CA ALA G 331 33.35 38.22 4.34
C ALA G 331 34.55 38.39 5.25
N PRO G 332 35.07 37.30 5.88
CA PRO G 332 34.47 35.98 5.85
C PRO G 332 33.25 35.88 6.78
N ARG G 333 32.70 34.67 6.96
CA ARG G 333 31.53 34.50 7.82
C ARG G 333 31.92 33.91 9.18
N PHE G 334 31.11 34.28 10.20
CA PHE G 334 31.36 33.92 11.60
C PHE G 334 30.14 33.18 12.16
N SER G 335 30.37 32.03 12.81
CA SER G 335 29.27 31.22 13.33
C SER G 335 28.53 31.91 14.50
N ARG G 336 29.24 32.52 15.44
CA ARG G 336 28.59 33.10 16.60
C ARG G 336 28.24 34.59 16.40
N THR G 337 29.26 35.41 16.13
CA THR G 337 29.10 36.85 15.97
C THR G 337 29.04 37.22 14.49
N ALA G 338 27.89 36.99 13.87
CA ALA G 338 27.71 37.19 12.45
C ALA G 338 27.56 38.67 12.14
N SER G 339 28.31 39.13 11.12
CA SER G 339 28.18 40.47 10.59
C SER G 339 26.75 40.68 10.12
N SER G 340 26.35 41.93 9.93
CA SER G 340 25.02 42.20 9.40
C SER G 340 25.13 42.96 8.09
N GLN G 341 23.99 43.10 7.42
CA GLN G 341 23.92 43.86 6.19
C GLN G 341 24.53 45.23 6.46
N PRO G 342 25.51 45.69 5.65
CA PRO G 342 26.10 46.99 5.87
C PRO G 342 25.09 48.13 5.78
N ARG G 343 25.34 49.18 6.57
CA ARG G 343 24.57 50.42 6.52
C ARG G 343 25.05 51.29 5.37
N PRO G 344 24.14 51.86 4.55
CA PRO G 344 24.56 52.66 3.41
C PRO G 344 25.32 53.89 3.91
N PRO G 345 26.10 54.57 3.04
CA PRO G 345 26.91 55.71 3.45
C PRO G 345 26.12 56.75 4.25
N ALA G 346 26.74 57.23 5.34
CA ALA G 346 26.04 57.92 6.40
C ALA G 346 26.27 59.42 6.31
N ALA G 347 25.24 60.16 5.84
CA ALA G 347 25.21 61.62 5.80
C ALA G 347 26.07 62.21 6.93
N THR G 348 26.69 63.35 6.64
CA THR G 348 27.94 63.70 7.31
C THR G 348 27.63 64.20 8.72
N ILE G 349 28.45 63.79 9.69
CA ILE G 349 28.12 63.96 11.09
C ILE G 349 29.12 64.95 11.66
N ASP G 350 28.62 65.84 12.54
CA ASP G 350 29.45 66.81 13.23
C ASP G 350 30.36 66.08 14.22
N ILE G 351 31.68 66.33 14.12
CA ILE G 351 32.70 65.61 14.88
C ILE G 351 32.47 65.72 16.39
N GLU G 352 31.87 66.84 16.82
CA GLU G 352 31.52 67.07 18.22
C GLU G 352 30.66 65.90 18.71
N ALA G 353 29.57 65.62 17.96
CA ALA G 353 28.57 64.64 18.33
C ALA G 353 29.18 63.24 18.44
N VAL G 354 30.32 62.99 17.76
CA VAL G 354 31.02 61.72 17.83
C VAL G 354 31.76 61.64 19.18
N LEU G 355 32.45 62.72 19.57
CA LEU G 355 33.18 62.74 20.84
C LEU G 355 32.25 62.54 22.03
N THR G 356 31.06 63.17 21.98
CA THR G 356 29.95 62.93 22.90
C THR G 356 29.76 61.42 23.07
N ASP G 357 29.30 60.77 21.98
CA ASP G 357 29.03 59.35 21.93
C ASP G 357 30.18 58.52 22.52
N TRP G 358 31.45 58.92 22.37
CA TRP G 358 32.57 58.02 22.65
C TRP G 358 33.03 58.09 24.12
N MET H 1 60.49 33.41 19.07
CA MET H 1 59.90 33.67 17.73
C MET H 1 59.51 35.15 17.60
N ALA H 2 60.00 35.78 16.52
CA ALA H 2 59.79 37.20 16.30
C ALA H 2 58.51 37.49 15.51
N GLY H 3 57.69 38.43 16.04
CA GLY H 3 56.67 39.11 15.29
C GLY H 3 55.50 39.37 16.22
N PRO H 4 54.41 40.08 15.81
CA PRO H 4 53.33 40.40 16.73
C PRO H 4 52.39 39.26 17.08
N LEU H 5 52.63 38.07 16.51
CA LEU H 5 51.70 36.97 16.68
C LEU H 5 52.29 35.91 17.59
N SER H 6 53.60 35.99 17.90
CA SER H 6 54.27 34.93 18.64
C SER H 6 53.51 34.60 19.93
N GLY H 7 53.54 33.30 20.26
CA GLY H 7 52.66 32.70 21.26
C GLY H 7 51.24 32.49 20.74
N LEU H 8 51.06 32.50 19.41
CA LEU H 8 49.83 32.04 18.78
C LEU H 8 50.12 30.62 18.34
N ARG H 9 49.20 29.72 18.72
CA ARG H 9 49.37 28.32 18.39
C ARG H 9 48.32 27.95 17.35
N VAL H 10 48.87 27.37 16.28
CA VAL H 10 48.12 27.12 15.07
C VAL H 10 48.35 25.68 14.65
N VAL H 11 47.23 24.95 14.48
CA VAL H 11 47.29 23.68 13.78
C VAL H 11 46.70 23.81 12.37
N GLU H 12 47.49 23.36 11.40
CA GLU H 12 47.12 23.31 9.98
C GLU H 12 46.97 21.85 9.52
N LEU H 13 45.81 21.49 8.98
CA LEU H 13 45.66 20.23 8.27
C LEU H 13 46.11 20.39 6.80
N ALA H 14 47.26 19.80 6.47
CA ALA H 14 47.87 19.92 5.16
C ALA H 14 46.81 19.89 4.05
N GLY H 15 46.75 21.01 3.33
CA GLY H 15 46.07 21.13 2.04
C GLY H 15 46.96 21.88 1.06
N ILE H 16 46.36 22.40 -0.02
CA ILE H 16 47.09 23.10 -1.07
C ILE H 16 46.49 24.49 -1.26
N GLY H 17 47.36 25.47 -1.54
CA GLY H 17 46.88 26.79 -1.94
C GLY H 17 46.53 27.68 -0.75
N PRO H 18 45.27 28.12 -0.57
CA PRO H 18 44.97 29.15 0.42
C PRO H 18 45.27 28.74 1.86
N GLY H 19 45.02 27.47 2.19
CA GLY H 19 45.25 27.02 3.56
C GLY H 19 46.71 27.19 3.97
N PRO H 20 47.65 26.56 3.26
CA PRO H 20 49.06 26.78 3.56
C PRO H 20 49.53 28.24 3.44
N HIS H 21 48.90 29.04 2.57
CA HIS H 21 49.33 30.42 2.41
C HIS H 21 48.98 31.20 3.67
N ALA H 22 47.77 31.03 4.17
CA ALA H 22 47.36 31.66 5.42
C ALA H 22 48.25 31.20 6.57
N ALA H 23 48.48 29.88 6.65
CA ALA H 23 49.32 29.36 7.70
C ALA H 23 50.72 29.98 7.60
N MET H 24 51.24 30.08 6.37
CA MET H 24 52.57 30.62 6.16
C MET H 24 52.67 32.05 6.69
N ILE H 25 51.63 32.84 6.46
CA ILE H 25 51.64 34.24 6.82
C ILE H 25 51.59 34.36 8.34
N LEU H 26 50.71 33.59 8.99
CA LEU H 26 50.62 33.59 10.44
C LEU H 26 51.99 33.30 11.02
N GLY H 27 52.66 32.28 10.51
CA GLY H 27 53.97 31.93 10.99
C GLY H 27 55.05 32.93 10.57
N ASP H 28 54.80 33.71 9.51
CA ASP H 28 55.77 34.71 9.08
C ASP H 28 55.86 35.77 10.18
N LEU H 29 54.71 36.07 10.80
CA LEU H 29 54.51 37.08 11.82
C LEU H 29 54.68 36.51 13.24
N GLY H 30 55.30 35.34 13.39
CA GLY H 30 55.76 34.84 14.68
C GLY H 30 54.99 33.65 15.25
N ALA H 31 53.83 33.30 14.68
CA ALA H 31 52.95 32.31 15.29
C ALA H 31 53.60 30.94 15.24
N ASP H 32 53.22 30.09 16.22
CA ASP H 32 53.71 28.72 16.28
C ASP H 32 52.79 27.82 15.47
N VAL H 33 53.35 27.22 14.40
CA VAL H 33 52.51 26.60 13.38
C VAL H 33 52.94 25.16 13.20
N VAL H 34 51.94 24.29 13.40
CA VAL H 34 52.14 22.85 13.38
C VAL H 34 51.24 22.29 12.29
N ARG H 35 51.91 21.68 11.31
CA ARG H 35 51.26 21.21 10.09
C ARG H 35 51.23 19.68 10.08
N ILE H 36 50.01 19.13 10.22
CA ILE H 36 49.77 17.70 10.22
C ILE H 36 49.60 17.25 8.77
N ASP H 37 50.54 16.45 8.30
CA ASP H 37 50.48 15.95 6.94
C ASP H 37 50.20 14.43 6.98
N ARG H 38 49.85 13.85 5.82
CA ARG H 38 49.76 12.40 5.66
C ARG H 38 51.14 11.77 5.79
N PRO H 39 51.30 10.63 6.49
CA PRO H 39 52.57 9.93 6.43
C PRO H 39 52.94 9.54 4.99
N SER H 40 51.91 9.33 4.15
CA SER H 40 52.09 8.81 2.80
C SER H 40 52.60 9.85 1.80
N SER H 41 53.09 11.02 2.25
CA SER H 41 53.71 11.96 1.32
C SER H 41 55.11 12.43 1.74
N VAL H 42 55.40 12.67 3.04
CA VAL H 42 56.64 13.34 3.44
C VAL H 42 57.86 12.47 3.09
N ASP H 43 58.69 12.97 2.16
CA ASP H 43 59.89 12.29 1.67
C ASP H 43 61.11 13.19 1.83
N GLY H 44 61.51 13.45 3.09
CA GLY H 44 62.61 14.34 3.40
C GLY H 44 62.10 15.74 3.76
N ILE H 45 62.99 16.74 3.65
CA ILE H 45 62.59 18.13 3.85
C ILE H 45 61.85 18.58 2.59
N SER H 46 60.71 19.28 2.78
CA SER H 46 59.97 19.86 1.66
C SER H 46 60.82 20.91 0.95
N ARG H 47 60.66 21.01 -0.36
CA ARG H 47 61.27 22.13 -1.07
C ARG H 47 60.20 23.12 -1.55
N ASP H 48 59.06 23.20 -0.82
CA ASP H 48 58.03 24.20 -1.07
C ASP H 48 58.19 25.33 -0.06
N ALA H 49 58.78 26.44 -0.54
CA ALA H 49 59.06 27.56 0.32
C ALA H 49 57.78 28.11 0.95
N MET H 50 56.61 27.70 0.44
CA MET H 50 55.36 28.06 1.11
C MET H 50 55.29 27.42 2.49
N LEU H 51 56.07 26.33 2.73
CA LEU H 51 56.05 25.58 3.98
C LEU H 51 57.17 26.06 4.92
N ARG H 52 57.67 27.29 4.74
CA ARG H 52 58.55 27.94 5.69
C ARG H 52 57.79 28.22 6.99
N ASN H 53 58.50 28.53 8.08
CA ASN H 53 57.90 28.93 9.35
C ASN H 53 56.93 27.88 9.93
N ARG H 54 57.25 26.59 9.76
CA ARG H 54 56.39 25.49 10.20
C ARG H 54 57.14 24.46 11.06
N ARG H 55 56.39 23.67 11.87
CA ARG H 55 56.78 22.28 12.14
C ARG H 55 55.81 21.32 11.42
N ILE H 56 56.41 20.43 10.61
CA ILE H 56 55.74 19.34 9.87
C ILE H 56 55.68 18.08 10.73
N VAL H 57 54.46 17.65 11.11
CA VAL H 57 54.23 16.35 11.74
C VAL H 57 53.42 15.49 10.76
N THR H 58 53.61 14.17 10.81
CA THR H 58 52.73 13.23 10.13
C THR H 58 51.76 12.61 11.14
N ALA H 59 50.79 11.84 10.62
CA ALA H 59 49.72 11.28 11.41
C ALA H 59 48.58 10.89 10.47
N ASP H 60 48.29 9.59 10.42
CA ASP H 60 47.10 9.07 9.74
C ASP H 60 45.89 9.37 10.63
N LEU H 61 45.00 10.25 10.14
CA LEU H 61 43.85 10.73 10.91
C LEU H 61 42.68 9.76 10.81
N LYS H 62 42.83 8.75 9.94
CA LYS H 62 41.89 7.64 9.84
C LYS H 62 42.20 6.60 10.93
N SER H 63 43.47 6.50 11.37
CA SER H 63 43.84 5.77 12.60
C SER H 63 43.09 6.30 13.82
N ASP H 64 42.93 5.45 14.86
CA ASP H 64 42.37 5.91 16.13
C ASP H 64 43.45 6.68 16.88
N GLN H 65 44.69 6.25 16.66
CA GLN H 65 45.83 6.83 17.32
C GLN H 65 46.08 8.21 16.73
N GLY H 66 46.24 8.26 15.40
CA GLY H 66 46.35 9.50 14.64
C GLY H 66 45.31 10.55 15.05
N LEU H 67 44.05 10.15 15.22
CA LEU H 67 42.97 11.06 15.57
C LEU H 67 43.19 11.59 17.00
N GLU H 68 43.65 10.72 17.90
CA GLU H 68 43.73 11.07 19.30
C GLU H 68 44.82 12.14 19.48
N LEU H 69 45.99 11.90 18.85
CA LEU H 69 47.14 12.81 18.86
C LEU H 69 46.76 14.22 18.38
N ALA H 70 46.18 14.29 17.17
CA ALA H 70 45.69 15.53 16.59
C ALA H 70 44.76 16.27 17.55
N LEU H 71 43.84 15.54 18.22
CA LEU H 71 42.87 16.15 19.12
C LEU H 71 43.56 16.70 20.38
N LYS H 72 44.73 16.14 20.70
CA LYS H 72 45.55 16.63 21.79
C LYS H 72 46.22 17.95 21.38
N LEU H 73 46.81 17.99 20.18
CA LEU H 73 47.43 19.20 19.62
C LEU H 73 46.42 20.33 19.60
N ILE H 74 45.21 20.00 19.18
CA ILE H 74 44.15 20.97 18.98
C ILE H 74 43.66 21.56 20.31
N ALA H 75 43.59 20.74 21.35
CA ALA H 75 43.51 21.29 22.71
C ALA H 75 44.86 21.94 23.00
N LYS H 76 44.92 23.14 23.56
CA LYS H 76 46.20 23.82 23.73
C LYS H 76 46.66 24.61 22.49
N ALA H 77 45.85 24.64 21.42
CA ALA H 77 46.13 25.52 20.30
C ALA H 77 45.05 26.60 20.23
N ASP H 78 45.36 27.71 19.57
CA ASP H 78 44.40 28.80 19.46
C ASP H 78 43.55 28.60 18.23
N VAL H 79 44.19 28.07 17.18
CA VAL H 79 43.63 28.16 15.83
C VAL H 79 43.84 26.84 15.09
N LEU H 80 42.74 26.43 14.43
CA LEU H 80 42.77 25.33 13.46
C LEU H 80 42.43 25.81 12.05
N ILE H 81 43.26 25.33 11.12
CA ILE H 81 43.11 25.60 9.70
C ILE H 81 42.89 24.29 8.95
N GLU H 82 41.72 24.18 8.30
CA GLU H 82 41.50 23.11 7.34
C GLU H 82 40.93 23.66 6.03
N GLY H 83 41.38 23.07 4.93
CA GLY H 83 40.86 23.41 3.62
C GLY H 83 40.44 22.18 2.82
N TYR H 84 39.70 21.25 3.44
CA TYR H 84 39.14 20.12 2.71
C TYR H 84 37.72 20.46 2.32
N ARG H 85 37.11 19.62 1.48
CA ARG H 85 35.69 19.75 1.18
C ARG H 85 34.94 19.72 2.50
N PRO H 86 33.79 20.42 2.61
CA PRO H 86 32.97 20.36 3.81
C PRO H 86 32.43 18.95 4.07
N GLY H 87 32.38 18.54 5.35
CA GLY H 87 32.08 17.17 5.76
C GLY H 87 33.34 16.34 6.02
N VAL H 88 34.49 16.74 5.48
CA VAL H 88 35.63 15.86 5.58
C VAL H 88 36.17 15.82 7.00
N THR H 89 36.25 16.99 7.66
CA THR H 89 36.75 17.01 9.02
C THR H 89 35.69 16.36 9.94
N GLU H 90 34.40 16.62 9.73
CA GLU H 90 33.37 15.97 10.52
C GLU H 90 33.59 14.45 10.49
N ARG H 91 33.57 13.86 9.31
CA ARG H 91 33.77 12.43 9.13
C ARG H 91 35.12 11.91 9.63
N LEU H 92 36.11 12.76 9.93
CA LEU H 92 37.37 12.25 10.44
C LEU H 92 37.40 12.20 11.98
N GLY H 93 36.44 12.91 12.61
CA GLY H 93 36.37 13.07 14.06
C GLY H 93 36.86 14.44 14.56
N LEU H 94 37.18 15.34 13.61
CA LEU H 94 37.92 16.57 13.83
C LEU H 94 37.07 17.79 13.46
N GLY H 95 35.75 17.61 13.35
CA GLY H 95 34.85 18.70 13.02
C GLY H 95 34.83 19.78 14.11
N PRO H 96 34.09 20.89 13.90
CA PRO H 96 33.99 21.93 14.92
C PRO H 96 33.45 21.42 16.27
N GLU H 97 32.41 20.59 16.23
CA GLU H 97 31.80 20.05 17.45
C GLU H 97 32.79 19.15 18.19
N GLU H 98 33.46 18.25 17.48
CA GLU H 98 34.45 17.39 18.13
C GLU H 98 35.59 18.23 18.72
N CYS H 99 35.91 19.36 18.08
CA CYS H 99 37.03 20.19 18.49
C CYS H 99 36.63 21.03 19.72
N ALA H 100 35.35 21.46 19.80
CA ALA H 100 34.82 22.29 20.88
C ALA H 100 34.75 21.56 22.23
N LYS H 101 34.77 20.23 22.18
CA LYS H 101 34.79 19.40 23.37
C LYS H 101 36.18 19.42 24.00
N VAL H 102 37.23 19.44 23.18
CA VAL H 102 38.57 19.43 23.74
C VAL H 102 39.16 20.84 23.75
N ASN H 103 38.34 21.88 23.49
CA ASN H 103 38.81 23.28 23.47
C ASN H 103 37.66 24.20 23.07
N ASP H 104 37.09 24.89 24.07
CA ASP H 104 35.94 25.75 23.87
C ASP H 104 36.39 27.16 23.46
N ARG H 105 37.69 27.37 23.24
CA ARG H 105 38.23 28.69 22.89
C ARG H 105 38.83 28.69 21.49
N LEU H 106 38.62 27.63 20.71
CA LEU H 106 39.32 27.39 19.47
C LEU H 106 38.79 28.31 18.37
N ILE H 107 39.72 28.81 17.55
CA ILE H 107 39.31 29.44 16.29
C ILE H 107 39.43 28.38 15.19
N TYR H 108 38.24 28.04 14.67
CA TYR H 108 38.07 26.95 13.71
C TYR H 108 37.92 27.54 12.31
N ALA H 109 38.99 27.45 11.52
CA ALA H 109 39.05 28.22 10.27
C ALA H 109 38.92 27.28 9.08
N ARG H 110 37.84 27.49 8.31
CA ARG H 110 37.52 26.64 7.18
C ARG H 110 37.65 27.40 5.84
N MET H 111 38.67 27.00 5.09
CA MET H 111 39.07 27.55 3.80
C MET H 111 38.47 26.74 2.65
N THR H 112 37.47 27.26 1.94
CA THR H 112 36.95 26.58 0.75
C THR H 112 36.75 27.59 -0.37
N GLY H 113 36.40 27.08 -1.55
CA GLY H 113 36.07 27.94 -2.67
C GLY H 113 34.61 28.34 -2.65
N TRP H 114 33.74 27.33 -2.53
CA TRP H 114 32.31 27.54 -2.70
C TRP H 114 31.58 27.81 -1.38
N GLY H 115 32.23 27.52 -0.25
CA GLY H 115 31.59 27.70 1.04
C GLY H 115 31.11 26.38 1.67
N GLN H 116 30.46 26.51 2.83
CA GLN H 116 30.17 25.37 3.66
C GLN H 116 28.85 24.74 3.22
N THR H 117 27.94 25.51 2.62
CA THR H 117 26.64 24.98 2.21
C THR H 117 26.30 25.44 0.80
N GLY H 118 25.18 24.96 0.27
CA GLY H 118 24.65 25.39 -1.02
C GLY H 118 24.99 24.41 -2.14
N PRO H 119 24.35 24.57 -3.32
CA PRO H 119 24.39 23.57 -4.39
C PRO H 119 25.77 23.20 -4.89
N ARG H 120 26.75 24.11 -4.72
CA ARG H 120 28.08 23.84 -5.23
C ARG H 120 29.02 23.42 -4.13
N SER H 121 28.51 23.26 -2.89
CA SER H 121 29.39 23.05 -1.75
C SER H 121 30.29 21.82 -1.89
N GLN H 122 29.91 20.84 -2.73
CA GLN H 122 30.68 19.60 -2.80
C GLN H 122 31.43 19.49 -4.13
N GLN H 123 31.27 20.49 -5.00
CA GLN H 123 31.83 20.47 -6.34
C GLN H 123 33.34 20.77 -6.31
N ALA H 124 34.13 19.99 -7.04
CA ALA H 124 35.56 20.28 -7.11
C ALA H 124 35.73 21.62 -7.82
N GLY H 125 36.87 22.26 -7.63
CA GLY H 125 37.09 23.53 -8.29
C GLY H 125 38.49 24.04 -8.04
N HIS H 126 38.85 25.06 -8.79
CA HIS H 126 40.06 25.80 -8.55
C HIS H 126 39.77 27.28 -8.70
N ASP H 127 40.80 28.11 -8.49
CA ASP H 127 40.67 29.56 -8.49
C ASP H 127 39.80 30.05 -9.66
N ILE H 128 40.20 29.66 -10.88
CA ILE H 128 39.57 30.11 -12.11
C ILE H 128 38.06 29.88 -12.06
N ASN H 129 37.61 28.82 -11.38
CA ASN H 129 36.19 28.51 -11.31
C ASN H 129 35.45 29.48 -10.36
N TYR H 130 36.01 29.72 -9.18
CA TYR H 130 35.40 30.60 -8.18
C TYR H 130 35.26 32.03 -8.75
N ILE H 131 36.29 32.52 -9.46
CA ILE H 131 36.24 33.89 -9.99
C ILE H 131 35.42 33.93 -11.27
N SER H 132 35.10 32.79 -11.89
CA SER H 132 34.22 32.82 -13.06
C SER H 132 32.77 33.10 -12.65
N LEU H 133 32.37 32.74 -11.41
CA LEU H 133 30.95 32.75 -11.06
C LEU H 133 30.47 34.11 -10.53
N ASN H 134 31.40 34.99 -10.15
CA ASN H 134 31.06 36.21 -9.43
C ASN H 134 31.46 37.46 -10.22
N GLY H 135 31.66 37.28 -11.54
CA GLY H 135 31.84 38.37 -12.48
C GLY H 135 33.30 38.81 -12.70
N ILE H 136 34.22 38.37 -11.83
CA ILE H 136 35.61 38.81 -11.84
C ILE H 136 36.36 38.41 -13.10
N LEU H 137 36.41 37.11 -13.44
CA LEU H 137 37.20 36.64 -14.56
C LEU H 137 36.75 37.34 -15.83
N HIS H 138 35.43 37.51 -15.94
CA HIS H 138 34.85 38.11 -17.12
C HIS H 138 35.42 39.50 -17.42
N ALA H 139 35.83 40.20 -16.39
CA ALA H 139 36.27 41.58 -16.48
C ALA H 139 37.75 41.69 -16.81
N ILE H 140 38.50 40.58 -16.89
CA ILE H 140 39.95 40.66 -17.00
C ILE H 140 40.39 40.24 -18.41
N GLY H 141 41.17 41.12 -19.08
CA GLY H 141 41.83 40.86 -20.36
C GLY H 141 41.39 41.85 -21.44
N ARG H 142 41.93 41.72 -22.64
CA ARG H 142 41.58 42.62 -23.73
C ARG H 142 40.14 42.36 -24.22
N GLY H 143 39.51 43.41 -24.74
CA GLY H 143 38.11 43.38 -25.16
C GLY H 143 37.89 42.46 -26.36
N ASP H 144 38.90 42.33 -27.21
CA ASP H 144 38.76 41.59 -28.46
C ASP H 144 39.11 40.12 -28.27
N GLU H 145 38.91 39.55 -27.08
CA GLU H 145 39.61 38.33 -26.75
C GLU H 145 39.01 37.66 -25.54
N ARG H 146 39.25 36.36 -25.35
CA ARG H 146 38.62 35.68 -24.25
C ARG H 146 39.32 36.05 -22.94
N PRO H 147 38.60 36.06 -21.79
CA PRO H 147 39.15 36.49 -20.52
C PRO H 147 40.41 35.74 -20.17
N VAL H 148 41.29 36.44 -19.44
CA VAL H 148 42.54 35.81 -19.04
C VAL H 148 42.59 35.68 -17.51
N PRO H 149 42.99 34.51 -17.01
CA PRO H 149 43.10 34.30 -15.57
C PRO H 149 44.25 35.08 -14.98
N PRO H 150 43.98 35.82 -13.89
CA PRO H 150 45.01 36.59 -13.20
C PRO H 150 45.83 35.72 -12.28
N LEU H 151 46.48 34.73 -12.92
CA LEU H 151 47.00 33.57 -12.24
C LEU H 151 45.93 33.07 -11.27
N ASN H 152 46.36 32.56 -10.13
CA ASN H 152 45.45 32.24 -9.02
C ASN H 152 45.57 33.26 -7.89
N LEU H 153 45.78 34.55 -8.22
CA LEU H 153 46.00 35.59 -7.21
C LEU H 153 44.69 36.02 -6.54
N VAL H 154 43.56 35.99 -7.26
CA VAL H 154 42.39 36.69 -6.81
C VAL H 154 41.51 35.77 -5.97
N GLY H 155 41.41 34.50 -6.36
CA GLY H 155 40.58 33.54 -5.64
C GLY H 155 41.31 32.85 -4.50
N ASP H 156 42.41 32.14 -4.78
CA ASP H 156 43.20 31.53 -3.72
C ASP H 156 43.74 32.53 -2.69
N PHE H 157 44.37 33.64 -3.11
CA PHE H 157 45.12 34.44 -2.14
C PHE H 157 44.32 35.69 -1.76
N GLY H 158 44.15 36.61 -2.72
CA GLY H 158 43.52 37.87 -2.37
C GLY H 158 42.13 37.73 -1.76
N GLY H 159 41.32 36.80 -2.30
CA GLY H 159 39.95 36.60 -1.82
C GLY H 159 39.83 35.31 -1.01
N GLY H 160 40.96 34.71 -0.71
CA GLY H 160 40.97 33.36 -0.12
C GLY H 160 41.67 33.35 1.23
N SER H 161 42.95 32.98 1.22
CA SER H 161 43.80 33.03 2.39
C SER H 161 43.68 34.36 3.14
N MET H 162 43.56 35.48 2.42
CA MET H 162 43.66 36.77 3.10
C MET H 162 42.40 37.01 3.91
N PHE H 163 41.24 36.60 3.38
CA PHE H 163 40.03 36.67 4.16
C PHE H 163 40.00 35.60 5.27
N LEU H 164 40.65 34.46 5.04
CA LEU H 164 40.84 33.48 6.09
C LEU H 164 41.50 34.19 7.27
N LEU H 165 42.67 34.80 7.02
CA LEU H 165 43.46 35.49 8.02
C LEU H 165 42.71 36.62 8.71
N VAL H 166 41.95 37.42 7.97
CA VAL H 166 41.18 38.47 8.60
C VAL H 166 40.17 37.86 9.57
N GLY H 167 39.56 36.72 9.19
CA GLY H 167 38.53 36.11 10.02
C GLY H 167 39.11 35.51 11.29
N ILE H 168 40.21 34.79 11.15
CA ILE H 168 41.00 34.30 12.26
C ILE H 168 41.28 35.44 13.25
N LEU H 169 41.97 36.49 12.80
CA LEU H 169 42.44 37.51 13.72
C LEU H 169 41.25 38.31 14.24
N ALA H 170 40.23 38.54 13.40
CA ALA H 170 39.05 39.23 13.91
C ALA H 170 38.35 38.40 15.00
N ALA H 171 38.49 37.07 14.93
CA ALA H 171 37.82 36.20 15.88
C ALA H 171 38.68 36.07 17.14
N LEU H 172 40.02 36.14 17.00
CA LEU H 172 40.95 36.21 18.12
C LEU H 172 40.66 37.45 18.97
N TRP H 173 40.29 38.55 18.32
CA TRP H 173 39.96 39.78 19.05
C TRP H 173 38.68 39.60 19.85
N GLU H 174 37.63 39.10 19.19
CA GLU H 174 36.34 38.94 19.82
C GLU H 174 36.42 37.92 20.97
N ARG H 175 37.40 36.99 20.91
CA ARG H 175 37.61 35.98 21.93
C ARG H 175 38.13 36.63 23.21
N GLN H 176 39.15 37.48 23.05
CA GLN H 176 39.78 38.17 24.16
C GLN H 176 38.71 38.81 25.06
N SER H 177 37.56 39.16 24.47
CA SER H 177 36.49 39.79 25.22
C SER H 177 35.50 38.77 25.79
N SER H 178 35.00 37.84 24.96
CA SER H 178 33.89 36.98 25.37
C SER H 178 34.35 35.55 25.65
N GLY H 179 35.67 35.32 25.75
CA GLY H 179 36.22 34.08 26.28
C GLY H 179 36.12 32.88 25.33
N LYS H 180 35.41 33.06 24.19
CA LYS H 180 34.92 31.97 23.37
C LYS H 180 35.50 31.98 21.96
N GLY H 181 35.79 30.77 21.44
CA GLY H 181 36.15 30.55 20.05
C GLY H 181 34.91 30.53 19.13
N GLN H 182 35.14 30.27 17.82
CA GLN H 182 34.04 30.15 16.87
C GLN H 182 34.60 29.62 15.53
N VAL H 183 33.64 29.40 14.60
CA VAL H 183 33.92 28.94 13.24
C VAL H 183 33.96 30.11 12.25
N VAL H 184 35.09 30.17 11.51
CA VAL H 184 35.29 31.05 10.37
C VAL H 184 35.13 30.22 9.10
N ASP H 185 34.07 30.58 8.37
CA ASP H 185 33.75 30.12 7.02
C ASP H 185 34.28 31.12 5.98
N ALA H 186 35.47 30.85 5.41
CA ALA H 186 36.07 31.68 4.38
C ALA H 186 35.92 31.01 3.02
N ALA H 187 34.99 31.53 2.19
CA ALA H 187 34.75 31.04 0.84
C ALA H 187 35.36 31.99 -0.20
N MET H 188 36.20 31.44 -1.10
CA MET H 188 36.88 32.22 -2.11
C MET H 188 35.89 33.03 -2.94
N VAL H 189 34.66 32.55 -3.14
CA VAL H 189 33.71 33.25 -3.98
C VAL H 189 33.15 34.49 -3.27
N ASP H 190 33.25 34.51 -1.94
CA ASP H 190 32.78 35.66 -1.17
C ASP H 190 33.92 36.65 -1.01
N GLY H 191 35.06 36.17 -0.53
CA GLY H 191 36.19 37.04 -0.30
C GLY H 191 36.59 37.76 -1.59
N SER H 192 36.44 37.07 -2.73
CA SER H 192 36.89 37.66 -3.96
C SER H 192 35.84 38.69 -4.36
N SER H 193 34.58 38.50 -3.95
CA SER H 193 33.55 39.48 -4.26
C SER H 193 33.76 40.75 -3.43
N VAL H 194 34.30 40.64 -2.21
CA VAL H 194 34.52 41.83 -1.41
C VAL H 194 35.79 42.52 -1.89
N LEU H 195 36.74 41.71 -2.35
CA LEU H 195 37.97 42.20 -2.92
C LEU H 195 37.67 43.18 -4.04
N ILE H 196 36.57 42.95 -4.76
CA ILE H 196 36.28 43.68 -5.98
C ILE H 196 35.11 44.60 -5.72
N GLN H 197 34.88 44.96 -4.45
CA GLN H 197 33.74 45.83 -4.13
C GLN H 197 33.83 47.19 -4.84
N MET H 198 35.03 47.67 -5.18
CA MET H 198 35.13 48.94 -5.91
C MET H 198 34.37 48.88 -7.25
N MET H 199 34.57 47.79 -7.99
CA MET H 199 33.89 47.64 -9.27
C MET H 199 32.38 47.60 -9.07
N TRP H 200 31.93 46.91 -8.01
CA TRP H 200 30.49 46.82 -7.80
C TRP H 200 29.94 48.21 -7.46
N ALA H 201 30.72 48.98 -6.69
CA ALA H 201 30.35 50.35 -6.34
C ALA H 201 30.27 51.24 -7.58
N MET H 202 31.35 51.25 -8.37
CA MET H 202 31.41 52.02 -9.59
C MET H 202 30.32 51.61 -10.58
N ARG H 203 29.98 50.32 -10.61
CA ARG H 203 28.93 49.83 -11.50
C ARG H 203 27.59 50.52 -11.19
N ALA H 204 27.31 50.68 -9.88
CA ALA H 204 26.06 51.26 -9.40
C ALA H 204 25.92 52.73 -9.79
N THR H 205 27.04 53.48 -9.88
CA THR H 205 27.03 54.89 -10.27
C THR H 205 27.34 55.05 -11.77
N GLY H 206 27.29 53.99 -12.58
CA GLY H 206 27.57 54.09 -14.00
C GLY H 206 29.03 54.46 -14.35
N MET H 207 29.98 54.28 -13.43
CA MET H 207 31.40 54.47 -13.74
C MET H 207 32.13 53.14 -14.04
N TRP H 208 31.39 52.05 -14.27
CA TRP H 208 32.01 50.81 -14.71
C TRP H 208 31.01 50.01 -15.51
N THR H 209 31.41 49.54 -16.71
CA THR H 209 30.50 48.70 -17.48
C THR H 209 31.05 47.27 -17.60
N ASP H 210 30.12 46.36 -17.92
CA ASP H 210 30.41 44.94 -18.07
C ASP H 210 31.15 44.62 -19.37
N THR H 211 31.43 45.60 -20.21
CA THR H 211 32.30 45.36 -21.35
C THR H 211 33.76 45.25 -20.92
N ARG H 212 34.43 44.20 -21.33
CA ARG H 212 35.84 43.97 -21.03
C ARG H 212 36.71 44.91 -21.87
N GLY H 213 37.71 45.52 -21.24
CA GLY H 213 38.68 46.34 -21.96
C GLY H 213 38.16 47.74 -22.28
N ALA H 214 37.16 48.23 -21.53
CA ALA H 214 36.54 49.51 -21.81
C ALA H 214 36.31 50.35 -20.55
N ASN H 215 37.16 50.20 -19.54
CA ASN H 215 36.98 50.91 -18.28
C ASN H 215 38.32 51.55 -17.89
N MET H 216 38.30 52.36 -16.83
CA MET H 216 39.47 53.10 -16.40
C MET H 216 40.60 52.16 -15.97
N LEU H 217 40.26 50.99 -15.40
CA LEU H 217 41.25 50.24 -14.65
C LEU H 217 41.52 48.84 -15.20
N ASP H 218 41.03 48.56 -16.42
CA ASP H 218 41.08 47.19 -16.95
C ASP H 218 42.01 47.12 -18.15
N GLY H 219 42.70 48.24 -18.48
CA GLY H 219 43.57 48.30 -19.64
C GLY H 219 42.95 49.09 -20.79
N GLY H 220 41.67 49.38 -20.73
CA GLY H 220 41.03 50.20 -21.75
C GLY H 220 41.42 51.70 -21.78
N ALA H 221 41.81 52.30 -20.65
CA ALA H 221 42.27 53.68 -20.64
C ALA H 221 43.72 53.73 -21.08
N PRO H 222 44.08 54.58 -22.07
CA PRO H 222 45.47 54.72 -22.50
C PRO H 222 46.46 55.17 -21.43
N TYR H 223 45.96 55.84 -20.38
CA TYR H 223 46.83 56.25 -19.29
C TYR H 223 46.88 55.27 -18.09
N TYR H 224 46.30 54.06 -18.27
CA TYR H 224 46.27 53.01 -17.26
C TYR H 224 46.44 51.68 -18.00
N ASP H 225 47.67 51.44 -18.46
CA ASP H 225 47.92 50.30 -19.31
C ASP H 225 49.43 50.12 -19.47
N THR H 226 49.84 49.00 -20.11
CA THR H 226 51.24 48.82 -20.49
C THR H 226 51.46 49.27 -21.94
N TYR H 227 52.73 49.57 -22.23
CA TYR H 227 53.16 50.02 -23.54
C TYR H 227 54.44 49.25 -23.84
N GLU H 228 54.58 48.86 -25.09
CA GLU H 228 55.78 48.17 -25.52
C GLU H 228 56.82 49.22 -25.95
N CYS H 229 58.08 49.03 -25.56
CA CYS H 229 59.16 49.96 -25.87
C CYS H 229 60.02 49.41 -27.01
N ALA H 230 61.07 50.16 -27.37
CA ALA H 230 61.86 49.86 -28.57
C ALA H 230 62.58 48.51 -28.49
N ASP H 231 62.86 48.04 -27.27
CA ASP H 231 63.56 46.79 -27.04
C ASP H 231 62.60 45.63 -26.82
N GLY H 232 61.28 45.83 -27.00
CA GLY H 232 60.35 44.72 -26.86
C GLY H 232 59.96 44.45 -25.39
N ARG H 233 60.47 45.27 -24.45
CA ARG H 233 60.06 45.22 -23.05
C ARG H 233 59.02 46.30 -22.81
N TYR H 234 58.48 46.36 -21.58
CA TYR H 234 57.26 47.07 -21.31
C TYR H 234 57.46 48.06 -20.16
N VAL H 235 56.69 49.15 -20.25
CA VAL H 235 56.48 50.03 -19.13
C VAL H 235 55.01 49.96 -18.78
N ALA H 236 54.72 50.33 -17.53
CA ALA H 236 53.37 50.53 -17.06
C ALA H 236 53.14 52.02 -16.85
N VAL H 237 51.96 52.45 -17.27
CA VAL H 237 51.46 53.79 -17.11
C VAL H 237 50.21 53.77 -16.26
N GLY H 238 50.22 54.59 -15.21
CA GLY H 238 49.15 54.65 -14.25
C GLY H 238 48.72 56.08 -13.94
N ALA H 239 48.88 56.97 -14.92
CA ALA H 239 48.70 58.41 -14.68
C ALA H 239 47.23 58.83 -14.76
N ILE H 240 46.47 58.50 -13.71
CA ILE H 240 45.04 58.75 -13.67
C ILE H 240 44.74 60.24 -13.44
N GLU H 241 45.40 60.82 -12.43
CA GLU H 241 45.17 62.22 -12.09
C GLU H 241 45.75 63.14 -13.16
N PRO H 242 45.05 64.23 -13.52
CA PRO H 242 45.46 65.08 -14.63
C PRO H 242 46.87 65.66 -14.51
N GLN H 243 47.28 65.98 -13.27
CA GLN H 243 48.58 66.57 -13.04
C GLN H 243 49.66 65.54 -13.35
N PHE H 244 49.39 64.26 -13.06
CA PHE H 244 50.39 63.22 -13.24
C PHE H 244 50.44 62.90 -14.73
N TYR H 245 49.27 62.96 -15.39
CA TYR H 245 49.19 62.73 -16.82
C TYR H 245 49.97 63.80 -17.59
N ALA H 246 49.83 65.05 -17.13
CA ALA H 246 50.51 66.16 -17.77
C ALA H 246 52.01 65.98 -17.63
N ALA H 247 52.47 65.54 -16.45
CA ALA H 247 53.89 65.27 -16.26
C ALA H 247 54.37 64.23 -17.26
N MET H 248 53.54 63.20 -17.48
CA MET H 248 53.96 62.14 -18.40
C MET H 248 54.07 62.65 -19.84
N LEU H 249 53.10 63.47 -20.28
CA LEU H 249 53.12 63.97 -21.65
C LEU H 249 54.39 64.78 -21.89
N ALA H 250 54.76 65.60 -20.90
CA ALA H 250 55.94 66.44 -21.01
C ALA H 250 57.20 65.59 -21.12
N GLY H 251 57.27 64.46 -20.38
CA GLY H 251 58.44 63.60 -20.45
C GLY H 251 58.53 62.82 -21.75
N LEU H 252 57.37 62.65 -22.41
CA LEU H 252 57.30 61.91 -23.67
C LEU H 252 57.55 62.83 -24.86
N GLY H 253 57.64 64.13 -24.64
CA GLY H 253 57.88 65.07 -25.72
C GLY H 253 56.55 65.47 -26.38
N LEU H 254 55.43 65.22 -25.70
CA LEU H 254 54.15 65.33 -26.36
C LEU H 254 53.46 66.58 -25.85
N ASP H 255 52.90 67.29 -26.82
CA ASP H 255 52.33 68.58 -26.57
C ASP H 255 50.83 68.37 -26.40
N ALA H 256 50.28 68.83 -25.27
CA ALA H 256 48.89 68.56 -24.92
C ALA H 256 47.91 69.02 -26.00
N ALA H 257 48.14 70.20 -26.59
CA ALA H 257 47.18 70.75 -27.53
C ALA H 257 47.17 69.98 -28.86
N GLU H 258 48.11 69.05 -29.07
CA GLU H 258 48.15 68.15 -30.22
C GLU H 258 47.42 66.81 -29.97
N LEU H 259 46.81 66.61 -28.80
CA LEU H 259 46.34 65.29 -28.39
C LEU H 259 44.86 65.39 -28.12
N PRO H 260 44.08 64.30 -28.23
CA PRO H 260 42.72 64.35 -27.71
C PRO H 260 42.73 64.54 -26.20
N PRO H 261 41.62 65.01 -25.60
CA PRO H 261 41.54 65.07 -24.15
C PRO H 261 41.78 63.70 -23.53
N GLN H 262 42.26 63.70 -22.29
CA GLN H 262 42.66 62.51 -21.56
C GLN H 262 41.47 61.58 -21.37
N ASN H 263 40.29 62.12 -21.09
CA ASN H 263 39.12 61.32 -20.77
C ASN H 263 38.01 61.45 -21.83
N ASP H 264 38.35 61.81 -23.07
CA ASP H 264 37.44 61.59 -24.18
C ASP H 264 37.59 60.15 -24.67
N ARG H 265 36.69 59.28 -24.19
CA ARG H 265 36.68 57.85 -24.45
C ARG H 265 36.49 57.55 -25.93
N ALA H 266 35.74 58.37 -26.66
CA ALA H 266 35.54 58.10 -28.07
C ALA H 266 36.89 58.19 -28.81
N ARG H 267 37.83 59.01 -28.32
CA ARG H 267 39.11 59.22 -28.99
C ARG H 267 40.26 58.45 -28.35
N TRP H 268 39.95 57.57 -27.41
CA TRP H 268 40.99 56.83 -26.73
C TRP H 268 41.83 56.00 -27.69
N PRO H 269 41.27 55.39 -28.76
CA PRO H 269 42.10 54.69 -29.73
C PRO H 269 43.16 55.60 -30.36
N GLU H 270 42.78 56.84 -30.67
CA GLU H 270 43.70 57.82 -31.21
C GLU H 270 44.79 58.16 -30.20
N LEU H 271 44.40 58.53 -28.96
CA LEU H 271 45.35 58.80 -27.88
C LEU H 271 46.34 57.66 -27.73
N ARG H 272 45.79 56.45 -27.70
CA ARG H 272 46.61 55.27 -27.49
C ARG H 272 47.64 55.17 -28.60
N ALA H 273 47.23 55.40 -29.85
CA ALA H 273 48.18 55.27 -30.95
C ALA H 273 49.35 56.28 -30.81
N LEU H 274 49.07 57.51 -30.39
CA LEU H 274 50.09 58.54 -30.19
C LEU H 274 51.05 58.16 -29.03
N LEU H 275 50.51 57.71 -27.88
CA LEU H 275 51.35 57.26 -26.77
C LEU H 275 52.21 56.06 -27.19
N THR H 276 51.62 55.16 -28.02
CA THR H 276 52.29 53.94 -28.44
C THR H 276 53.54 54.30 -29.23
N GLU H 277 53.41 55.19 -30.21
CA GLU H 277 54.55 55.67 -30.98
C GLU H 277 55.60 56.31 -30.07
N ALA H 278 55.20 57.18 -29.14
CA ALA H 278 56.16 57.77 -28.20
C ALA H 278 56.97 56.70 -27.46
N PHE H 279 56.29 55.83 -26.72
CA PHE H 279 56.97 54.85 -25.88
C PHE H 279 57.83 53.93 -26.73
N ALA H 280 57.41 53.66 -27.98
CA ALA H 280 58.16 52.75 -28.84
C ALA H 280 59.46 53.40 -29.33
N SER H 281 59.69 54.69 -29.10
CA SER H 281 60.86 55.32 -29.70
C SER H 281 62.08 55.12 -28.82
N HIS H 282 61.92 54.57 -27.62
CA HIS H 282 63.06 54.30 -26.75
C HIS H 282 62.81 53.04 -25.93
N ASP H 283 63.88 52.51 -25.31
CA ASP H 283 63.82 51.24 -24.63
C ASP H 283 63.31 51.46 -23.21
N ARG H 284 62.92 50.35 -22.56
CA ARG H 284 62.24 50.42 -21.27
C ARG H 284 63.10 51.18 -20.25
N ASP H 285 64.40 50.89 -20.22
CA ASP H 285 65.27 51.41 -19.17
C ASP H 285 65.47 52.92 -19.34
N HIS H 286 65.44 53.40 -20.59
CA HIS H 286 65.41 54.82 -20.83
C HIS H 286 64.22 55.44 -20.12
N TRP H 287 63.01 54.87 -20.27
CA TRP H 287 61.84 55.52 -19.69
C TRP H 287 61.92 55.44 -18.17
N GLY H 288 62.55 54.39 -17.66
CA GLY H 288 62.70 54.22 -16.23
C GLY H 288 63.50 55.35 -15.63
N ALA H 289 64.64 55.62 -16.26
CA ALA H 289 65.54 56.69 -15.85
C ALA H 289 64.85 58.04 -16.02
N VAL H 290 64.21 58.26 -17.17
CA VAL H 290 63.59 59.55 -17.44
C VAL H 290 62.57 59.93 -16.37
N PHE H 291 61.80 58.93 -15.88
CA PHE H 291 60.68 59.21 -15.01
C PHE H 291 60.99 58.85 -13.55
N ALA H 292 62.22 58.42 -13.24
CA ALA H 292 62.65 58.33 -11.85
C ALA H 292 62.50 59.71 -11.18
N ASN H 293 61.80 59.73 -10.05
CA ASN H 293 61.62 60.86 -9.14
C ASN H 293 60.44 61.71 -9.55
N SER H 294 59.66 61.22 -10.52
CA SER H 294 58.56 61.99 -11.06
C SER H 294 57.24 61.40 -10.63
N ASP H 295 56.22 62.24 -10.69
CA ASP H 295 54.84 61.82 -10.52
C ASP H 295 54.18 61.38 -11.83
N ALA H 296 54.98 61.06 -12.86
CA ALA H 296 54.40 60.61 -14.13
C ALA H 296 53.65 59.26 -14.07
N CYS H 297 53.85 58.48 -13.01
CA CYS H 297 53.30 57.13 -12.86
C CYS H 297 53.68 56.24 -14.04
N VAL H 298 54.96 56.26 -14.40
CA VAL H 298 55.49 55.34 -15.38
C VAL H 298 56.59 54.53 -14.71
N THR H 299 56.51 53.18 -14.81
CA THR H 299 57.48 52.29 -14.18
C THR H 299 57.86 51.21 -15.17
N PRO H 300 59.06 50.64 -15.04
CA PRO H 300 59.43 49.50 -15.86
C PRO H 300 58.67 48.25 -15.38
N VAL H 301 58.23 47.44 -16.35
CA VAL H 301 57.65 46.14 -16.06
C VAL H 301 58.76 45.13 -16.02
N LEU H 302 59.05 44.64 -14.80
CA LEU H 302 60.16 43.71 -14.59
C LEU H 302 59.63 42.29 -14.49
N ALA H 303 60.36 41.40 -15.13
CA ALA H 303 60.17 39.97 -14.99
C ALA H 303 60.69 39.53 -13.63
N PHE H 304 60.13 38.45 -13.05
CA PHE H 304 60.59 37.92 -11.77
C PHE H 304 62.13 37.93 -11.68
N GLY H 305 62.78 37.43 -12.72
CA GLY H 305 64.23 37.27 -12.84
C GLY H 305 65.03 38.56 -12.61
N GLU H 306 64.41 39.73 -12.79
CA GLU H 306 65.11 41.01 -12.73
C GLU H 306 64.79 41.72 -11.42
N VAL H 307 63.86 41.21 -10.63
CA VAL H 307 63.33 41.99 -9.52
C VAL H 307 64.41 42.25 -8.46
N HIS H 308 65.37 41.33 -8.36
CA HIS H 308 66.40 41.35 -7.34
C HIS H 308 67.42 42.46 -7.62
N ASN H 309 67.53 42.92 -8.88
CA ASN H 309 68.40 44.04 -9.26
C ASN H 309 67.74 45.43 -9.23
N GLU H 310 66.57 45.60 -8.60
CA GLU H 310 65.86 46.87 -8.63
C GLU H 310 66.15 47.61 -7.33
N PRO H 311 66.78 48.80 -7.41
CA PRO H 311 67.20 49.53 -6.22
C PRO H 311 66.15 49.56 -5.11
N HIS H 312 64.93 49.91 -5.45
CA HIS H 312 63.92 50.12 -4.46
C HIS H 312 63.53 48.81 -3.76
N ILE H 313 63.74 47.70 -4.48
CA ILE H 313 63.42 46.37 -4.00
C ILE H 313 64.53 45.97 -3.02
N ILE H 314 65.77 46.09 -3.47
CA ILE H 314 66.98 45.89 -2.68
C ILE H 314 66.94 46.68 -1.37
N GLU H 315 66.74 47.99 -1.46
CA GLU H 315 66.94 48.83 -0.30
C GLU H 315 65.93 48.54 0.80
N ARG H 316 64.67 48.23 0.49
CA ARG H 316 63.70 47.93 1.54
C ARG H 316 63.70 46.45 1.98
N ASN H 317 64.59 45.63 1.41
CA ASN H 317 64.63 44.19 1.61
C ASN H 317 63.24 43.58 1.46
N THR H 318 62.61 43.79 0.30
CA THR H 318 61.32 43.19 0.06
C THR H 318 61.52 41.67 -0.12
N PHE H 319 62.67 41.28 -0.67
CA PHE H 319 63.01 39.88 -0.87
C PHE H 319 64.22 39.50 -0.01
N TYR H 320 64.35 38.20 0.30
CA TYR H 320 65.58 37.62 0.85
C TYR H 320 65.95 36.41 0.00
N GLU H 321 67.21 36.02 0.06
CA GLU H 321 67.67 34.87 -0.71
C GLU H 321 67.87 33.69 0.23
N ALA H 322 66.86 32.81 0.29
CA ALA H 322 67.07 31.45 0.79
C ALA H 322 67.39 30.54 -0.40
N ASN H 323 67.19 29.23 -0.21
CA ASN H 323 66.65 28.38 -1.27
C ASN H 323 67.69 28.20 -2.37
N GLY H 324 67.21 27.96 -3.59
CA GLY H 324 67.91 28.32 -4.81
C GLY H 324 67.14 29.41 -5.56
N GLY H 325 66.88 30.53 -4.87
CA GLY H 325 66.26 31.68 -5.48
C GLY H 325 65.52 32.52 -4.45
N TRP H 326 65.15 33.72 -4.89
CA TRP H 326 64.58 34.75 -4.05
C TRP H 326 63.17 34.41 -3.58
N GLN H 327 62.81 34.97 -2.42
CA GLN H 327 61.52 34.81 -1.79
C GLN H 327 61.15 36.10 -1.09
N PRO H 328 59.85 36.44 -1.02
CA PRO H 328 59.44 37.65 -0.35
C PRO H 328 59.59 37.53 1.16
N MET H 329 59.92 38.66 1.78
CA MET H 329 59.95 38.76 3.22
C MET H 329 58.54 39.00 3.70
N PRO H 330 58.29 38.72 4.99
CA PRO H 330 56.99 38.92 5.58
C PRO H 330 56.43 40.30 5.29
N ALA H 331 55.11 40.37 5.30
CA ALA H 331 54.40 41.61 5.21
C ALA H 331 53.16 41.42 6.03
N PRO H 332 52.55 42.49 6.58
CA PRO H 332 53.18 43.81 6.59
C PRO H 332 54.32 43.90 7.61
N ARG H 333 54.86 45.12 7.84
CA ARG H 333 55.97 45.31 8.76
C ARG H 333 55.49 46.07 9.99
N PHE H 334 56.17 45.77 11.12
CA PHE H 334 55.81 46.22 12.46
C PHE H 334 56.97 47.04 13.06
N SER H 335 56.63 48.13 13.78
CA SER H 335 57.65 49.01 14.35
C SER H 335 58.37 48.36 15.53
N ARG H 336 57.61 47.95 16.57
CA ARG H 336 58.20 47.31 17.74
C ARG H 336 58.51 45.81 17.54
N THR H 337 57.45 45.01 17.30
CA THR H 337 57.59 43.56 17.24
C THR H 337 57.81 43.12 15.80
N ALA H 338 59.05 43.28 15.33
CA ALA H 338 59.35 43.09 13.92
C ALA H 338 59.43 41.60 13.64
N SER H 339 58.86 41.18 12.50
CA SER H 339 59.08 39.84 11.99
C SER H 339 60.57 39.68 11.75
N SER H 340 60.96 38.47 11.32
CA SER H 340 62.34 38.12 11.10
C SER H 340 62.42 37.19 9.90
N GLN H 341 63.64 36.89 9.48
CA GLN H 341 63.83 36.04 8.32
C GLN H 341 62.97 34.81 8.54
N PRO H 342 62.19 34.33 7.55
CA PRO H 342 61.45 33.09 7.73
C PRO H 342 62.41 31.90 7.82
N ARG H 343 62.04 30.97 8.71
CA ARG H 343 62.80 29.75 8.92
C ARG H 343 62.42 28.79 7.80
N PRO H 344 63.40 28.21 7.08
CA PRO H 344 63.08 27.39 5.91
C PRO H 344 62.37 26.07 6.26
N PRO H 345 61.95 25.28 5.25
CA PRO H 345 61.31 23.99 5.54
C PRO H 345 62.27 23.04 6.26
N ALA H 346 61.81 22.43 7.37
CA ALA H 346 62.67 21.62 8.23
C ALA H 346 62.02 20.26 8.52
N ALA H 347 62.83 19.20 8.40
CA ALA H 347 62.40 17.80 8.33
C ALA H 347 61.42 17.42 9.44
N THR H 348 60.66 16.33 9.19
CA THR H 348 59.53 15.91 10.02
C THR H 348 60.00 15.80 11.46
N ILE H 349 59.34 16.49 12.38
CA ILE H 349 59.56 16.20 13.78
C ILE H 349 58.35 15.43 14.30
N ASP H 350 58.61 14.64 15.35
CA ASP H 350 57.66 13.66 15.83
C ASP H 350 56.63 14.35 16.73
N ILE H 351 55.36 13.98 16.57
CA ILE H 351 54.23 14.73 17.10
C ILE H 351 54.19 14.68 18.63
N GLU H 352 54.99 13.78 19.23
CA GLU H 352 55.15 13.72 20.68
C GLU H 352 56.05 14.86 21.15
N ALA H 353 57.19 15.01 20.44
CA ALA H 353 58.13 16.09 20.64
C ALA H 353 57.39 17.41 20.80
N VAL H 354 56.38 17.64 19.94
CA VAL H 354 55.62 18.88 19.93
C VAL H 354 54.75 18.94 21.18
N LEU H 355 54.10 17.82 21.51
CA LEU H 355 53.21 17.75 22.65
C LEU H 355 53.97 17.94 23.97
N THR H 356 55.21 17.43 24.04
CA THR H 356 56.15 17.73 25.11
C THR H 356 56.13 19.24 25.36
N ASP H 357 56.47 19.99 24.31
CA ASP H 357 56.76 21.42 24.38
C ASP H 357 55.53 22.27 24.68
N TRP H 358 54.36 21.88 24.17
CA TRP H 358 53.14 22.63 24.46
C TRP H 358 52.57 22.24 25.83
N ASP H 359 53.20 21.25 26.50
CA ASP H 359 52.67 20.57 27.68
C ASP H 359 51.76 19.44 27.20
N MET I 1 -60.00 -24.22 -27.35
CA MET I 1 -59.61 -22.83 -27.74
C MET I 1 -59.47 -22.75 -29.27
N ALA I 2 -60.31 -21.89 -29.87
CA ALA I 2 -60.40 -21.70 -31.32
C ALA I 2 -59.20 -20.90 -31.83
N GLY I 3 -58.81 -21.19 -33.06
CA GLY I 3 -57.88 -20.34 -33.76
C GLY I 3 -56.65 -21.17 -34.06
N PRO I 4 -55.76 -20.68 -34.93
CA PRO I 4 -54.66 -21.50 -35.38
C PRO I 4 -53.54 -21.72 -34.34
N LEU I 5 -53.56 -20.98 -33.22
CA LEU I 5 -52.51 -21.14 -32.23
C LEU I 5 -53.00 -21.98 -31.05
N SER I 6 -54.12 -22.70 -31.20
CA SER I 6 -54.57 -23.65 -30.20
C SER I 6 -53.40 -24.52 -29.76
N GLY I 7 -53.24 -24.72 -28.46
CA GLY I 7 -52.21 -25.60 -27.93
C GLY I 7 -50.89 -24.90 -27.63
N LEU I 8 -50.61 -23.72 -28.21
CA LEU I 8 -49.43 -22.94 -27.86
C LEU I 8 -49.58 -22.35 -26.45
N ARG I 9 -48.49 -22.41 -25.67
CA ARG I 9 -48.51 -21.96 -24.29
C ARG I 9 -47.56 -20.78 -24.10
N VAL I 10 -48.12 -19.74 -23.49
CA VAL I 10 -47.40 -18.48 -23.39
C VAL I 10 -47.38 -18.02 -21.93
N VAL I 11 -46.18 -17.62 -21.48
CA VAL I 11 -46.06 -16.91 -20.21
C VAL I 11 -45.74 -15.44 -20.47
N GLU I 12 -46.58 -14.57 -19.91
CA GLU I 12 -46.42 -13.12 -20.04
C GLU I 12 -46.06 -12.50 -18.68
N LEU I 13 -44.85 -11.93 -18.58
CA LEU I 13 -44.52 -11.16 -17.39
C LEU I 13 -45.12 -9.76 -17.51
N ALA I 14 -46.16 -9.48 -16.70
CA ALA I 14 -46.95 -8.26 -16.83
C ALA I 14 -46.08 -7.00 -16.95
N GLY I 15 -46.49 -6.16 -17.92
CA GLY I 15 -45.76 -4.99 -18.40
C GLY I 15 -46.73 -4.02 -19.06
N ILE I 16 -46.21 -3.05 -19.84
CA ILE I 16 -47.09 -2.06 -20.44
C ILE I 16 -46.81 -1.94 -21.93
N GLY I 17 -47.87 -1.79 -22.74
CA GLY I 17 -47.71 -1.42 -24.15
C GLY I 17 -47.47 -2.64 -25.06
N PRO I 18 -46.32 -2.73 -25.74
CA PRO I 18 -46.14 -3.80 -26.71
C PRO I 18 -46.29 -5.21 -26.16
N GLY I 19 -45.77 -5.45 -24.94
CA GLY I 19 -45.76 -6.79 -24.38
C GLY I 19 -47.18 -7.33 -24.28
N PRO I 20 -48.09 -6.63 -23.57
CA PRO I 20 -49.46 -7.10 -23.46
C PRO I 20 -50.25 -7.12 -24.77
N HIS I 21 -49.92 -6.24 -25.72
CA HIS I 21 -50.61 -6.23 -27.00
C HIS I 21 -50.29 -7.52 -27.77
N ALA I 22 -49.01 -7.88 -27.82
CA ALA I 22 -48.51 -9.13 -28.38
C ALA I 22 -49.17 -10.33 -27.71
N ALA I 23 -49.16 -10.33 -26.39
CA ALA I 23 -49.74 -11.44 -25.65
C ALA I 23 -51.21 -11.58 -26.03
N MET I 24 -51.88 -10.44 -26.20
CA MET I 24 -53.30 -10.39 -26.54
C MET I 24 -53.57 -11.03 -27.91
N ILE I 25 -52.72 -10.73 -28.89
CA ILE I 25 -52.93 -11.25 -30.22
C ILE I 25 -52.72 -12.77 -30.23
N LEU I 26 -51.67 -13.25 -29.55
CA LEU I 26 -51.47 -14.67 -29.37
C LEU I 26 -52.73 -15.28 -28.78
N GLY I 27 -53.29 -14.67 -27.74
CA GLY I 27 -54.47 -15.24 -27.11
C GLY I 27 -55.70 -15.20 -28.03
N ASP I 28 -55.82 -14.10 -28.77
CA ASP I 28 -56.86 -13.88 -29.76
C ASP I 28 -56.90 -15.03 -30.76
N LEU I 29 -55.74 -15.53 -31.18
CA LEU I 29 -55.61 -16.58 -32.17
C LEU I 29 -55.56 -17.98 -31.53
N GLY I 30 -55.88 -18.09 -30.22
CA GLY I 30 -56.09 -19.36 -29.54
C GLY I 30 -54.89 -19.90 -28.73
N ALA I 31 -53.82 -19.11 -28.55
CA ALA I 31 -52.81 -19.46 -27.57
C ALA I 31 -53.37 -19.44 -26.14
N ASP I 32 -52.79 -20.34 -25.32
CA ASP I 32 -53.05 -20.40 -23.89
C ASP I 32 -52.06 -19.46 -23.20
N VAL I 33 -52.55 -18.28 -22.79
CA VAL I 33 -51.67 -17.21 -22.33
C VAL I 33 -51.83 -17.04 -20.82
N VAL I 34 -50.71 -17.18 -20.09
CA VAL I 34 -50.75 -17.00 -18.64
C VAL I 34 -49.93 -15.78 -18.28
N ARG I 35 -50.63 -14.80 -17.67
CA ARG I 35 -50.02 -13.52 -17.34
C ARG I 35 -49.66 -13.46 -15.86
N ILE I 36 -48.37 -13.25 -15.54
CA ILE I 36 -47.91 -13.10 -14.16
C ILE I 36 -47.77 -11.62 -13.81
N ASP I 37 -48.64 -11.15 -12.91
CA ASP I 37 -48.57 -9.80 -12.38
C ASP I 37 -48.04 -9.81 -10.94
N ARG I 38 -47.65 -8.65 -10.40
CA ARG I 38 -47.37 -8.53 -8.96
C ARG I 38 -48.69 -8.46 -8.18
N PRO I 39 -48.76 -8.94 -6.92
CA PRO I 39 -49.97 -8.74 -6.10
C PRO I 39 -50.28 -7.27 -5.83
N SER I 40 -49.22 -6.44 -5.79
CA SER I 40 -49.30 -5.04 -5.41
C SER I 40 -50.18 -4.26 -6.40
N SER I 41 -50.04 -4.53 -7.70
CA SER I 41 -50.93 -3.93 -8.70
C SER I 41 -51.87 -5.00 -9.24
N VAL I 42 -52.78 -5.48 -8.39
CA VAL I 42 -53.82 -6.44 -8.71
C VAL I 42 -54.97 -6.29 -7.71
N ASP I 43 -56.18 -6.13 -8.24
CA ASP I 43 -57.23 -5.46 -7.50
C ASP I 43 -58.60 -5.89 -8.03
N GLY I 44 -58.85 -7.21 -8.09
CA GLY I 44 -60.07 -7.74 -8.71
C GLY I 44 -59.92 -7.80 -10.23
N ILE I 45 -61.05 -7.87 -10.96
CA ILE I 45 -61.07 -8.09 -12.40
C ILE I 45 -60.64 -6.83 -13.14
N SER I 46 -59.75 -6.95 -14.12
CA SER I 46 -59.22 -5.76 -14.79
C SER I 46 -60.28 -5.15 -15.71
N ARG I 47 -60.21 -3.82 -15.87
CA ARG I 47 -61.11 -3.06 -16.75
C ARG I 47 -60.48 -2.89 -18.14
N ASP I 48 -59.17 -3.20 -18.26
CA ASP I 48 -58.42 -3.07 -19.50
C ASP I 48 -58.73 -4.22 -20.46
N ALA I 49 -59.56 -3.93 -21.47
CA ALA I 49 -59.86 -4.89 -22.50
C ALA I 49 -58.61 -5.39 -23.25
N MET I 50 -57.43 -4.77 -23.07
CA MET I 50 -56.21 -5.33 -23.67
C MET I 50 -55.82 -6.67 -23.03
N LEU I 51 -56.38 -6.99 -21.85
CA LEU I 51 -56.04 -8.18 -21.08
C LEU I 51 -57.08 -9.28 -21.29
N ARG I 52 -57.75 -9.24 -22.45
CA ARG I 52 -58.68 -10.29 -22.86
C ARG I 52 -57.88 -11.54 -23.24
N ASN I 53 -58.55 -12.70 -23.25
CA ASN I 53 -57.91 -13.94 -23.69
C ASN I 53 -56.69 -14.28 -22.83
N ARG I 54 -56.84 -14.15 -21.52
CA ARG I 54 -55.74 -14.34 -20.59
C ARG I 54 -56.20 -15.22 -19.43
N ARG I 55 -55.22 -15.89 -18.78
CA ARG I 55 -55.36 -16.23 -17.36
C ARG I 55 -54.35 -15.41 -16.55
N ILE I 56 -54.86 -14.71 -15.51
CA ILE I 56 -54.05 -13.82 -14.67
C ILE I 56 -53.67 -14.54 -13.38
N VAL I 57 -52.37 -14.53 -13.07
CA VAL I 57 -51.85 -14.99 -11.79
C VAL I 57 -50.87 -13.96 -11.24
N THR I 58 -50.70 -13.94 -9.91
CA THR I 58 -49.85 -12.99 -9.19
C THR I 58 -48.70 -13.71 -8.50
N ALA I 59 -47.57 -13.02 -8.37
CA ALA I 59 -46.38 -13.63 -7.80
C ALA I 59 -45.37 -12.54 -7.50
N ASP I 60 -44.69 -12.69 -6.37
CA ASP I 60 -43.61 -11.81 -6.04
C ASP I 60 -42.33 -12.51 -6.51
N LEU I 61 -41.83 -12.06 -7.65
CA LEU I 61 -40.71 -12.71 -8.29
C LEU I 61 -39.41 -12.36 -7.56
N LYS I 62 -39.54 -11.50 -6.54
CA LYS I 62 -38.43 -11.14 -5.68
C LYS I 62 -38.28 -12.21 -4.59
N SER I 63 -39.39 -12.85 -4.19
CA SER I 63 -39.41 -13.96 -3.24
C SER I 63 -38.86 -15.23 -3.92
N ASP I 64 -38.53 -16.25 -3.12
CA ASP I 64 -37.95 -17.49 -3.66
C ASP I 64 -39.08 -18.38 -4.18
N GLN I 65 -40.20 -18.33 -3.46
CA GLN I 65 -41.36 -19.10 -3.81
C GLN I 65 -42.03 -18.57 -5.07
N GLY I 66 -41.97 -17.26 -5.27
CA GLY I 66 -42.38 -16.66 -6.53
C GLY I 66 -41.45 -17.07 -7.67
N LEU I 67 -40.13 -16.93 -7.49
CA LEU I 67 -39.18 -17.28 -8.53
C LEU I 67 -39.36 -18.74 -8.94
N GLU I 68 -39.78 -19.61 -8.02
CA GLU I 68 -39.79 -21.04 -8.33
C GLU I 68 -41.12 -21.44 -8.98
N LEU I 69 -42.24 -20.84 -8.56
CA LEU I 69 -43.51 -21.12 -9.22
C LEU I 69 -43.47 -20.69 -10.69
N ALA I 70 -42.87 -19.53 -10.94
CA ALA I 70 -42.68 -19.00 -12.28
C ALA I 70 -41.77 -19.87 -13.13
N LEU I 71 -40.65 -20.35 -12.53
CA LEU I 71 -39.76 -21.23 -13.27
C LEU I 71 -40.47 -22.56 -13.59
N LYS I 72 -41.55 -22.88 -12.88
CA LYS I 72 -42.30 -24.09 -13.16
C LYS I 72 -43.25 -23.88 -14.32
N LEU I 73 -43.92 -22.72 -14.37
CA LEU I 73 -44.73 -22.35 -15.53
C LEU I 73 -43.87 -22.32 -16.77
N ILE I 74 -42.75 -21.62 -16.71
CA ILE I 74 -41.91 -21.42 -17.87
C ILE I 74 -41.44 -22.77 -18.42
N ALA I 75 -41.29 -23.74 -17.50
CA ALA I 75 -40.74 -25.03 -17.86
C ALA I 75 -41.73 -25.75 -18.78
N LYS I 76 -43.03 -25.59 -18.52
CA LYS I 76 -44.09 -26.28 -19.24
C LYS I 76 -44.68 -25.46 -20.41
N ALA I 77 -43.95 -24.44 -20.91
CA ALA I 77 -44.52 -23.46 -21.84
C ALA I 77 -43.66 -23.27 -23.08
N ASP I 78 -44.26 -22.74 -24.16
CA ASP I 78 -43.55 -22.56 -25.42
C ASP I 78 -42.86 -21.20 -25.50
N VAL I 79 -43.54 -20.19 -24.91
CA VAL I 79 -43.13 -18.80 -25.07
C VAL I 79 -43.12 -18.06 -23.73
N LEU I 80 -42.00 -17.35 -23.53
CA LEU I 80 -41.93 -16.32 -22.51
C LEU I 80 -41.83 -14.93 -23.15
N ILE I 81 -42.74 -14.03 -22.72
CA ILE I 81 -42.72 -12.61 -23.04
C ILE I 81 -42.36 -11.76 -21.82
N GLU I 82 -41.32 -10.93 -21.95
CA GLU I 82 -41.05 -9.89 -20.96
C GLU I 82 -40.76 -8.55 -21.65
N GLY I 83 -41.17 -7.45 -20.99
CA GLY I 83 -40.99 -6.09 -21.49
C GLY I 83 -40.38 -5.12 -20.47
N TYR I 84 -39.40 -5.62 -19.70
CA TYR I 84 -38.71 -4.85 -18.68
C TYR I 84 -37.41 -4.36 -19.29
N ARG I 85 -36.72 -3.50 -18.55
CA ARG I 85 -35.42 -3.04 -19.02
C ARG I 85 -34.51 -4.25 -19.08
N PRO I 86 -33.46 -4.22 -19.91
CA PRO I 86 -32.42 -5.22 -19.84
C PRO I 86 -31.81 -5.30 -18.45
N GLY I 87 -31.47 -6.54 -18.05
CA GLY I 87 -30.89 -6.83 -16.75
C GLY I 87 -31.94 -7.28 -15.77
N VAL I 88 -33.19 -6.87 -15.97
CA VAL I 88 -34.21 -7.08 -14.94
C VAL I 88 -34.53 -8.56 -14.75
N THR I 89 -34.76 -9.28 -15.85
CA THR I 89 -35.09 -10.69 -15.70
C THR I 89 -33.83 -11.40 -15.20
N GLU I 90 -32.64 -11.04 -15.68
CA GLU I 90 -31.42 -11.61 -15.14
C GLU I 90 -31.48 -11.56 -13.60
N ARG I 91 -31.55 -10.35 -13.02
CA ARG I 91 -31.53 -10.12 -11.59
C ARG I 91 -32.68 -10.78 -10.85
N LEU I 92 -33.82 -11.03 -11.50
CA LEU I 92 -34.87 -11.78 -10.81
C LEU I 92 -34.56 -13.29 -10.80
N GLY I 93 -33.56 -13.70 -11.61
CA GLY I 93 -33.27 -15.10 -11.88
C GLY I 93 -34.09 -15.71 -13.03
N LEU I 94 -34.78 -14.89 -13.84
CA LEU I 94 -35.66 -15.35 -14.92
C LEU I 94 -35.06 -14.97 -16.26
N GLY I 95 -33.73 -14.84 -16.32
CA GLY I 95 -33.05 -14.49 -17.55
C GLY I 95 -33.14 -15.66 -18.53
N PRO I 96 -32.70 -15.45 -19.78
CA PRO I 96 -32.69 -16.52 -20.76
C PRO I 96 -31.83 -17.70 -20.31
N GLU I 97 -30.61 -17.44 -19.79
CA GLU I 97 -29.70 -18.49 -19.36
C GLU I 97 -30.34 -19.43 -18.34
N GLU I 98 -31.01 -18.85 -17.35
CA GLU I 98 -31.69 -19.62 -16.31
C GLU I 98 -32.91 -20.34 -16.86
N CYS I 99 -33.57 -19.70 -17.85
CA CYS I 99 -34.77 -20.27 -18.45
C CYS I 99 -34.35 -21.43 -19.34
N ALA I 100 -33.21 -21.29 -20.04
CA ALA I 100 -32.67 -22.30 -20.93
C ALA I 100 -32.28 -23.56 -20.17
N LYS I 101 -32.06 -23.42 -18.85
CA LYS I 101 -31.72 -24.52 -17.98
C LYS I 101 -32.93 -25.39 -17.71
N VAL I 102 -34.14 -24.83 -17.62
CA VAL I 102 -35.33 -25.63 -17.28
C VAL I 102 -36.17 -26.00 -18.51
N ASN I 103 -35.74 -25.59 -19.72
CA ASN I 103 -36.58 -25.74 -20.92
C ASN I 103 -35.86 -25.09 -22.10
N ASP I 104 -35.04 -25.86 -22.82
CA ASP I 104 -34.25 -25.36 -23.95
C ASP I 104 -35.11 -25.35 -25.24
N ARG I 105 -36.42 -25.60 -25.11
CA ARG I 105 -37.34 -25.44 -26.24
C ARG I 105 -37.93 -24.03 -26.29
N LEU I 106 -37.75 -23.25 -25.20
CA LEU I 106 -38.44 -21.98 -24.95
C LEU I 106 -38.12 -20.90 -25.99
N ILE I 107 -39.18 -20.18 -26.40
CA ILE I 107 -38.97 -18.93 -27.09
C ILE I 107 -38.97 -17.80 -26.06
N TYR I 108 -37.81 -17.14 -25.97
CA TYR I 108 -37.56 -16.12 -24.96
C TYR I 108 -37.71 -14.78 -25.66
N ALA I 109 -38.89 -14.15 -25.48
CA ALA I 109 -39.23 -12.98 -26.27
C ALA I 109 -39.08 -11.69 -25.43
N ARG I 110 -38.12 -10.86 -25.86
CA ARG I 110 -37.71 -9.67 -25.11
C ARG I 110 -38.16 -8.40 -25.85
N MET I 111 -39.16 -7.72 -25.28
CA MET I 111 -39.77 -6.54 -25.88
C MET I 111 -39.16 -5.26 -25.32
N THR I 112 -38.25 -4.58 -26.02
CA THR I 112 -37.81 -3.29 -25.53
C THR I 112 -38.06 -2.19 -26.55
N GLY I 113 -37.75 -0.95 -26.15
CA GLY I 113 -37.67 0.18 -27.06
C GLY I 113 -36.27 0.37 -27.64
N TRP I 114 -35.27 0.32 -26.75
CA TRP I 114 -33.94 0.65 -27.21
C TRP I 114 -33.12 -0.60 -27.56
N GLY I 115 -33.60 -1.76 -27.12
CA GLY I 115 -32.80 -2.98 -27.27
C GLY I 115 -32.02 -3.35 -26.01
N GLN I 116 -31.14 -4.37 -26.16
CA GLN I 116 -30.55 -5.06 -25.03
C GLN I 116 -29.22 -4.43 -24.65
N THR I 117 -28.59 -3.68 -25.55
CA THR I 117 -27.31 -3.06 -25.30
C THR I 117 -27.33 -1.66 -25.91
N GLY I 118 -26.30 -0.87 -25.58
CA GLY I 118 -26.04 0.39 -26.25
C GLY I 118 -26.30 1.58 -25.31
N PRO I 119 -25.92 2.81 -25.70
CA PRO I 119 -25.92 3.95 -24.77
C PRO I 119 -27.25 4.30 -24.13
N ARG I 120 -28.36 3.94 -24.81
CA ARG I 120 -29.68 4.34 -24.35
C ARG I 120 -30.42 3.17 -23.74
N SER I 121 -29.76 2.00 -23.61
CA SER I 121 -30.46 0.77 -23.25
C SER I 121 -31.10 0.83 -21.88
N GLN I 122 -30.63 1.72 -21.00
CA GLN I 122 -31.21 1.79 -19.66
C GLN I 122 -32.12 2.99 -19.47
N GLN I 123 -32.18 3.89 -20.46
CA GLN I 123 -33.10 5.03 -20.35
C GLN I 123 -34.55 4.57 -20.42
N ALA I 124 -35.37 5.09 -19.50
CA ALA I 124 -36.81 5.02 -19.60
C ALA I 124 -37.23 5.73 -20.88
N GLY I 125 -38.38 5.28 -21.37
CA GLY I 125 -38.87 5.79 -22.62
C GLY I 125 -40.27 5.30 -22.96
N HIS I 126 -40.79 5.92 -24.03
CA HIS I 126 -42.11 5.63 -24.54
C HIS I 126 -42.07 5.79 -26.04
N ASP I 127 -43.18 5.41 -26.67
CA ASP I 127 -43.29 5.39 -28.13
C ASP I 127 -42.63 6.58 -28.78
N ILE I 128 -43.06 7.79 -28.37
CA ILE I 128 -42.63 9.02 -29.01
C ILE I 128 -41.12 9.13 -28.98
N ASN I 129 -40.48 8.59 -27.93
CA ASN I 129 -39.03 8.64 -27.82
C ASN I 129 -38.37 7.72 -28.87
N TYR I 130 -38.87 6.48 -29.01
CA TYR I 130 -38.23 5.51 -29.89
C TYR I 130 -38.34 5.96 -31.33
N ILE I 131 -39.49 6.51 -31.68
CA ILE I 131 -39.65 7.00 -33.04
C ILE I 131 -39.00 8.38 -33.28
N SER I 132 -38.66 9.14 -32.23
CA SER I 132 -37.95 10.39 -32.48
C SER I 132 -36.55 10.11 -33.02
N LEU I 133 -35.96 8.98 -32.64
CA LEU I 133 -34.53 8.79 -32.87
C LEU I 133 -34.23 8.24 -34.28
N ASN I 134 -35.22 7.66 -34.96
CA ASN I 134 -34.92 6.94 -36.21
C ASN I 134 -35.58 7.59 -37.43
N GLY I 135 -36.12 8.81 -37.25
CA GLY I 135 -36.49 9.66 -38.37
C GLY I 135 -38.01 9.75 -38.57
N ILE I 136 -38.73 8.85 -37.90
CA ILE I 136 -40.16 8.66 -38.10
C ILE I 136 -40.95 9.88 -37.61
N LEU I 137 -40.78 10.28 -36.35
CA LEU I 137 -41.61 11.34 -35.78
C LEU I 137 -41.41 12.63 -36.57
N HIS I 138 -40.18 12.86 -37.01
CA HIS I 138 -39.83 14.08 -37.72
C HIS I 138 -40.65 14.22 -39.01
N ALA I 139 -41.07 13.08 -39.60
CA ALA I 139 -41.70 13.09 -40.92
C ALA I 139 -43.22 13.21 -40.85
N ILE I 140 -43.78 13.27 -39.63
CA ILE I 140 -45.22 13.30 -39.43
C ILE I 140 -45.70 14.67 -38.95
N GLY I 141 -46.72 15.21 -39.68
CA GLY I 141 -47.33 16.49 -39.37
C GLY I 141 -47.29 17.48 -40.53
N ARG I 142 -47.93 18.62 -40.33
CA ARG I 142 -47.89 19.69 -41.32
C ARG I 142 -46.51 20.34 -41.30
N GLY I 143 -46.14 20.90 -42.45
CA GLY I 143 -44.78 21.39 -42.65
C GLY I 143 -44.53 22.71 -41.93
N ASP I 144 -45.60 23.40 -41.60
CA ASP I 144 -45.47 24.69 -40.97
C ASP I 144 -45.55 24.57 -39.44
N GLU I 145 -45.48 23.35 -38.91
CA GLU I 145 -45.73 23.07 -37.51
C GLU I 145 -44.72 22.05 -36.99
N ARG I 146 -44.76 21.83 -35.67
CA ARG I 146 -43.84 20.91 -35.03
C ARG I 146 -44.36 19.48 -35.23
N PRO I 147 -43.51 18.44 -35.22
CA PRO I 147 -43.99 17.10 -35.55
C PRO I 147 -45.12 16.69 -34.61
N VAL I 148 -46.07 15.89 -35.08
CA VAL I 148 -47.12 15.44 -34.22
C VAL I 148 -47.03 13.91 -34.09
N PRO I 149 -47.26 13.37 -32.89
CA PRO I 149 -47.20 11.93 -32.69
C PRO I 149 -48.42 11.22 -33.24
N PRO I 150 -48.18 10.14 -34.01
CA PRO I 150 -49.25 9.29 -34.51
C PRO I 150 -49.71 8.34 -33.44
N LEU I 151 -50.32 8.93 -32.39
CA LEU I 151 -50.61 8.23 -31.15
C LEU I 151 -49.37 7.43 -30.77
N ASN I 152 -49.57 6.25 -30.16
CA ASN I 152 -48.48 5.30 -29.93
C ASN I 152 -48.56 4.11 -30.90
N LEU I 153 -48.89 4.37 -32.16
CA LEU I 153 -49.27 3.28 -33.06
C LEU I 153 -48.05 2.70 -33.74
N VAL I 154 -47.02 3.52 -33.94
CA VAL I 154 -45.95 3.13 -34.82
C VAL I 154 -44.80 2.48 -34.04
N GLY I 155 -44.56 2.96 -32.81
CA GLY I 155 -43.49 2.42 -31.96
C GLY I 155 -43.94 1.23 -31.11
N ASP I 156 -45.00 1.40 -30.31
CA ASP I 156 -45.54 0.35 -29.45
C ASP I 156 -46.11 -0.83 -30.23
N PHE I 157 -46.91 -0.58 -31.28
CA PHE I 157 -47.62 -1.68 -31.94
C PHE I 157 -46.99 -2.01 -33.30
N GLY I 158 -47.14 -1.14 -34.29
CA GLY I 158 -46.66 -1.44 -35.63
C GLY I 158 -45.23 -1.96 -35.65
N GLY I 159 -44.31 -1.23 -34.97
CA GLY I 159 -42.89 -1.55 -34.97
C GLY I 159 -42.45 -2.23 -33.66
N GLY I 160 -43.42 -2.59 -32.83
CA GLY I 160 -43.17 -3.05 -31.48
C GLY I 160 -43.69 -4.47 -31.29
N SER I 161 -44.91 -4.56 -30.80
CA SER I 161 -45.57 -5.81 -30.56
C SER I 161 -45.62 -6.66 -31.82
N MET I 162 -45.88 -6.04 -32.98
CA MET I 162 -46.10 -6.86 -34.15
C MET I 162 -44.80 -7.58 -34.50
N PHE I 163 -43.65 -6.93 -34.32
CA PHE I 163 -42.39 -7.55 -34.63
C PHE I 163 -42.00 -8.60 -33.59
N LEU I 164 -42.41 -8.42 -32.33
CA LEU I 164 -42.28 -9.45 -31.31
C LEU I 164 -43.01 -10.70 -31.80
N LEU I 165 -44.23 -10.50 -32.31
CA LEU I 165 -45.08 -11.60 -32.77
C LEU I 165 -44.42 -12.32 -33.95
N VAL I 166 -43.83 -11.56 -34.86
CA VAL I 166 -43.17 -12.18 -36.00
C VAL I 166 -41.97 -12.97 -35.49
N GLY I 167 -41.24 -12.45 -34.47
CA GLY I 167 -40.11 -13.15 -33.89
C GLY I 167 -40.54 -14.47 -33.25
N ILE I 168 -41.58 -14.39 -32.43
CA ILE I 168 -42.06 -15.55 -31.73
C ILE I 168 -42.39 -16.62 -32.77
N LEU I 169 -43.21 -16.25 -33.75
CA LEU I 169 -43.78 -17.24 -34.63
C LEU I 169 -42.72 -17.75 -35.60
N ALA I 170 -41.79 -16.89 -36.00
CA ALA I 170 -40.68 -17.35 -36.82
C ALA I 170 -39.78 -18.30 -36.04
N ALA I 171 -39.64 -18.07 -34.72
CA ALA I 171 -38.74 -18.88 -33.92
C ALA I 171 -39.39 -20.24 -33.69
N LEU I 172 -40.71 -20.28 -33.47
CA LEU I 172 -41.47 -21.52 -33.41
C LEU I 172 -41.33 -22.36 -34.68
N TRP I 173 -41.29 -21.73 -35.87
CA TRP I 173 -41.05 -22.45 -37.12
C TRP I 173 -39.67 -23.13 -37.09
N GLU I 174 -38.63 -22.34 -36.77
CA GLU I 174 -37.25 -22.80 -36.75
C GLU I 174 -37.11 -23.99 -35.80
N ARG I 175 -37.77 -23.92 -34.63
CA ARG I 175 -37.78 -24.95 -33.61
C ARG I 175 -38.31 -26.28 -34.14
N GLN I 176 -39.15 -26.25 -35.18
CA GLN I 176 -39.69 -27.48 -35.76
C GLN I 176 -38.52 -28.27 -36.34
N SER I 177 -37.56 -27.63 -37.04
CA SER I 177 -36.35 -28.25 -37.54
C SER I 177 -35.34 -28.60 -36.45
N SER I 178 -35.15 -27.69 -35.47
CA SER I 178 -33.91 -27.65 -34.69
C SER I 178 -34.06 -28.39 -33.37
N GLY I 179 -35.29 -28.48 -32.87
CA GLY I 179 -35.60 -28.96 -31.54
C GLY I 179 -35.37 -27.90 -30.45
N LYS I 180 -34.88 -26.71 -30.82
CA LYS I 180 -34.35 -25.77 -29.84
C LYS I 180 -35.00 -24.39 -29.92
N GLY I 181 -35.33 -23.86 -28.74
CA GLY I 181 -35.74 -22.48 -28.56
C GLY I 181 -34.60 -21.50 -28.85
N GLN I 182 -34.88 -20.23 -28.55
CA GLN I 182 -33.90 -19.18 -28.74
C GLN I 182 -34.47 -17.86 -28.18
N VAL I 183 -33.62 -16.83 -28.25
CA VAL I 183 -33.96 -15.52 -27.71
C VAL I 183 -34.24 -14.59 -28.89
N VAL I 184 -35.41 -13.93 -28.78
CA VAL I 184 -35.89 -12.92 -29.71
C VAL I 184 -35.78 -11.54 -29.08
N ASP I 185 -34.95 -10.70 -29.68
CA ASP I 185 -34.75 -9.34 -29.23
C ASP I 185 -35.52 -8.38 -30.16
N ALA I 186 -36.73 -8.00 -29.70
CA ALA I 186 -37.56 -7.02 -30.41
C ALA I 186 -37.44 -5.60 -29.80
N ALA I 187 -36.73 -4.74 -30.51
CA ALA I 187 -36.59 -3.34 -30.16
C ALA I 187 -37.43 -2.44 -31.07
N MET I 188 -38.27 -1.58 -30.44
CA MET I 188 -39.17 -0.68 -31.11
C MET I 188 -38.43 0.21 -32.07
N VAL I 189 -37.17 0.56 -31.78
CA VAL I 189 -36.46 1.45 -32.67
C VAL I 189 -36.03 0.73 -33.95
N ASP I 190 -35.86 -0.60 -33.85
CA ASP I 190 -35.51 -1.41 -35.01
C ASP I 190 -36.77 -1.74 -35.82
N GLY I 191 -37.80 -2.21 -35.12
CA GLY I 191 -39.01 -2.67 -35.76
C GLY I 191 -39.72 -1.53 -36.47
N SER I 192 -39.80 -0.36 -35.81
CA SER I 192 -40.38 0.81 -36.44
C SER I 192 -39.55 1.19 -37.66
N SER I 193 -38.23 0.97 -37.66
CA SER I 193 -37.44 1.35 -38.84
C SER I 193 -37.76 0.43 -40.04
N VAL I 194 -37.94 -0.87 -39.78
CA VAL I 194 -38.26 -1.80 -40.84
C VAL I 194 -39.67 -1.50 -41.34
N LEU I 195 -40.56 -1.10 -40.43
CA LEU I 195 -41.94 -0.77 -40.77
C LEU I 195 -41.98 0.38 -41.78
N ILE I 196 -41.04 1.31 -41.67
CA ILE I 196 -40.98 2.47 -42.55
C ILE I 196 -39.91 2.27 -43.62
N GLN I 197 -39.60 1.02 -43.95
CA GLN I 197 -38.60 0.79 -44.97
C GLN I 197 -38.96 1.46 -46.30
N MET I 198 -40.25 1.57 -46.64
CA MET I 198 -40.62 2.20 -47.92
C MET I 198 -40.00 3.58 -48.05
N MET I 199 -40.04 4.39 -46.98
CA MET I 199 -39.53 5.75 -47.06
C MET I 199 -38.01 5.72 -47.25
N TRP I 200 -37.30 4.80 -46.57
CA TRP I 200 -35.86 4.73 -46.75
C TRP I 200 -35.52 4.33 -48.18
N ALA I 201 -36.44 3.60 -48.82
CA ALA I 201 -36.23 3.16 -50.20
C ALA I 201 -36.44 4.34 -51.15
N MET I 202 -37.56 5.05 -50.95
CA MET I 202 -37.90 6.20 -51.77
C MET I 202 -36.84 7.29 -51.60
N ARG I 203 -36.30 7.38 -50.38
CA ARG I 203 -35.35 8.44 -50.07
C ARG I 203 -34.09 8.23 -50.89
N ALA I 204 -33.64 6.98 -51.05
CA ALA I 204 -32.43 6.65 -51.78
C ALA I 204 -32.54 6.87 -53.30
N THR I 205 -33.76 6.82 -53.86
CA THR I 205 -33.97 7.08 -55.28
C THR I 205 -34.51 8.49 -55.53
N GLY I 206 -34.41 9.38 -54.54
CA GLY I 206 -34.81 10.78 -54.69
C GLY I 206 -36.33 10.99 -54.71
N MET I 207 -37.12 10.07 -54.16
CA MET I 207 -38.57 10.21 -54.24
C MET I 207 -39.17 10.49 -52.87
N TRP I 208 -38.31 10.83 -51.92
CA TRP I 208 -38.79 11.26 -50.62
C TRP I 208 -37.75 12.20 -50.02
N THR I 209 -38.19 13.35 -49.51
CA THR I 209 -37.27 14.28 -48.86
C THR I 209 -37.60 14.40 -47.36
N ASP I 210 -36.60 14.91 -46.64
CA ASP I 210 -36.67 15.09 -45.21
C ASP I 210 -37.55 16.29 -44.85
N THR I 211 -38.00 17.06 -45.85
CA THR I 211 -38.92 18.17 -45.61
C THR I 211 -40.30 17.64 -45.23
N ARG I 212 -40.75 18.08 -44.06
CA ARG I 212 -41.99 17.58 -43.50
C ARG I 212 -43.14 18.20 -44.29
N GLY I 213 -44.16 17.39 -44.55
CA GLY I 213 -45.34 17.82 -45.28
C GLY I 213 -45.10 18.15 -46.76
N ALA I 214 -44.08 17.57 -47.42
CA ALA I 214 -43.84 17.91 -48.81
C ALA I 214 -43.58 16.67 -49.67
N ASN I 215 -44.27 15.56 -49.38
CA ASN I 215 -44.04 14.31 -50.08
C ASN I 215 -45.39 13.72 -50.50
N MET I 216 -45.33 12.62 -51.26
CA MET I 216 -46.55 12.09 -51.83
C MET I 216 -47.51 11.58 -50.75
N LEU I 217 -47.00 11.11 -49.60
CA LEU I 217 -47.85 10.39 -48.68
C LEU I 217 -47.92 11.02 -47.28
N ASP I 218 -47.36 12.21 -47.08
CA ASP I 218 -47.33 12.78 -45.76
C ASP I 218 -48.37 13.88 -45.62
N GLY I 219 -49.21 14.08 -46.65
CA GLY I 219 -50.19 15.16 -46.63
C GLY I 219 -49.79 16.31 -47.54
N GLY I 220 -48.57 16.26 -48.08
CA GLY I 220 -48.08 17.25 -49.03
C GLY I 220 -48.78 17.24 -50.39
N ALA I 221 -49.26 16.07 -50.82
CA ALA I 221 -49.88 15.92 -52.14
C ALA I 221 -51.36 16.22 -52.02
N PRO I 222 -51.93 17.10 -52.88
CA PRO I 222 -53.34 17.42 -52.78
C PRO I 222 -54.30 16.25 -53.02
N TYR I 223 -53.80 15.17 -53.63
CA TYR I 223 -54.62 13.98 -53.90
C TYR I 223 -54.37 12.88 -52.86
N TYR I 224 -53.60 13.19 -51.79
CA TYR I 224 -53.41 12.27 -50.69
C TYR I 224 -53.42 13.05 -49.38
N ASP I 225 -54.64 13.37 -48.91
CA ASP I 225 -54.80 14.21 -47.74
C ASP I 225 -56.26 14.17 -47.31
N THR I 226 -56.55 14.81 -46.17
CA THR I 226 -57.92 15.05 -45.76
C THR I 226 -58.37 16.43 -46.25
N TYR I 227 -59.67 16.64 -46.27
CA TYR I 227 -60.25 17.91 -46.68
C TYR I 227 -61.47 18.17 -45.84
N GLU I 228 -61.60 19.41 -45.37
CA GLU I 228 -62.77 19.80 -44.61
C GLU I 228 -63.95 20.05 -45.53
N CYS I 229 -65.13 19.56 -45.11
CA CYS I 229 -66.40 19.69 -45.80
C CYS I 229 -67.23 20.80 -45.19
N ALA I 230 -68.42 21.05 -45.78
CA ALA I 230 -69.22 22.23 -45.46
C ALA I 230 -69.72 22.16 -44.01
N ASP I 231 -69.81 20.95 -43.46
CA ASP I 231 -70.30 20.74 -42.10
C ASP I 231 -69.15 20.70 -41.08
N GLY I 232 -67.93 21.05 -41.46
CA GLY I 232 -66.80 20.96 -40.53
C GLY I 232 -66.26 19.54 -40.37
N ARG I 233 -66.87 18.51 -40.97
CA ARG I 233 -66.32 17.16 -40.89
C ARG I 233 -65.39 16.90 -42.07
N TYR I 234 -64.76 15.72 -42.17
CA TYR I 234 -63.67 15.58 -43.12
C TYR I 234 -63.86 14.37 -44.01
N VAL I 235 -63.30 14.47 -45.22
CA VAL I 235 -63.08 13.30 -46.05
C VAL I 235 -61.59 13.07 -46.20
N ALA I 236 -61.26 11.83 -46.57
CA ALA I 236 -59.92 11.45 -46.96
C ALA I 236 -59.87 11.17 -48.45
N VAL I 237 -58.80 11.65 -49.08
CA VAL I 237 -58.55 11.53 -50.49
C VAL I 237 -57.24 10.81 -50.65
N GLY I 238 -57.30 9.68 -51.38
CA GLY I 238 -56.14 8.85 -51.62
C GLY I 238 -55.94 8.51 -53.09
N ALA I 239 -56.29 9.44 -53.98
CA ALA I 239 -56.32 9.09 -55.39
C ALA I 239 -54.96 9.25 -56.05
N ILE I 240 -54.05 8.31 -55.79
CA ILE I 240 -52.71 8.34 -56.35
C ILE I 240 -52.75 8.06 -57.85
N GLU I 241 -53.41 6.96 -58.25
CA GLU I 241 -53.39 6.50 -59.64
C GLU I 241 -54.23 7.46 -60.50
N PRO I 242 -53.71 7.85 -61.69
CA PRO I 242 -54.34 8.86 -62.52
C PRO I 242 -55.81 8.59 -62.85
N GLN I 243 -56.16 7.30 -62.99
CA GLN I 243 -57.51 6.91 -63.37
C GLN I 243 -58.43 7.14 -62.19
N PHE I 244 -57.90 6.96 -60.98
CA PHE I 244 -58.75 7.12 -59.82
C PHE I 244 -58.90 8.61 -59.55
N TYR I 245 -57.80 9.35 -59.68
CA TYR I 245 -57.84 10.82 -59.58
C TYR I 245 -58.86 11.42 -60.56
N ALA I 246 -58.87 10.95 -61.80
CA ALA I 246 -59.78 11.46 -62.81
C ALA I 246 -61.23 11.19 -62.39
N ALA I 247 -61.49 10.03 -61.81
CA ALA I 247 -62.83 9.73 -61.32
C ALA I 247 -63.21 10.70 -60.23
N MET I 248 -62.22 11.03 -59.39
CA MET I 248 -62.55 11.93 -58.29
C MET I 248 -62.92 13.32 -58.82
N LEU I 249 -62.13 13.85 -59.76
CA LEU I 249 -62.42 15.18 -60.33
C LEU I 249 -63.83 15.24 -60.91
N ALA I 250 -64.19 14.21 -61.68
CA ALA I 250 -65.52 14.18 -62.28
C ALA I 250 -66.59 14.23 -61.19
N GLY I 251 -66.41 13.46 -60.10
CA GLY I 251 -67.35 13.51 -58.99
C GLY I 251 -67.41 14.88 -58.31
N LEU I 252 -66.32 15.66 -58.33
CA LEU I 252 -66.33 16.98 -57.71
C LEU I 252 -66.89 18.06 -58.64
N GLY I 253 -67.14 17.73 -59.90
CA GLY I 253 -67.67 18.74 -60.80
C GLY I 253 -66.56 19.60 -61.39
N LEU I 254 -65.33 19.10 -61.39
CA LEU I 254 -64.16 19.90 -61.74
C LEU I 254 -63.63 19.36 -63.06
N ASP I 255 -63.41 20.29 -63.97
CA ASP I 255 -63.06 19.93 -65.31
C ASP I 255 -61.53 19.85 -65.35
N ALA I 256 -61.00 18.71 -65.78
CA ALA I 256 -59.57 18.49 -65.84
C ALA I 256 -58.85 19.66 -66.51
N ALA I 257 -59.48 20.32 -67.49
CA ALA I 257 -58.75 21.35 -68.23
C ALA I 257 -58.63 22.65 -67.44
N GLU I 258 -59.41 22.83 -66.38
CA GLU I 258 -59.29 24.02 -65.55
C GLU I 258 -58.18 23.88 -64.50
N LEU I 259 -57.60 22.69 -64.30
CA LEU I 259 -56.74 22.45 -63.14
C LEU I 259 -55.31 22.25 -63.60
N PRO I 260 -54.29 22.46 -62.73
CA PRO I 260 -52.95 22.01 -63.06
C PRO I 260 -52.87 20.49 -63.19
N PRO I 261 -51.78 19.97 -63.79
CA PRO I 261 -51.48 18.53 -63.72
C PRO I 261 -51.37 18.02 -62.28
N GLN I 262 -51.84 16.79 -62.10
CA GLN I 262 -51.94 16.13 -60.82
C GLN I 262 -50.58 16.12 -60.14
N ASN I 263 -49.51 15.86 -60.92
CA ASN I 263 -48.18 15.70 -60.37
C ASN I 263 -47.23 16.85 -60.71
N ASP I 264 -47.77 18.03 -61.08
CA ASP I 264 -46.93 19.21 -61.16
C ASP I 264 -46.88 19.85 -59.78
N ARG I 265 -45.82 19.54 -59.03
CA ARG I 265 -45.69 19.93 -57.63
C ARG I 265 -45.57 21.43 -57.50
N ALA I 266 -45.03 22.10 -58.51
CA ALA I 266 -44.87 23.55 -58.47
C ALA I 266 -46.24 24.23 -58.44
N ARG I 267 -47.30 23.53 -58.89
CA ARG I 267 -48.63 24.10 -58.89
C ARG I 267 -49.55 23.38 -57.91
N TRP I 268 -48.99 22.60 -56.99
CA TRP I 268 -49.83 21.97 -55.98
C TRP I 268 -50.61 22.99 -55.16
N PRO I 269 -50.07 24.19 -54.84
CA PRO I 269 -50.84 25.18 -54.10
C PRO I 269 -52.14 25.59 -54.79
N GLU I 270 -52.09 25.91 -56.07
CA GLU I 270 -53.28 26.14 -56.88
C GLU I 270 -54.25 24.95 -56.82
N LEU I 271 -53.70 23.73 -57.05
CA LEU I 271 -54.53 22.53 -57.12
C LEU I 271 -55.23 22.29 -55.80
N ARG I 272 -54.46 22.46 -54.71
CA ARG I 272 -55.00 22.25 -53.39
C ARG I 272 -56.14 23.24 -53.14
N ALA I 273 -55.96 24.48 -53.58
CA ALA I 273 -56.99 25.48 -53.35
C ALA I 273 -58.26 25.15 -54.13
N LEU I 274 -58.12 24.58 -55.33
CA LEU I 274 -59.30 24.18 -56.10
C LEU I 274 -60.05 23.02 -55.45
N LEU I 275 -59.32 21.97 -55.03
CA LEU I 275 -59.95 20.83 -54.38
C LEU I 275 -60.58 21.24 -53.05
N THR I 276 -59.90 22.16 -52.33
CA THR I 276 -60.38 22.63 -51.04
C THR I 276 -61.75 23.23 -51.21
N GLU I 277 -61.87 24.16 -52.17
CA GLU I 277 -63.13 24.84 -52.39
C GLU I 277 -64.18 23.82 -52.78
N ALA I 278 -63.83 22.87 -53.65
CA ALA I 278 -64.78 21.87 -54.08
C ALA I 278 -65.29 21.01 -52.92
N PHE I 279 -64.41 20.45 -52.07
CA PHE I 279 -64.92 19.61 -50.99
C PHE I 279 -65.69 20.43 -49.95
N ALA I 280 -65.33 21.69 -49.74
CA ALA I 280 -66.03 22.53 -48.76
C ALA I 280 -67.46 22.85 -49.18
N SER I 281 -67.84 22.62 -50.45
CA SER I 281 -69.15 23.07 -50.92
C SER I 281 -70.23 22.08 -50.48
N HIS I 282 -69.85 20.87 -50.05
CA HIS I 282 -70.85 19.92 -49.59
C HIS I 282 -70.36 19.24 -48.31
N ASP I 283 -71.30 18.62 -47.61
CA ASP I 283 -71.02 18.01 -46.33
C ASP I 283 -70.42 16.61 -46.55
N ARG I 284 -69.81 16.08 -45.48
CA ARG I 284 -69.09 14.83 -45.54
C ARG I 284 -69.99 13.70 -46.07
N ASP I 285 -71.21 13.57 -45.54
CA ASP I 285 -72.09 12.48 -45.92
C ASP I 285 -72.48 12.60 -47.40
N HIS I 286 -72.57 13.82 -47.93
CA HIS I 286 -72.84 13.98 -49.36
C HIS I 286 -71.73 13.32 -50.18
N TRP I 287 -70.45 13.53 -49.81
CA TRP I 287 -69.35 12.99 -50.58
C TRP I 287 -69.30 11.47 -50.42
N GLY I 288 -69.73 11.01 -49.25
CA GLY I 288 -69.77 9.58 -48.96
C GLY I 288 -70.68 8.86 -49.94
N ALA I 289 -71.82 9.50 -50.25
CA ALA I 289 -72.83 8.97 -51.16
C ALA I 289 -72.36 9.05 -52.61
N VAL I 290 -72.04 10.25 -53.04
CA VAL I 290 -71.47 10.47 -54.36
C VAL I 290 -70.41 9.44 -54.70
N PHE I 291 -69.51 9.10 -53.75
CA PHE I 291 -68.38 8.25 -54.09
C PHE I 291 -68.56 6.80 -53.64
N ALA I 292 -69.71 6.44 -53.07
CA ALA I 292 -69.99 5.02 -52.84
C ALA I 292 -69.88 4.22 -54.14
N ASN I 293 -69.17 3.08 -54.06
CA ASN I 293 -68.92 2.17 -55.18
C ASN I 293 -67.95 2.76 -56.21
N SER I 294 -67.29 3.88 -55.88
CA SER I 294 -66.39 4.49 -56.85
C SER I 294 -64.94 4.10 -56.57
N ASP I 295 -64.06 4.21 -57.57
CA ASP I 295 -62.63 4.02 -57.40
C ASP I 295 -61.94 5.38 -57.22
N ALA I 296 -62.71 6.42 -56.88
CA ALA I 296 -62.15 7.75 -56.67
C ALA I 296 -61.23 7.85 -55.44
N CYS I 297 -61.33 6.91 -54.49
CA CYS I 297 -60.46 6.90 -53.32
C CYS I 297 -60.83 8.06 -52.40
N VAL I 298 -62.13 8.25 -52.18
CA VAL I 298 -62.64 9.27 -51.28
C VAL I 298 -63.51 8.55 -50.27
N THR I 299 -63.23 8.76 -48.98
CA THR I 299 -63.96 8.13 -47.89
C THR I 299 -64.23 9.16 -46.80
N PRO I 300 -65.31 8.97 -46.03
CA PRO I 300 -65.54 9.83 -44.88
C PRO I 300 -64.56 9.51 -43.76
N VAL I 301 -64.13 10.54 -43.05
CA VAL I 301 -63.30 10.35 -41.88
C VAL I 301 -64.22 10.21 -40.68
N LEU I 302 -64.37 8.98 -40.19
CA LEU I 302 -65.26 8.67 -39.08
C LEU I 302 -64.49 8.77 -37.76
N ALA I 303 -65.15 9.39 -36.79
CA ALA I 303 -64.69 9.39 -35.42
C ALA I 303 -65.01 8.04 -34.79
N PHE I 304 -64.24 7.62 -33.76
CA PHE I 304 -64.41 6.32 -33.12
C PHE I 304 -65.90 6.03 -32.91
N GLY I 305 -66.63 6.99 -32.35
CA GLY I 305 -67.98 6.78 -31.87
C GLY I 305 -68.99 6.51 -32.99
N GLU I 306 -68.65 6.89 -34.24
CA GLU I 306 -69.52 6.65 -35.38
C GLU I 306 -69.16 5.36 -36.13
N VAL I 307 -68.01 4.76 -35.83
CA VAL I 307 -67.53 3.64 -36.61
C VAL I 307 -68.57 2.53 -36.63
N HIS I 308 -69.27 2.32 -35.50
CA HIS I 308 -70.20 1.20 -35.38
C HIS I 308 -71.43 1.35 -36.30
N ASN I 309 -71.66 2.53 -36.90
CA ASN I 309 -72.79 2.72 -37.82
C ASN I 309 -72.42 2.57 -39.29
N GLU I 310 -71.16 2.24 -39.61
CA GLU I 310 -70.73 2.15 -41.00
C GLU I 310 -71.01 0.75 -41.56
N PRO I 311 -71.88 0.63 -42.60
CA PRO I 311 -72.29 -0.67 -43.07
C PRO I 311 -71.13 -1.63 -43.34
N HIS I 312 -69.99 -1.17 -43.85
CA HIS I 312 -68.93 -2.12 -44.23
C HIS I 312 -68.25 -2.71 -42.98
N ILE I 313 -68.25 -1.92 -41.89
CA ILE I 313 -67.73 -2.33 -40.59
C ILE I 313 -68.69 -3.34 -39.98
N ILE I 314 -69.98 -2.98 -39.91
CA ILE I 314 -71.03 -3.89 -39.43
C ILE I 314 -71.01 -5.22 -40.17
N GLU I 315 -70.96 -5.22 -41.49
CA GLU I 315 -71.20 -6.45 -42.21
C GLU I 315 -70.03 -7.44 -42.14
N ARG I 316 -68.79 -6.98 -41.96
CA ARG I 316 -67.69 -7.91 -41.83
C ARG I 316 -67.41 -8.26 -40.35
N ASN I 317 -68.16 -7.64 -39.44
CA ASN I 317 -67.98 -7.88 -38.01
C ASN I 317 -66.55 -7.55 -37.60
N THR I 318 -66.06 -6.39 -38.00
CA THR I 318 -64.73 -5.97 -37.59
C THR I 318 -64.67 -5.74 -36.07
N PHE I 319 -65.80 -5.38 -35.45
CA PHE I 319 -65.94 -5.12 -34.03
C PHE I 319 -66.96 -6.06 -33.39
N TYR I 320 -66.84 -6.24 -32.06
CA TYR I 320 -67.85 -6.87 -31.21
C TYR I 320 -68.13 -5.93 -30.05
N GLU I 321 -69.33 -6.06 -29.46
CA GLU I 321 -69.78 -5.27 -28.33
C GLU I 321 -69.31 -5.92 -27.04
N ALA I 322 -68.89 -5.12 -26.08
CA ALA I 322 -68.46 -5.68 -24.82
C ALA I 322 -68.46 -4.59 -23.76
N ASN I 323 -69.33 -4.72 -22.76
CA ASN I 323 -68.97 -4.22 -21.46
C ASN I 323 -68.66 -2.73 -21.58
N GLY I 324 -69.69 -1.94 -21.85
CA GLY I 324 -69.49 -0.53 -22.16
C GLY I 324 -69.47 -0.26 -23.67
N GLY I 325 -68.37 -0.61 -24.35
CA GLY I 325 -68.19 -0.16 -25.73
C GLY I 325 -67.72 -1.25 -26.70
N TRP I 326 -67.48 -0.82 -27.95
CA TRP I 326 -67.02 -1.68 -29.03
C TRP I 326 -65.55 -1.99 -28.87
N GLN I 327 -65.14 -3.17 -29.35
CA GLN I 327 -63.75 -3.60 -29.36
C GLN I 327 -63.51 -4.34 -30.66
N PRO I 328 -62.27 -4.28 -31.21
CA PRO I 328 -61.94 -4.99 -32.43
C PRO I 328 -61.86 -6.51 -32.30
N MET I 329 -62.51 -7.19 -33.25
CA MET I 329 -62.41 -8.63 -33.36
C MET I 329 -61.00 -8.96 -33.79
N PRO I 330 -60.59 -10.21 -33.51
CA PRO I 330 -59.27 -10.69 -33.87
C PRO I 330 -58.94 -10.54 -35.36
N ALA I 331 -57.65 -10.43 -35.63
CA ALA I 331 -57.14 -10.31 -36.97
C ALA I 331 -55.77 -10.94 -36.99
N PRO I 332 -55.34 -11.49 -38.15
CA PRO I 332 -56.21 -11.62 -39.31
C PRO I 332 -57.21 -12.76 -39.11
N ARG I 333 -57.89 -13.13 -40.22
CA ARG I 333 -58.89 -14.19 -40.23
C ARG I 333 -58.33 -15.41 -40.96
N PHE I 334 -58.84 -16.61 -40.55
CA PHE I 334 -58.38 -17.92 -41.02
C PHE I 334 -59.58 -18.72 -41.52
N SER I 335 -59.45 -19.27 -42.73
CA SER I 335 -60.57 -19.99 -43.37
C SER I 335 -60.99 -21.23 -42.57
N ARG I 336 -60.03 -22.06 -42.10
CA ARG I 336 -60.39 -23.33 -41.47
C ARG I 336 -60.36 -23.25 -39.94
N THR I 337 -59.26 -22.80 -39.32
CA THR I 337 -59.23 -22.68 -37.85
C THR I 337 -59.47 -21.23 -37.46
N ALA I 338 -60.74 -20.85 -37.36
CA ALA I 338 -61.13 -19.46 -37.19
C ALA I 338 -61.11 -19.08 -35.73
N SER I 339 -60.70 -17.84 -35.44
CA SER I 339 -60.73 -17.35 -34.06
C SER I 339 -62.17 -17.23 -33.61
N SER I 340 -62.37 -17.29 -32.29
CA SER I 340 -63.66 -16.91 -31.73
C SER I 340 -63.55 -15.54 -31.06
N GLN I 341 -64.73 -15.05 -30.66
CA GLN I 341 -64.87 -13.80 -29.96
C GLN I 341 -64.01 -13.84 -28.71
N PRO I 342 -63.25 -12.77 -28.36
CA PRO I 342 -62.41 -12.77 -27.19
C PRO I 342 -63.16 -13.02 -25.89
N ARG I 343 -62.47 -13.74 -24.99
CA ARG I 343 -62.96 -13.90 -23.63
C ARG I 343 -62.56 -12.67 -22.81
N PRO I 344 -63.52 -12.10 -22.07
CA PRO I 344 -63.25 -10.94 -21.23
C PRO I 344 -62.14 -11.20 -20.22
N PRO I 345 -61.50 -10.14 -19.66
CA PRO I 345 -60.66 -10.33 -18.48
C PRO I 345 -61.47 -10.97 -17.36
N ALA I 346 -60.88 -11.99 -16.71
CA ALA I 346 -61.53 -12.73 -15.61
C ALA I 346 -60.68 -12.61 -14.33
N ALA I 347 -61.28 -13.02 -13.20
CA ALA I 347 -60.65 -12.94 -11.88
C ALA I 347 -59.33 -13.72 -11.84
N THR I 348 -58.44 -13.27 -10.93
CA THR I 348 -57.16 -13.91 -10.69
C THR I 348 -57.39 -15.38 -10.36
N ILE I 349 -56.50 -16.22 -10.89
CA ILE I 349 -56.52 -17.66 -10.73
C ILE I 349 -55.29 -18.01 -9.88
N ASP I 350 -55.33 -19.18 -9.24
CA ASP I 350 -54.22 -19.65 -8.44
C ASP I 350 -53.12 -20.21 -9.35
N ILE I 351 -51.88 -19.74 -9.17
CA ILE I 351 -50.77 -20.19 -9.98
C ILE I 351 -50.58 -21.72 -9.95
N GLU I 352 -51.05 -22.37 -8.87
CA GLU I 352 -51.00 -23.82 -8.71
C GLU I 352 -52.00 -24.52 -9.62
N ALA I 353 -53.23 -23.99 -9.70
CA ALA I 353 -54.29 -24.56 -10.53
C ALA I 353 -53.86 -24.60 -12.00
N VAL I 354 -53.02 -23.64 -12.40
CA VAL I 354 -52.53 -23.55 -13.77
C VAL I 354 -51.55 -24.69 -14.01
N LEU I 355 -50.61 -24.85 -13.07
CA LEU I 355 -49.58 -25.88 -13.17
C LEU I 355 -50.22 -27.28 -13.19
N THR I 356 -51.34 -27.45 -12.49
CA THR I 356 -52.10 -28.70 -12.54
C THR I 356 -52.56 -28.93 -13.98
N ASP I 357 -53.38 -28.01 -14.48
CA ASP I 357 -53.94 -28.02 -15.83
C ASP I 357 -52.89 -28.37 -16.89
N TRP I 358 -51.66 -27.87 -16.75
CA TRP I 358 -50.59 -28.11 -17.73
C TRP I 358 -49.77 -29.37 -17.38
N ASP I 359 -50.40 -30.39 -16.78
CA ASP I 359 -49.73 -31.41 -15.97
C ASP I 359 -49.11 -30.73 -14.74
N MET J 1 -29.11 -19.88 -46.73
CA MET J 1 -29.78 -18.61 -46.36
C MET J 1 -29.87 -18.51 -44.84
N ALA J 2 -29.34 -17.42 -44.28
CA ALA J 2 -29.32 -17.21 -42.84
C ALA J 2 -30.71 -16.81 -42.32
N GLY J 3 -31.05 -17.27 -41.13
CA GLY J 3 -32.17 -16.73 -40.38
C GLY J 3 -33.12 -17.84 -39.98
N PRO J 4 -34.07 -17.56 -39.06
CA PRO J 4 -35.01 -18.57 -38.59
C PRO J 4 -36.00 -19.11 -39.61
N LEU J 5 -36.20 -18.41 -40.72
CA LEU J 5 -37.18 -18.86 -41.70
C LEU J 5 -36.51 -19.61 -42.84
N SER J 6 -35.25 -20.01 -42.64
CA SER J 6 -34.50 -20.81 -43.58
C SER J 6 -35.35 -22.01 -43.99
N GLY J 7 -35.50 -22.21 -45.31
CA GLY J 7 -36.18 -23.37 -45.85
C GLY J 7 -37.67 -23.17 -46.11
N LEU J 8 -38.20 -21.97 -45.81
CA LEU J 8 -39.59 -21.67 -46.10
C LEU J 8 -39.65 -21.09 -47.51
N ARG J 9 -40.60 -21.58 -48.30
CA ARG J 9 -40.71 -21.14 -49.68
C ARG J 9 -41.98 -20.33 -49.86
N VAL J 10 -41.80 -19.14 -50.45
CA VAL J 10 -42.87 -18.19 -50.59
C VAL J 10 -42.96 -17.80 -52.06
N VAL J 11 -44.20 -17.77 -52.55
CA VAL J 11 -44.45 -17.17 -53.85
C VAL J 11 -45.28 -15.92 -53.64
N GLU J 12 -44.73 -14.82 -54.19
CA GLU J 12 -45.29 -13.49 -54.06
C GLU J 12 -45.75 -13.02 -55.44
N LEU J 13 -47.07 -12.82 -55.58
CA LEU J 13 -47.61 -12.17 -56.77
C LEU J 13 -47.51 -10.64 -56.63
N ALA J 14 -46.63 -10.07 -57.47
CA ALA J 14 -46.24 -8.70 -57.40
C ALA J 14 -47.44 -7.76 -57.26
N GLY J 15 -47.39 -6.94 -56.19
CA GLY J 15 -48.34 -5.88 -55.94
C GLY J 15 -47.66 -4.65 -55.36
N ILE J 16 -48.41 -3.82 -54.61
CA ILE J 16 -47.85 -2.60 -54.05
C ILE J 16 -48.17 -2.55 -52.55
N GLY J 17 -47.20 -2.07 -51.76
CA GLY J 17 -47.45 -1.74 -50.36
C GLY J 17 -47.33 -2.92 -49.41
N PRO J 18 -48.42 -3.40 -48.79
CA PRO J 18 -48.30 -4.42 -47.76
C PRO J 18 -47.79 -5.78 -48.27
N GLY J 19 -48.28 -6.20 -49.45
CA GLY J 19 -47.89 -7.49 -49.99
C GLY J 19 -46.38 -7.61 -50.05
N PRO J 20 -45.71 -6.71 -50.78
CA PRO J 20 -44.26 -6.74 -50.87
C PRO J 20 -43.51 -6.50 -49.57
N HIS J 21 -44.12 -5.80 -48.61
CA HIS J 21 -43.42 -5.54 -47.35
C HIS J 21 -43.41 -6.83 -46.52
N ALA J 22 -44.54 -7.56 -46.48
CA ALA J 22 -44.59 -8.88 -45.84
C ALA J 22 -43.60 -9.84 -46.50
N ALA J 23 -43.50 -9.79 -47.82
CA ALA J 23 -42.61 -10.67 -48.55
C ALA J 23 -41.16 -10.33 -48.19
N MET J 24 -40.87 -9.04 -48.07
CA MET J 24 -39.54 -8.56 -47.73
C MET J 24 -39.12 -9.10 -46.36
N ILE J 25 -40.04 -9.04 -45.43
CA ILE J 25 -39.71 -9.45 -44.07
C ILE J 25 -39.50 -10.96 -44.03
N LEU J 26 -40.35 -11.75 -44.68
CA LEU J 26 -40.12 -13.18 -44.80
C LEU J 26 -38.73 -13.45 -45.37
N GLY J 27 -38.38 -12.77 -46.45
CA GLY J 27 -37.05 -12.88 -47.06
C GLY J 27 -35.91 -12.42 -46.15
N ASP J 28 -36.17 -11.40 -45.33
CA ASP J 28 -35.17 -10.84 -44.43
C ASP J 28 -34.73 -11.90 -43.41
N LEU J 29 -35.71 -12.66 -42.91
CA LEU J 29 -35.53 -13.68 -41.90
C LEU J 29 -35.18 -15.07 -42.50
N GLY J 30 -34.85 -15.13 -43.79
CA GLY J 30 -34.22 -16.30 -44.40
C GLY J 30 -35.11 -17.12 -45.35
N ALA J 31 -36.37 -16.73 -45.53
CA ALA J 31 -37.27 -17.44 -46.42
C ALA J 31 -36.79 -17.32 -47.86
N ASP J 32 -37.19 -18.32 -48.65
CA ASP J 32 -36.88 -18.36 -50.07
C ASP J 32 -38.08 -17.77 -50.80
N VAL J 33 -37.91 -16.53 -51.28
CA VAL J 33 -39.05 -15.75 -51.72
C VAL J 33 -38.92 -15.56 -53.23
N VAL J 34 -39.98 -15.92 -53.95
CA VAL J 34 -39.98 -15.78 -55.40
C VAL J 34 -41.17 -14.92 -55.81
N ARG J 35 -40.86 -13.84 -56.52
CA ARG J 35 -41.84 -12.84 -56.87
C ARG J 35 -42.11 -12.88 -58.38
N ILE J 36 -43.38 -13.09 -58.73
CA ILE J 36 -43.86 -13.08 -60.11
C ILE J 36 -44.45 -11.70 -60.43
N ASP J 37 -43.79 -11.00 -61.35
CA ASP J 37 -44.26 -9.74 -61.89
C ASP J 37 -44.62 -9.96 -63.35
N ARG J 38 -45.32 -9.00 -63.95
CA ARG J 38 -45.73 -9.15 -65.32
C ARG J 38 -44.57 -8.70 -66.20
N PRO J 39 -44.49 -9.17 -67.47
CA PRO J 39 -43.33 -8.87 -68.29
C PRO J 39 -43.17 -7.37 -68.55
N SER J 40 -44.30 -6.67 -68.77
CA SER J 40 -44.31 -5.24 -69.08
C SER J 40 -43.61 -4.41 -68.00
N SER J 41 -43.59 -4.87 -66.75
CA SER J 41 -43.08 -4.09 -65.64
C SER J 41 -41.56 -4.14 -65.55
N VAL J 42 -40.95 -5.33 -65.67
CA VAL J 42 -39.53 -5.46 -65.38
C VAL J 42 -38.73 -5.33 -66.68
N ASP J 43 -37.66 -4.52 -66.62
CA ASP J 43 -36.82 -4.19 -67.78
C ASP J 43 -35.39 -3.87 -67.34
N GLY J 44 -34.97 -4.36 -66.17
CA GLY J 44 -33.76 -3.90 -65.51
C GLY J 44 -33.84 -4.16 -64.00
N ILE J 45 -32.67 -4.21 -63.35
CA ILE J 45 -32.57 -4.42 -61.90
C ILE J 45 -33.36 -3.29 -61.24
N SER J 46 -34.29 -3.67 -60.35
CA SER J 46 -35.11 -2.71 -59.62
C SER J 46 -34.26 -1.82 -58.72
N ARG J 47 -34.63 -0.55 -58.65
CA ARG J 47 -34.00 0.37 -57.73
C ARG J 47 -34.80 0.48 -56.44
N ASP J 48 -35.70 -0.49 -56.16
CA ASP J 48 -36.55 -0.45 -54.98
C ASP J 48 -36.02 -1.43 -53.93
N ALA J 49 -35.39 -0.83 -52.91
CA ALA J 49 -34.84 -1.59 -51.80
C ALA J 49 -35.91 -2.45 -51.12
N MET J 50 -37.21 -2.15 -51.32
CA MET J 50 -38.23 -3.01 -50.73
C MET J 50 -38.22 -4.40 -51.38
N LEU J 51 -37.67 -4.50 -52.61
CA LEU J 51 -37.59 -5.78 -53.32
C LEU J 51 -36.30 -6.55 -53.04
N ARG J 52 -35.71 -6.33 -51.85
CA ARG J 52 -34.53 -7.08 -51.42
C ARG J 52 -34.93 -8.48 -51.00
N ASN J 53 -33.92 -9.35 -50.90
CA ASN J 53 -34.06 -10.73 -50.47
C ASN J 53 -35.14 -11.42 -51.28
N ARG J 54 -35.02 -11.35 -52.61
CA ARG J 54 -36.00 -11.95 -53.51
C ARG J 54 -35.31 -12.58 -54.72
N ARG J 55 -35.98 -13.57 -55.33
CA ARG J 55 -35.81 -13.82 -56.76
C ARG J 55 -37.04 -13.32 -57.52
N ILE J 56 -36.82 -12.53 -58.58
CA ILE J 56 -37.85 -11.89 -59.39
C ILE J 56 -38.01 -12.68 -60.69
N VAL J 57 -39.20 -13.22 -60.95
CA VAL J 57 -39.44 -13.82 -62.26
C VAL J 57 -40.59 -13.07 -62.92
N THR J 58 -40.63 -13.08 -64.27
CA THR J 58 -41.73 -12.48 -65.02
C THR J 58 -42.57 -13.59 -65.63
N ALA J 59 -43.86 -13.32 -65.78
CA ALA J 59 -44.80 -14.30 -66.33
C ALA J 59 -46.12 -13.58 -66.58
N ASP J 60 -46.64 -13.70 -67.81
CA ASP J 60 -47.98 -13.26 -68.15
C ASP J 60 -48.95 -14.32 -67.66
N LEU J 61 -49.68 -13.99 -66.58
CA LEU J 61 -50.55 -14.93 -65.88
C LEU J 61 -51.87 -15.09 -66.65
N LYS J 62 -52.10 -14.23 -67.64
CA LYS J 62 -53.25 -14.40 -68.52
C LYS J 62 -53.01 -15.51 -69.54
N SER J 63 -51.77 -15.60 -70.07
CA SER J 63 -51.37 -16.66 -70.98
C SER J 63 -51.50 -18.02 -70.30
N ASP J 64 -51.59 -19.08 -71.11
CA ASP J 64 -51.88 -20.42 -70.60
C ASP J 64 -50.65 -21.02 -69.94
N GLN J 65 -49.51 -20.65 -70.53
CA GLN J 65 -48.20 -21.16 -70.17
C GLN J 65 -47.61 -20.36 -68.99
N GLY J 66 -47.94 -19.06 -68.91
CA GLY J 66 -47.70 -18.25 -67.74
C GLY J 66 -48.44 -18.79 -66.52
N LEU J 67 -49.73 -19.09 -66.67
CA LEU J 67 -50.52 -19.68 -65.59
C LEU J 67 -49.94 -21.01 -65.14
N GLU J 68 -49.44 -21.81 -66.08
CA GLU J 68 -49.06 -23.17 -65.75
C GLU J 68 -47.74 -23.14 -64.97
N LEU J 69 -46.82 -22.26 -65.39
CA LEU J 69 -45.54 -22.10 -64.73
C LEU J 69 -45.73 -21.64 -63.27
N ALA J 70 -46.75 -20.80 -63.04
CA ALA J 70 -47.06 -20.28 -61.71
C ALA J 70 -47.68 -21.36 -60.84
N LEU J 71 -48.55 -22.19 -61.42
CA LEU J 71 -49.11 -23.29 -60.64
C LEU J 71 -48.00 -24.27 -60.25
N LYS J 72 -46.96 -24.35 -61.08
CA LYS J 72 -45.85 -25.24 -60.81
C LYS J 72 -45.06 -24.73 -59.61
N LEU J 73 -44.73 -23.41 -59.58
CA LEU J 73 -44.07 -22.80 -58.42
C LEU J 73 -44.90 -22.96 -57.16
N ILE J 74 -46.19 -22.68 -57.25
CA ILE J 74 -47.06 -22.72 -56.08
C ILE J 74 -47.12 -24.14 -55.51
N ALA J 75 -46.98 -25.16 -56.38
CA ALA J 75 -47.06 -26.56 -55.99
C ALA J 75 -45.92 -26.94 -55.04
N LYS J 76 -44.75 -26.33 -55.22
CA LYS J 76 -43.54 -26.61 -54.47
C LYS J 76 -43.31 -25.58 -53.37
N ALA J 77 -44.32 -24.79 -52.98
CA ALA J 77 -44.12 -23.68 -52.06
C ALA J 77 -44.97 -23.87 -50.80
N ASP J 78 -44.61 -23.12 -49.76
CA ASP J 78 -45.34 -23.17 -48.50
C ASP J 78 -46.38 -22.06 -48.39
N VAL J 79 -46.12 -20.95 -49.09
CA VAL J 79 -46.89 -19.74 -48.87
C VAL J 79 -47.10 -19.04 -50.21
N LEU J 80 -48.35 -18.59 -50.39
CA LEU J 80 -48.72 -17.69 -51.48
C LEU J 80 -49.21 -16.35 -50.88
N ILE J 81 -48.61 -15.28 -51.39
CA ILE J 81 -49.04 -13.92 -51.11
C ILE J 81 -49.63 -13.29 -52.38
N GLU J 82 -50.84 -12.75 -52.23
CA GLU J 82 -51.45 -11.94 -53.28
C GLU J 82 -52.13 -10.71 -52.64
N GLY J 83 -52.00 -9.54 -53.31
CA GLY J 83 -52.70 -8.35 -52.81
C GLY J 83 -53.50 -7.60 -53.89
N TYR J 84 -54.26 -8.37 -54.67
CA TYR J 84 -55.13 -7.84 -55.70
C TYR J 84 -56.50 -7.72 -55.06
N ARG J 85 -57.45 -7.08 -55.76
CA ARG J 85 -58.81 -7.03 -55.28
C ARG J 85 -59.35 -8.46 -55.25
N PRO J 86 -60.34 -8.74 -54.37
CA PRO J 86 -60.95 -10.05 -54.38
C PRO J 86 -61.52 -10.38 -55.76
N GLY J 87 -61.41 -11.65 -56.16
CA GLY J 87 -61.88 -12.10 -57.46
C GLY J 87 -60.74 -12.12 -58.48
N VAL J 88 -59.64 -11.39 -58.24
CA VAL J 88 -58.62 -11.30 -59.27
C VAL J 88 -57.86 -12.62 -59.46
N THR J 89 -57.39 -13.26 -58.38
CA THR J 89 -56.65 -14.50 -58.55
C THR J 89 -57.61 -15.57 -59.05
N GLU J 90 -58.85 -15.61 -58.54
CA GLU J 90 -59.83 -16.55 -59.05
C GLU J 90 -59.83 -16.53 -60.58
N ARG J 91 -60.07 -15.35 -61.16
CA ARG J 91 -60.22 -15.17 -62.60
C ARG J 91 -58.95 -15.55 -63.33
N LEU J 92 -57.78 -15.43 -62.69
CA LEU J 92 -56.56 -15.85 -63.37
C LEU J 92 -56.42 -17.39 -63.35
N GLY J 93 -57.25 -18.09 -62.56
CA GLY J 93 -57.06 -19.51 -62.27
C GLY J 93 -56.03 -19.77 -61.16
N LEU J 94 -55.74 -18.79 -60.27
CA LEU J 94 -54.80 -18.94 -59.17
C LEU J 94 -55.48 -18.69 -57.83
N GLY J 95 -56.78 -18.92 -57.77
CA GLY J 95 -57.53 -18.73 -56.54
C GLY J 95 -57.19 -19.81 -55.51
N PRO J 96 -57.69 -19.68 -54.26
CA PRO J 96 -57.49 -20.68 -53.23
C PRO J 96 -57.84 -22.10 -53.67
N GLU J 97 -59.03 -22.28 -54.29
CA GLU J 97 -59.51 -23.62 -54.67
C GLU J 97 -58.61 -24.26 -55.73
N GLU J 98 -58.14 -23.48 -56.71
CA GLU J 98 -57.20 -24.02 -57.70
C GLU J 98 -55.86 -24.34 -57.06
N CYS J 99 -55.35 -23.50 -56.14
CA CYS J 99 -54.06 -23.77 -55.51
C CYS J 99 -54.17 -24.99 -54.57
N ALA J 100 -55.32 -25.16 -53.93
CA ALA J 100 -55.60 -26.31 -53.08
C ALA J 100 -55.41 -27.63 -53.85
N LYS J 101 -55.91 -27.67 -55.08
CA LYS J 101 -55.78 -28.85 -55.92
C LYS J 101 -54.33 -29.23 -56.20
N VAL J 102 -53.40 -28.29 -56.32
CA VAL J 102 -52.01 -28.68 -56.59
C VAL J 102 -51.17 -28.68 -55.30
N ASN J 103 -51.77 -28.44 -54.12
CA ASN J 103 -50.99 -28.23 -52.90
C ASN J 103 -51.93 -27.85 -51.75
N ASP J 104 -52.37 -28.83 -50.95
CA ASP J 104 -53.28 -28.53 -49.85
C ASP J 104 -52.50 -28.22 -48.57
N ARG J 105 -51.18 -28.10 -48.68
CA ARG J 105 -50.36 -27.65 -47.57
C ARG J 105 -50.17 -26.13 -47.62
N LEU J 106 -50.59 -25.50 -48.72
CA LEU J 106 -50.27 -24.10 -49.02
C LEU J 106 -50.92 -23.17 -47.99
N ILE J 107 -50.14 -22.15 -47.54
CA ILE J 107 -50.75 -21.06 -46.80
C ILE J 107 -51.13 -19.97 -47.80
N TYR J 108 -52.43 -19.73 -47.94
CA TYR J 108 -52.89 -18.82 -49.00
C TYR J 108 -53.18 -17.45 -48.39
N ALA J 109 -52.29 -16.48 -48.69
CA ALA J 109 -52.29 -15.23 -47.96
C ALA J 109 -52.81 -14.06 -48.81
N ARG J 110 -53.97 -13.52 -48.37
CA ARG J 110 -54.70 -12.50 -49.11
C ARG J 110 -54.71 -11.14 -48.38
N MET J 111 -53.95 -10.18 -48.96
CA MET J 111 -53.73 -8.85 -48.40
C MET J 111 -54.64 -7.81 -49.09
N THR J 112 -55.68 -7.35 -48.40
CA THR J 112 -56.52 -6.28 -48.95
C THR J 112 -56.67 -5.17 -47.90
N GLY J 113 -57.33 -4.08 -48.30
CA GLY J 113 -57.72 -3.03 -47.35
C GLY J 113 -59.09 -3.30 -46.76
N TRP J 114 -60.06 -3.55 -47.63
CA TRP J 114 -61.43 -3.65 -47.18
C TRP J 114 -61.83 -5.10 -46.83
N GLY J 115 -61.01 -6.08 -47.22
CA GLY J 115 -61.38 -7.48 -46.99
C GLY J 115 -61.98 -8.16 -48.24
N GLN J 116 -62.59 -9.34 -48.05
CA GLN J 116 -62.87 -10.22 -49.16
C GLN J 116 -64.33 -10.08 -49.61
N THR J 117 -65.17 -9.56 -48.71
CA THR J 117 -66.56 -9.34 -49.06
C THR J 117 -67.04 -8.04 -48.43
N GLY J 118 -68.29 -7.72 -48.73
CA GLY J 118 -68.94 -6.53 -48.17
C GLY J 118 -68.96 -5.37 -49.14
N PRO J 119 -69.71 -4.31 -48.77
CA PRO J 119 -70.05 -3.19 -49.64
C PRO J 119 -68.85 -2.49 -50.27
N ARG J 120 -67.70 -2.42 -49.58
CA ARG J 120 -66.57 -1.69 -50.13
C ARG J 120 -65.55 -2.62 -50.76
N SER J 121 -65.83 -3.93 -50.89
CA SER J 121 -64.78 -4.90 -51.18
C SER J 121 -64.14 -4.74 -52.56
N GLN J 122 -64.81 -4.04 -53.50
CA GLN J 122 -64.23 -3.84 -54.83
C GLN J 122 -63.75 -2.40 -55.08
N GLN J 123 -63.93 -1.56 -54.08
CA GLN J 123 -63.52 -0.17 -54.17
C GLN J 123 -62.00 -0.07 -54.07
N ALA J 124 -61.41 0.60 -55.07
CA ALA J 124 -60.01 0.99 -54.99
C ALA J 124 -59.78 1.84 -53.73
N GLY J 125 -58.54 1.79 -53.23
CA GLY J 125 -58.26 2.46 -51.98
C GLY J 125 -56.78 2.47 -51.69
N HIS J 126 -56.39 3.38 -50.78
CA HIS J 126 -55.05 3.38 -50.22
C HIS J 126 -55.15 3.49 -48.70
N ASP J 127 -53.97 3.43 -48.05
CA ASP J 127 -53.86 3.47 -46.58
C ASP J 127 -54.80 4.51 -45.99
N ILE J 128 -54.66 5.76 -46.43
CA ILE J 128 -55.46 6.84 -45.86
C ILE J 128 -56.95 6.51 -45.84
N ASN J 129 -57.44 5.75 -46.83
CA ASN J 129 -58.87 5.43 -46.90
C ASN J 129 -59.23 4.36 -45.85
N TYR J 130 -58.37 3.32 -45.71
CA TYR J 130 -58.68 2.24 -44.79
C TYR J 130 -58.73 2.81 -43.37
N ILE J 131 -57.81 3.72 -43.05
CA ILE J 131 -57.76 4.25 -41.69
C ILE J 131 -58.77 5.38 -41.47
N SER J 132 -59.37 5.93 -42.54
CA SER J 132 -60.41 6.92 -42.35
C SER J 132 -61.66 6.27 -41.75
N LEU J 133 -61.88 4.99 -42.05
CA LEU J 133 -63.19 4.36 -41.81
C LEU J 133 -63.34 3.79 -40.40
N ASN J 134 -62.21 3.60 -39.69
CA ASN J 134 -62.23 2.87 -38.43
C ASN J 134 -61.85 3.75 -37.24
N GLY J 135 -61.80 5.09 -37.44
CA GLY J 135 -61.63 6.03 -36.33
C GLY J 135 -60.20 6.55 -36.18
N ILE J 136 -59.27 5.86 -36.82
CA ILE J 136 -57.86 6.05 -36.58
C ILE J 136 -57.45 7.42 -37.10
N LEU J 137 -57.70 7.68 -38.40
CA LEU J 137 -57.26 8.91 -39.04
C LEU J 137 -57.84 10.12 -38.30
N HIS J 138 -59.11 10.03 -37.89
CA HIS J 138 -59.71 11.17 -37.22
C HIS J 138 -58.93 11.54 -35.95
N ALA J 139 -58.23 10.58 -35.33
CA ALA J 139 -57.60 10.81 -34.04
C ALA J 139 -56.22 11.42 -34.16
N ILE J 140 -55.71 11.63 -35.38
CA ILE J 140 -54.34 12.04 -35.58
C ILE J 140 -54.24 13.49 -36.06
N GLY J 141 -53.47 14.31 -35.32
CA GLY J 141 -53.16 15.69 -35.69
C GLY J 141 -53.50 16.69 -34.56
N ARG J 142 -53.16 17.97 -34.74
CA ARG J 142 -53.60 18.97 -33.78
C ARG J 142 -55.12 19.13 -33.86
N GLY J 143 -55.73 19.57 -32.75
CA GLY J 143 -57.17 19.64 -32.61
C GLY J 143 -57.80 20.80 -33.38
N ASP J 144 -57.00 21.80 -33.77
CA ASP J 144 -57.58 22.95 -34.44
C ASP J 144 -57.55 22.78 -35.96
N GLU J 145 -57.01 21.67 -36.49
CA GLU J 145 -56.82 21.57 -37.92
C GLU J 145 -57.31 20.21 -38.38
N ARG J 146 -57.17 19.93 -39.66
CA ARG J 146 -57.75 18.73 -40.22
C ARG J 146 -56.81 17.55 -39.99
N PRO J 147 -57.32 16.30 -40.00
CA PRO J 147 -56.48 15.15 -39.69
C PRO J 147 -55.26 15.06 -40.60
N VAL J 148 -54.14 14.61 -40.02
CA VAL J 148 -52.92 14.45 -40.79
C VAL J 148 -52.63 12.96 -40.96
N PRO J 149 -52.27 12.49 -42.17
CA PRO J 149 -51.99 11.08 -42.34
C PRO J 149 -50.66 10.72 -41.71
N PRO J 150 -50.62 9.61 -40.94
CA PRO J 150 -49.38 9.14 -40.36
C PRO J 150 -48.55 8.36 -41.38
N LEU J 151 -48.21 9.07 -42.43
CA LEU J 151 -47.68 8.45 -43.63
C LEU J 151 -48.62 7.30 -44.00
N ASN J 152 -48.06 6.22 -44.56
CA ASN J 152 -48.81 5.01 -44.81
C ASN J 152 -48.37 3.92 -43.84
N LEU J 153 -48.15 4.31 -42.57
CA LEU J 153 -47.48 3.46 -41.60
C LEU J 153 -48.48 2.54 -40.92
N VAL J 154 -49.73 2.99 -40.78
CA VAL J 154 -50.67 2.32 -39.90
C VAL J 154 -51.59 1.35 -40.66
N GLY J 155 -51.92 1.67 -41.92
CA GLY J 155 -52.81 0.84 -42.73
C GLY J 155 -52.04 -0.21 -43.52
N ASP J 156 -51.08 0.24 -44.33
CA ASP J 156 -50.25 -0.66 -45.13
C ASP J 156 -49.36 -1.58 -44.31
N PHE J 157 -48.75 -1.09 -43.22
CA PHE J 157 -47.66 -1.85 -42.61
C PHE J 157 -48.10 -2.32 -41.25
N GLY J 158 -48.22 -1.40 -40.29
CA GLY J 158 -48.61 -1.75 -38.94
C GLY J 158 -49.85 -2.63 -38.91
N GLY J 159 -50.91 -2.24 -39.64
CA GLY J 159 -52.16 -3.00 -39.59
C GLY J 159 -52.39 -3.84 -40.85
N GLY J 160 -51.34 -3.97 -41.65
CA GLY J 160 -51.44 -4.52 -43.01
C GLY J 160 -50.53 -5.72 -43.15
N SER J 161 -49.33 -5.47 -43.65
CA SER J 161 -48.27 -6.45 -43.79
C SER J 161 -48.04 -7.20 -42.49
N MET J 162 -48.09 -6.51 -41.33
CA MET J 162 -47.62 -7.14 -40.11
C MET J 162 -48.61 -8.21 -39.67
N PHE J 163 -49.92 -7.95 -39.86
CA PHE J 163 -50.91 -8.95 -39.59
C PHE J 163 -50.93 -10.09 -40.63
N LEU J 164 -50.64 -9.79 -41.91
CA LEU J 164 -50.47 -10.85 -42.90
C LEU J 164 -49.41 -11.81 -42.36
N LEU J 165 -48.29 -11.23 -41.91
CA LEU J 165 -47.14 -11.99 -41.43
C LEU J 165 -47.54 -12.85 -40.25
N VAL J 166 -48.30 -12.29 -39.30
CA VAL J 166 -48.73 -13.05 -38.14
C VAL J 166 -49.67 -14.17 -38.59
N GLY J 167 -50.59 -13.87 -39.50
CA GLY J 167 -51.46 -14.91 -40.05
C GLY J 167 -50.67 -16.01 -40.76
N ILE J 168 -49.74 -15.64 -41.61
CA ILE J 168 -48.95 -16.66 -42.28
C ILE J 168 -48.26 -17.57 -41.27
N LEU J 169 -47.60 -16.97 -40.25
CA LEU J 169 -46.74 -17.73 -39.34
C LEU J 169 -47.61 -18.51 -38.36
N ALA J 170 -48.75 -17.97 -37.99
CA ALA J 170 -49.66 -18.71 -37.14
C ALA J 170 -50.21 -19.94 -37.88
N ALA J 171 -50.58 -19.75 -39.15
CA ALA J 171 -51.11 -20.82 -39.99
C ALA J 171 -50.06 -21.92 -40.17
N LEU J 172 -48.78 -21.55 -40.40
CA LEU J 172 -47.69 -22.52 -40.46
C LEU J 172 -47.57 -23.34 -39.17
N TRP J 173 -47.81 -22.71 -38.02
CA TRP J 173 -47.77 -23.44 -36.76
C TRP J 173 -48.90 -24.46 -36.76
N GLU J 174 -50.10 -24.00 -37.14
CA GLU J 174 -51.29 -24.85 -37.12
C GLU J 174 -51.08 -26.03 -38.08
N ARG J 175 -50.46 -25.77 -39.23
CA ARG J 175 -50.15 -26.78 -40.22
C ARG J 175 -49.24 -27.89 -39.68
N GLN J 176 -48.54 -27.65 -38.56
CA GLN J 176 -47.58 -28.63 -38.10
C GLN J 176 -48.34 -29.81 -37.51
N SER J 177 -49.51 -29.61 -36.91
CA SER J 177 -50.22 -30.76 -36.39
C SER J 177 -51.51 -31.07 -37.18
N SER J 178 -51.77 -30.38 -38.29
CA SER J 178 -52.96 -30.66 -39.11
C SER J 178 -52.59 -31.28 -40.45
N GLY J 179 -51.38 -31.03 -40.95
CA GLY J 179 -50.94 -31.45 -42.27
C GLY J 179 -51.55 -30.61 -43.39
N LYS J 180 -52.34 -29.58 -43.02
CA LYS J 180 -53.22 -28.82 -43.91
C LYS J 180 -52.91 -27.31 -43.95
N GLY J 181 -52.91 -26.76 -45.18
CA GLY J 181 -52.87 -25.31 -45.41
C GLY J 181 -54.20 -24.65 -45.02
N GLN J 182 -54.34 -23.35 -45.30
CA GLN J 182 -55.62 -22.64 -45.21
C GLN J 182 -55.46 -21.23 -45.80
N VAL J 183 -56.55 -20.45 -45.79
CA VAL J 183 -56.52 -19.11 -46.37
C VAL J 183 -56.47 -18.07 -45.24
N VAL J 184 -55.54 -17.13 -45.40
CA VAL J 184 -55.40 -16.01 -44.48
C VAL J 184 -55.96 -14.75 -45.13
N ASP J 185 -57.00 -14.19 -44.49
CA ASP J 185 -57.67 -12.96 -44.91
C ASP J 185 -57.26 -11.80 -43.99
N ALA J 186 -56.29 -11.02 -44.48
CA ALA J 186 -55.72 -9.89 -43.78
C ALA J 186 -56.22 -8.61 -44.44
N ALA J 187 -57.19 -7.99 -43.77
CA ALA J 187 -57.67 -6.69 -44.22
C ALA J 187 -57.10 -5.59 -43.33
N MET J 188 -56.59 -4.53 -43.98
CA MET J 188 -55.97 -3.38 -43.32
C MET J 188 -56.92 -2.69 -42.35
N VAL J 189 -58.22 -2.70 -42.66
CA VAL J 189 -59.22 -2.04 -41.84
C VAL J 189 -59.41 -2.83 -40.55
N ASP J 190 -59.08 -4.14 -40.63
CA ASP J 190 -59.19 -5.03 -39.47
C ASP J 190 -57.92 -4.92 -38.62
N GLY J 191 -56.77 -5.21 -39.24
CA GLY J 191 -55.48 -5.19 -38.59
C GLY J 191 -55.24 -3.87 -37.86
N SER J 192 -55.55 -2.75 -38.54
CA SER J 192 -55.28 -1.45 -37.97
C SER J 192 -56.24 -1.24 -36.81
N SER J 193 -57.45 -1.82 -36.87
CA SER J 193 -58.35 -1.77 -35.73
C SER J 193 -57.74 -2.49 -34.50
N VAL J 194 -57.05 -3.62 -34.71
CA VAL J 194 -56.50 -4.37 -33.58
C VAL J 194 -55.25 -3.64 -33.10
N LEU J 195 -54.50 -3.06 -34.03
CA LEU J 195 -53.31 -2.30 -33.73
C LEU J 195 -53.63 -1.17 -32.74
N ILE J 196 -54.84 -0.61 -32.84
CA ILE J 196 -55.23 0.53 -32.04
C ILE J 196 -56.17 0.11 -30.92
N GLN J 197 -56.14 -1.16 -30.52
CA GLN J 197 -57.08 -1.63 -29.52
C GLN J 197 -56.94 -0.87 -28.19
N MET J 198 -55.73 -0.37 -27.89
CA MET J 198 -55.53 0.33 -26.61
C MET J 198 -56.47 1.53 -26.52
N MET J 199 -56.62 2.28 -27.63
CA MET J 199 -57.53 3.42 -27.64
C MET J 199 -58.97 2.94 -27.44
N TRP J 200 -59.34 1.79 -28.00
CA TRP J 200 -60.70 1.33 -27.82
C TRP J 200 -60.89 0.89 -26.36
N ALA J 201 -59.81 0.35 -25.77
CA ALA J 201 -59.81 0.04 -24.33
C ALA J 201 -59.94 1.28 -23.44
N MET J 202 -59.11 2.30 -23.70
CA MET J 202 -59.22 3.55 -22.95
C MET J 202 -60.59 4.17 -23.15
N ARG J 203 -61.12 4.11 -24.38
CA ARG J 203 -62.36 4.79 -24.65
C ARG J 203 -63.47 4.19 -23.80
N ALA J 204 -63.49 2.88 -23.63
CA ALA J 204 -64.51 2.22 -22.85
C ALA J 204 -64.42 2.55 -21.35
N THR J 205 -63.24 2.95 -20.85
CA THR J 205 -63.11 3.26 -19.43
C THR J 205 -62.99 4.78 -19.22
N GLY J 206 -63.54 5.60 -20.10
CA GLY J 206 -63.49 7.04 -19.90
C GLY J 206 -62.09 7.65 -20.01
N MET J 207 -61.08 6.94 -20.50
CA MET J 207 -59.75 7.55 -20.53
C MET J 207 -59.34 8.00 -21.94
N TRP J 208 -60.25 7.98 -22.90
CA TRP J 208 -59.94 8.48 -24.23
C TRP J 208 -61.19 9.10 -24.82
N THR J 209 -61.07 10.30 -25.40
CA THR J 209 -62.22 10.86 -26.09
C THR J 209 -61.90 11.12 -27.58
N ASP J 210 -63.00 11.27 -28.32
CA ASP J 210 -62.98 11.41 -29.76
C ASP J 210 -62.56 12.81 -30.19
N THR J 211 -62.43 13.75 -29.25
CA THR J 211 -61.86 15.05 -29.55
C THR J 211 -60.37 14.91 -29.85
N ARG J 212 -59.97 15.45 -30.99
CA ARG J 212 -58.60 15.34 -31.48
C ARG J 212 -57.73 16.33 -30.72
N GLY J 213 -56.50 15.91 -30.39
CA GLY J 213 -55.55 16.76 -29.67
C GLY J 213 -55.91 16.99 -28.21
N ALA J 214 -56.71 16.13 -27.57
CA ALA J 214 -57.11 16.33 -26.18
C ALA J 214 -56.96 15.05 -25.36
N ASN J 215 -55.94 14.23 -25.66
CA ASN J 215 -55.80 12.93 -25.02
C ASN J 215 -54.36 12.82 -24.53
N MET J 216 -54.09 11.75 -23.80
CA MET J 216 -52.76 11.49 -23.24
C MET J 216 -51.72 11.22 -24.33
N LEU J 217 -52.11 10.60 -25.45
CA LEU J 217 -51.10 10.13 -26.39
C LEU J 217 -51.20 10.76 -27.79
N ASP J 218 -52.06 11.77 -27.96
CA ASP J 218 -52.28 12.30 -29.30
C ASP J 218 -51.53 13.60 -29.49
N GLY J 219 -50.77 14.02 -28.47
CA GLY J 219 -50.11 15.30 -28.53
C GLY J 219 -50.82 16.36 -27.70
N GLY J 220 -52.02 16.07 -27.19
CA GLY J 220 -52.72 16.97 -26.27
C GLY J 220 -52.05 17.13 -24.89
N ALA J 221 -51.33 16.12 -24.39
CA ALA J 221 -50.67 16.22 -23.09
C ALA J 221 -49.34 16.94 -23.23
N PRO J 222 -49.04 17.93 -22.37
CA PRO J 222 -47.78 18.65 -22.46
C PRO J 222 -46.55 17.81 -22.19
N TYR J 223 -46.73 16.68 -21.49
CA TYR J 223 -45.65 15.74 -21.20
C TYR J 223 -45.53 14.62 -22.24
N TYR J 224 -46.35 14.66 -23.31
CA TYR J 224 -46.28 13.67 -24.39
C TYR J 224 -46.50 14.40 -25.72
N ASP J 225 -45.42 15.03 -26.23
CA ASP J 225 -45.52 15.93 -27.37
C ASP J 225 -44.10 16.34 -27.76
N THR J 226 -43.96 16.99 -28.92
CA THR J 226 -42.70 17.60 -29.32
C THR J 226 -42.67 19.06 -28.88
N TYR J 227 -41.46 19.64 -28.88
CA TYR J 227 -41.26 21.04 -28.54
C TYR J 227 -40.16 21.57 -29.45
N GLU J 228 -40.34 22.80 -29.90
CA GLU J 228 -39.34 23.48 -30.70
C GLU J 228 -38.29 24.09 -29.78
N CYS J 229 -37.03 23.91 -30.18
CA CYS J 229 -35.87 24.38 -29.44
C CYS J 229 -35.41 25.69 -30.09
N ALA J 230 -34.34 26.31 -29.54
CA ALA J 230 -33.90 27.64 -29.95
C ALA J 230 -33.33 27.63 -31.35
N ASP J 231 -32.77 26.50 -31.78
CA ASP J 231 -32.25 26.35 -33.13
C ASP J 231 -33.38 26.03 -34.12
N GLY J 232 -34.62 25.87 -33.66
CA GLY J 232 -35.70 25.56 -34.60
C GLY J 232 -35.77 24.06 -34.90
N ARG J 233 -34.94 23.23 -34.25
CA ARG J 233 -35.07 21.77 -34.29
C ARG J 233 -35.96 21.30 -33.14
N TYR J 234 -36.24 19.99 -33.02
CA TYR J 234 -37.22 19.59 -32.02
C TYR J 234 -36.69 18.57 -31.02
N VAL J 235 -37.36 18.55 -29.86
CA VAL J 235 -37.25 17.44 -28.95
C VAL J 235 -38.62 16.80 -28.82
N ALA J 236 -38.57 15.52 -28.41
CA ALA J 236 -39.73 14.79 -28.00
C ALA J 236 -39.70 14.56 -26.51
N VAL J 237 -40.87 14.73 -25.91
CA VAL J 237 -41.04 14.51 -24.49
C VAL J 237 -42.08 13.42 -24.32
N GLY J 238 -41.77 12.42 -23.48
CA GLY J 238 -42.70 11.32 -23.26
C GLY J 238 -42.77 10.89 -21.81
N ALA J 239 -42.64 11.86 -20.91
CA ALA J 239 -42.63 11.62 -19.48
C ALA J 239 -44.01 11.40 -18.90
N ILE J 240 -44.56 10.20 -19.16
CA ILE J 240 -45.85 9.86 -18.60
C ILE J 240 -45.75 9.64 -17.10
N GLU J 241 -44.82 8.80 -16.64
CA GLU J 241 -44.78 8.42 -15.22
C GLU J 241 -44.37 9.64 -14.39
N PRO J 242 -45.02 9.92 -13.25
CA PRO J 242 -44.69 11.10 -12.46
C PRO J 242 -43.20 11.27 -12.16
N GLN J 243 -42.50 10.15 -11.92
CA GLN J 243 -41.12 10.21 -11.50
C GLN J 243 -40.32 10.82 -12.65
N PHE J 244 -40.67 10.41 -13.89
CA PHE J 244 -39.87 10.80 -15.05
C PHE J 244 -40.17 12.24 -15.38
N TYR J 245 -41.44 12.61 -15.20
CA TYR J 245 -41.90 13.98 -15.38
C TYR J 245 -41.19 14.90 -14.39
N ALA J 246 -41.14 14.52 -13.10
CA ALA J 246 -40.38 15.32 -12.12
C ALA J 246 -38.94 15.50 -12.56
N ALA J 247 -38.33 14.43 -13.11
CA ALA J 247 -36.94 14.54 -13.51
C ALA J 247 -36.81 15.52 -14.66
N MET J 248 -37.78 15.47 -15.57
CA MET J 248 -37.75 16.34 -16.73
C MET J 248 -37.85 17.79 -16.27
N LEU J 249 -38.73 18.05 -15.29
CA LEU J 249 -38.94 19.43 -14.83
C LEU J 249 -37.65 19.96 -14.23
N ALA J 250 -37.01 19.17 -13.35
CA ALA J 250 -35.80 19.62 -12.68
C ALA J 250 -34.73 19.94 -13.71
N GLY J 251 -34.68 19.14 -14.78
CA GLY J 251 -33.69 19.33 -15.81
C GLY J 251 -33.96 20.61 -16.61
N LEU J 252 -35.24 21.00 -16.69
CA LEU J 252 -35.60 22.23 -17.38
C LEU J 252 -35.35 23.44 -16.48
N GLY J 253 -35.09 23.19 -15.20
CA GLY J 253 -34.83 24.27 -14.27
C GLY J 253 -36.15 24.81 -13.73
N LEU J 254 -37.18 23.96 -13.73
CA LEU J 254 -38.52 24.39 -13.37
C LEU J 254 -38.82 23.75 -12.02
N ASP J 255 -39.42 24.55 -11.17
CA ASP J 255 -39.74 24.12 -9.82
C ASP J 255 -41.20 23.68 -9.83
N ALA J 256 -41.44 22.43 -9.44
CA ALA J 256 -42.75 21.80 -9.57
C ALA J 256 -43.81 22.50 -8.73
N ALA J 257 -43.42 23.18 -7.66
CA ALA J 257 -44.38 23.84 -6.79
C ALA J 257 -44.91 25.12 -7.44
N GLU J 258 -44.25 25.61 -8.50
CA GLU J 258 -44.71 26.80 -9.20
C GLU J 258 -45.58 26.44 -10.41
N LEU J 259 -45.83 25.14 -10.67
CA LEU J 259 -46.48 24.69 -11.91
C LEU J 259 -47.85 24.07 -11.57
N PRO J 260 -48.78 24.01 -12.55
CA PRO J 260 -49.99 23.24 -12.34
C PRO J 260 -49.69 21.74 -12.24
N PRO J 261 -50.60 20.94 -11.64
CA PRO J 261 -50.47 19.49 -11.64
C PRO J 261 -50.32 18.89 -13.03
N GLN J 262 -49.45 17.87 -13.13
CA GLN J 262 -49.15 17.18 -14.37
C GLN J 262 -50.44 16.83 -15.12
N ASN J 263 -51.47 16.33 -14.42
CA ASN J 263 -52.66 15.80 -15.06
C ASN J 263 -53.89 16.65 -14.77
N ASP J 264 -53.70 17.94 -14.52
CA ASP J 264 -54.83 18.87 -14.54
C ASP J 264 -55.02 19.39 -15.96
N ARG J 265 -55.98 18.81 -16.69
CA ARG J 265 -56.22 19.04 -18.11
C ARG J 265 -56.67 20.48 -18.37
N ALA J 266 -57.49 21.04 -17.50
CA ALA J 266 -57.91 22.43 -17.62
C ALA J 266 -56.70 23.37 -17.70
N ARG J 267 -55.55 22.98 -17.11
CA ARG J 267 -54.41 23.88 -17.03
C ARG J 267 -53.27 23.47 -17.94
N TRP J 268 -53.52 22.47 -18.78
CA TRP J 268 -52.55 22.02 -19.75
C TRP J 268 -52.05 23.14 -20.65
N PRO J 269 -52.92 24.07 -21.15
CA PRO J 269 -52.40 25.19 -21.93
C PRO J 269 -51.31 25.96 -21.19
N GLU J 270 -51.52 26.16 -19.88
CA GLU J 270 -50.61 26.93 -19.04
C GLU J 270 -49.29 26.16 -18.80
N LEU J 271 -49.43 24.85 -18.56
CA LEU J 271 -48.27 23.98 -18.42
C LEU J 271 -47.46 23.98 -19.72
N ARG J 272 -48.16 23.82 -20.84
CA ARG J 272 -47.50 23.78 -22.14
C ARG J 272 -46.71 25.06 -22.38
N ALA J 273 -47.30 26.21 -22.04
CA ALA J 273 -46.62 27.48 -22.25
C ALA J 273 -45.30 27.55 -21.48
N LEU J 274 -45.32 27.13 -20.22
CA LEU J 274 -44.12 27.11 -19.38
C LEU J 274 -43.07 26.15 -19.97
N LEU J 275 -43.47 24.91 -20.30
CA LEU J 275 -42.54 23.97 -20.93
C LEU J 275 -42.02 24.50 -22.26
N THR J 276 -42.90 25.10 -23.06
CA THR J 276 -42.51 25.68 -24.35
C THR J 276 -41.40 26.71 -24.17
N GLU J 277 -41.56 27.65 -23.24
CA GLU J 277 -40.54 28.66 -23.01
C GLU J 277 -39.20 28.05 -22.57
N ALA J 278 -39.24 27.00 -21.75
CA ALA J 278 -38.01 26.39 -21.28
C ALA J 278 -37.27 25.73 -22.43
N PHE J 279 -37.97 24.94 -23.26
CA PHE J 279 -37.24 24.19 -24.27
C PHE J 279 -36.71 25.12 -25.34
N ALA J 280 -37.44 26.23 -25.57
CA ALA J 280 -37.05 27.23 -26.56
C ALA J 280 -35.77 27.96 -26.16
N SER J 281 -35.36 27.85 -24.88
CA SER J 281 -34.23 28.64 -24.40
C SER J 281 -32.87 28.03 -24.80
N HIS J 282 -32.85 26.81 -25.31
CA HIS J 282 -31.60 26.21 -25.74
C HIS J 282 -31.85 25.30 -26.94
N ASP J 283 -30.77 24.96 -27.65
CA ASP J 283 -30.86 24.19 -28.89
C ASP J 283 -31.08 22.69 -28.61
N ARG J 284 -31.51 21.93 -29.63
CA ARG J 284 -31.89 20.52 -29.45
C ARG J 284 -30.74 19.71 -28.83
N ASP J 285 -29.53 19.94 -29.31
CA ASP J 285 -28.37 19.16 -28.91
C ASP J 285 -28.02 19.41 -27.45
N HIS J 286 -28.25 20.63 -26.99
CA HIS J 286 -28.12 20.92 -25.58
C HIS J 286 -29.05 20.04 -24.73
N TRP J 287 -30.32 19.89 -25.13
CA TRP J 287 -31.20 19.05 -24.33
C TRP J 287 -30.79 17.58 -24.37
N GLY J 288 -30.23 17.13 -25.51
CA GLY J 288 -29.81 15.74 -25.67
C GLY J 288 -28.64 15.40 -24.73
N ALA J 289 -27.69 16.33 -24.57
CA ALA J 289 -26.66 16.23 -23.54
C ALA J 289 -27.21 16.25 -22.10
N VAL J 290 -28.06 17.25 -21.83
CA VAL J 290 -28.61 17.45 -20.51
C VAL J 290 -29.39 16.23 -20.06
N PHE J 291 -30.12 15.58 -20.99
CA PHE J 291 -30.91 14.46 -20.54
C PHE J 291 -30.32 13.09 -20.89
N ALA J 292 -29.10 13.03 -21.42
CA ALA J 292 -28.42 11.77 -21.59
C ALA J 292 -28.29 11.08 -20.23
N ASN J 293 -28.66 9.79 -20.25
CA ASN J 293 -28.58 8.85 -19.13
C ASN J 293 -29.69 9.12 -18.14
N SER J 294 -30.71 9.91 -18.50
CA SER J 294 -31.77 10.20 -17.55
C SER J 294 -33.05 9.48 -17.97
N ASP J 295 -33.95 9.29 -17.00
CA ASP J 295 -35.32 8.83 -17.19
C ASP J 295 -36.32 9.97 -17.44
N ALA J 296 -35.83 11.15 -17.87
CA ALA J 296 -36.68 12.31 -18.18
C ALA J 296 -37.58 12.07 -19.42
N CYS J 297 -37.23 11.08 -20.26
CA CYS J 297 -37.99 10.70 -21.45
C CYS J 297 -37.97 11.85 -22.46
N VAL J 298 -36.78 12.40 -22.70
CA VAL J 298 -36.59 13.54 -23.57
C VAL J 298 -35.54 13.11 -24.58
N THR J 299 -35.87 13.18 -25.88
CA THR J 299 -34.97 12.72 -26.93
C THR J 299 -34.98 13.75 -28.03
N PRO J 300 -33.87 13.89 -28.77
CA PRO J 300 -33.86 14.67 -29.98
C PRO J 300 -34.69 14.02 -31.09
N VAL J 301 -35.43 14.85 -31.84
CA VAL J 301 -36.21 14.41 -32.96
C VAL J 301 -35.29 14.49 -34.17
N LEU J 302 -34.79 13.34 -34.60
CA LEU J 302 -33.84 13.34 -35.70
C LEU J 302 -34.59 13.20 -37.01
N ALA J 303 -34.11 13.95 -38.01
CA ALA J 303 -34.51 13.72 -39.38
C ALA J 303 -33.74 12.53 -39.96
N PHE J 304 -34.37 11.85 -40.93
CA PHE J 304 -33.80 10.70 -41.63
C PHE J 304 -32.31 10.90 -41.87
N GLY J 305 -31.95 12.00 -42.52
CA GLY J 305 -30.57 12.25 -42.92
C GLY J 305 -29.57 12.35 -41.77
N GLU J 306 -30.05 12.51 -40.52
CA GLU J 306 -29.16 12.65 -39.39
C GLU J 306 -29.06 11.36 -38.59
N VAL J 307 -29.91 10.38 -38.91
CA VAL J 307 -30.05 9.18 -38.08
C VAL J 307 -28.75 8.40 -38.07
N HIS J 308 -27.98 8.43 -39.17
CA HIS J 308 -26.78 7.61 -39.27
C HIS J 308 -25.69 8.10 -38.31
N ASN J 309 -25.84 9.29 -37.71
CA ASN J 309 -24.82 9.87 -36.83
C ASN J 309 -25.17 9.77 -35.36
N GLU J 310 -26.24 9.06 -35.02
CA GLU J 310 -26.66 8.90 -33.65
C GLU J 310 -25.94 7.70 -33.07
N PRO J 311 -25.19 7.86 -31.94
CA PRO J 311 -24.43 6.75 -31.38
C PRO J 311 -25.26 5.50 -31.13
N HIS J 312 -26.46 5.60 -30.54
CA HIS J 312 -27.22 4.40 -30.22
C HIS J 312 -27.69 3.67 -31.49
N ILE J 313 -27.83 4.41 -32.59
CA ILE J 313 -28.19 3.81 -33.87
C ILE J 313 -26.95 3.10 -34.42
N ILE J 314 -25.80 3.80 -34.44
CA ILE J 314 -24.55 3.28 -34.98
C ILE J 314 -24.18 1.96 -34.32
N GLU J 315 -24.31 1.92 -33.01
CA GLU J 315 -23.68 0.87 -32.24
C GLU J 315 -24.57 -0.37 -32.10
N ARG J 316 -25.85 -0.31 -32.48
CA ARG J 316 -26.64 -1.54 -32.58
C ARG J 316 -26.82 -2.00 -34.03
N ASN J 317 -26.13 -1.35 -34.95
CA ASN J 317 -26.28 -1.64 -36.36
C ASN J 317 -27.75 -1.78 -36.74
N THR J 318 -28.57 -0.80 -36.36
CA THR J 318 -29.96 -0.78 -36.75
C THR J 318 -30.09 -0.60 -38.27
N PHE J 319 -29.11 0.05 -38.91
CA PHE J 319 -29.09 0.29 -40.35
C PHE J 319 -27.81 -0.27 -40.95
N TYR J 320 -27.83 -0.43 -42.29
CA TYR J 320 -26.66 -0.76 -43.09
C TYR J 320 -26.69 0.14 -44.31
N GLU J 321 -25.52 0.28 -44.94
CA GLU J 321 -25.36 1.14 -46.10
C GLU J 321 -25.46 0.27 -47.36
N ALA J 322 -26.11 0.79 -48.40
CA ALA J 322 -26.34 0.03 -49.62
C ALA J 322 -26.47 1.02 -50.79
N ASN J 323 -26.76 0.50 -51.98
CA ASN J 323 -27.41 1.28 -53.03
C ASN J 323 -27.00 2.74 -52.92
N GLY J 324 -27.98 3.63 -52.65
CA GLY J 324 -27.72 5.05 -52.54
C GLY J 324 -28.13 5.58 -51.17
N GLY J 325 -27.65 4.90 -50.12
CA GLY J 325 -27.89 5.31 -48.74
C GLY J 325 -28.44 4.18 -47.87
N TRP J 326 -28.87 4.58 -46.69
CA TRP J 326 -29.04 3.69 -45.57
C TRP J 326 -30.35 2.95 -45.68
N GLN J 327 -30.36 1.74 -45.11
CA GLN J 327 -31.54 0.91 -45.07
C GLN J 327 -31.59 0.19 -43.74
N PRO J 328 -32.79 -0.10 -43.22
CA PRO J 328 -32.90 -0.80 -41.96
C PRO J 328 -32.53 -2.26 -42.07
N MET J 329 -31.78 -2.74 -41.06
CA MET J 329 -31.42 -4.13 -40.97
C MET J 329 -32.65 -4.88 -40.52
N PRO J 330 -32.71 -6.20 -40.76
CA PRO J 330 -33.86 -6.99 -40.37
C PRO J 330 -34.18 -6.87 -38.90
N ALA J 331 -35.46 -7.09 -38.60
CA ALA J 331 -35.97 -7.08 -37.25
C ALA J 331 -37.06 -8.11 -37.16
N PRO J 332 -37.30 -8.74 -35.99
CA PRO J 332 -36.47 -8.57 -34.81
C PRO J 332 -35.15 -9.34 -34.91
N ARG J 333 -34.47 -9.55 -33.78
CA ARG J 333 -33.17 -10.23 -33.82
C ARG J 333 -33.28 -11.59 -33.12
N PHE J 334 -32.45 -12.54 -33.58
CA PHE J 334 -32.49 -13.93 -33.09
C PHE J 334 -31.12 -14.32 -32.52
N SER J 335 -31.09 -14.95 -31.34
CA SER J 335 -29.81 -15.30 -30.70
C SER J 335 -29.03 -16.40 -31.45
N ARG J 336 -29.70 -17.46 -31.91
CA ARG J 336 -29.00 -18.59 -32.52
C ARG J 336 -29.00 -18.55 -34.05
N THR J 337 -30.19 -18.40 -34.64
CA THR J 337 -30.29 -18.31 -36.09
C THR J 337 -30.54 -16.86 -36.45
N ALA J 338 -29.46 -16.08 -36.47
CA ALA J 338 -29.53 -14.67 -36.77
C ALA J 338 -29.71 -14.47 -38.27
N SER J 339 -30.47 -13.43 -38.61
CA SER J 339 -30.56 -12.97 -39.99
C SER J 339 -29.21 -12.43 -40.42
N SER J 340 -29.06 -12.24 -41.73
CA SER J 340 -27.90 -11.55 -42.27
C SER J 340 -28.31 -10.33 -43.10
N GLN J 341 -27.29 -9.61 -43.57
CA GLN J 341 -27.48 -8.40 -44.33
C GLN J 341 -28.28 -8.69 -45.59
N PRO J 342 -29.37 -7.96 -45.88
CA PRO J 342 -30.18 -8.25 -47.04
C PRO J 342 -29.38 -8.29 -48.34
N ARG J 343 -29.84 -9.12 -49.27
CA ARG J 343 -29.24 -9.18 -50.59
C ARG J 343 -29.92 -8.10 -51.43
N PRO J 344 -29.12 -7.27 -52.14
CA PRO J 344 -29.68 -6.26 -53.01
C PRO J 344 -30.61 -6.86 -54.06
N PRO J 345 -31.56 -6.06 -54.60
CA PRO J 345 -32.47 -6.58 -55.61
C PRO J 345 -31.75 -7.24 -56.79
N ALA J 346 -32.19 -8.48 -57.11
CA ALA J 346 -31.55 -9.34 -58.10
C ALA J 346 -31.87 -8.87 -59.51
N ALA J 347 -31.22 -9.47 -60.51
CA ALA J 347 -31.67 -9.41 -61.89
C ALA J 347 -32.73 -10.49 -62.10
N THR J 348 -33.65 -10.24 -63.05
CA THR J 348 -34.74 -11.15 -63.39
C THR J 348 -34.11 -12.50 -63.69
N ILE J 349 -34.75 -13.57 -63.23
CA ILE J 349 -34.26 -14.87 -63.62
C ILE J 349 -35.41 -15.57 -64.34
N ASP J 350 -35.03 -16.67 -64.99
CA ASP J 350 -35.95 -17.49 -65.72
C ASP J 350 -36.72 -18.34 -64.71
N ILE J 351 -38.03 -18.51 -64.93
CA ILE J 351 -38.85 -19.23 -63.97
C ILE J 351 -38.52 -20.73 -63.96
N GLU J 352 -37.98 -21.23 -65.09
CA GLU J 352 -37.54 -22.62 -65.21
C GLU J 352 -36.36 -22.92 -64.28
N ALA J 353 -35.35 -22.05 -64.32
CA ALA J 353 -34.19 -22.17 -63.44
C ALA J 353 -34.65 -22.39 -62.00
N VAL J 354 -35.72 -21.69 -61.59
CA VAL J 354 -36.20 -21.75 -60.23
C VAL J 354 -36.84 -23.11 -59.97
N LEU J 355 -37.60 -23.60 -60.96
CA LEU J 355 -38.29 -24.87 -60.81
C LEU J 355 -37.29 -26.03 -60.71
N THR J 356 -36.17 -25.95 -61.46
CA THR J 356 -35.01 -26.82 -61.30
C THR J 356 -34.61 -26.86 -59.83
N ASP J 357 -34.16 -25.68 -59.35
CA ASP J 357 -33.68 -25.45 -58.00
C ASP J 357 -34.62 -26.08 -56.95
N TRP J 358 -35.93 -25.89 -57.08
CA TRP J 358 -36.87 -26.39 -56.09
C TRP J 358 -37.30 -27.84 -56.33
N ASP J 359 -36.97 -28.42 -57.50
CA ASP J 359 -37.47 -29.72 -57.96
C ASP J 359 -38.99 -29.67 -58.20
N MET K 1 -35.46 38.15 17.21
CA MET K 1 -34.55 37.13 16.63
C MET K 1 -35.33 36.09 15.81
N ALA K 2 -34.92 35.92 14.54
CA ALA K 2 -35.56 35.00 13.61
C ALA K 2 -35.31 33.55 13.99
N GLY K 3 -36.29 32.68 13.72
CA GLY K 3 -36.09 31.25 13.77
C GLY K 3 -37.02 30.63 14.80
N PRO K 4 -37.17 29.28 14.81
CA PRO K 4 -38.10 28.60 15.70
C PRO K 4 -37.72 28.55 17.18
N LEU K 5 -36.47 28.91 17.52
CA LEU K 5 -36.04 28.92 18.92
C LEU K 5 -35.96 30.36 19.42
N SER K 6 -36.64 31.28 18.73
CA SER K 6 -36.88 32.61 19.28
C SER K 6 -37.40 32.47 20.71
N GLY K 7 -36.74 33.14 21.65
CA GLY K 7 -37.22 33.18 23.03
C GLY K 7 -36.35 32.36 23.97
N LEU K 8 -35.76 31.28 23.46
CA LEU K 8 -34.93 30.41 24.28
C LEU K 8 -33.67 31.16 24.70
N ARG K 9 -33.36 31.02 26.01
CA ARG K 9 -32.17 31.62 26.59
C ARG K 9 -31.15 30.54 26.97
N VAL K 10 -29.92 30.77 26.52
CA VAL K 10 -28.88 29.77 26.65
C VAL K 10 -27.68 30.44 27.27
N VAL K 11 -27.16 29.77 28.31
CA VAL K 11 -25.84 30.11 28.85
C VAL K 11 -24.88 28.98 28.48
N GLU K 12 -23.81 29.38 27.79
CA GLU K 12 -22.75 28.47 27.37
C GLU K 12 -21.48 28.80 28.17
N LEU K 13 -20.97 27.81 28.91
CA LEU K 13 -19.65 27.91 29.51
C LEU K 13 -18.61 27.52 28.48
N ALA K 14 -17.79 28.49 28.11
CA ALA K 14 -16.88 28.42 26.99
C ALA K 14 -16.01 27.18 27.08
N GLY K 15 -16.04 26.38 25.99
CA GLY K 15 -15.21 25.20 25.83
C GLY K 15 -14.77 25.03 24.37
N ILE K 16 -14.49 23.78 23.99
CA ILE K 16 -14.00 23.46 22.65
C ILE K 16 -14.80 22.30 22.07
N GLY K 17 -15.00 22.36 20.74
CA GLY K 17 -15.60 21.26 19.99
C GLY K 17 -17.13 21.25 20.15
N PRO K 18 -17.69 20.20 20.78
CA PRO K 18 -19.12 19.97 20.71
C PRO K 18 -20.00 21.02 21.38
N GLY K 19 -19.58 21.46 22.58
CA GLY K 19 -20.37 22.45 23.29
C GLY K 19 -20.61 23.69 22.45
N PRO K 20 -19.55 24.37 21.94
CA PRO K 20 -19.74 25.53 21.10
C PRO K 20 -20.47 25.27 19.78
N HIS K 21 -20.48 24.00 19.32
CA HIS K 21 -21.14 23.69 18.08
C HIS K 21 -22.63 23.56 18.35
N ALA K 22 -22.99 22.86 19.43
CA ALA K 22 -24.36 22.85 19.92
C ALA K 22 -24.88 24.27 20.18
N ALA K 23 -24.08 25.08 20.88
CA ALA K 23 -24.54 26.43 21.18
C ALA K 23 -24.73 27.20 19.88
N MET K 24 -23.80 27.03 18.92
CA MET K 24 -23.91 27.71 17.65
C MET K 24 -25.26 27.38 16.99
N ILE K 25 -25.67 26.11 17.00
CA ILE K 25 -26.87 25.72 16.25
C ILE K 25 -28.11 26.33 16.91
N LEU K 26 -28.12 26.38 18.24
CA LEU K 26 -29.22 26.98 18.98
C LEU K 26 -29.38 28.43 18.53
N GLY K 27 -28.28 29.17 18.56
CA GLY K 27 -28.26 30.55 18.12
C GLY K 27 -28.65 30.73 16.65
N ASP K 28 -28.16 29.82 15.80
CA ASP K 28 -28.51 29.71 14.39
C ASP K 28 -30.03 29.73 14.25
N LEU K 29 -30.71 28.92 15.07
CA LEU K 29 -32.16 28.75 14.99
C LEU K 29 -32.95 29.76 15.82
N GLY K 30 -32.29 30.80 16.35
CA GLY K 30 -32.98 31.94 16.96
C GLY K 30 -32.81 32.07 18.49
N ALA K 31 -32.13 31.11 19.14
CA ALA K 31 -31.92 31.20 20.58
C ALA K 31 -31.03 32.39 20.94
N ASP K 32 -31.31 32.98 22.13
CA ASP K 32 -30.47 34.01 22.72
C ASP K 32 -29.40 33.32 23.56
N VAL K 33 -28.18 33.31 23.01
CA VAL K 33 -27.08 32.52 23.55
C VAL K 33 -26.06 33.49 24.12
N VAL K 34 -25.74 33.27 25.40
CA VAL K 34 -24.74 34.04 26.10
C VAL K 34 -23.65 33.08 26.53
N ARG K 35 -22.44 33.38 26.08
CA ARG K 35 -21.29 32.52 26.29
C ARG K 35 -20.37 33.15 27.32
N ILE K 36 -20.09 32.44 28.41
CA ILE K 36 -19.21 32.97 29.44
C ILE K 36 -17.82 32.42 29.21
N ASP K 37 -16.88 33.30 28.84
CA ASP K 37 -15.47 32.95 28.68
C ASP K 37 -14.68 33.58 29.83
N ARG K 38 -13.42 33.15 29.99
CA ARG K 38 -12.56 33.70 31.02
C ARG K 38 -11.83 34.92 30.44
N PRO K 39 -11.39 35.87 31.29
CA PRO K 39 -10.67 37.05 30.80
C PRO K 39 -9.35 36.75 30.09
N SER K 40 -8.57 35.75 30.56
CA SER K 40 -7.37 35.29 29.86
C SER K 40 -7.59 35.32 28.34
N SER K 41 -8.79 34.89 27.91
CA SER K 41 -9.12 34.69 26.50
C SER K 41 -9.95 35.87 25.96
N VAL K 42 -9.28 36.88 25.37
CA VAL K 42 -9.90 38.04 24.72
C VAL K 42 -8.78 39.05 24.43
N ILE K 45 -12.39 40.87 19.26
CA ILE K 45 -13.48 40.13 18.53
C ILE K 45 -12.89 38.83 17.98
N SER K 46 -13.62 37.71 18.18
CA SER K 46 -13.19 36.38 17.71
C SER K 46 -13.23 36.31 16.18
N ARG K 47 -12.21 35.68 15.60
CA ARG K 47 -12.24 35.34 14.18
C ARG K 47 -12.67 33.88 14.03
N ASP K 48 -13.39 33.33 15.01
CA ASP K 48 -13.94 31.98 14.91
C ASP K 48 -15.43 32.06 14.58
N ALA K 49 -15.78 31.70 13.34
CA ALA K 49 -17.15 31.75 12.86
C ALA K 49 -18.05 30.80 13.66
N MET K 50 -17.46 29.87 14.41
CA MET K 50 -18.28 29.05 15.29
C MET K 50 -18.90 29.89 16.41
N LEU K 51 -18.32 31.06 16.71
CA LEU K 51 -18.87 31.91 17.76
C LEU K 51 -19.88 32.92 17.20
N ARG K 52 -20.45 32.62 16.04
CA ARG K 52 -21.54 33.41 15.48
C ARG K 52 -22.78 33.21 16.34
N ASN K 53 -23.70 34.17 16.27
CA ASN K 53 -24.99 34.12 16.95
C ASN K 53 -24.83 34.01 18.49
N ARG K 54 -23.92 34.81 19.05
CA ARG K 54 -23.63 34.80 20.49
C ARG K 54 -23.55 36.23 21.03
N ARG K 55 -23.76 36.38 22.34
CA ARG K 55 -23.08 37.46 23.05
C ARG K 55 -21.99 36.86 23.94
N ILE K 56 -20.78 37.41 23.84
CA ILE K 56 -19.67 36.96 24.67
C ILE K 56 -19.58 37.83 25.93
N VAL K 57 -19.46 37.21 27.12
CA VAL K 57 -19.13 37.94 28.34
C VAL K 57 -17.95 37.29 29.06
N THR K 58 -17.05 38.13 29.61
CA THR K 58 -15.95 37.70 30.47
C THR K 58 -16.43 37.61 31.91
N ALA K 59 -16.00 36.56 32.61
CA ALA K 59 -16.12 36.43 34.06
C ALA K 59 -15.15 35.36 34.53
N ASP K 60 -14.40 35.67 35.59
CA ASP K 60 -13.56 34.69 36.25
C ASP K 60 -14.44 33.93 37.24
N LEU K 61 -14.73 32.66 36.94
CA LEU K 61 -15.69 31.88 37.72
C LEU K 61 -15.07 31.39 39.03
N LYS K 62 -13.76 31.58 39.17
CA LYS K 62 -13.12 31.25 40.44
C LYS K 62 -13.36 32.37 41.46
N SER K 63 -13.56 33.63 41.02
CA SER K 63 -13.82 34.74 41.91
C SER K 63 -15.28 34.69 42.38
N ASP K 64 -15.58 35.40 43.46
CA ASP K 64 -16.88 35.31 44.10
C ASP K 64 -17.89 36.12 43.30
N GLN K 65 -17.40 37.20 42.70
CA GLN K 65 -18.23 38.07 41.89
C GLN K 65 -18.46 37.43 40.52
N GLY K 66 -17.40 36.81 39.97
CA GLY K 66 -17.54 35.95 38.81
C GLY K 66 -18.65 34.93 39.03
N LEU K 67 -18.57 34.15 40.12
CA LEU K 67 -19.54 33.10 40.36
C LEU K 67 -20.94 33.71 40.46
N GLU K 68 -21.08 34.84 41.15
CA GLU K 68 -22.41 35.34 41.48
C GLU K 68 -23.09 35.89 40.22
N LEU K 69 -22.32 36.63 39.40
CA LEU K 69 -22.81 37.11 38.12
C LEU K 69 -23.27 35.95 37.24
N ALA K 70 -22.47 34.87 37.20
CA ALA K 70 -22.81 33.72 36.37
C ALA K 70 -24.12 33.13 36.85
N LEU K 71 -24.27 32.99 38.17
CA LEU K 71 -25.46 32.36 38.74
C LEU K 71 -26.72 33.19 38.46
N LYS K 72 -26.56 34.49 38.22
CA LYS K 72 -27.70 35.35 37.98
C LYS K 72 -28.23 35.13 36.56
N LEU K 73 -27.33 35.14 35.56
CA LEU K 73 -27.62 34.73 34.18
C LEU K 73 -28.40 33.44 34.13
N ILE K 74 -27.92 32.43 34.84
CA ILE K 74 -28.45 31.09 34.77
C ILE K 74 -29.85 31.03 35.35
N ALA K 75 -30.09 31.89 36.35
CA ALA K 75 -31.35 31.94 37.07
C ALA K 75 -32.50 32.27 36.10
N LYS K 76 -32.20 33.16 35.13
CA LYS K 76 -33.12 33.65 34.12
C LYS K 76 -32.86 33.01 32.74
N ALA K 77 -32.39 31.76 32.69
CA ALA K 77 -32.15 31.10 31.41
C ALA K 77 -32.91 29.79 31.39
N ASP K 78 -33.05 29.18 30.20
CA ASP K 78 -33.68 27.88 30.04
C ASP K 78 -32.65 26.75 29.99
N VAL K 79 -31.48 27.06 29.41
CA VAL K 79 -30.49 26.05 29.11
C VAL K 79 -29.11 26.52 29.57
N LEU K 80 -28.38 25.57 30.17
CA LEU K 80 -26.96 25.71 30.38
C LEU K 80 -26.23 24.55 29.69
N ILE K 81 -25.13 24.95 29.03
CA ILE K 81 -24.21 24.05 28.38
C ILE K 81 -22.85 24.16 29.05
N GLU K 82 -22.33 23.00 29.46
CA GLU K 82 -20.94 22.88 29.90
C GLU K 82 -20.32 21.64 29.28
N GLY K 83 -19.03 21.78 28.89
CA GLY K 83 -18.24 20.70 28.33
C GLY K 83 -16.85 20.55 28.98
N TYR K 84 -16.84 20.63 30.31
CA TYR K 84 -15.64 20.38 31.10
C TYR K 84 -15.68 18.94 31.57
N ARG K 85 -14.55 18.48 32.11
CA ARG K 85 -14.51 17.17 32.74
C ARG K 85 -15.57 17.14 33.84
N PRO K 86 -16.08 15.95 34.22
CA PRO K 86 -16.99 15.84 35.35
C PRO K 86 -16.36 16.35 36.64
N GLY K 87 -17.13 17.06 37.48
CA GLY K 87 -16.64 17.62 38.73
C GLY K 87 -16.17 19.07 38.60
N VAL K 88 -15.95 19.55 37.36
CA VAL K 88 -15.39 20.87 37.22
C VAL K 88 -16.45 21.90 37.62
N THR K 89 -17.70 21.69 37.18
CA THR K 89 -18.68 22.73 37.42
C THR K 89 -19.05 22.65 38.90
N GLU K 90 -19.09 21.42 39.42
CA GLU K 90 -19.38 21.23 40.84
C GLU K 90 -18.44 22.06 41.71
N ARG K 91 -17.13 22.01 41.42
CA ARG K 91 -16.12 22.70 42.21
C ARG K 91 -16.24 24.20 42.01
N LEU K 92 -16.81 24.67 40.91
CA LEU K 92 -16.95 26.11 40.72
C LEU K 92 -18.13 26.69 41.53
N GLY K 93 -19.02 25.84 42.05
CA GLY K 93 -20.30 26.28 42.57
C GLY K 93 -21.36 26.43 41.48
N LEU K 94 -21.14 25.79 40.29
CA LEU K 94 -22.05 25.87 39.14
C LEU K 94 -22.56 24.49 38.76
N GLY K 95 -22.45 23.51 39.67
CA GLY K 95 -22.87 22.15 39.41
C GLY K 95 -24.38 22.11 39.30
N PRO K 96 -25.00 21.00 38.86
CA PRO K 96 -26.43 20.99 38.63
C PRO K 96 -27.19 21.49 39.85
N GLU K 97 -26.80 20.98 41.03
CA GLU K 97 -27.60 21.19 42.25
C GLU K 97 -27.62 22.64 42.70
N GLU K 98 -26.47 23.31 42.65
CA GLU K 98 -26.40 24.76 42.86
C GLU K 98 -27.27 25.52 41.86
N CYS K 99 -27.36 24.99 40.64
CA CYS K 99 -28.12 25.62 39.59
C CYS K 99 -29.60 25.36 39.87
N ALA K 100 -29.95 24.13 40.25
CA ALA K 100 -31.32 23.78 40.57
C ALA K 100 -31.84 24.60 41.76
N LYS K 101 -30.93 25.19 42.53
CA LYS K 101 -31.32 26.05 43.64
C LYS K 101 -31.84 27.37 43.10
N VAL K 102 -31.31 27.89 42.01
CA VAL K 102 -31.78 29.20 41.60
C VAL K 102 -32.69 29.10 40.37
N ASN K 103 -33.05 27.88 39.92
CA ASN K 103 -33.76 27.70 38.65
C ASN K 103 -34.10 26.23 38.45
N ASP K 104 -35.22 25.78 39.04
CA ASP K 104 -35.58 24.38 38.99
C ASP K 104 -36.17 24.01 37.62
N ARG K 105 -36.10 24.98 36.67
CA ARG K 105 -36.60 24.81 35.32
C ARG K 105 -35.47 24.67 34.29
N LEU K 106 -34.21 24.62 34.77
CA LEU K 106 -33.03 24.65 33.92
C LEU K 106 -32.82 23.29 33.27
N ILE K 107 -32.61 23.29 31.95
CA ILE K 107 -32.03 22.12 31.28
C ILE K 107 -30.52 22.23 31.44
N TYR K 108 -29.95 21.26 32.16
CA TYR K 108 -28.52 21.29 32.48
C TYR K 108 -27.80 20.28 31.59
N ALA K 109 -27.07 20.81 30.60
CA ALA K 109 -26.55 20.01 29.50
C ALA K 109 -25.04 19.80 29.62
N ARG K 110 -24.68 18.53 29.86
CA ARG K 110 -23.30 18.10 30.11
C ARG K 110 -22.73 17.29 28.94
N MET K 111 -21.77 17.92 28.24
CA MET K 111 -21.15 17.47 27.01
C MET K 111 -19.74 16.92 27.28
N THR K 112 -19.62 15.58 27.35
CA THR K 112 -18.33 14.94 27.60
C THR K 112 -18.08 13.93 26.51
N GLY K 113 -16.89 13.32 26.55
CA GLY K 113 -16.56 12.23 25.66
C GLY K 113 -16.82 10.88 26.30
N TRP K 114 -16.34 10.72 27.55
CA TRP K 114 -16.39 9.43 28.22
C TRP K 114 -17.63 9.33 29.14
N GLY K 115 -18.30 10.47 29.36
CA GLY K 115 -19.42 10.53 30.29
C GLY K 115 -19.00 10.96 31.71
N GLN K 116 -19.95 10.81 32.65
CA GLN K 116 -19.90 11.44 33.96
C GLN K 116 -19.24 10.52 34.97
N THR K 117 -19.28 9.22 34.73
CA THR K 117 -18.65 8.29 35.64
C THR K 117 -17.89 7.24 34.86
N GLY K 118 -17.21 6.37 35.62
CA GLY K 118 -16.58 5.16 35.13
C GLY K 118 -15.09 5.38 34.92
N PRO K 119 -14.32 4.33 34.58
CA PRO K 119 -12.87 4.36 34.69
C PRO K 119 -12.14 5.36 33.81
N ARG K 120 -12.81 5.87 32.75
CA ARG K 120 -12.12 6.76 31.83
C ARG K 120 -12.64 8.18 32.01
N SER K 121 -13.53 8.37 32.99
CA SER K 121 -14.30 9.61 33.05
C SER K 121 -13.44 10.84 33.34
N GLN K 122 -12.20 10.65 33.80
CA GLN K 122 -11.33 11.79 34.06
C GLN K 122 -10.22 11.91 33.04
N GLN K 123 -10.12 10.98 32.07
CA GLN K 123 -9.08 11.06 31.06
C GLN K 123 -9.40 12.14 30.01
N ALA K 124 -8.43 13.03 29.78
CA ALA K 124 -8.39 13.86 28.59
C ALA K 124 -8.52 12.98 27.35
N GLY K 125 -9.06 13.63 26.31
CA GLY K 125 -9.33 12.94 25.08
C GLY K 125 -9.87 13.91 24.04
N HIS K 126 -9.83 13.43 22.79
CA HIS K 126 -10.47 14.14 21.70
C HIS K 126 -11.23 13.12 20.84
N ASP K 127 -11.85 13.62 19.79
CA ASP K 127 -12.72 12.81 18.96
C ASP K 127 -12.06 11.46 18.68
N ILE K 128 -10.82 11.48 18.17
CA ILE K 128 -10.18 10.25 17.69
C ILE K 128 -10.16 9.20 18.78
N ASN K 129 -10.08 9.63 20.05
CA ASN K 129 -10.05 8.68 21.17
C ASN K 129 -11.43 8.06 21.41
N TYR K 130 -12.47 8.88 21.44
CA TYR K 130 -13.82 8.38 21.75
C TYR K 130 -14.26 7.36 20.70
N ILE K 131 -13.97 7.65 19.43
CA ILE K 131 -14.42 6.73 18.38
C ILE K 131 -13.50 5.53 18.23
N SER K 132 -12.34 5.54 18.89
CA SER K 132 -11.47 4.37 18.77
C SER K 132 -11.98 3.26 19.68
N LEU K 133 -12.68 3.63 20.77
CA LEU K 133 -13.03 2.67 21.80
C LEU K 133 -14.29 1.90 21.43
N ASN K 134 -15.10 2.43 20.50
CA ASN K 134 -16.42 1.86 20.25
C ASN K 134 -16.59 1.24 18.87
N GLY K 135 -15.45 0.96 18.18
CA GLY K 135 -15.45 0.24 16.91
C GLY K 135 -15.47 1.14 15.67
N ILE K 136 -15.81 2.41 15.83
CA ILE K 136 -15.99 3.27 14.69
C ILE K 136 -14.68 3.46 13.94
N LEU K 137 -13.59 3.82 14.63
CA LEU K 137 -12.39 4.26 13.93
C LEU K 137 -11.85 3.06 13.17
N HIS K 138 -11.95 1.91 13.80
CA HIS K 138 -11.38 0.71 13.23
C HIS K 138 -11.98 0.43 11.85
N ALA K 139 -13.20 0.90 11.62
CA ALA K 139 -13.97 0.58 10.43
C ALA K 139 -13.69 1.54 9.27
N ILE K 140 -12.93 2.61 9.50
CA ILE K 140 -12.76 3.63 8.49
C ILE K 140 -11.37 3.57 7.88
N GLY K 141 -11.37 3.54 6.54
CA GLY K 141 -10.15 3.60 5.75
C GLY K 141 -9.98 2.33 4.93
N ARG K 142 -8.92 2.29 4.15
CA ARG K 142 -8.65 1.16 3.28
C ARG K 142 -8.14 -0.02 4.09
N GLY K 143 -8.44 -1.22 3.57
CA GLY K 143 -8.13 -2.48 4.24
C GLY K 143 -6.63 -2.67 4.45
N ASP K 144 -5.81 -2.22 3.50
CA ASP K 144 -4.37 -2.51 3.55
C ASP K 144 -3.61 -1.48 4.38
N GLU K 145 -4.28 -0.68 5.22
CA GLU K 145 -3.65 0.48 5.81
C GLU K 145 -4.25 0.77 7.16
N ARG K 146 -3.65 1.69 7.89
CA ARG K 146 -4.11 1.95 9.23
C ARG K 146 -5.35 2.85 9.16
N PRO K 147 -6.25 2.77 10.15
CA PRO K 147 -7.48 3.53 10.08
C PRO K 147 -7.24 5.02 9.98
N VAL K 148 -8.19 5.69 9.34
CA VAL K 148 -8.01 7.08 9.04
C VAL K 148 -9.14 7.84 9.75
N PRO K 149 -8.83 8.92 10.46
CA PRO K 149 -9.83 9.64 11.21
C PRO K 149 -10.72 10.40 10.25
N PRO K 150 -12.04 10.31 10.43
CA PRO K 150 -12.99 11.04 9.62
C PRO K 150 -13.12 12.47 10.11
N LEU K 151 -12.00 13.18 10.05
CA LEU K 151 -11.83 14.42 10.76
C LEU K 151 -12.39 14.22 12.16
N ASN K 152 -12.95 15.29 12.74
CA ASN K 152 -13.61 15.22 14.04
C ASN K 152 -15.12 15.25 13.83
N LEU K 153 -15.58 14.67 12.74
CA LEU K 153 -16.99 14.84 12.39
C LEU K 153 -17.87 13.89 13.17
N VAL K 154 -17.36 12.71 13.56
CA VAL K 154 -18.26 11.67 14.07
C VAL K 154 -18.42 11.70 15.59
N GLY K 155 -17.32 11.95 16.31
CA GLY K 155 -17.31 11.98 17.77
C GLY K 155 -17.79 13.33 18.31
N ASP K 156 -17.14 14.40 17.86
CA ASP K 156 -17.43 15.76 18.29
C ASP K 156 -18.82 16.22 17.82
N PHE K 157 -19.19 16.00 16.55
CA PHE K 157 -20.36 16.69 16.02
C PHE K 157 -21.52 15.71 15.87
N GLY K 158 -21.41 14.77 14.93
CA GLY K 158 -22.44 13.77 14.69
C GLY K 158 -22.87 13.08 15.97
N GLY K 159 -21.90 12.61 16.73
CA GLY K 159 -22.19 11.81 17.91
C GLY K 159 -22.04 12.63 19.20
N GLY K 160 -21.76 13.91 19.07
CA GLY K 160 -21.50 14.75 20.22
C GLY K 160 -22.52 15.88 20.37
N SER K 161 -22.20 17.01 19.74
CA SER K 161 -23.06 18.17 19.71
C SER K 161 -24.49 17.81 19.29
N MET K 162 -24.67 16.92 18.31
CA MET K 162 -26.01 16.73 17.76
C MET K 162 -26.86 15.98 18.77
N PHE K 163 -26.25 15.15 19.60
CA PHE K 163 -26.99 14.48 20.64
C PHE K 163 -27.20 15.40 21.85
N LEU K 164 -26.29 16.29 22.12
CA LEU K 164 -26.55 17.25 23.19
C LEU K 164 -27.79 18.05 22.80
N LEU K 165 -27.85 18.47 21.52
CA LEU K 165 -28.96 19.24 20.99
C LEU K 165 -30.25 18.44 21.13
N VAL K 166 -30.21 17.16 20.74
CA VAL K 166 -31.43 16.35 20.83
C VAL K 166 -31.90 16.32 22.27
N GLY K 167 -30.97 16.13 23.21
CA GLY K 167 -31.30 16.01 24.63
C GLY K 167 -31.88 17.30 25.22
N ILE K 168 -31.29 18.43 24.88
CA ILE K 168 -31.75 19.74 25.32
C ILE K 168 -33.19 19.96 24.85
N LEU K 169 -33.41 19.78 23.53
CA LEU K 169 -34.70 20.09 22.94
C LEU K 169 -35.70 19.05 23.40
N ALA K 170 -35.31 17.78 23.54
CA ALA K 170 -36.22 16.79 24.11
C ALA K 170 -36.58 17.17 25.54
N ALA K 171 -35.59 17.64 26.31
CA ALA K 171 -35.83 17.98 27.70
C ALA K 171 -36.77 19.18 27.74
N LEU K 172 -36.62 20.13 26.80
CA LEU K 172 -37.52 21.27 26.73
C LEU K 172 -38.98 20.85 26.44
N TRP K 173 -39.19 19.66 25.88
CA TRP K 173 -40.53 19.17 25.58
C TRP K 173 -41.11 18.55 26.85
N GLU K 174 -40.31 17.76 27.55
CA GLU K 174 -40.75 17.13 28.78
C GLU K 174 -41.09 18.20 29.84
N ARG K 175 -40.36 19.33 29.82
CA ARG K 175 -40.55 20.44 30.75
C ARG K 175 -41.91 21.11 30.59
N GLN K 176 -42.49 21.05 29.38
CA GLN K 176 -43.73 21.76 29.08
C GLN K 176 -44.85 21.06 29.86
N SER K 177 -44.66 19.78 30.18
CA SER K 177 -45.65 18.95 30.81
C SER K 177 -45.37 18.67 32.29
N SER K 178 -44.15 18.97 32.79
CA SER K 178 -43.76 18.60 34.14
C SER K 178 -43.46 19.81 35.02
N GLY K 179 -43.20 20.97 34.41
CA GLY K 179 -42.82 22.18 35.12
C GLY K 179 -41.32 22.29 35.44
N LYS K 180 -40.53 21.23 35.20
CA LYS K 180 -39.19 21.09 35.78
C LYS K 180 -38.09 20.88 34.74
N GLY K 181 -36.87 21.34 35.07
CA GLY K 181 -35.66 21.03 34.31
C GLY K 181 -35.09 19.66 34.65
N GLN K 182 -33.84 19.41 34.22
CA GLN K 182 -33.15 18.15 34.51
C GLN K 182 -31.80 18.15 33.78
N VAL K 183 -31.05 17.06 33.99
CA VAL K 183 -29.65 16.97 33.57
C VAL K 183 -29.56 16.08 32.34
N VAL K 184 -28.99 16.65 31.28
CA VAL K 184 -28.70 15.91 30.07
C VAL K 184 -27.21 15.52 30.06
N ASP K 185 -26.96 14.21 30.12
CA ASP K 185 -25.64 13.60 30.07
C ASP K 185 -25.37 13.08 28.65
N ALA K 186 -24.71 13.93 27.85
CA ALA K 186 -24.30 13.61 26.48
C ALA K 186 -22.82 13.19 26.40
N ALA K 187 -22.58 11.89 26.23
CA ALA K 187 -21.22 11.37 26.06
C ALA K 187 -20.99 10.95 24.60
N MET K 188 -19.92 11.50 24.00
CA MET K 188 -19.55 11.28 22.61
C MET K 188 -19.44 9.79 22.33
N VAL K 189 -19.03 9.01 23.31
CA VAL K 189 -18.89 7.58 23.09
C VAL K 189 -20.25 6.88 22.98
N ASP K 190 -21.29 7.45 23.62
CA ASP K 190 -22.63 6.90 23.52
C ASP K 190 -23.28 7.39 22.22
N GLY K 191 -23.29 8.71 22.02
CA GLY K 191 -23.86 9.36 20.85
C GLY K 191 -23.34 8.76 19.54
N SER K 192 -22.01 8.67 19.41
CA SER K 192 -21.39 8.12 18.21
C SER K 192 -21.79 6.64 18.02
N SER K 193 -21.99 5.91 19.11
CA SER K 193 -22.44 4.53 19.03
C SER K 193 -23.89 4.45 18.48
N VAL K 194 -24.77 5.39 18.87
CA VAL K 194 -26.14 5.39 18.35
C VAL K 194 -26.12 5.83 16.88
N LEU K 195 -25.20 6.76 16.55
CA LEU K 195 -25.05 7.27 15.21
C LEU K 195 -24.66 6.13 14.26
N ILE K 196 -23.97 5.12 14.76
CA ILE K 196 -23.53 4.04 13.89
C ILE K 196 -24.41 2.83 14.09
N GLN K 197 -25.68 3.04 14.50
CA GLN K 197 -26.52 1.89 14.84
C GLN K 197 -26.74 0.97 13.62
N MET K 198 -26.76 1.54 12.41
CA MET K 198 -26.98 0.71 11.22
C MET K 198 -25.93 -0.38 11.14
N MET K 199 -24.66 -0.03 11.43
CA MET K 199 -23.60 -1.03 11.30
C MET K 199 -23.78 -2.13 12.32
N TRP K 200 -24.20 -1.77 13.54
CA TRP K 200 -24.49 -2.78 14.55
C TRP K 200 -25.68 -3.67 14.13
N ALA K 201 -26.70 -3.07 13.50
CA ALA K 201 -27.82 -3.83 12.93
C ALA K 201 -27.32 -4.83 11.88
N MET K 202 -26.50 -4.35 10.93
CA MET K 202 -26.04 -5.18 9.82
C MET K 202 -25.13 -6.29 10.33
N ARG K 203 -24.31 -5.95 11.32
CA ARG K 203 -23.43 -6.92 11.92
C ARG K 203 -24.24 -8.09 12.49
N ALA K 204 -25.39 -7.80 13.07
CA ALA K 204 -26.19 -8.82 13.75
C ALA K 204 -26.77 -9.82 12.75
N THR K 205 -26.93 -9.42 11.48
CA THR K 205 -27.56 -10.27 10.48
C THR K 205 -26.55 -10.68 9.41
N GLY K 206 -25.26 -10.72 9.74
CA GLY K 206 -24.24 -11.20 8.80
C GLY K 206 -23.97 -10.27 7.63
N MET K 207 -24.46 -9.03 7.66
CA MET K 207 -24.32 -8.14 6.52
C MET K 207 -23.21 -7.10 6.77
N TRP K 208 -22.40 -7.27 7.82
CA TRP K 208 -21.26 -6.38 8.02
C TRP K 208 -20.17 -7.10 8.79
N THR K 209 -18.90 -7.02 8.32
CA THR K 209 -17.81 -7.68 9.02
C THR K 209 -16.81 -6.66 9.56
N ASP K 210 -16.02 -7.12 10.55
CA ASP K 210 -15.01 -6.30 11.21
C ASP K 210 -13.80 -6.06 10.31
N THR K 211 -13.71 -6.73 9.17
CA THR K 211 -12.64 -6.48 8.21
C THR K 211 -12.86 -5.12 7.56
N ARG K 212 -11.84 -4.27 7.66
CA ARG K 212 -11.88 -2.93 7.11
C ARG K 212 -11.74 -3.00 5.59
N GLY K 213 -12.51 -2.18 4.88
CA GLY K 213 -12.45 -2.11 3.42
C GLY K 213 -13.07 -3.32 2.71
N ALA K 214 -13.95 -4.06 3.38
CA ALA K 214 -14.58 -5.24 2.82
C ALA K 214 -16.09 -5.19 3.02
N ASN K 215 -16.70 -4.00 2.99
CA ASN K 215 -18.13 -3.93 3.17
C ASN K 215 -18.76 -3.07 2.08
N MET K 216 -20.08 -3.01 2.14
CA MET K 216 -20.87 -2.34 1.14
C MET K 216 -20.65 -0.83 1.23
N LEU K 217 -20.42 -0.29 2.44
CA LEU K 217 -20.46 1.15 2.67
C LEU K 217 -19.11 1.74 3.13
N ASP K 218 -18.02 0.95 3.17
CA ASP K 218 -16.76 1.44 3.72
C ASP K 218 -15.72 1.69 2.61
N GLY K 219 -16.15 1.61 1.34
CA GLY K 219 -15.21 1.65 0.23
C GLY K 219 -14.94 0.29 -0.42
N GLY K 220 -15.31 -0.81 0.23
CA GLY K 220 -15.00 -2.11 -0.32
C GLY K 220 -15.80 -2.39 -1.60
N ALA K 221 -17.03 -1.86 -1.69
CA ALA K 221 -17.89 -2.13 -2.84
C ALA K 221 -17.46 -1.25 -4.01
N PRO K 222 -17.19 -1.82 -5.21
CA PRO K 222 -16.83 -1.00 -6.36
C PRO K 222 -17.91 -0.01 -6.77
N TYR K 223 -19.15 -0.23 -6.34
CA TYR K 223 -20.23 0.70 -6.66
C TYR K 223 -20.51 1.74 -5.56
N TYR K 224 -19.70 1.74 -4.49
CA TYR K 224 -19.82 2.72 -3.41
C TYR K 224 -18.41 3.12 -2.99
N ASP K 225 -17.83 4.07 -3.72
CA ASP K 225 -16.42 4.37 -3.61
C ASP K 225 -16.13 5.54 -4.53
N THR K 226 -14.92 6.11 -4.41
CA THR K 226 -14.49 7.19 -5.29
C THR K 226 -13.59 6.61 -6.38
N TYR K 227 -13.50 7.32 -7.50
CA TYR K 227 -12.70 6.91 -8.62
C TYR K 227 -11.93 8.12 -9.12
N GLU K 228 -10.68 7.89 -9.50
CA GLU K 228 -9.87 8.97 -10.05
C GLU K 228 -10.19 9.09 -11.54
N CYS K 229 -10.26 10.34 -12.02
CA CYS K 229 -10.59 10.67 -13.39
C CYS K 229 -9.30 11.05 -14.15
N ALA K 230 -9.44 11.30 -15.46
CA ALA K 230 -8.30 11.59 -16.32
C ALA K 230 -7.51 12.79 -15.83
N ASP K 231 -8.17 13.73 -15.16
CA ASP K 231 -7.54 14.97 -14.74
C ASP K 231 -6.97 14.87 -13.32
N GLY K 232 -6.99 13.70 -12.69
CA GLY K 232 -6.49 13.60 -11.33
C GLY K 232 -7.52 14.12 -10.31
N ARG K 233 -8.70 14.58 -10.76
CA ARG K 233 -9.83 14.83 -9.85
C ARG K 233 -10.67 13.55 -9.68
N TYR K 234 -11.74 13.61 -8.87
CA TYR K 234 -12.42 12.38 -8.46
C TYR K 234 -13.93 12.47 -8.66
N VAL K 235 -14.57 11.32 -8.86
CA VAL K 235 -16.01 11.24 -8.76
C VAL K 235 -16.35 10.28 -7.65
N ALA K 236 -17.59 10.39 -7.18
CA ALA K 236 -18.16 9.50 -6.20
C ALA K 236 -19.29 8.73 -6.86
N VAL K 237 -19.27 7.42 -6.59
CA VAL K 237 -20.22 6.45 -7.11
C VAL K 237 -20.90 5.87 -5.89
N GLY K 238 -22.24 5.94 -5.91
CA GLY K 238 -23.04 5.41 -4.82
C GLY K 238 -24.24 4.59 -5.31
N ALA K 239 -24.03 3.81 -6.37
CA ALA K 239 -25.12 3.16 -7.08
C ALA K 239 -25.41 1.81 -6.45
N ILE K 240 -26.07 1.82 -5.30
CA ILE K 240 -26.36 0.59 -4.57
C ILE K 240 -27.45 -0.22 -5.28
N GLU K 241 -28.56 0.45 -5.61
CA GLU K 241 -29.73 -0.27 -6.11
C GLU K 241 -29.44 -0.75 -7.53
N PRO K 242 -29.89 -1.95 -7.91
CA PRO K 242 -29.51 -2.51 -9.23
C PRO K 242 -29.80 -1.61 -10.44
N GLN K 243 -30.89 -0.80 -10.42
CA GLN K 243 -31.30 -0.04 -11.59
C GLN K 243 -30.38 1.16 -11.77
N PHE K 244 -29.96 1.73 -10.64
CA PHE K 244 -29.01 2.84 -10.64
C PHE K 244 -27.67 2.31 -11.12
N TYR K 245 -27.31 1.09 -10.69
CA TYR K 245 -26.01 0.53 -11.10
C TYR K 245 -26.02 0.33 -12.61
N ALA K 246 -27.10 -0.25 -13.13
CA ALA K 246 -27.27 -0.47 -14.58
C ALA K 246 -27.13 0.81 -15.38
N ALA K 247 -27.73 1.88 -14.86
CA ALA K 247 -27.68 3.16 -15.54
C ALA K 247 -26.25 3.68 -15.52
N MET K 248 -25.54 3.38 -14.44
CA MET K 248 -24.16 3.85 -14.38
C MET K 248 -23.29 3.11 -15.40
N LEU K 249 -23.45 1.78 -15.50
CA LEU K 249 -22.68 1.00 -16.48
C LEU K 249 -22.89 1.53 -17.91
N ALA K 250 -24.16 1.77 -18.28
CA ALA K 250 -24.49 2.23 -19.62
C ALA K 250 -23.82 3.56 -19.89
N GLY K 251 -23.85 4.44 -18.90
CA GLY K 251 -23.23 5.74 -19.02
C GLY K 251 -21.73 5.65 -19.23
N LEU K 252 -21.09 4.58 -18.72
CA LEU K 252 -19.65 4.41 -18.86
C LEU K 252 -19.31 3.68 -20.16
N GLY K 253 -20.33 3.24 -20.90
CA GLY K 253 -20.09 2.56 -22.15
C GLY K 253 -19.85 1.08 -21.90
N LEU K 254 -20.28 0.57 -20.74
CA LEU K 254 -19.93 -0.77 -20.32
C LEU K 254 -21.18 -1.61 -20.45
N ASP K 255 -20.99 -2.82 -20.95
CA ASP K 255 -22.08 -3.71 -21.26
C ASP K 255 -22.17 -4.68 -20.09
N ALA K 256 -23.29 -4.69 -19.39
CA ALA K 256 -23.44 -5.47 -18.18
C ALA K 256 -23.15 -6.95 -18.41
N ALA K 257 -23.36 -7.42 -19.65
CA ALA K 257 -23.15 -8.80 -20.03
C ALA K 257 -21.69 -9.23 -19.93
N GLU K 258 -20.74 -8.29 -20.05
CA GLU K 258 -19.31 -8.63 -20.01
C GLU K 258 -18.70 -8.42 -18.61
N LEU K 259 -19.52 -8.22 -17.57
CA LEU K 259 -19.00 -7.83 -16.27
C LEU K 259 -19.43 -8.88 -15.26
N PRO K 260 -18.64 -9.07 -14.19
CA PRO K 260 -19.08 -9.87 -13.07
C PRO K 260 -20.34 -9.32 -12.43
N PRO K 261 -21.12 -10.13 -11.68
CA PRO K 261 -22.28 -9.62 -10.97
C PRO K 261 -21.92 -8.50 -9.99
N GLN K 262 -22.86 -7.56 -9.82
CA GLN K 262 -22.67 -6.40 -8.97
C GLN K 262 -22.21 -6.85 -7.58
N ASN K 263 -22.84 -7.90 -7.03
CA ASN K 263 -22.65 -8.26 -5.63
C ASN K 263 -21.96 -9.61 -5.48
N ASP K 264 -21.22 -10.06 -6.50
CA ASP K 264 -20.29 -11.16 -6.32
C ASP K 264 -18.95 -10.66 -5.76
N ARG K 265 -18.77 -10.78 -4.44
CA ARG K 265 -17.66 -10.13 -3.74
C ARG K 265 -16.33 -10.72 -4.17
N ALA K 266 -16.28 -12.01 -4.49
CA ALA K 266 -15.06 -12.62 -4.96
C ALA K 266 -14.48 -11.85 -6.16
N ARG K 267 -15.37 -11.26 -6.96
CA ARG K 267 -14.95 -10.62 -8.21
C ARG K 267 -14.93 -9.10 -8.11
N TRP K 268 -15.09 -8.60 -6.89
CA TRP K 268 -15.04 -7.15 -6.71
C TRP K 268 -13.73 -6.55 -7.25
N PRO K 269 -12.55 -7.13 -6.98
CA PRO K 269 -11.31 -6.59 -7.55
C PRO K 269 -11.38 -6.38 -9.05
N GLU K 270 -11.88 -7.38 -9.76
CA GLU K 270 -11.94 -7.37 -11.20
C GLU K 270 -12.91 -6.32 -11.69
N LEU K 271 -14.04 -6.21 -11.01
CA LEU K 271 -15.05 -5.20 -11.28
C LEU K 271 -14.48 -3.81 -11.04
N ARG K 272 -13.78 -3.62 -9.91
CA ARG K 272 -13.19 -2.31 -9.65
C ARG K 272 -12.26 -1.90 -10.80
N ALA K 273 -11.53 -2.88 -11.34
CA ALA K 273 -10.52 -2.63 -12.35
C ALA K 273 -11.20 -2.12 -13.61
N LEU K 274 -12.31 -2.75 -13.99
CA LEU K 274 -13.04 -2.30 -15.19
C LEU K 274 -13.63 -0.90 -14.99
N LEU K 275 -14.23 -0.61 -13.82
CA LEU K 275 -14.73 0.72 -13.52
C LEU K 275 -13.60 1.76 -13.46
N THR K 276 -12.45 1.40 -12.86
CA THR K 276 -11.31 2.30 -12.79
C THR K 276 -10.83 2.75 -14.16
N GLU K 277 -10.70 1.81 -15.09
CA GLU K 277 -10.32 2.13 -16.46
C GLU K 277 -11.35 3.06 -17.12
N ALA K 278 -12.64 2.81 -16.92
CA ALA K 278 -13.65 3.64 -17.56
C ALA K 278 -13.60 5.08 -17.02
N PHE K 279 -13.61 5.23 -15.68
CA PHE K 279 -13.59 6.55 -15.07
C PHE K 279 -12.30 7.28 -15.43
N ALA K 280 -11.15 6.57 -15.56
CA ALA K 280 -9.89 7.26 -15.85
C ALA K 280 -9.84 7.75 -17.30
N SER K 281 -10.81 7.40 -18.15
CA SER K 281 -10.70 7.74 -19.56
C SER K 281 -11.18 9.18 -19.82
N HIS K 282 -11.82 9.81 -18.85
CA HIS K 282 -12.30 11.18 -19.04
C HIS K 282 -12.19 11.95 -17.74
N ASP K 283 -12.43 13.26 -17.82
CA ASP K 283 -12.15 14.11 -16.69
C ASP K 283 -13.41 14.26 -15.85
N ARG K 284 -13.22 14.78 -14.64
CA ARG K 284 -14.28 14.79 -13.65
C ARG K 284 -15.50 15.51 -14.22
N ASP K 285 -15.27 16.66 -14.86
CA ASP K 285 -16.40 17.47 -15.31
C ASP K 285 -17.15 16.74 -16.44
N HIS K 286 -16.45 15.97 -17.27
CA HIS K 286 -17.12 15.15 -18.27
C HIS K 286 -18.13 14.24 -17.58
N TRP K 287 -17.72 13.54 -16.53
CA TRP K 287 -18.67 12.65 -15.86
C TRP K 287 -19.82 13.42 -15.21
N GLY K 288 -19.57 14.65 -14.73
CA GLY K 288 -20.64 15.41 -14.09
C GLY K 288 -21.73 15.74 -15.11
N ALA K 289 -21.28 16.13 -16.30
CA ALA K 289 -22.17 16.40 -17.42
C ALA K 289 -22.92 15.15 -17.92
N VAL K 290 -22.18 14.05 -18.15
CA VAL K 290 -22.78 12.82 -18.65
C VAL K 290 -23.89 12.33 -17.73
N PHE K 291 -23.69 12.51 -16.43
CA PHE K 291 -24.63 11.90 -15.51
C PHE K 291 -25.54 12.94 -14.84
N ALA K 292 -25.47 14.21 -15.26
CA ALA K 292 -26.48 15.16 -14.81
C ALA K 292 -27.86 14.62 -15.19
N ASN K 293 -28.80 14.69 -14.24
CA ASN K 293 -30.21 14.34 -14.40
C ASN K 293 -30.42 12.84 -14.37
N SER K 294 -29.38 12.04 -14.09
CA SER K 294 -29.53 10.60 -14.05
C SER K 294 -29.63 10.10 -12.63
N ASP K 295 -30.09 8.84 -12.50
CA ASP K 295 -30.11 8.07 -11.27
C ASP K 295 -28.89 7.15 -11.14
N ALA K 296 -27.80 7.47 -11.85
CA ALA K 296 -26.57 6.69 -11.81
C ALA K 296 -25.78 6.85 -10.50
N CYS K 297 -26.09 7.85 -9.68
CA CYS K 297 -25.50 8.06 -8.36
C CYS K 297 -24.01 8.34 -8.52
N VAL K 298 -23.69 9.19 -9.50
CA VAL K 298 -22.33 9.62 -9.75
C VAL K 298 -22.31 11.14 -9.57
N THR K 299 -21.36 11.67 -8.76
CA THR K 299 -21.23 13.10 -8.51
C THR K 299 -19.75 13.50 -8.51
N PRO K 300 -19.45 14.75 -8.86
CA PRO K 300 -18.10 15.25 -8.77
C PRO K 300 -17.72 15.41 -7.29
N VAL K 301 -16.48 15.04 -6.98
CA VAL K 301 -15.99 15.21 -5.63
C VAL K 301 -15.37 16.60 -5.57
N LEU K 302 -16.09 17.55 -4.98
CA LEU K 302 -15.59 18.92 -4.96
C LEU K 302 -14.77 19.17 -3.69
N ALA K 303 -13.67 19.90 -3.90
CA ALA K 303 -12.91 20.50 -2.82
C ALA K 303 -13.61 21.76 -2.30
N PHE K 304 -13.43 22.06 -0.99
CA PHE K 304 -14.00 23.22 -0.32
C PHE K 304 -14.01 24.47 -1.22
N GLY K 305 -12.87 24.82 -1.78
CA GLY K 305 -12.71 26.05 -2.55
C GLY K 305 -13.51 26.07 -3.87
N GLU K 306 -14.05 24.92 -4.28
CA GLU K 306 -14.85 24.80 -5.50
C GLU K 306 -16.35 24.79 -5.20
N VAL K 307 -16.77 24.57 -3.95
CA VAL K 307 -18.18 24.35 -3.65
C VAL K 307 -19.05 25.57 -4.02
N HIS K 308 -18.51 26.79 -3.90
CA HIS K 308 -19.27 28.03 -4.14
C HIS K 308 -19.68 28.19 -5.60
N ASN K 309 -19.10 27.38 -6.51
CA ASN K 309 -19.34 27.47 -7.94
C ASN K 309 -20.22 26.34 -8.46
N GLU K 310 -20.79 25.54 -7.56
CA GLU K 310 -21.66 24.48 -7.99
C GLU K 310 -23.11 24.97 -7.98
N PRO K 311 -23.80 24.90 -9.15
CA PRO K 311 -25.17 25.39 -9.28
C PRO K 311 -26.08 24.97 -8.15
N HIS K 312 -26.11 23.67 -7.82
CA HIS K 312 -27.07 23.22 -6.82
C HIS K 312 -26.77 23.86 -5.46
N ILE K 313 -25.50 24.21 -5.21
CA ILE K 313 -25.14 24.81 -3.93
C ILE K 313 -25.57 26.27 -3.96
N ILE K 314 -25.26 26.96 -5.07
CA ILE K 314 -25.56 28.37 -5.24
C ILE K 314 -27.06 28.58 -5.07
N GLU K 315 -27.85 27.81 -5.81
CA GLU K 315 -29.26 28.08 -6.00
C GLU K 315 -30.06 27.79 -4.74
N ARG K 316 -29.56 26.90 -3.86
CA ARG K 316 -30.28 26.69 -2.61
C ARG K 316 -29.70 27.53 -1.45
N ASN K 317 -28.69 28.38 -1.71
CA ASN K 317 -28.13 29.21 -0.66
C ASN K 317 -27.71 28.36 0.55
N THR K 318 -27.00 27.26 0.30
CA THR K 318 -26.49 26.43 1.38
C THR K 318 -25.42 27.22 2.14
N PHE K 319 -24.72 28.13 1.48
CA PHE K 319 -23.64 28.95 2.03
C PHE K 319 -23.97 30.43 1.92
N TYR K 320 -23.38 31.24 2.81
CA TYR K 320 -23.35 32.69 2.69
C TYR K 320 -21.90 33.15 2.80
N GLU K 321 -21.62 34.33 2.28
CA GLU K 321 -20.28 34.86 2.34
C GLU K 321 -20.15 35.73 3.58
N ALA K 322 -19.43 35.22 4.57
CA ALA K 322 -19.00 35.99 5.74
C ALA K 322 -17.66 36.63 5.41
N ASN K 323 -17.07 37.28 6.40
CA ASN K 323 -15.77 37.89 6.23
C ASN K 323 -14.72 36.77 6.23
N GLY K 324 -13.81 36.78 5.24
CA GLY K 324 -12.75 35.79 5.16
C GLY K 324 -13.12 34.53 4.34
N GLY K 325 -14.41 34.39 3.96
CA GLY K 325 -14.84 33.29 3.09
C GLY K 325 -16.22 32.74 3.44
N TRP K 326 -16.57 31.66 2.73
CA TRP K 326 -17.92 31.10 2.79
C TRP K 326 -18.14 30.33 4.08
N GLN K 327 -19.40 30.27 4.51
CA GLN K 327 -19.76 29.54 5.71
C GLN K 327 -21.15 28.96 5.48
N PRO K 328 -21.52 27.84 6.13
CA PRO K 328 -22.84 27.26 5.92
C PRO K 328 -23.94 28.04 6.60
N MET K 329 -25.07 28.19 5.90
CA MET K 329 -26.27 28.77 6.46
C MET K 329 -26.86 27.74 7.42
N PRO K 330 -27.70 28.19 8.37
CA PRO K 330 -28.40 27.31 9.28
C PRO K 330 -29.11 26.18 8.60
N ALA K 331 -29.27 25.11 9.37
CA ALA K 331 -29.94 23.91 8.97
C ALA K 331 -30.49 23.32 10.25
N PRO K 332 -31.61 22.58 10.19
CA PRO K 332 -32.42 22.47 8.97
C PRO K 332 -33.20 23.74 8.64
N ARG K 333 -34.09 23.65 7.65
CA ARG K 333 -34.84 24.82 7.19
C ARG K 333 -36.31 24.71 7.59
N PHE K 334 -36.92 25.88 7.82
CA PHE K 334 -38.24 25.99 8.43
C PHE K 334 -39.16 26.84 7.53
N SER K 335 -40.40 26.37 7.28
CA SER K 335 -41.34 27.08 6.39
C SER K 335 -41.84 28.40 7.00
N ARG K 336 -42.28 28.39 8.27
CA ARG K 336 -42.89 29.57 8.86
C ARG K 336 -41.83 30.43 9.58
N THR K 337 -41.12 29.86 10.56
CA THR K 337 -40.15 30.63 11.34
C THR K 337 -38.73 30.37 10.83
N ALA K 338 -38.40 30.99 9.70
CA ALA K 338 -37.15 30.74 9.02
C ALA K 338 -36.00 31.44 9.73
N SER K 339 -34.90 30.70 9.86
CA SER K 339 -33.70 31.24 10.46
C SER K 339 -33.25 32.38 9.57
N SER K 340 -32.47 33.32 10.07
CA SER K 340 -31.83 34.29 9.18
C SER K 340 -30.32 34.06 9.15
N GLN K 341 -29.66 34.81 8.25
CA GLN K 341 -28.21 34.80 8.11
C GLN K 341 -27.55 35.04 9.48
N PRO K 342 -26.56 34.23 9.90
CA PRO K 342 -25.97 34.40 11.22
C PRO K 342 -25.34 35.77 11.43
N ARG K 343 -25.44 36.27 12.67
CA ARG K 343 -24.69 37.46 13.08
C ARG K 343 -23.27 37.05 13.38
N PRO K 344 -22.26 37.78 12.87
CA PRO K 344 -20.88 37.39 13.10
C PRO K 344 -20.48 37.59 14.56
N PRO K 345 -19.33 37.01 15.00
CA PRO K 345 -18.84 37.17 16.36
C PRO K 345 -19.01 38.58 16.96
N ALA K 346 -19.78 38.65 18.07
CA ALA K 346 -19.98 39.87 18.83
C ALA K 346 -18.66 40.37 19.40
N ALA K 347 -18.53 41.69 19.59
CA ALA K 347 -17.56 42.23 20.54
C ALA K 347 -18.04 41.93 21.96
N THR K 348 -17.11 41.84 22.92
CA THR K 348 -17.47 41.45 24.28
C THR K 348 -18.49 42.46 24.83
N ILE K 349 -19.72 42.01 25.07
CA ILE K 349 -20.71 42.79 25.78
C ILE K 349 -20.36 42.68 27.26
N ASP K 350 -21.14 43.35 28.11
CA ASP K 350 -20.89 43.35 29.54
C ASP K 350 -22.01 42.62 30.26
N ILE K 351 -21.62 41.80 31.26
CA ILE K 351 -22.55 40.83 31.81
C ILE K 351 -23.72 41.52 32.52
N GLU K 352 -23.46 42.72 33.08
CA GLU K 352 -24.49 43.51 33.73
C GLU K 352 -25.54 43.92 32.70
N ALA K 353 -25.06 44.40 31.54
CA ALA K 353 -25.93 44.81 30.44
C ALA K 353 -26.87 43.68 30.02
N VAL K 354 -26.36 42.45 30.01
CA VAL K 354 -27.14 41.30 29.58
C VAL K 354 -28.24 41.07 30.62
N LEU K 355 -27.88 41.16 31.89
CA LEU K 355 -28.84 40.98 32.97
C LEU K 355 -29.93 42.05 32.95
N THR K 356 -29.53 43.30 32.68
CA THR K 356 -30.44 44.39 32.40
C THR K 356 -31.45 43.90 31.36
N ASP K 357 -30.96 43.68 30.12
CA ASP K 357 -31.76 43.24 28.98
C ASP K 357 -32.65 42.05 29.34
N TRP K 358 -32.11 41.07 30.07
CA TRP K 358 -32.91 39.94 30.50
C TRP K 358 -33.78 40.33 31.69
N ASP K 359 -35.06 40.61 31.39
CA ASP K 359 -36.11 40.85 32.38
C ASP K 359 -35.77 42.08 33.24
N GLY K 360 -36.47 42.21 34.38
CA GLY K 360 -36.21 43.26 35.35
C GLY K 360 -36.06 42.69 36.75
N MET L 1 -44.67 4.70 28.62
CA MET L 1 -43.45 4.83 27.77
C MET L 1 -42.44 5.74 28.46
N ALA L 2 -41.26 5.19 28.80
CA ALA L 2 -40.20 5.91 29.52
C ALA L 2 -39.48 6.88 28.59
N GLY L 3 -39.06 8.01 29.15
CA GLY L 3 -38.13 8.89 28.49
C GLY L 3 -38.77 10.25 28.30
N PRO L 4 -37.99 11.29 27.92
CA PRO L 4 -38.50 12.65 27.89
C PRO L 4 -39.53 12.97 26.81
N LEU L 5 -39.64 12.09 25.81
CA LEU L 5 -40.50 12.36 24.68
C LEU L 5 -41.81 11.59 24.83
N SER L 6 -42.00 10.92 25.98
CA SER L 6 -43.27 10.29 26.30
C SER L 6 -44.46 11.14 25.81
N GLY L 7 -45.40 10.48 25.13
CA GLY L 7 -46.62 11.14 24.71
C GLY L 7 -46.51 11.84 23.36
N LEU L 8 -45.30 12.09 22.86
CA LEU L 8 -45.15 12.61 21.51
C LEU L 8 -45.57 11.49 20.54
N ARG L 9 -46.37 11.86 19.53
CA ARG L 9 -46.86 10.92 18.56
C ARG L 9 -46.29 11.20 17.16
N VAL L 10 -45.75 10.14 16.57
CA VAL L 10 -44.98 10.29 15.33
C VAL L 10 -45.49 9.29 14.30
N VAL L 11 -45.71 9.83 13.10
CA VAL L 11 -45.97 8.99 11.94
C VAL L 11 -44.75 9.01 11.02
N GLU L 12 -44.25 7.80 10.73
CA GLU L 12 -43.08 7.59 9.90
C GLU L 12 -43.46 6.87 8.61
N LEU L 13 -43.33 7.55 7.46
CA LEU L 13 -43.51 6.91 6.16
C LEU L 13 -42.22 6.17 5.78
N ALA L 14 -42.27 4.83 5.80
CA ALA L 14 -41.08 4.00 5.66
C ALA L 14 -40.24 4.42 4.44
N GLY L 15 -38.98 4.80 4.75
CA GLY L 15 -37.90 5.01 3.79
C GLY L 15 -36.64 4.23 4.20
N ILE L 16 -35.47 4.71 3.74
CA ILE L 16 -34.21 4.06 4.12
C ILE L 16 -33.27 5.11 4.70
N GLY L 17 -32.49 4.73 5.72
CA GLY L 17 -31.38 5.59 6.14
C GLY L 17 -31.80 6.65 7.15
N PRO L 18 -31.69 7.95 6.82
CA PRO L 18 -31.89 9.00 7.81
C PRO L 18 -33.29 9.04 8.42
N GLY L 19 -34.32 8.83 7.59
CA GLY L 19 -35.70 8.84 8.07
C GLY L 19 -35.90 7.82 9.20
N PRO L 20 -35.63 6.52 8.97
CA PRO L 20 -35.75 5.54 10.06
C PRO L 20 -34.82 5.78 11.25
N HIS L 21 -33.69 6.45 11.03
CA HIS L 21 -32.76 6.60 12.14
C HIS L 21 -33.34 7.67 13.05
N ALA L 22 -33.82 8.78 12.47
CA ALA L 22 -34.51 9.83 13.21
C ALA L 22 -35.68 9.24 13.98
N ALA L 23 -36.52 8.47 13.30
CA ALA L 23 -37.67 7.86 13.95
C ALA L 23 -37.22 6.94 15.09
N MET L 24 -36.14 6.17 14.88
CA MET L 24 -35.60 5.31 15.93
C MET L 24 -35.25 6.12 17.19
N ILE L 25 -34.53 7.25 17.02
CA ILE L 25 -34.11 8.05 18.16
C ILE L 25 -35.34 8.67 18.84
N LEU L 26 -36.36 9.11 18.06
CA LEU L 26 -37.56 9.66 18.67
C LEU L 26 -38.18 8.59 19.56
N GLY L 27 -38.29 7.38 19.07
CA GLY L 27 -38.88 6.33 19.89
C GLY L 27 -37.96 5.88 21.03
N ASP L 28 -36.64 6.04 20.87
CA ASP L 28 -35.70 5.58 21.89
C ASP L 28 -35.97 6.37 23.16
N LEU L 29 -36.25 7.66 22.98
CA LEU L 29 -36.46 8.66 23.99
C LEU L 29 -37.93 8.80 24.47
N GLY L 30 -38.81 7.86 24.09
CA GLY L 30 -40.13 7.77 24.68
C GLY L 30 -41.29 8.02 23.70
N ALA L 31 -41.02 8.60 22.53
CA ALA L 31 -42.07 8.93 21.57
C ALA L 31 -42.81 7.68 21.12
N ASP L 32 -44.08 7.94 20.71
CA ASP L 32 -45.01 6.95 20.19
C ASP L 32 -44.96 6.97 18.66
N VAL L 33 -44.26 5.98 18.09
CA VAL L 33 -43.89 6.07 16.69
C VAL L 33 -44.63 5.01 15.87
N VAL L 34 -45.37 5.47 14.85
CA VAL L 34 -46.06 4.54 13.97
C VAL L 34 -45.49 4.67 12.57
N ARG L 35 -45.02 3.53 12.08
CA ARG L 35 -44.32 3.44 10.82
C ARG L 35 -45.24 2.78 9.78
N ILE L 36 -45.64 3.55 8.78
CA ILE L 36 -46.45 3.05 7.69
C ILE L 36 -45.52 2.53 6.60
N ASP L 37 -45.47 1.20 6.40
CA ASP L 37 -44.77 0.59 5.29
C ASP L 37 -45.76 0.02 4.28
N ARG L 38 -45.32 -0.15 3.01
CA ARG L 38 -46.15 -0.70 1.94
C ARG L 38 -46.29 -2.21 2.19
N PRO L 39 -47.49 -2.82 1.91
CA PRO L 39 -47.73 -4.23 2.22
C PRO L 39 -46.79 -5.20 1.51
N SER L 40 -46.41 -4.87 0.26
CA SER L 40 -45.50 -5.70 -0.52
C SER L 40 -44.16 -5.91 0.20
N SER L 41 -43.62 -4.88 0.88
CA SER L 41 -42.24 -4.97 1.37
C SER L 41 -42.16 -5.62 2.76
N VAL L 42 -43.26 -5.68 3.51
CA VAL L 42 -43.22 -6.23 4.87
C VAL L 42 -43.51 -7.73 4.79
N ASP L 43 -42.82 -8.52 5.62
CA ASP L 43 -42.79 -9.96 5.44
C ASP L 43 -42.40 -10.68 6.73
N GLY L 44 -43.25 -10.58 7.77
CA GLY L 44 -42.96 -11.15 9.09
C GLY L 44 -42.44 -10.08 10.06
N ILE L 45 -41.76 -10.51 11.14
CA ILE L 45 -41.08 -9.59 12.05
C ILE L 45 -39.72 -9.18 11.44
N SER L 46 -39.48 -7.86 11.33
CA SER L 46 -38.25 -7.29 10.77
C SER L 46 -37.03 -7.68 11.60
N ARG L 47 -35.91 -8.00 10.93
CA ARG L 47 -34.67 -8.27 11.65
C ARG L 47 -33.73 -7.05 11.63
N ASP L 48 -34.23 -5.88 11.20
CA ASP L 48 -33.46 -4.63 11.25
C ASP L 48 -33.66 -3.97 12.62
N ALA L 49 -32.64 -4.11 13.49
CA ALA L 49 -32.68 -3.54 14.82
C ALA L 49 -32.87 -2.03 14.76
N MET L 50 -32.68 -1.41 13.57
CA MET L 50 -32.96 0.01 13.46
C MET L 50 -34.46 0.29 13.58
N LEU L 51 -35.33 -0.75 13.44
CA LEU L 51 -36.77 -0.58 13.51
C LEU L 51 -37.31 -0.93 14.90
N ARG L 52 -36.45 -0.82 15.92
CA ARG L 52 -36.87 -0.93 17.30
C ARG L 52 -37.69 0.29 17.68
N ASN L 53 -38.44 0.16 18.80
CA ASN L 53 -39.23 1.24 19.37
C ASN L 53 -40.28 1.73 18.35
N ARG L 54 -40.97 0.80 17.69
CA ARG L 54 -41.92 1.13 16.64
C ARG L 54 -43.23 0.35 16.81
N ARG L 55 -44.32 0.89 16.26
CA ARG L 55 -45.38 0.05 15.72
C ARG L 55 -45.41 0.17 14.19
N ILE L 56 -45.42 -1.00 13.53
CA ILE L 56 -45.44 -1.10 12.07
C ILE L 56 -46.85 -1.36 11.54
N VAL L 57 -47.28 -0.58 10.54
CA VAL L 57 -48.53 -0.83 9.82
C VAL L 57 -48.29 -0.74 8.31
N THR L 58 -49.24 -1.33 7.53
CA THR L 58 -49.18 -1.53 6.09
C THR L 58 -50.30 -0.72 5.42
N ALA L 59 -50.05 -0.17 4.21
CA ALA L 59 -51.07 0.62 3.54
C ALA L 59 -50.65 0.97 2.12
N ASP L 60 -51.46 0.59 1.14
CA ASP L 60 -51.24 1.02 -0.22
C ASP L 60 -51.71 2.47 -0.34
N LEU L 61 -50.77 3.40 -0.36
CA LEU L 61 -51.10 4.81 -0.26
C LEU L 61 -51.52 5.35 -1.64
N LYS L 62 -51.33 4.54 -2.68
CA LYS L 62 -51.89 4.82 -3.99
C LYS L 62 -53.37 4.42 -4.04
N SER L 63 -53.80 3.45 -3.20
CA SER L 63 -55.20 3.09 -3.06
C SER L 63 -55.96 4.21 -2.34
N ASP L 64 -57.29 4.27 -2.54
CA ASP L 64 -58.14 5.28 -1.93
C ASP L 64 -58.28 5.06 -0.42
N GLN L 65 -58.33 3.80 0.01
CA GLN L 65 -58.48 3.47 1.41
C GLN L 65 -57.20 3.78 2.20
N GLY L 66 -56.07 3.29 1.67
CA GLY L 66 -54.76 3.59 2.23
C GLY L 66 -54.62 5.08 2.53
N LEU L 67 -54.81 5.93 1.50
CA LEU L 67 -54.64 7.37 1.63
C LEU L 67 -55.45 7.92 2.81
N GLU L 68 -56.66 7.42 3.03
CA GLU L 68 -57.54 8.06 3.99
C GLU L 68 -57.24 7.58 5.41
N LEU L 69 -56.86 6.29 5.58
CA LEU L 69 -56.42 5.77 6.88
C LEU L 69 -55.19 6.54 7.40
N ALA L 70 -54.17 6.66 6.54
CA ALA L 70 -52.95 7.39 6.86
C ALA L 70 -53.25 8.86 7.19
N LEU L 71 -54.23 9.47 6.50
CA LEU L 71 -54.62 10.84 6.79
C LEU L 71 -55.27 10.95 8.19
N LYS L 72 -55.80 9.83 8.72
CA LYS L 72 -56.43 9.83 10.03
C LYS L 72 -55.36 9.80 11.12
N LEU L 73 -54.35 8.94 10.92
CA LEU L 73 -53.17 8.92 11.76
C LEU L 73 -52.52 10.29 11.76
N ILE L 74 -52.19 10.83 10.59
CA ILE L 74 -51.56 12.14 10.56
C ILE L 74 -52.36 13.19 11.35
N ALA L 75 -53.70 13.07 11.39
CA ALA L 75 -54.58 14.06 12.03
C ALA L 75 -54.36 14.10 13.53
N LYS L 76 -54.05 12.94 14.12
CA LYS L 76 -53.87 12.75 15.56
C LYS L 76 -52.41 12.83 16.02
N ALA L 77 -51.43 12.92 15.10
CA ALA L 77 -50.03 12.78 15.45
C ALA L 77 -49.41 14.15 15.59
N ASP L 78 -48.25 14.26 16.25
CA ASP L 78 -47.58 15.55 16.35
C ASP L 78 -46.63 15.78 15.17
N VAL L 79 -46.06 14.67 14.67
CA VAL L 79 -44.97 14.77 13.71
C VAL L 79 -45.18 13.75 12.58
N LEU L 80 -44.93 14.24 11.37
CA LEU L 80 -44.79 13.35 10.23
C LEU L 80 -43.33 13.35 9.74
N ILE L 81 -42.80 12.13 9.52
CA ILE L 81 -41.49 11.96 8.89
C ILE L 81 -41.65 11.24 7.55
N GLU L 82 -41.12 11.87 6.48
CA GLU L 82 -41.05 11.23 5.17
C GLU L 82 -39.69 11.51 4.53
N GLY L 83 -39.14 10.49 3.85
CA GLY L 83 -37.85 10.61 3.18
C GLY L 83 -37.85 10.19 1.71
N TYR L 84 -38.98 10.41 0.99
CA TYR L 84 -39.05 10.19 -0.45
C TYR L 84 -38.50 11.40 -1.18
N ARG L 85 -38.38 11.28 -2.51
CA ARG L 85 -37.96 12.41 -3.32
C ARG L 85 -39.01 13.50 -3.19
N PRO L 86 -38.63 14.78 -3.37
CA PRO L 86 -39.60 15.86 -3.35
C PRO L 86 -40.65 15.65 -4.44
N GLY L 87 -41.89 16.04 -4.14
CA GLY L 87 -43.04 15.82 -5.02
C GLY L 87 -43.77 14.53 -4.66
N VAL L 88 -43.12 13.58 -3.99
CA VAL L 88 -43.72 12.26 -3.94
C VAL L 88 -44.97 12.30 -3.05
N THR L 89 -44.86 12.88 -1.85
CA THR L 89 -45.99 12.85 -0.92
C THR L 89 -47.10 13.72 -1.50
N GLU L 90 -46.75 14.82 -2.17
CA GLU L 90 -47.72 15.61 -2.90
C GLU L 90 -48.57 14.69 -3.79
N ARG L 91 -47.93 13.99 -4.75
CA ARG L 91 -48.62 13.11 -5.68
C ARG L 91 -49.53 12.13 -4.95
N LEU L 92 -49.06 11.56 -3.84
CA LEU L 92 -49.86 10.59 -3.09
C LEU L 92 -51.00 11.29 -2.34
N GLY L 93 -51.00 12.63 -2.31
CA GLY L 93 -52.01 13.39 -1.57
C GLY L 93 -51.73 13.48 -0.06
N LEU L 94 -50.45 13.26 0.33
CA LEU L 94 -49.99 13.42 1.71
C LEU L 94 -49.01 14.60 1.81
N GLY L 95 -49.13 15.55 0.88
CA GLY L 95 -48.29 16.74 0.88
C GLY L 95 -48.45 17.55 2.17
N PRO L 96 -47.57 18.54 2.43
CA PRO L 96 -47.74 19.41 3.59
C PRO L 96 -49.12 20.05 3.62
N GLU L 97 -49.59 20.52 2.45
CA GLU L 97 -50.85 21.25 2.35
C GLU L 97 -52.06 20.36 2.64
N GLU L 98 -52.09 19.16 2.09
CA GLU L 98 -53.15 18.22 2.43
C GLU L 98 -53.17 17.98 3.93
N CYS L 99 -51.97 17.88 4.51
CA CYS L 99 -51.78 17.54 5.92
C CYS L 99 -52.23 18.70 6.82
N ALA L 100 -51.84 19.93 6.46
CA ALA L 100 -52.28 21.17 7.13
C ALA L 100 -53.80 21.34 7.12
N LYS L 101 -54.49 20.74 6.14
CA LYS L 101 -55.95 20.76 6.14
C LYS L 101 -56.50 19.94 7.30
N VAL L 102 -55.83 18.84 7.66
CA VAL L 102 -56.41 17.91 8.62
C VAL L 102 -55.77 18.07 10.01
N ASN L 103 -54.75 18.94 10.15
CA ASN L 103 -54.00 19.09 11.40
C ASN L 103 -52.96 20.21 11.28
N ASP L 104 -53.32 21.43 11.72
CA ASP L 104 -52.47 22.60 11.52
C ASP L 104 -51.41 22.68 12.62
N ARG L 105 -51.37 21.70 13.53
CA ARG L 105 -50.35 21.61 14.56
C ARG L 105 -49.14 20.79 14.11
N LEU L 106 -49.29 19.99 13.03
CA LEU L 106 -48.35 18.96 12.59
C LEU L 106 -46.98 19.53 12.29
N ILE L 107 -45.96 18.81 12.76
CA ILE L 107 -44.61 19.07 12.27
C ILE L 107 -44.37 18.12 11.08
N TYR L 108 -44.18 18.75 9.93
CA TYR L 108 -44.08 18.05 8.67
C TYR L 108 -42.58 17.98 8.33
N ALA L 109 -41.99 16.79 8.56
CA ALA L 109 -40.53 16.62 8.56
C ALA L 109 -40.03 15.94 7.28
N ARG L 110 -39.33 16.72 6.44
CA ARG L 110 -38.91 16.29 5.11
C ARG L 110 -37.40 15.98 5.03
N MET L 111 -37.07 14.68 4.94
CA MET L 111 -35.70 14.16 4.95
C MET L 111 -35.20 13.84 3.54
N THR L 112 -34.38 14.71 2.95
CA THR L 112 -33.78 14.38 1.67
C THR L 112 -32.26 14.56 1.75
N GLY L 113 -31.60 14.32 0.61
CA GLY L 113 -30.18 14.59 0.49
C GLY L 113 -29.93 15.95 -0.12
N TRP L 114 -30.65 16.22 -1.23
CA TRP L 114 -30.35 17.36 -2.06
C TRP L 114 -31.24 18.56 -1.71
N GLY L 115 -32.33 18.29 -1.01
CA GLY L 115 -33.29 19.35 -0.68
C GLY L 115 -34.55 19.25 -1.54
N GLN L 116 -35.39 20.31 -1.44
CA GLN L 116 -36.75 20.24 -1.97
C GLN L 116 -36.83 20.82 -3.38
N THR L 117 -35.87 21.67 -3.72
CA THR L 117 -35.76 22.30 -5.03
C THR L 117 -34.28 22.27 -5.44
N GLY L 118 -34.00 22.58 -6.69
CA GLY L 118 -32.63 22.76 -7.17
C GLY L 118 -32.32 21.77 -8.27
N PRO L 119 -31.27 22.01 -9.08
CA PRO L 119 -31.00 21.21 -10.25
C PRO L 119 -30.74 19.73 -9.98
N ARG L 120 -30.41 19.38 -8.72
CA ARG L 120 -30.14 17.98 -8.41
C ARG L 120 -31.27 17.37 -7.62
N SER L 121 -32.38 18.11 -7.39
CA SER L 121 -33.42 17.68 -6.45
C SER L 121 -34.09 16.36 -6.81
N GLN L 122 -34.08 15.91 -8.08
CA GLN L 122 -34.78 14.65 -8.40
C GLN L 122 -33.82 13.46 -8.60
N GLN L 123 -32.53 13.74 -8.56
CA GLN L 123 -31.52 12.72 -8.81
C GLN L 123 -31.45 11.77 -7.61
N ALA L 124 -31.57 10.47 -7.86
CA ALA L 124 -31.27 9.46 -6.86
C ALA L 124 -29.87 9.68 -6.30
N GLY L 125 -29.66 9.14 -5.09
CA GLY L 125 -28.40 9.44 -4.43
C GLY L 125 -28.26 8.72 -3.10
N HIS L 126 -27.01 8.64 -2.64
CA HIS L 126 -26.72 8.11 -1.30
C HIS L 126 -25.72 9.02 -0.60
N ASP L 127 -25.40 8.63 0.63
CA ASP L 127 -24.57 9.43 1.52
C ASP L 127 -23.35 9.93 0.76
N ILE L 128 -22.63 9.00 0.14
CA ILE L 128 -21.38 9.34 -0.55
C ILE L 128 -21.54 10.49 -1.56
N ASN L 129 -22.73 10.58 -2.20
CA ASN L 129 -23.01 11.62 -3.17
C ASN L 129 -23.23 12.97 -2.51
N TYR L 130 -24.02 13.00 -1.42
CA TYR L 130 -24.33 14.25 -0.74
C TYR L 130 -23.05 14.88 -0.19
N ILE L 131 -22.17 14.08 0.43
CA ILE L 131 -20.92 14.62 0.99
C ILE L 131 -19.84 14.90 -0.08
N SER L 132 -20.02 14.43 -1.32
CA SER L 132 -19.08 14.74 -2.37
C SER L 132 -19.21 16.18 -2.82
N LEU L 133 -20.42 16.72 -2.73
CA LEU L 133 -20.68 18.01 -3.34
C LEU L 133 -20.27 19.18 -2.43
N ASN L 134 -20.11 18.97 -1.11
CA ASN L 134 -19.96 20.10 -0.21
C ASN L 134 -18.58 20.14 0.42
N GLY L 135 -17.64 19.39 -0.14
CA GLY L 135 -16.24 19.48 0.25
C GLY L 135 -15.81 18.41 1.25
N ILE L 136 -16.78 17.73 1.89
CA ILE L 136 -16.51 16.83 2.99
C ILE L 136 -15.72 15.60 2.53
N LEU L 137 -16.17 14.93 1.46
CA LEU L 137 -15.58 13.66 1.05
C LEU L 137 -14.15 13.92 0.57
N HIS L 138 -13.96 15.00 -0.18
CA HIS L 138 -12.65 15.37 -0.65
C HIS L 138 -11.66 15.41 0.54
N ALA L 139 -12.14 15.70 1.75
CA ALA L 139 -11.22 16.00 2.84
C ALA L 139 -10.81 14.77 3.66
N ILE L 140 -11.40 13.60 3.33
CA ILE L 140 -11.23 12.39 4.12
C ILE L 140 -10.33 11.39 3.41
N GLY L 141 -9.27 10.97 4.11
CA GLY L 141 -8.35 9.94 3.66
C GLY L 141 -6.91 10.44 3.66
N ARG L 142 -6.00 9.52 3.37
CA ARG L 142 -4.60 9.85 3.25
C ARG L 142 -4.40 10.70 1.99
N GLY L 143 -3.33 11.51 2.00
CA GLY L 143 -3.01 12.42 0.90
C GLY L 143 -2.53 11.72 -0.37
N ASP L 144 -1.93 10.54 -0.29
CA ASP L 144 -1.40 9.91 -1.50
C ASP L 144 -2.48 9.12 -2.26
N GLU L 145 -3.74 9.17 -1.83
CA GLU L 145 -4.75 8.22 -2.25
C GLU L 145 -6.06 8.95 -2.52
N ARG L 146 -7.01 8.25 -3.13
CA ARG L 146 -8.28 8.85 -3.49
C ARG L 146 -9.13 8.88 -2.24
N PRO L 147 -10.10 9.81 -2.14
CA PRO L 147 -10.87 9.96 -0.91
C PRO L 147 -11.52 8.67 -0.46
N VAL L 148 -11.73 8.53 0.85
CA VAL L 148 -12.39 7.34 1.33
C VAL L 148 -13.64 7.75 2.12
N PRO L 149 -14.74 7.00 1.90
CA PRO L 149 -15.99 7.29 2.57
C PRO L 149 -15.93 6.95 4.03
N PRO L 150 -16.35 7.91 4.88
CA PRO L 150 -16.47 7.68 6.31
C PRO L 150 -17.73 6.92 6.63
N LEU L 151 -17.81 5.66 6.17
CA LEU L 151 -19.05 4.92 6.10
C LEU L 151 -20.15 5.85 5.60
N ASN L 152 -21.35 5.67 6.13
CA ASN L 152 -22.42 6.61 5.83
C ASN L 152 -22.76 7.42 7.07
N LEU L 153 -21.76 7.89 7.81
CA LEU L 153 -21.99 8.41 9.14
C LEU L 153 -22.30 9.88 9.05
N VAL L 154 -21.71 10.55 8.07
CA VAL L 154 -21.70 11.99 8.03
C VAL L 154 -22.90 12.55 7.27
N GLY L 155 -23.37 11.87 6.22
CA GLY L 155 -24.43 12.44 5.40
C GLY L 155 -25.79 11.99 5.90
N ASP L 156 -25.97 10.68 5.93
CA ASP L 156 -27.15 10.06 6.48
C ASP L 156 -27.44 10.45 7.92
N PHE L 157 -26.45 10.38 8.84
CA PHE L 157 -26.78 10.36 10.26
C PHE L 157 -26.37 11.67 10.92
N GLY L 158 -25.07 11.95 11.01
CA GLY L 158 -24.61 13.20 11.58
C GLY L 158 -25.25 14.42 10.92
N GLY L 159 -25.18 14.44 9.58
CA GLY L 159 -25.61 15.59 8.81
C GLY L 159 -27.04 15.46 8.26
N GLY L 160 -27.75 14.40 8.68
CA GLY L 160 -29.03 14.03 8.05
C GLY L 160 -30.14 13.84 9.09
N SER L 161 -30.28 12.63 9.60
CA SER L 161 -31.23 12.32 10.64
C SER L 161 -31.11 13.28 11.83
N MET L 162 -29.87 13.60 12.23
CA MET L 162 -29.70 14.33 13.49
C MET L 162 -30.23 15.75 13.33
N PHE L 163 -30.11 16.32 12.12
CA PHE L 163 -30.61 17.65 11.83
C PHE L 163 -32.14 17.62 11.66
N LEU L 164 -32.66 16.48 11.21
CA LEU L 164 -34.09 16.23 11.17
C LEU L 164 -34.62 16.32 12.59
N LEU L 165 -33.90 15.65 13.51
CA LEU L 165 -34.30 15.60 14.91
C LEU L 165 -34.27 17.00 15.53
N VAL L 166 -33.18 17.74 15.35
CA VAL L 166 -33.13 19.08 15.91
C VAL L 166 -34.25 19.94 15.33
N GLY L 167 -34.61 19.67 14.06
CA GLY L 167 -35.62 20.45 13.35
C GLY L 167 -37.02 20.18 13.92
N ILE L 168 -37.36 18.90 14.06
CA ILE L 168 -38.59 18.46 14.68
C ILE L 168 -38.70 19.11 16.06
N LEU L 169 -37.69 18.86 16.89
CA LEU L 169 -37.79 19.24 18.29
C LEU L 169 -37.81 20.74 18.39
N ALA L 170 -37.11 21.50 17.53
CA ALA L 170 -37.14 22.96 17.63
C ALA L 170 -38.52 23.51 17.22
N ALA L 171 -39.10 22.98 16.13
CA ALA L 171 -40.46 23.31 15.71
C ALA L 171 -41.48 22.93 16.79
N LEU L 172 -41.23 21.85 17.55
CA LEU L 172 -42.11 21.52 18.68
C LEU L 172 -42.04 22.59 19.77
N TRP L 173 -40.87 23.20 19.99
CA TRP L 173 -40.78 24.26 21.01
C TRP L 173 -41.50 25.52 20.52
N GLU L 174 -41.26 25.88 19.26
CA GLU L 174 -41.91 27.00 18.62
C GLU L 174 -43.43 26.80 18.71
N ARG L 175 -43.91 25.56 18.51
CA ARG L 175 -45.32 25.25 18.47
C ARG L 175 -45.99 25.51 19.83
N GLN L 176 -45.20 25.47 20.92
CA GLN L 176 -45.76 25.66 22.25
C GLN L 176 -46.30 27.08 22.40
N SER L 177 -45.68 28.09 21.81
CA SER L 177 -46.22 29.43 21.95
C SER L 177 -47.09 29.85 20.74
N SER L 178 -46.92 29.25 19.55
CA SER L 178 -47.62 29.71 18.35
C SER L 178 -48.93 28.96 18.08
N GLY L 179 -49.09 27.75 18.69
CA GLY L 179 -50.21 26.86 18.46
C GLY L 179 -50.12 26.10 17.14
N LYS L 180 -49.04 26.39 16.35
CA LYS L 180 -48.96 26.00 14.94
C LYS L 180 -47.72 25.15 14.60
N GLY L 181 -47.96 24.10 13.79
CA GLY L 181 -46.91 23.31 13.16
C GLY L 181 -46.24 24.05 12.01
N GLN L 182 -45.35 23.34 11.29
CA GLN L 182 -44.72 23.89 10.10
C GLN L 182 -43.98 22.75 9.38
N VAL L 183 -43.35 23.13 8.26
CA VAL L 183 -42.50 22.21 7.51
C VAL L 183 -41.03 22.42 7.88
N VAL L 184 -40.36 21.28 8.14
CA VAL L 184 -38.90 21.15 8.30
C VAL L 184 -38.31 20.49 7.06
N ASP L 185 -37.45 21.24 6.36
CA ASP L 185 -36.72 20.75 5.21
C ASP L 185 -35.27 20.47 5.66
N ALA L 186 -35.00 19.18 5.99
CA ALA L 186 -33.67 18.68 6.33
C ALA L 186 -33.03 17.97 5.13
N ALA L 187 -32.07 18.68 4.54
CA ALA L 187 -31.24 18.19 3.44
C ALA L 187 -29.82 17.82 3.94
N MET L 188 -29.41 16.57 3.64
CA MET L 188 -28.11 16.06 4.04
C MET L 188 -26.96 16.94 3.58
N VAL L 189 -27.13 17.60 2.44
CA VAL L 189 -26.04 18.40 1.92
C VAL L 189 -25.91 19.69 2.73
N ASP L 190 -27.00 20.09 3.37
CA ASP L 190 -26.98 21.28 4.22
C ASP L 190 -26.50 20.92 5.65
N GLY L 191 -27.14 19.94 6.30
CA GLY L 191 -26.80 19.54 7.65
C GLY L 191 -25.33 19.14 7.79
N SER L 192 -24.83 18.37 6.82
CA SER L 192 -23.45 17.88 6.83
C SER L 192 -22.52 19.08 6.68
N SER L 193 -22.99 20.11 5.96
CA SER L 193 -22.24 21.34 5.84
C SER L 193 -22.14 22.02 7.21
N VAL L 194 -23.19 21.96 8.02
CA VAL L 194 -23.15 22.65 9.29
C VAL L 194 -22.36 21.78 10.26
N LEU L 195 -22.51 20.47 10.08
CA LEU L 195 -21.71 19.53 10.82
C LEU L 195 -20.21 19.89 10.74
N ILE L 196 -19.72 20.33 9.57
CA ILE L 196 -18.30 20.56 9.35
C ILE L 196 -17.99 22.05 9.45
N GLN L 197 -18.82 22.82 10.16
CA GLN L 197 -18.63 24.26 10.20
C GLN L 197 -17.21 24.61 10.68
N MET L 198 -16.66 23.81 11.61
CA MET L 198 -15.36 24.11 12.18
C MET L 198 -14.32 24.24 11.08
N MET L 199 -14.36 23.35 10.08
CA MET L 199 -13.40 23.39 8.99
C MET L 199 -13.63 24.63 8.12
N TRP L 200 -14.89 25.00 7.85
CA TRP L 200 -15.13 26.25 7.15
C TRP L 200 -14.57 27.44 7.98
N ALA L 201 -14.78 27.40 9.29
CA ALA L 201 -14.22 28.43 10.17
C ALA L 201 -12.69 28.47 10.06
N MET L 202 -12.04 27.32 10.22
CA MET L 202 -10.59 27.27 10.18
C MET L 202 -10.06 27.66 8.79
N ARG L 203 -10.77 27.28 7.73
CA ARG L 203 -10.32 27.61 6.37
C ARG L 203 -10.26 29.13 6.20
N ALA L 204 -11.27 29.82 6.75
CA ALA L 204 -11.36 31.27 6.77
C ALA L 204 -10.11 31.91 7.40
N THR L 205 -9.52 31.29 8.43
CA THR L 205 -8.42 31.96 9.10
C THR L 205 -7.06 31.34 8.72
N GLY L 206 -6.98 30.66 7.56
CA GLY L 206 -5.71 30.07 7.17
C GLY L 206 -5.27 28.86 8.00
N MET L 207 -6.18 28.24 8.74
CA MET L 207 -5.82 27.12 9.61
C MET L 207 -6.30 25.77 9.06
N TRP L 208 -6.78 25.74 7.81
CA TRP L 208 -7.17 24.50 7.18
C TRP L 208 -7.01 24.68 5.67
N THR L 209 -6.33 23.75 4.99
CA THR L 209 -6.21 23.80 3.55
C THR L 209 -6.97 22.64 2.93
N ASP L 210 -7.25 22.80 1.64
CA ASP L 210 -8.01 21.84 0.87
C ASP L 210 -7.17 20.60 0.54
N THR L 211 -5.86 20.61 0.82
CA THR L 211 -5.06 19.41 0.62
C THR L 211 -5.44 18.30 1.60
N ARG L 212 -5.69 17.11 1.08
CA ARG L 212 -6.09 16.00 1.92
C ARG L 212 -4.87 15.48 2.68
N GLY L 213 -5.06 15.16 3.97
CA GLY L 213 -4.01 14.53 4.76
C GLY L 213 -2.88 15.49 5.16
N ALA L 214 -3.13 16.79 5.23
CA ALA L 214 -2.08 17.73 5.61
C ALA L 214 -2.64 18.77 6.57
N ASN L 215 -3.56 18.37 7.46
CA ASN L 215 -4.15 19.28 8.42
C ASN L 215 -4.06 18.68 9.82
N MET L 216 -4.49 19.47 10.80
CA MET L 216 -4.37 19.06 12.20
C MET L 216 -5.26 17.86 12.54
N LEU L 217 -6.48 17.78 11.96
CA LEU L 217 -7.45 16.77 12.35
C LEU L 217 -7.77 15.72 11.27
N ASP L 218 -6.98 15.65 10.19
CA ASP L 218 -7.34 14.74 9.11
C ASP L 218 -6.41 13.53 9.04
N GLY L 219 -5.48 13.42 9.99
CA GLY L 219 -4.45 12.42 9.89
C GLY L 219 -3.08 12.99 9.54
N GLY L 220 -3.01 14.26 9.16
CA GLY L 220 -1.73 14.84 8.75
C GLY L 220 -0.81 15.13 9.92
N ALA L 221 -1.37 15.38 11.11
CA ALA L 221 -0.52 15.70 12.25
C ALA L 221 -0.08 14.40 12.94
N PRO L 222 1.22 14.23 13.23
CA PRO L 222 1.67 13.01 13.89
C PRO L 222 1.09 12.77 15.28
N TYR L 223 0.57 13.83 15.91
CA TYR L 223 -0.03 13.70 17.22
C TYR L 223 -1.54 13.53 17.13
N TYR L 224 -2.09 13.44 15.91
CA TYR L 224 -3.53 13.21 15.77
C TYR L 224 -3.73 12.21 14.64
N ASP L 225 -3.61 10.90 14.97
CA ASP L 225 -3.63 9.86 13.95
C ASP L 225 -3.59 8.50 14.63
N THR L 226 -3.75 7.42 13.86
CA THR L 226 -3.54 6.08 14.37
C THR L 226 -2.11 5.64 14.11
N TYR L 227 -1.62 4.71 14.94
CA TYR L 227 -0.31 4.09 14.73
C TYR L 227 -0.46 2.57 14.80
N GLU L 228 0.25 1.85 13.94
CA GLU L 228 0.34 0.40 14.02
C GLU L 228 1.37 0.00 15.08
N CYS L 229 0.98 -0.98 15.91
CA CYS L 229 1.75 -1.56 16.99
C CYS L 229 2.36 -2.88 16.57
N ALA L 230 3.11 -3.52 17.48
CA ALA L 230 3.94 -4.65 17.13
C ALA L 230 3.10 -5.83 16.65
N ASP L 231 1.89 -5.98 17.18
CA ASP L 231 1.01 -7.10 16.90
C ASP L 231 0.15 -6.84 15.66
N GLY L 232 0.32 -5.71 14.98
CA GLY L 232 -0.52 -5.36 13.83
C GLY L 232 -1.86 -4.71 14.20
N ARG L 233 -2.13 -4.48 15.48
CA ARG L 233 -3.30 -3.72 15.90
C ARG L 233 -2.92 -2.24 16.02
N TYR L 234 -3.88 -1.36 16.32
CA TYR L 234 -3.62 0.07 16.28
C TYR L 234 -3.98 0.76 17.58
N VAL L 235 -3.29 1.88 17.83
CA VAL L 235 -3.73 2.86 18.81
C VAL L 235 -4.11 4.14 18.08
N ALA L 236 -4.92 4.94 18.77
CA ALA L 236 -5.26 6.29 18.37
C ALA L 236 -4.56 7.26 19.30
N VAL L 237 -3.93 8.25 18.69
CA VAL L 237 -3.28 9.33 19.40
C VAL L 237 -4.04 10.60 19.08
N GLY L 238 -4.45 11.35 20.12
CA GLY L 238 -5.10 12.63 19.94
C GLY L 238 -4.52 13.71 20.85
N ALA L 239 -3.19 13.71 20.98
CA ALA L 239 -2.53 14.56 21.96
C ALA L 239 -2.31 15.95 21.38
N ILE L 240 -3.38 16.73 21.33
CA ILE L 240 -3.29 18.04 20.71
C ILE L 240 -2.59 19.01 21.66
N GLU L 241 -3.10 19.12 22.88
CA GLU L 241 -2.54 20.08 23.83
C GLU L 241 -1.12 19.67 24.21
N PRO L 242 -0.20 20.66 24.35
CA PRO L 242 1.18 20.38 24.67
C PRO L 242 1.42 19.53 25.91
N GLN L 243 0.64 19.77 26.99
CA GLN L 243 0.72 19.01 28.24
C GLN L 243 0.44 17.53 27.99
N PHE L 244 -0.50 17.23 27.09
CA PHE L 244 -0.94 15.86 26.87
C PHE L 244 0.10 15.19 25.97
N TYR L 245 0.53 15.90 24.95
CA TYR L 245 1.62 15.46 24.09
C TYR L 245 2.86 15.09 24.92
N ALA L 246 3.24 15.97 25.88
CA ALA L 246 4.41 15.73 26.69
C ALA L 246 4.24 14.45 27.49
N ALA L 247 3.04 14.22 28.00
CA ALA L 247 2.78 13.02 28.76
C ALA L 247 2.93 11.79 27.87
N MET L 248 2.44 11.92 26.66
CA MET L 248 2.54 10.84 25.70
C MET L 248 4.01 10.48 25.45
N LEU L 249 4.82 11.51 25.18
CA LEU L 249 6.24 11.33 24.91
C LEU L 249 6.94 10.62 26.06
N ALA L 250 6.56 10.95 27.30
CA ALA L 250 7.22 10.29 28.42
C ALA L 250 6.88 8.82 28.44
N GLY L 251 5.63 8.46 28.10
CA GLY L 251 5.21 7.06 28.18
C GLY L 251 5.77 6.25 27.03
N LEU L 252 6.13 6.94 25.94
CA LEU L 252 6.79 6.30 24.82
C LEU L 252 8.29 6.13 25.08
N GLY L 253 8.83 6.83 26.07
CA GLY L 253 10.26 6.77 26.34
C GLY L 253 11.06 7.69 25.42
N LEU L 254 10.43 8.68 24.81
CA LEU L 254 11.20 9.57 23.94
C LEU L 254 11.45 10.89 24.67
N ASP L 255 12.67 11.42 24.58
CA ASP L 255 13.00 12.70 25.22
C ASP L 255 12.65 13.83 24.26
N ALA L 256 12.04 14.90 24.78
CA ALA L 256 11.69 16.04 23.93
C ALA L 256 12.91 16.55 23.15
N ALA L 257 14.11 16.55 23.77
CA ALA L 257 15.31 17.10 23.16
C ALA L 257 15.77 16.34 21.89
N GLU L 258 15.37 15.08 21.73
CA GLU L 258 15.73 14.30 20.55
C GLU L 258 14.71 14.48 19.42
N LEU L 259 13.63 15.27 19.62
CA LEU L 259 12.51 15.28 18.69
C LEU L 259 12.36 16.67 18.08
N PRO L 260 11.83 16.81 16.85
CA PRO L 260 11.40 18.12 16.39
C PRO L 260 10.30 18.67 17.28
N PRO L 261 10.04 19.99 17.24
CA PRO L 261 8.87 20.55 17.93
C PRO L 261 7.57 19.93 17.44
N GLN L 262 6.63 19.70 18.38
CA GLN L 262 5.32 19.15 18.10
C GLN L 262 4.67 19.75 16.87
N ASN L 263 4.71 21.10 16.74
CA ASN L 263 4.01 21.84 15.72
C ASN L 263 4.94 22.52 14.69
N ASP L 264 6.16 22.01 14.49
CA ASP L 264 6.93 22.39 13.33
C ASP L 264 6.57 21.47 12.15
N ARG L 265 5.57 21.87 11.36
CA ARG L 265 5.00 21.07 10.28
C ARG L 265 6.06 20.65 9.28
N ALA L 266 7.08 21.50 9.07
CA ALA L 266 8.11 21.17 8.10
C ALA L 266 8.89 19.93 8.51
N ARG L 267 8.85 19.58 9.80
CA ARG L 267 9.57 18.41 10.32
C ARG L 267 8.63 17.31 10.80
N TRP L 268 7.35 17.40 10.49
CA TRP L 268 6.43 16.30 10.73
C TRP L 268 6.92 14.98 10.16
N PRO L 269 7.51 14.91 8.95
CA PRO L 269 7.99 13.63 8.46
C PRO L 269 8.94 12.92 9.44
N GLU L 270 9.93 13.66 9.96
CA GLU L 270 10.85 13.13 10.97
C GLU L 270 10.07 12.72 12.24
N LEU L 271 9.20 13.62 12.72
CA LEU L 271 8.45 13.40 13.94
C LEU L 271 7.62 12.13 13.82
N ARG L 272 6.94 11.96 12.68
CA ARG L 272 6.11 10.78 12.45
C ARG L 272 6.94 9.49 12.45
N ALA L 273 8.14 9.55 11.86
CA ALA L 273 9.01 8.38 11.84
C ALA L 273 9.41 7.96 13.26
N LEU L 274 9.68 8.94 14.11
CA LEU L 274 10.10 8.66 15.47
C LEU L 274 8.94 8.07 16.28
N LEU L 275 7.73 8.61 16.09
CA LEU L 275 6.59 8.08 16.81
C LEU L 275 6.25 6.70 16.26
N THR L 276 6.33 6.54 14.94
CA THR L 276 5.98 5.26 14.30
C THR L 276 6.81 4.15 14.92
N GLU L 277 8.14 4.37 15.01
CA GLU L 277 9.09 3.39 15.54
C GLU L 277 8.74 3.04 17.00
N ALA L 278 8.46 4.06 17.82
CA ALA L 278 8.16 3.80 19.21
C ALA L 278 6.89 2.97 19.38
N PHE L 279 5.80 3.32 18.70
CA PHE L 279 4.55 2.61 18.89
C PHE L 279 4.65 1.20 18.32
N ALA L 280 5.46 1.00 17.28
CA ALA L 280 5.63 -0.32 16.70
C ALA L 280 6.44 -1.28 17.58
N SER L 281 7.08 -0.81 18.65
CA SER L 281 7.93 -1.66 19.46
C SER L 281 7.16 -2.38 20.56
N HIS L 282 5.87 -2.10 20.74
CA HIS L 282 5.07 -2.86 21.67
C HIS L 282 3.69 -3.04 21.07
N ASP L 283 2.91 -3.97 21.65
CA ASP L 283 1.61 -4.32 21.12
C ASP L 283 0.54 -3.38 21.68
N ARG L 284 -0.62 -3.39 21.04
CA ARG L 284 -1.64 -2.44 21.36
C ARG L 284 -1.95 -2.49 22.85
N ASP L 285 -2.10 -3.71 23.38
CA ASP L 285 -2.66 -3.83 24.73
C ASP L 285 -1.64 -3.35 25.75
N HIS L 286 -0.36 -3.46 25.40
CA HIS L 286 0.67 -2.85 26.21
C HIS L 286 0.46 -1.34 26.31
N TRP L 287 0.31 -0.66 25.16
CA TRP L 287 0.14 0.77 25.22
C TRP L 287 -1.09 1.11 26.04
N GLY L 288 -2.13 0.28 25.96
CA GLY L 288 -3.44 0.53 26.56
C GLY L 288 -3.36 0.49 28.08
N ALA L 289 -2.49 -0.37 28.59
CA ALA L 289 -2.19 -0.42 30.00
C ALA L 289 -1.32 0.77 30.39
N VAL L 290 -0.22 1.00 29.64
CA VAL L 290 0.70 2.07 29.96
C VAL L 290 -0.02 3.41 30.11
N PHE L 291 -1.04 3.65 29.29
CA PHE L 291 -1.67 4.96 29.24
C PHE L 291 -3.04 4.98 29.93
N ALA L 292 -3.50 3.87 30.49
CA ALA L 292 -4.70 3.96 31.31
C ALA L 292 -4.49 5.01 32.41
N ASN L 293 -5.54 5.81 32.64
CA ASN L 293 -5.61 6.89 33.62
C ASN L 293 -4.68 8.05 33.29
N SER L 294 -4.20 8.13 32.04
CA SER L 294 -3.32 9.21 31.65
C SER L 294 -4.06 10.23 30.78
N ASP L 295 -3.53 11.46 30.69
CA ASP L 295 -3.97 12.48 29.78
C ASP L 295 -3.18 12.47 28.46
N ALA L 296 -2.56 11.33 28.13
CA ALA L 296 -1.69 11.22 26.97
C ALA L 296 -2.52 11.16 25.67
N CYS L 297 -3.83 10.93 25.78
CA CYS L 297 -4.72 10.86 24.63
C CYS L 297 -4.27 9.74 23.70
N VAL L 298 -3.98 8.59 24.27
CA VAL L 298 -3.69 7.37 23.55
C VAL L 298 -4.72 6.34 24.00
N THR L 299 -5.42 5.73 23.04
CA THR L 299 -6.43 4.72 23.32
C THR L 299 -6.24 3.59 22.32
N PRO L 300 -6.59 2.34 22.69
CA PRO L 300 -6.66 1.24 21.76
C PRO L 300 -7.79 1.42 20.73
N VAL L 301 -7.47 1.12 19.45
CA VAL L 301 -8.44 1.06 18.37
C VAL L 301 -9.09 -0.32 18.35
N LEU L 302 -10.27 -0.39 18.95
CA LEU L 302 -10.96 -1.66 19.10
C LEU L 302 -11.85 -1.90 17.89
N ALA L 303 -11.88 -3.17 17.50
CA ALA L 303 -12.82 -3.66 16.51
C ALA L 303 -14.19 -3.83 17.18
N PHE L 304 -15.25 -3.73 16.37
CA PHE L 304 -16.62 -3.95 16.84
C PHE L 304 -16.71 -5.14 17.79
N GLY L 305 -16.10 -6.27 17.41
CA GLY L 305 -16.27 -7.51 18.14
C GLY L 305 -15.61 -7.48 19.52
N GLU L 306 -14.65 -6.56 19.74
CA GLU L 306 -13.94 -6.50 21.02
C GLU L 306 -14.57 -5.50 22.00
N VAL L 307 -15.52 -4.66 21.54
CA VAL L 307 -16.02 -3.53 22.29
C VAL L 307 -16.74 -3.95 23.59
N HIS L 308 -17.51 -5.04 23.54
CA HIS L 308 -18.29 -5.56 24.66
C HIS L 308 -17.37 -5.95 25.83
N ASN L 309 -16.06 -6.13 25.58
CA ASN L 309 -15.09 -6.42 26.63
C ASN L 309 -14.31 -5.22 27.16
N GLU L 310 -14.60 -4.00 26.72
CA GLU L 310 -13.83 -2.88 27.25
C GLU L 310 -14.51 -2.40 28.53
N PRO L 311 -13.81 -2.34 29.69
CA PRO L 311 -14.46 -2.03 30.96
C PRO L 311 -15.26 -0.74 30.95
N HIS L 312 -14.75 0.34 30.34
CA HIS L 312 -15.47 1.60 30.35
C HIS L 312 -16.81 1.47 29.61
N ILE L 313 -16.83 0.64 28.55
CA ILE L 313 -18.05 0.40 27.77
C ILE L 313 -19.04 -0.40 28.63
N ILE L 314 -18.53 -1.43 29.31
CA ILE L 314 -19.41 -2.30 30.08
C ILE L 314 -20.07 -1.46 31.16
N GLU L 315 -19.23 -0.76 31.91
CA GLU L 315 -19.71 -0.19 33.14
C GLU L 315 -20.73 0.91 32.88
N ARG L 316 -20.70 1.58 31.72
CA ARG L 316 -21.66 2.67 31.53
C ARG L 316 -22.91 2.15 30.83
N ASN L 317 -22.94 0.83 30.55
CA ASN L 317 -23.98 0.21 29.75
C ASN L 317 -24.23 0.98 28.47
N THR L 318 -23.15 1.21 27.72
CA THR L 318 -23.30 1.88 26.45
C THR L 318 -24.11 0.99 25.48
N PHE L 319 -23.95 -0.33 25.59
CA PHE L 319 -24.62 -1.31 24.75
C PHE L 319 -25.52 -2.21 25.61
N TYR L 320 -26.57 -2.75 24.99
CA TYR L 320 -27.30 -3.89 25.55
C TYR L 320 -27.26 -5.03 24.54
N GLU L 321 -27.38 -6.25 25.05
CA GLU L 321 -27.41 -7.43 24.18
C GLU L 321 -28.85 -7.71 23.78
N ALA L 322 -29.16 -7.62 22.48
CA ALA L 322 -30.43 -8.09 21.94
C ALA L 322 -30.20 -9.36 21.13
N ASN L 323 -31.29 -9.94 20.63
CA ASN L 323 -31.31 -10.44 19.28
C ASN L 323 -30.08 -11.34 19.07
N GLY L 324 -29.22 -11.01 18.10
CA GLY L 324 -28.06 -11.83 17.75
C GLY L 324 -26.74 -11.18 18.17
N GLY L 325 -26.79 -9.92 18.64
CA GLY L 325 -25.60 -9.25 19.12
C GLY L 325 -25.91 -7.89 19.74
N TRP L 326 -24.83 -7.18 20.07
CA TRP L 326 -24.93 -5.99 20.89
C TRP L 326 -25.52 -4.85 20.07
N GLN L 327 -26.16 -3.93 20.77
CA GLN L 327 -26.78 -2.78 20.15
C GLN L 327 -26.62 -1.60 21.10
N PRO L 328 -26.51 -0.37 20.59
CA PRO L 328 -26.33 0.78 21.47
C PRO L 328 -27.58 1.19 22.25
N MET L 329 -27.39 1.41 23.55
CA MET L 329 -28.43 1.96 24.39
C MET L 329 -28.76 3.37 23.90
N PRO L 330 -29.97 3.88 24.24
CA PRO L 330 -30.35 5.22 23.84
C PRO L 330 -29.34 6.27 24.28
N ALA L 331 -29.23 7.35 23.51
CA ALA L 331 -28.40 8.47 23.85
C ALA L 331 -29.14 9.74 23.45
N PRO L 332 -28.93 10.89 24.11
CA PRO L 332 -28.14 10.98 25.32
C PRO L 332 -28.93 10.47 26.52
N ARG L 333 -28.47 10.75 27.75
CA ARG L 333 -29.15 10.28 28.94
C ARG L 333 -29.72 11.46 29.73
N PHE L 334 -30.80 11.16 30.48
CA PHE L 334 -31.59 12.15 31.20
C PHE L 334 -31.65 11.74 32.68
N SER L 335 -31.41 12.71 33.59
CA SER L 335 -31.38 12.40 35.02
C SER L 335 -32.76 12.00 35.57
N ARG L 336 -33.81 12.75 35.20
CA ARG L 336 -35.14 12.53 35.76
C ARG L 336 -35.94 11.54 34.91
N THR L 337 -36.21 11.85 33.62
CA THR L 337 -37.04 10.98 32.79
C THR L 337 -36.12 10.12 31.93
N ALA L 338 -35.62 9.03 32.51
CA ALA L 338 -34.66 8.16 31.85
C ALA L 338 -35.34 7.28 30.82
N SER L 339 -34.73 7.21 29.61
CA SER L 339 -35.04 6.21 28.59
C SER L 339 -34.94 4.82 29.19
N SER L 340 -35.62 3.87 28.57
CA SER L 340 -35.45 2.47 28.95
C SER L 340 -34.87 1.71 27.77
N GLN L 341 -34.66 0.41 28.01
CA GLN L 341 -34.08 -0.47 27.02
C GLN L 341 -35.02 -0.52 25.83
N PRO L 342 -34.54 -0.48 24.57
CA PRO L 342 -35.45 -0.53 23.42
C PRO L 342 -36.23 -1.83 23.31
N ARG L 343 -37.48 -1.67 22.87
CA ARG L 343 -38.36 -2.78 22.55
C ARG L 343 -38.00 -3.27 21.16
N PRO L 344 -37.74 -4.59 20.97
CA PRO L 344 -37.41 -5.12 19.64
C PRO L 344 -38.50 -4.87 18.61
N PRO L 345 -38.20 -5.05 17.30
CA PRO L 345 -39.25 -5.00 16.29
C PRO L 345 -40.29 -6.10 16.50
N ALA L 346 -41.58 -5.73 16.42
CA ALA L 346 -42.71 -6.62 16.67
C ALA L 346 -43.52 -6.80 15.38
N ALA L 347 -44.42 -7.79 15.34
CA ALA L 347 -45.19 -8.07 14.13
C ALA L 347 -46.06 -6.86 13.79
N THR L 348 -46.45 -6.79 12.50
CA THR L 348 -47.35 -5.75 12.04
C THR L 348 -48.56 -5.73 12.98
N ILE L 349 -49.16 -4.55 13.07
CA ILE L 349 -50.46 -4.48 13.70
C ILE L 349 -51.35 -3.67 12.77
N ASP L 350 -52.66 -3.72 13.05
CA ASP L 350 -53.67 -3.20 12.15
C ASP L 350 -53.82 -1.70 12.37
N ILE L 351 -53.77 -0.93 11.27
CA ILE L 351 -53.82 0.53 11.31
C ILE L 351 -55.06 1.04 12.06
N GLU L 352 -56.14 0.23 12.12
CA GLU L 352 -57.35 0.52 12.89
C GLU L 352 -57.10 0.33 14.40
N ALA L 353 -56.43 -0.76 14.80
CA ALA L 353 -56.04 -0.98 16.20
C ALA L 353 -55.26 0.21 16.78
N VAL L 354 -54.44 0.85 15.95
CA VAL L 354 -53.71 2.04 16.36
C VAL L 354 -54.69 3.20 16.50
N LEU L 355 -55.56 3.38 15.49
CA LEU L 355 -56.50 4.49 15.48
C LEU L 355 -57.39 4.42 16.73
N THR L 356 -57.74 3.20 17.17
CA THR L 356 -58.39 2.95 18.46
C THR L 356 -57.61 3.57 19.63
N ASP L 357 -56.40 3.05 19.88
CA ASP L 357 -55.54 3.54 20.95
C ASP L 357 -55.49 5.07 20.96
N TRP L 358 -55.23 5.71 19.82
CA TRP L 358 -55.21 7.18 19.75
C TRP L 358 -56.62 7.77 19.81
N ASP L 359 -56.98 8.38 20.96
CA ASP L 359 -58.29 8.98 21.23
C ASP L 359 -59.41 8.12 20.66
#